data_7WT8
#
_entry.id   7WT8
#
_cell.length_a   1.00
_cell.length_b   1.00
_cell.length_c   1.00
_cell.angle_alpha   90.00
_cell.angle_beta   90.00
_cell.angle_gamma   90.00
#
_symmetry.space_group_name_H-M   'P 1'
#
loop_
_entity.id
_entity.type
_entity.pdbx_description
1 polymer 'Spike glycoprotein'
2 polymer 'light chain of Fab 9A8'
3 polymer 'Heavy chain of Fab 9A8'
4 branched 2-acetamido-2-deoxy-beta-D-glucopyranose-(1-4)-2-acetamido-2-deoxy-beta-D-glucopyranose
5 non-polymer 2-acetamido-2-deoxy-beta-D-glucopyranose
#
loop_
_entity_poly.entity_id
_entity_poly.type
_entity_poly.pdbx_seq_one_letter_code
_entity_poly.pdbx_strand_id
1 'polypeptide(L)'
;MFVFLVLLPLVSSQCVNLTTRTQLPPAYTNSFTRGVYYPDKVFRSSVLHSTQDLFLPFFSNVTWFHVISGTNGTKRFDNP
VLPFNDGVYFASIEKSNIIRGWIFGTTLDSKTQSLLIVNNATNVVIKVCEFQFCNDPFLDHKNNKSWMESEFRVYSSANN
CTFEYVSQPFLMDLEGKQGNFKNLREFVFKNIDGYFKIYSKHTPIIVREPEDLPQGFSALEPLVDLPIGINITRFQTLLA
LHRSYLTPGDSSSGWTAGAAAYYVGYLQPRTFLLKYNENGTITDAVDCALDPLSETKCTLKSFTVEKGIYQTSNFRVQPT
ESIVRFPNITNLCPFDEVFNATRFASVYAWNRKRISNCVADYSVLYNLAPFFTFKCYGVSPTKLNDLCFTNVYADSFVIR
GDEVRQIAPGQTGNIADYNYKLPDDFTGCVIAWNSNKLDSKVSGNYNYLYRLFRKSNLKPFERDISTEIYQAGNKPCNGV
AGFNCYFPLRSYSFRPTYGVGHQPYRVVVLSFELLHAPATVCGPKKSTNLVKNKCVNFNFNGLKGTGVLTESNKKFLPFQ
QFGRDIADTTDAVRDPQTLEILDITPCSFGGVSVITPGTNTSNQVAVLYQGVNCTEVPVAIHADQLTPTWRVYSTGSNVF
QTRAGCLIGAEYVNNSYECDIPIGAGICASYQTQTKSHRAAASVASQSIIAYTMSLGAENSVAYSNNSIAIPTNFTISVT
TEILPVSMTKTSVDCTMYICGDSTECSNLLLQYGSFCTQLKRALTGIAVEQDKNTQEVFAQVKQIYKTPPIKYFGGFNFS
QILPDPSKPSKRSPIEDLLFNKVTLADAGFIKQYGDCLGDIAARDLICAQKFKGLTVLPPLLTDEMIAQYTSALLAGTIT
SGWTFGAGPALQIPFPMQMAYRFNGIGVTQNVLYENQKLIANQFNSAIGKIQDSLSSTPSALGKLQDVVNHNAQALNTLV
KQLSSKFGAISSVLNDIFSRLDPPEAEVQIDRLITGRLQSLQTYVTQQLIRAAEIRASANLAATKMSECVLGQSKRVDFC
GKGYHLMSFPQSAPHGVVFLHVTYVPAQEKNFTTAPAICHDGKAHFPREGVFVSNGTHWFVTQRNFYEPQIITTDNTFVS
GNCDVVIGIVNNTVYDPLQPELDSFKEELDKYFKNHTSPDVDLGDISGINASVVNIQKEIDRLNEVAKNLNESLIDLQEL
GKYEQYIKWPWYIWLGFIAGLIAIVMVTIMLCCMTSCCSCLKGCCSCGSCCKFDEDDSEPVLKGVKLHYT
;
A,B,C
2 'polypeptide(L)'
;DIQMTQSPSSLSASVGDRVTITCQASQDINIYLNWYQQKPGKAPKLLIYDASNLETGVPSRFSGSGSGTDFTFTINSLQP
EDIATYYCQQYDNLPRTFGQGTKVEIK
;
D,I
3 'polypeptide(L)'
;VQLVESGGGLVQPGGSLRLSCAASGIIVSSNYMSWVRQGPGKGLEWVSVIYSGGSTYYADSVKARFTISRDNSKNTLYLQ
MNSLRAEDTAVYYCAREVVGSNSNMDVWGQGTTVTVSSASTK
;
H,J
#
# COMPACT_ATOMS: atom_id res chain seq x y z
N GLN A 14 19.81 15.27 -64.92
CA GLN A 14 20.12 16.26 -65.94
C GLN A 14 19.75 17.68 -65.46
N CYS A 15 19.60 17.79 -64.13
CA CYS A 15 19.32 19.08 -63.50
C CYS A 15 20.46 20.06 -63.75
N VAL A 16 20.10 21.32 -63.96
CA VAL A 16 21.03 22.36 -64.37
C VAL A 16 21.08 23.42 -63.28
N ASN A 17 22.30 23.84 -62.92
CA ASN A 17 22.51 24.90 -61.93
C ASN A 17 21.83 26.21 -62.33
N LEU A 18 20.80 26.60 -61.58
CA LEU A 18 20.11 27.85 -61.85
C LEU A 18 20.68 28.99 -61.00
N THR A 19 20.57 28.88 -59.68
CA THR A 19 21.01 29.86 -58.68
C THR A 19 20.57 31.29 -59.03
N THR A 20 21.47 32.25 -58.75
CA THR A 20 21.29 33.67 -59.12
C THR A 20 19.99 34.24 -58.58
N ARG A 21 19.63 33.87 -57.35
CA ARG A 21 18.40 34.31 -56.73
C ARG A 21 18.73 35.21 -55.54
N THR A 22 18.15 36.41 -55.54
CA THR A 22 18.44 37.39 -54.50
C THR A 22 17.82 36.92 -53.19
N GLN A 23 18.66 36.59 -52.22
CA GLN A 23 18.18 36.14 -50.91
C GLN A 23 17.53 37.30 -50.17
N LEU A 24 16.32 37.07 -49.67
CA LEU A 24 15.54 38.10 -49.01
C LEU A 24 15.12 37.57 -47.65
N PRO A 25 15.05 38.43 -46.63
CA PRO A 25 14.69 37.97 -45.28
C PRO A 25 13.28 37.41 -45.24
N PRO A 26 13.04 36.37 -44.44
CA PRO A 26 11.71 35.73 -44.41
C PRO A 26 10.64 36.69 -43.90
N ALA A 27 9.51 36.72 -44.60
CA ALA A 27 8.40 37.58 -44.21
C ALA A 27 7.66 36.94 -43.06
N TYR A 28 7.78 37.52 -41.88
CA TYR A 28 7.14 36.98 -40.69
C TYR A 28 5.67 37.39 -40.67
N THR A 29 4.79 36.41 -40.54
CA THR A 29 3.35 36.63 -40.44
C THR A 29 2.81 35.80 -39.28
N ASN A 30 1.51 35.91 -39.04
CA ASN A 30 0.89 35.38 -37.83
C ASN A 30 -0.03 34.23 -38.14
N SER A 31 0.22 33.08 -37.51
CA SER A 31 -0.74 31.99 -37.47
C SER A 31 -1.75 32.23 -36.35
N PHE A 32 -2.94 31.64 -36.49
CA PHE A 32 -4.02 31.91 -35.56
C PHE A 32 -4.43 30.72 -34.72
N THR A 33 -4.88 29.63 -35.35
CA THR A 33 -5.50 28.55 -34.59
C THR A 33 -5.07 27.16 -35.07
N ARG A 34 -4.45 27.04 -36.24
CA ARG A 34 -4.22 25.77 -36.93
C ARG A 34 -3.30 24.85 -36.13
N GLY A 35 -3.25 23.59 -36.55
CA GLY A 35 -2.39 22.60 -35.94
C GLY A 35 -3.09 21.60 -35.04
N VAL A 36 -4.37 21.78 -34.76
CA VAL A 36 -5.11 20.86 -33.90
C VAL A 36 -5.56 19.66 -34.72
N TYR A 37 -5.28 18.46 -34.22
CA TYR A 37 -5.62 17.24 -34.96
C TYR A 37 -6.26 16.24 -33.99
N TYR A 38 -6.39 15.00 -34.46
CA TYR A 38 -6.96 13.93 -33.67
C TYR A 38 -5.85 13.18 -32.95
N PRO A 39 -5.82 13.17 -31.62
CA PRO A 39 -4.69 12.55 -30.90
C PRO A 39 -4.71 11.04 -30.89
N ASP A 40 -5.81 10.40 -31.28
CA ASP A 40 -5.94 8.94 -31.20
C ASP A 40 -6.99 8.51 -32.22
N LYS A 41 -7.46 7.27 -32.10
CA LYS A 41 -8.55 6.75 -32.92
C LYS A 41 -9.60 6.15 -31.98
N VAL A 42 -10.46 7.02 -31.44
CA VAL A 42 -11.53 6.64 -30.52
C VAL A 42 -12.69 7.58 -30.77
N PHE A 43 -13.90 7.02 -30.88
CA PHE A 43 -15.10 7.84 -30.99
C PHE A 43 -15.49 8.32 -29.59
N ARG A 44 -15.35 9.61 -29.33
CA ARG A 44 -15.76 10.22 -28.07
C ARG A 44 -16.77 11.32 -28.37
N SER A 45 -17.88 11.30 -27.65
CA SER A 45 -19.00 12.20 -27.92
C SER A 45 -19.31 13.05 -26.69
N SER A 46 -19.39 14.36 -26.90
CA SER A 46 -19.84 15.33 -25.90
C SER A 46 -18.98 15.31 -24.63
N VAL A 47 -17.67 15.23 -24.82
CA VAL A 47 -16.74 15.25 -23.69
C VAL A 47 -15.84 16.47 -23.82
N LEU A 48 -14.95 16.66 -22.84
CA LEU A 48 -13.92 17.70 -22.86
C LEU A 48 -12.62 17.02 -22.48
N HIS A 49 -11.89 16.51 -23.47
CA HIS A 49 -10.74 15.66 -23.22
C HIS A 49 -9.46 16.49 -23.14
N SER A 50 -8.67 16.27 -22.10
CA SER A 50 -7.43 17.00 -21.88
C SER A 50 -6.27 16.12 -22.27
N THR A 51 -5.46 16.59 -23.22
CA THR A 51 -4.35 15.82 -23.75
C THR A 51 -3.06 16.62 -23.63
N GLN A 52 -1.93 15.94 -23.83
CA GLN A 52 -0.59 16.52 -23.69
C GLN A 52 0.27 16.05 -24.86
N ASP A 53 0.48 16.90 -25.86
CA ASP A 53 1.20 16.49 -27.06
C ASP A 53 1.79 17.70 -27.77
N LEU A 54 2.23 17.47 -29.00
CA LEU A 54 2.90 18.46 -29.85
C LEU A 54 1.92 18.89 -30.93
N PHE A 55 1.27 20.04 -30.78
CA PHE A 55 0.29 20.45 -31.77
C PHE A 55 0.76 21.70 -32.49
N LEU A 56 0.75 22.88 -31.84
CA LEU A 56 1.24 24.19 -32.26
C LEU A 56 0.95 25.16 -31.13
N PRO A 57 1.81 26.11 -30.82
CA PRO A 57 1.38 27.21 -29.96
C PRO A 57 0.47 28.15 -30.74
N PHE A 58 -0.51 28.72 -30.05
CA PHE A 58 -1.33 29.75 -30.67
C PHE A 58 -0.53 31.03 -30.87
N PHE A 59 -0.85 31.74 -31.96
CA PHE A 59 -0.33 33.08 -32.26
C PHE A 59 1.19 33.07 -32.36
N SER A 60 1.68 32.29 -33.32
CA SER A 60 3.12 32.08 -33.48
C SER A 60 3.61 32.67 -34.80
N ASN A 61 4.92 32.88 -34.86
CA ASN A 61 5.56 33.31 -36.09
C ASN A 61 5.45 32.24 -37.16
N VAL A 62 5.15 32.65 -38.40
CA VAL A 62 5.30 31.79 -39.56
C VAL A 62 6.07 32.56 -40.62
N THR A 63 6.77 31.83 -41.48
CA THR A 63 7.63 32.40 -42.51
C THR A 63 6.93 32.25 -43.85
N TRP A 64 6.23 33.30 -44.27
CA TRP A 64 5.46 33.27 -45.51
C TRP A 64 6.42 33.28 -46.70
N PHE A 65 6.64 32.11 -47.28
CA PHE A 65 7.38 32.01 -48.53
C PHE A 65 6.46 32.32 -49.70
N HIS A 66 7.06 32.79 -50.80
CA HIS A 66 6.28 33.13 -51.98
C HIS A 66 7.01 32.60 -53.21
N VAL A 67 6.25 31.98 -54.11
CA VAL A 67 6.80 31.35 -55.30
C VAL A 67 5.98 31.80 -56.51
N ILE A 68 6.65 32.35 -57.51
CA ILE A 68 5.99 32.72 -58.77
C ILE A 68 6.62 31.94 -59.93
N LYS A 75 10.65 34.95 -62.37
CA LYS A 75 10.64 36.12 -61.50
C LYS A 75 11.04 35.73 -60.08
N ARG A 76 10.12 35.09 -59.37
CA ARG A 76 10.33 34.72 -57.97
C ARG A 76 10.51 33.22 -57.85
N PHE A 77 11.67 32.78 -57.35
CA PHE A 77 11.97 31.36 -57.14
C PHE A 77 12.73 31.25 -55.82
N ASP A 78 11.99 30.94 -54.75
CA ASP A 78 12.58 30.79 -53.42
C ASP A 78 12.16 29.44 -52.86
N ASN A 79 13.15 28.62 -52.48
CA ASN A 79 12.91 27.38 -51.75
C ASN A 79 14.15 26.94 -50.98
N PRO A 80 14.57 27.65 -49.95
CA PRO A 80 15.77 27.26 -49.21
C PRO A 80 15.49 26.08 -48.29
N VAL A 81 16.57 25.47 -47.81
CA VAL A 81 16.45 24.42 -46.82
C VAL A 81 16.03 25.04 -45.48
N LEU A 82 15.26 24.27 -44.71
CA LEU A 82 14.74 24.74 -43.44
C LEU A 82 15.09 23.73 -42.35
N PRO A 83 15.28 24.19 -41.12
CA PRO A 83 15.61 23.26 -40.03
C PRO A 83 14.34 22.58 -39.51
N PHE A 84 14.34 21.25 -39.50
CA PHE A 84 13.21 20.47 -39.02
C PHE A 84 13.47 20.12 -37.55
N ASN A 85 12.55 20.51 -36.68
CA ASN A 85 12.63 20.10 -35.28
C ASN A 85 11.24 19.98 -34.69
N ASP A 86 11.00 18.85 -34.01
CA ASP A 86 9.76 18.54 -33.29
C ASP A 86 8.53 18.49 -34.20
N GLY A 87 8.72 18.29 -35.50
CA GLY A 87 7.60 18.29 -36.43
C GLY A 87 7.30 19.68 -36.97
N VAL A 88 6.67 19.71 -38.14
CA VAL A 88 6.34 20.97 -38.80
C VAL A 88 4.90 20.94 -39.29
N TYR A 89 4.38 22.14 -39.54
CA TYR A 89 3.03 22.34 -40.06
C TYR A 89 3.12 23.10 -41.37
N PHE A 90 2.80 22.43 -42.47
CA PHE A 90 2.98 22.96 -43.82
C PHE A 90 1.61 23.31 -44.38
N ALA A 91 1.36 24.59 -44.62
CA ALA A 91 0.05 25.06 -45.07
C ALA A 91 0.20 25.77 -46.40
N SER A 92 -0.33 25.19 -47.46
CA SER A 92 -0.16 25.73 -48.81
C SER A 92 -1.49 26.28 -49.30
N ILE A 93 -1.49 27.54 -49.71
CA ILE A 93 -2.60 28.14 -50.42
C ILE A 93 -2.18 28.36 -51.87
N GLU A 94 -2.96 27.77 -52.78
CA GLU A 94 -2.55 27.52 -54.15
C GLU A 94 -3.73 26.95 -54.92
N LYS A 95 -3.71 27.11 -56.23
CA LYS A 95 -4.70 26.50 -57.11
C LYS A 95 -4.12 25.84 -58.35
N SER A 96 -2.92 26.24 -58.79
CA SER A 96 -2.38 25.82 -60.08
C SER A 96 -1.72 24.44 -60.05
N ASN A 97 -1.75 23.77 -58.90
CA ASN A 97 -1.10 22.46 -58.69
C ASN A 97 0.40 22.54 -59.00
N ILE A 98 1.10 23.33 -58.19
CA ILE A 98 2.53 23.55 -58.33
C ILE A 98 3.32 22.80 -57.25
N ILE A 99 2.95 23.02 -55.99
CA ILE A 99 3.64 22.37 -54.88
C ILE A 99 3.25 20.90 -54.84
N ARG A 100 4.24 20.02 -54.97
CA ARG A 100 3.97 18.60 -55.11
C ARG A 100 4.47 17.77 -53.93
N GLY A 101 5.76 17.84 -53.61
CA GLY A 101 6.32 16.93 -52.64
C GLY A 101 7.26 17.55 -51.62
N TRP A 102 7.96 16.70 -50.87
CA TRP A 102 8.91 17.15 -49.86
C TRP A 102 10.08 16.17 -49.80
N ILE A 103 11.21 16.67 -49.28
CA ILE A 103 12.34 15.80 -48.95
C ILE A 103 12.77 16.08 -47.51
N PHE A 104 13.15 15.03 -46.81
CA PHE A 104 13.51 15.08 -45.39
C PHE A 104 14.85 14.38 -45.22
N GLY A 105 15.67 14.88 -44.31
CA GLY A 105 16.96 14.27 -44.07
C GLY A 105 17.68 14.95 -42.94
N THR A 106 18.99 14.72 -42.87
CA THR A 106 19.80 15.42 -41.87
C THR A 106 21.04 16.04 -42.51
N THR A 107 21.56 15.44 -43.58
CA THR A 107 22.67 16.00 -44.34
C THR A 107 22.38 16.10 -45.81
N LEU A 108 21.64 15.14 -46.37
CA LEU A 108 21.16 15.15 -47.76
C LEU A 108 22.32 15.19 -48.76
N ASP A 109 23.34 14.36 -48.51
CA ASP A 109 24.51 14.30 -49.40
C ASP A 109 24.95 12.87 -49.64
N SER A 110 23.98 11.95 -49.78
CA SER A 110 24.17 10.53 -50.07
C SER A 110 25.06 9.83 -49.04
N LYS A 111 25.11 10.35 -47.82
CA LYS A 111 25.81 9.69 -46.73
C LYS A 111 24.91 9.46 -45.52
N THR A 112 23.68 9.95 -45.55
CA THR A 112 22.70 9.69 -44.53
C THR A 112 21.39 9.29 -45.20
N GLN A 113 20.56 8.58 -44.44
CA GLN A 113 19.32 8.04 -44.98
C GLN A 113 18.33 9.17 -45.22
N SER A 114 17.67 9.14 -46.37
CA SER A 114 16.83 10.27 -46.78
C SER A 114 15.41 9.81 -47.05
N LEU A 115 14.48 10.76 -47.03
CA LEU A 115 13.07 10.50 -47.26
C LEU A 115 12.55 11.43 -48.35
N LEU A 116 11.76 10.90 -49.26
CA LEU A 116 11.16 11.67 -50.34
C LEU A 116 9.68 11.32 -50.46
N ILE A 117 8.84 12.33 -50.65
CA ILE A 117 7.41 12.12 -50.88
C ILE A 117 6.99 12.95 -52.09
N VAL A 118 6.32 12.31 -53.05
CA VAL A 118 5.94 12.95 -54.30
C VAL A 118 4.49 12.61 -54.62
N ASN A 119 3.69 13.64 -54.84
CA ASN A 119 2.31 13.53 -55.29
C ASN A 119 2.15 13.95 -56.75
N ASN A 120 3.26 14.29 -57.41
CA ASN A 120 3.20 14.75 -58.80
C ASN A 120 2.83 13.63 -59.75
N ALA A 121 3.24 12.40 -59.44
CA ALA A 121 3.02 11.28 -60.33
C ALA A 121 1.55 10.86 -60.34
N THR A 122 1.27 9.78 -61.07
CA THR A 122 -0.09 9.26 -61.14
C THR A 122 -0.53 8.67 -59.80
N ASN A 123 0.43 8.23 -58.99
CA ASN A 123 0.18 7.70 -57.66
C ASN A 123 1.04 8.45 -56.63
N VAL A 124 0.57 8.46 -55.38
CA VAL A 124 1.39 9.00 -54.30
C VAL A 124 2.53 8.04 -54.02
N VAL A 125 3.76 8.54 -54.06
CA VAL A 125 4.93 7.68 -53.87
C VAL A 125 5.74 8.21 -52.69
N ILE A 126 6.11 7.30 -51.78
CA ILE A 126 6.98 7.61 -50.64
C ILE A 126 8.17 6.68 -50.71
N LYS A 127 9.37 7.25 -50.75
CA LYS A 127 10.60 6.48 -50.90
C LYS A 127 11.58 6.92 -49.82
N VAL A 128 11.89 6.04 -48.88
CA VAL A 128 12.98 6.25 -47.95
C VAL A 128 14.20 5.56 -48.55
N CYS A 129 15.10 6.38 -49.10
CA CYS A 129 16.23 5.88 -49.86
C CYS A 129 17.44 6.76 -49.62
N GLU A 130 18.59 6.30 -50.10
CA GLU A 130 19.85 7.02 -50.00
C GLU A 130 20.00 7.94 -51.23
N PHE A 131 19.07 8.89 -51.31
CA PHE A 131 19.01 9.77 -52.45
C PHE A 131 20.16 10.77 -52.44
N GLN A 132 20.79 10.94 -53.60
CA GLN A 132 21.77 12.02 -53.79
C GLN A 132 21.04 13.12 -54.55
N PHE A 133 20.45 14.04 -53.79
CA PHE A 133 19.79 15.20 -54.40
C PHE A 133 20.84 16.12 -55.00
N CYS A 134 20.64 16.50 -56.26
CA CYS A 134 21.49 17.53 -56.83
C CYS A 134 21.07 18.89 -56.29
N ASN A 135 21.92 19.89 -56.50
CA ASN A 135 21.72 21.21 -55.93
C ASN A 135 20.58 22.00 -56.58
N ASP A 136 19.79 21.40 -57.47
CA ASP A 136 18.74 22.08 -58.22
C ASP A 136 17.46 21.26 -58.10
N PRO A 137 16.72 21.41 -56.99
CA PRO A 137 15.50 20.60 -56.79
C PRO A 137 14.27 21.24 -57.42
N PHE A 138 14.24 21.26 -58.75
CA PHE A 138 13.18 21.94 -59.49
C PHE A 138 12.53 20.98 -60.47
N LEU A 139 11.20 21.07 -60.56
CA LEU A 139 10.41 20.39 -61.58
C LEU A 139 9.57 21.37 -62.38
N ASP A 140 9.97 22.64 -62.42
CA ASP A 140 9.13 23.70 -62.99
C ASP A 140 9.67 24.28 -64.28
N HIS A 141 10.98 24.35 -64.48
CA HIS A 141 11.55 25.00 -65.64
C HIS A 141 11.29 24.15 -66.89
N LYS A 142 10.45 24.68 -67.78
CA LYS A 142 9.92 23.97 -68.92
C LYS A 142 9.69 24.99 -70.03
N ASN A 143 8.79 24.66 -70.97
CA ASN A 143 8.41 25.55 -72.05
C ASN A 143 7.85 26.88 -71.52
N ASN A 144 7.69 27.84 -72.44
CA ASN A 144 7.58 29.25 -72.10
C ASN A 144 6.39 29.57 -71.18
N LYS A 145 5.32 28.79 -71.26
CA LYS A 145 4.19 29.00 -70.37
C LYS A 145 3.58 27.72 -69.82
N SER A 146 4.15 26.56 -70.11
CA SER A 146 3.62 25.29 -69.63
C SER A 146 4.66 24.57 -68.78
N TRP A 147 4.19 23.58 -68.02
CA TRP A 147 5.04 22.73 -67.20
C TRP A 147 4.76 21.28 -67.52
N MET A 148 5.81 20.45 -67.49
CA MET A 148 5.69 19.03 -67.76
C MET A 148 6.33 18.26 -66.61
N GLU A 149 6.24 16.93 -66.70
CA GLU A 149 6.81 16.03 -65.69
C GLU A 149 8.26 15.65 -66.03
N SER A 150 9.04 16.67 -66.38
CA SER A 150 10.43 16.48 -66.75
C SER A 150 11.32 16.55 -65.51
N GLU A 151 12.60 16.22 -65.72
CA GLU A 151 13.61 16.14 -64.66
C GLU A 151 13.18 15.20 -63.53
N PHE A 152 12.59 14.07 -63.91
CA PHE A 152 12.10 13.09 -62.92
C PHE A 152 13.23 12.28 -62.24
N ARG A 153 14.48 12.69 -62.42
CA ARG A 153 15.65 12.08 -61.80
C ARG A 153 16.47 13.13 -61.07
N VAL A 154 15.79 13.92 -60.21
CA VAL A 154 16.47 14.95 -59.42
C VAL A 154 17.47 14.31 -58.46
N TYR A 155 17.23 13.07 -58.05
CA TYR A 155 18.22 12.32 -57.29
C TYR A 155 19.18 11.70 -58.30
N SER A 156 20.45 12.12 -58.24
CA SER A 156 21.42 11.62 -59.22
C SER A 156 21.83 10.19 -58.93
N SER A 157 21.70 9.75 -57.69
CA SER A 157 22.01 8.36 -57.33
C SER A 157 20.99 7.87 -56.32
N ALA A 158 20.44 6.69 -56.57
CA ALA A 158 19.55 5.97 -55.66
C ALA A 158 20.27 4.68 -55.30
N ASN A 159 21.00 4.72 -54.19
CA ASN A 159 21.93 3.65 -53.84
C ASN A 159 21.23 2.60 -52.97
N ASN A 160 22.05 1.75 -52.34
CA ASN A 160 21.61 0.74 -51.38
C ASN A 160 20.74 1.35 -50.30
N CYS A 161 19.47 0.93 -50.26
CA CYS A 161 18.47 1.62 -49.45
C CYS A 161 17.25 0.70 -49.29
N THR A 162 16.30 1.15 -48.47
CA THR A 162 15.34 0.22 -47.88
C THR A 162 13.88 0.41 -48.27
N PHE A 163 13.24 1.57 -48.05
CA PHE A 163 11.80 1.59 -47.90
C PHE A 163 11.12 2.21 -49.11
N GLU A 164 10.03 1.60 -49.54
CA GLU A 164 9.27 2.01 -50.72
C GLU A 164 7.79 1.82 -50.47
N TYR A 165 6.98 2.74 -50.97
CA TYR A 165 5.54 2.69 -50.72
C TYR A 165 4.80 3.47 -51.80
N VAL A 166 3.69 2.89 -52.28
CA VAL A 166 2.83 3.52 -53.28
C VAL A 166 1.39 3.47 -52.78
N SER A 167 0.71 4.61 -52.82
CA SER A 167 -0.70 4.69 -52.46
C SER A 167 -1.43 5.52 -53.51
N GLN A 168 -2.75 5.60 -53.35
CA GLN A 168 -3.60 6.30 -54.30
C GLN A 168 -3.32 7.81 -54.27
N PRO A 169 -3.46 8.50 -55.40
CA PRO A 169 -3.19 9.93 -55.44
C PRO A 169 -4.23 10.73 -54.67
N PHE A 170 -3.82 11.93 -54.26
CA PHE A 170 -4.69 12.87 -53.57
C PHE A 170 -5.28 13.85 -54.58
N LEU A 171 -6.48 14.34 -54.28
CA LEU A 171 -7.24 15.12 -55.25
C LEU A 171 -6.72 16.56 -55.29
N MET A 172 -6.10 16.92 -56.40
CA MET A 172 -5.75 18.30 -56.71
C MET A 172 -6.71 18.86 -57.77
N ASP A 173 -6.45 20.09 -58.19
CA ASP A 173 -7.25 20.74 -59.22
C ASP A 173 -6.62 20.48 -60.59
N LEU A 174 -7.10 21.19 -61.60
CA LEU A 174 -6.63 21.04 -62.97
C LEU A 174 -6.11 22.38 -63.49
N GLU A 175 -5.11 22.29 -64.37
CA GLU A 175 -4.50 23.42 -65.07
C GLU A 175 -3.92 24.46 -64.12
N GLY A 176 -3.66 25.66 -64.63
CA GLY A 176 -3.09 26.74 -63.84
C GLY A 176 -3.94 27.99 -63.92
N LYS A 177 -4.14 28.62 -62.78
CA LYS A 177 -4.93 29.84 -62.70
C LYS A 177 -4.20 30.87 -61.84
N GLN A 178 -4.51 32.14 -62.09
CA GLN A 178 -4.02 33.26 -61.30
C GLN A 178 -5.17 33.83 -60.48
N GLY A 179 -5.01 33.81 -59.16
CA GLY A 179 -6.10 34.22 -58.29
C GLY A 179 -7.14 33.12 -58.11
N ASN A 180 -8.15 33.45 -57.31
CA ASN A 180 -9.30 32.58 -57.04
C ASN A 180 -8.88 31.23 -56.47
N PHE A 181 -7.90 31.26 -55.55
CA PHE A 181 -7.34 30.04 -54.98
C PHE A 181 -8.37 29.45 -54.02
N LYS A 182 -9.28 28.67 -54.59
CA LYS A 182 -10.29 27.97 -53.78
C LYS A 182 -9.63 26.93 -52.89
N ASN A 183 -8.61 26.24 -53.40
CA ASN A 183 -7.98 25.17 -52.65
C ASN A 183 -7.13 25.71 -51.51
N LEU A 184 -7.19 25.04 -50.37
CA LEU A 184 -6.31 25.30 -49.24
C LEU A 184 -5.92 23.96 -48.64
N ARG A 185 -4.63 23.75 -48.40
CA ARG A 185 -4.14 22.44 -47.98
C ARG A 185 -3.34 22.62 -46.69
N GLU A 186 -3.54 21.71 -45.73
CA GLU A 186 -2.79 21.70 -44.50
C GLU A 186 -2.25 20.30 -44.26
N PHE A 187 -0.99 20.23 -43.82
CA PHE A 187 -0.37 18.98 -43.43
C PHE A 187 0.40 19.21 -42.15
N VAL A 188 0.52 18.19 -41.32
CA VAL A 188 1.44 18.21 -40.19
C VAL A 188 2.27 16.93 -40.22
N PHE A 189 3.58 17.09 -40.06
CA PHE A 189 4.53 15.99 -40.08
C PHE A 189 5.21 15.89 -38.73
N LYS A 190 5.15 14.70 -38.13
CA LYS A 190 5.79 14.44 -36.85
C LYS A 190 6.66 13.19 -36.96
N ASN A 191 7.67 13.13 -36.11
CA ASN A 191 8.55 11.96 -36.02
C ASN A 191 8.70 11.63 -34.54
N ILE A 192 7.90 10.70 -34.05
CA ILE A 192 7.88 10.38 -32.63
C ILE A 192 7.88 8.86 -32.45
N ASP A 193 8.67 8.40 -31.47
CA ASP A 193 8.79 6.98 -31.10
C ASP A 193 9.18 6.09 -32.26
N GLY A 194 9.99 6.61 -33.19
CA GLY A 194 10.40 5.84 -34.34
C GLY A 194 9.37 5.75 -35.44
N TYR A 195 8.29 6.51 -35.36
CA TYR A 195 7.24 6.51 -36.37
C TYR A 195 7.11 7.89 -36.99
N PHE A 196 6.95 7.91 -38.31
CA PHE A 196 6.72 9.13 -39.07
C PHE A 196 5.23 9.25 -39.31
N LYS A 197 4.61 10.28 -38.73
CA LYS A 197 3.17 10.46 -38.81
C LYS A 197 2.87 11.66 -39.70
N ILE A 198 2.01 11.47 -40.69
CA ILE A 198 1.56 12.54 -41.56
C ILE A 198 0.05 12.66 -41.40
N TYR A 199 -0.42 13.85 -41.03
CA TYR A 199 -1.84 14.12 -40.98
C TYR A 199 -2.16 15.19 -42.02
N SER A 200 -3.34 15.08 -42.64
CA SER A 200 -3.70 15.91 -43.77
C SER A 200 -5.09 16.52 -43.58
N LYS A 201 -5.31 17.63 -44.28
CA LYS A 201 -6.62 18.27 -44.34
C LYS A 201 -6.66 19.13 -45.59
N HIS A 202 -7.81 19.15 -46.28
CA HIS A 202 -7.96 19.94 -47.49
C HIS A 202 -9.33 20.62 -47.47
N THR A 203 -9.33 21.95 -47.56
CA THR A 203 -10.58 22.70 -47.61
C THR A 203 -10.66 23.52 -48.89
N PRO A 204 -11.68 23.31 -49.72
CA PRO A 204 -11.85 24.16 -50.90
C PRO A 204 -12.68 25.40 -50.61
N ILE A 205 -12.89 26.22 -51.65
CA ILE A 205 -13.77 27.39 -51.64
C ILE A 205 -13.38 28.37 -50.54
N ILE A 206 -12.20 28.97 -50.69
CA ILE A 206 -11.80 30.11 -49.86
C ILE A 206 -11.37 31.24 -50.80
N VAL A 207 -11.95 32.42 -50.58
CA VAL A 207 -11.57 33.61 -51.35
C VAL A 207 -11.37 34.77 -50.37
N ARG A 208 -10.27 35.49 -50.54
CA ARG A 208 -9.96 36.74 -49.83
C ARG A 208 -8.77 37.39 -50.52
N GLU A 209 -8.76 38.72 -50.50
CA GLU A 209 -7.64 39.46 -51.07
C GLU A 209 -6.32 39.39 -50.29
N PRO A 210 -6.26 39.24 -48.91
CA PRO A 210 -4.94 39.07 -48.32
C PRO A 210 -4.54 37.61 -48.14
N GLU A 211 -3.27 37.39 -47.83
CA GLU A 211 -2.72 36.06 -47.63
C GLU A 211 -2.80 35.69 -46.15
N ASP A 212 -2.05 34.65 -45.76
CA ASP A 212 -1.69 34.36 -44.36
C ASP A 212 -2.87 33.84 -43.54
N LEU A 213 -3.73 33.02 -44.18
CA LEU A 213 -4.76 32.17 -43.58
C LEU A 213 -5.93 32.94 -42.95
N PRO A 214 -7.12 32.35 -42.93
CA PRO A 214 -8.22 32.98 -42.19
C PRO A 214 -8.28 32.51 -40.74
N GLN A 215 -9.28 32.97 -40.00
CA GLN A 215 -9.52 32.48 -38.64
C GLN A 215 -10.51 31.32 -38.75
N GLY A 216 -9.99 30.11 -38.89
CA GLY A 216 -10.81 28.93 -39.06
C GLY A 216 -10.48 27.88 -38.02
N PHE A 217 -11.54 27.21 -37.55
CA PHE A 217 -11.41 26.15 -36.54
C PHE A 217 -11.60 24.82 -37.27
N SER A 218 -10.51 24.28 -37.80
CA SER A 218 -10.54 23.06 -38.60
C SER A 218 -9.56 22.05 -38.01
N ALA A 219 -10.09 20.94 -37.50
CA ALA A 219 -9.26 19.86 -37.02
C ALA A 219 -8.68 19.08 -38.19
N LEU A 220 -7.68 18.26 -37.89
CA LEU A 220 -6.96 17.51 -38.91
C LEU A 220 -7.14 16.01 -38.66
N GLU A 221 -7.57 15.30 -39.68
CA GLU A 221 -7.74 13.85 -39.64
C GLU A 221 -6.40 13.16 -39.84
N PRO A 222 -6.21 11.96 -39.29
CA PRO A 222 -4.95 11.24 -39.51
C PRO A 222 -4.91 10.62 -40.90
N LEU A 223 -3.80 10.79 -41.60
CA LEU A 223 -3.66 10.25 -42.94
C LEU A 223 -2.85 8.95 -42.95
N VAL A 224 -1.58 8.99 -42.55
CA VAL A 224 -0.72 7.81 -42.59
C VAL A 224 0.25 7.80 -41.41
N ASP A 225 0.60 6.60 -40.98
CA ASP A 225 1.69 6.34 -40.05
C ASP A 225 2.66 5.39 -40.72
N LEU A 226 3.96 5.74 -40.71
CA LEU A 226 4.96 4.96 -41.41
C LEU A 226 6.10 4.55 -40.48
N PRO A 227 6.60 3.33 -40.61
CA PRO A 227 7.74 2.88 -39.78
C PRO A 227 9.09 3.08 -40.48
N ILE A 228 9.45 4.35 -40.71
CA ILE A 228 10.70 4.61 -41.43
C ILE A 228 11.92 4.28 -40.56
N GLY A 229 11.84 4.57 -39.27
CA GLY A 229 12.94 4.26 -38.35
C GLY A 229 14.23 5.00 -38.59
N ILE A 230 14.17 6.31 -38.82
CA ILE A 230 15.36 7.15 -38.94
C ILE A 230 15.14 8.45 -38.17
N ASN A 231 16.19 9.26 -38.11
CA ASN A 231 16.13 10.59 -37.55
C ASN A 231 16.38 11.62 -38.63
N ILE A 232 15.66 12.75 -38.54
CA ILE A 232 15.66 13.78 -39.58
C ILE A 232 15.81 15.14 -38.92
N THR A 233 16.49 16.06 -39.61
CA THR A 233 16.92 17.32 -39.00
C THR A 233 16.56 18.50 -39.90
N ARG A 234 16.50 18.30 -41.20
CA ARG A 234 16.21 19.37 -42.15
C ARG A 234 15.27 18.86 -43.24
N PHE A 235 14.29 19.69 -43.60
CA PHE A 235 13.36 19.37 -44.66
C PHE A 235 13.31 20.49 -45.67
N GLN A 236 13.12 20.11 -46.94
CA GLN A 236 13.08 21.04 -48.06
C GLN A 236 11.88 20.73 -48.93
N THR A 237 11.09 21.76 -49.23
CA THR A 237 9.90 21.58 -50.04
C THR A 237 10.24 21.42 -51.51
N LEU A 238 9.38 20.70 -52.22
CA LEU A 238 9.52 20.49 -53.64
C LEU A 238 8.40 21.21 -54.39
N LEU A 239 8.63 21.44 -55.68
CA LEU A 239 7.66 22.16 -56.49
C LEU A 239 7.82 21.75 -57.93
N ALA A 240 6.77 22.01 -58.72
CA ALA A 240 6.78 21.66 -60.13
C ALA A 240 6.19 22.78 -60.97
N SER A 251 10.98 31.72 -71.44
CA SER A 251 10.94 30.41 -70.81
C SER A 251 11.77 30.42 -69.51
N SER A 252 12.96 29.82 -69.58
CA SER A 252 13.84 29.80 -68.42
C SER A 252 14.35 31.20 -68.09
N SER A 253 14.66 32.00 -69.10
CA SER A 253 15.11 33.38 -68.90
C SER A 253 13.89 34.27 -68.74
N GLY A 254 13.31 34.22 -67.55
CA GLY A 254 12.10 34.96 -67.27
C GLY A 254 10.86 34.08 -67.33
N TRP A 255 10.33 33.71 -66.18
CA TRP A 255 9.21 32.78 -66.08
C TRP A 255 8.00 33.50 -65.52
N THR A 256 6.84 33.28 -66.15
CA THR A 256 5.57 33.84 -65.70
C THR A 256 4.71 32.69 -65.21
N ALA A 257 4.41 32.67 -63.91
CA ALA A 257 3.62 31.63 -63.29
C ALA A 257 2.59 32.25 -62.35
N GLY A 258 1.59 31.45 -62.00
CA GLY A 258 0.57 31.91 -61.08
C GLY A 258 1.10 32.04 -59.66
N ALA A 259 0.39 32.84 -58.87
CA ALA A 259 0.78 33.07 -57.49
C ALA A 259 0.53 31.83 -56.64
N ALA A 260 1.37 31.67 -55.61
CA ALA A 260 1.26 30.54 -54.71
C ALA A 260 1.92 30.94 -53.39
N ALA A 261 1.55 30.22 -52.33
CA ALA A 261 2.19 30.46 -51.04
C ALA A 261 2.18 29.19 -50.22
N TYR A 262 3.27 28.99 -49.46
CA TYR A 262 3.34 27.89 -48.51
C TYR A 262 3.97 28.39 -47.22
N TYR A 263 3.35 28.04 -46.09
CA TYR A 263 3.71 28.54 -44.78
C TYR A 263 4.24 27.40 -43.93
N VAL A 264 5.23 27.71 -43.10
CA VAL A 264 5.89 26.74 -42.24
C VAL A 264 5.84 27.25 -40.80
N GLY A 265 5.38 26.40 -39.88
CA GLY A 265 5.41 26.73 -38.47
C GLY A 265 6.35 25.81 -37.71
N TYR A 266 6.26 25.79 -36.38
CA TYR A 266 7.10 24.91 -35.57
C TYR A 266 6.33 24.46 -34.34
N LEU A 267 6.48 23.18 -33.99
CA LEU A 267 5.66 22.53 -32.98
C LEU A 267 6.37 22.53 -31.64
N GLN A 268 5.65 22.82 -30.56
CA GLN A 268 6.19 22.81 -29.22
C GLN A 268 5.25 22.07 -28.27
N PRO A 269 5.78 21.38 -27.27
CA PRO A 269 4.93 20.50 -26.44
C PRO A 269 4.04 21.32 -25.51
N ARG A 270 2.74 21.02 -25.56
CA ARG A 270 1.77 21.74 -24.73
C ARG A 270 0.64 20.81 -24.32
N THR A 271 -0.12 21.27 -23.34
CA THR A 271 -1.37 20.63 -22.92
C THR A 271 -2.53 21.33 -23.60
N PHE A 272 -3.40 20.55 -24.22
CA PHE A 272 -4.56 21.07 -24.94
C PHE A 272 -5.84 20.52 -24.31
N LEU A 273 -6.92 21.28 -24.43
CA LEU A 273 -8.26 20.76 -24.20
C LEU A 273 -9.02 20.71 -25.52
N LEU A 274 -9.75 19.62 -25.72
CA LEU A 274 -10.51 19.38 -26.93
C LEU A 274 -11.97 19.23 -26.56
N LYS A 275 -12.83 20.03 -27.19
CA LYS A 275 -14.27 19.99 -26.94
C LYS A 275 -14.95 19.32 -28.11
N TYR A 276 -15.40 18.09 -27.91
CA TYR A 276 -16.03 17.32 -28.96
C TYR A 276 -17.48 17.76 -29.13
N ASN A 277 -17.98 17.65 -30.36
CA ASN A 277 -19.34 18.08 -30.67
C ASN A 277 -20.33 16.99 -30.28
N GLU A 278 -21.60 17.15 -30.68
CA GLU A 278 -22.55 16.07 -30.51
C GLU A 278 -22.21 14.88 -31.38
N ASN A 279 -21.62 15.12 -32.55
CA ASN A 279 -21.04 14.08 -33.38
C ASN A 279 -19.56 13.95 -33.02
N GLY A 280 -18.80 13.22 -33.84
CA GLY A 280 -17.40 13.01 -33.54
C GLY A 280 -16.46 14.12 -33.95
N THR A 281 -16.95 15.21 -34.52
CA THR A 281 -16.08 16.27 -35.01
C THR A 281 -15.59 17.15 -33.88
N ILE A 282 -14.31 17.51 -33.94
CA ILE A 282 -13.73 18.43 -32.97
C ILE A 282 -14.04 19.86 -33.40
N THR A 283 -14.67 20.62 -32.51
CA THR A 283 -15.14 21.97 -32.83
C THR A 283 -14.27 23.07 -32.25
N ASP A 284 -13.83 22.93 -31.00
CA ASP A 284 -13.04 23.95 -30.34
C ASP A 284 -11.84 23.30 -29.66
N ALA A 285 -10.78 24.07 -29.49
CA ALA A 285 -9.58 23.62 -28.78
C ALA A 285 -9.03 24.79 -27.99
N VAL A 286 -8.52 24.51 -26.80
CA VAL A 286 -8.03 25.56 -25.90
C VAL A 286 -6.62 25.19 -25.44
N ASP A 287 -5.69 26.12 -25.62
CA ASP A 287 -4.33 25.97 -25.14
C ASP A 287 -4.22 26.50 -23.72
N CYS A 288 -3.20 26.03 -23.00
CA CYS A 288 -3.04 26.41 -21.60
C CYS A 288 -1.85 27.32 -21.33
N ALA A 289 -0.77 27.25 -22.11
CA ALA A 289 0.42 28.04 -21.84
C ALA A 289 0.41 29.38 -22.56
N LEU A 290 -0.75 29.84 -23.00
CA LEU A 290 -0.84 31.10 -23.74
C LEU A 290 -1.09 32.28 -22.80
N ASP A 291 -2.09 32.19 -21.95
CA ASP A 291 -2.57 33.32 -21.17
C ASP A 291 -2.83 32.90 -19.73
N PRO A 292 -2.86 33.85 -18.80
CA PRO A 292 -3.36 33.53 -17.44
C PRO A 292 -4.79 33.04 -17.45
N LEU A 293 -5.64 33.62 -18.29
CA LEU A 293 -7.00 33.11 -18.44
C LEU A 293 -7.02 31.74 -19.08
N SER A 294 -6.04 31.45 -19.93
CA SER A 294 -6.00 30.15 -20.58
C SER A 294 -5.57 29.03 -19.64
N GLU A 295 -5.12 29.34 -18.42
CA GLU A 295 -4.92 28.30 -17.42
C GLU A 295 -6.11 28.10 -16.49
N THR A 296 -6.83 29.16 -16.15
CA THR A 296 -8.07 28.97 -15.39
C THR A 296 -9.17 28.36 -16.26
N LYS A 297 -9.00 28.34 -17.58
CA LYS A 297 -9.82 27.53 -18.46
C LYS A 297 -9.27 26.12 -18.63
N CYS A 298 -8.09 25.84 -18.11
CA CYS A 298 -7.38 24.58 -18.31
C CYS A 298 -7.27 23.76 -17.04
N THR A 299 -7.10 24.40 -15.88
CA THR A 299 -7.08 23.68 -14.61
C THR A 299 -8.47 23.51 -14.01
N LEU A 300 -9.49 24.15 -14.59
CA LEU A 300 -10.85 24.02 -14.12
C LEU A 300 -11.70 23.12 -15.02
N LYS A 301 -11.19 22.81 -16.22
CA LYS A 301 -11.81 21.90 -17.19
C LYS A 301 -13.20 22.37 -17.60
N SER A 302 -13.25 23.58 -18.12
CA SER A 302 -14.46 24.17 -18.65
C SER A 302 -14.07 25.20 -19.71
N PHE A 303 -15.08 25.87 -20.27
CA PHE A 303 -14.85 26.93 -21.24
C PHE A 303 -15.31 28.29 -20.76
N THR A 304 -16.31 28.35 -19.89
CA THR A 304 -16.83 29.61 -19.37
C THR A 304 -16.64 29.61 -17.86
N VAL A 305 -15.92 30.61 -17.35
CA VAL A 305 -15.66 30.73 -15.92
C VAL A 305 -16.42 31.94 -15.40
N GLU A 306 -16.61 31.97 -14.09
CA GLU A 306 -17.35 33.04 -13.45
C GLU A 306 -16.40 33.97 -12.70
N LYS A 307 -16.97 35.07 -12.21
CA LYS A 307 -16.17 36.12 -11.57
C LYS A 307 -15.66 35.64 -10.22
N GLY A 308 -14.34 35.64 -10.06
CA GLY A 308 -13.74 35.17 -8.82
C GLY A 308 -12.24 35.07 -8.95
N ILE A 309 -11.64 34.33 -8.00
CA ILE A 309 -10.20 34.15 -7.93
C ILE A 309 -9.90 32.66 -7.84
N TYR A 310 -8.99 32.18 -8.69
CA TYR A 310 -8.72 30.77 -8.84
C TYR A 310 -7.22 30.50 -8.77
N GLN A 311 -6.87 29.30 -8.33
CA GLN A 311 -5.48 28.86 -8.33
C GLN A 311 -5.23 27.99 -9.56
N THR A 312 -4.10 28.21 -10.21
CA THR A 312 -3.72 27.43 -11.39
C THR A 312 -2.48 26.58 -11.18
N SER A 313 -1.36 27.20 -10.82
CA SER A 313 -0.09 26.51 -10.66
C SER A 313 0.84 27.42 -9.85
N ASN A 314 2.13 27.10 -9.85
CA ASN A 314 3.11 27.89 -9.13
C ASN A 314 4.32 28.14 -10.02
N PHE A 315 5.23 28.99 -9.55
CA PHE A 315 6.38 29.40 -10.33
C PHE A 315 7.69 28.83 -9.80
N ARG A 316 7.67 27.56 -9.40
CA ARG A 316 8.91 26.86 -9.07
C ARG A 316 9.83 26.81 -10.28
N VAL A 317 11.12 26.95 -10.05
CA VAL A 317 12.09 27.05 -11.14
C VAL A 317 12.37 25.66 -11.69
N GLN A 318 12.20 25.50 -13.01
CA GLN A 318 12.28 24.23 -13.70
C GLN A 318 13.74 23.81 -13.92
N PRO A 319 14.02 22.50 -13.98
CA PRO A 319 15.40 22.05 -14.18
C PRO A 319 15.90 22.30 -15.60
N THR A 320 17.17 22.66 -15.72
CA THR A 320 17.78 22.95 -17.01
C THR A 320 18.90 22.01 -17.41
N GLU A 321 19.63 21.45 -16.45
CA GLU A 321 20.87 20.73 -16.75
C GLU A 321 21.20 19.78 -15.61
N SER A 322 22.23 18.96 -15.84
CA SER A 322 22.65 17.92 -14.91
C SER A 322 24.19 17.91 -14.81
N ILE A 323 24.73 18.44 -13.71
CA ILE A 323 26.21 18.57 -13.49
C ILE A 323 26.65 17.78 -12.25
N VAL A 324 27.96 17.56 -12.07
CA VAL A 324 28.49 16.74 -10.93
C VAL A 324 29.86 17.26 -10.45
N ARG A 325 30.08 17.39 -9.14
CA ARG A 325 31.43 17.72 -8.59
C ARG A 325 31.74 16.70 -7.50
N PHE A 326 32.66 15.76 -7.74
CA PHE A 326 33.05 14.71 -6.77
C PHE A 326 34.28 15.18 -5.97
N PRO A 327 34.94 14.36 -5.12
CA PRO A 327 36.17 14.78 -4.41
C PRO A 327 37.52 14.80 -5.13
N ASN A 328 38.53 15.47 -4.57
CA ASN A 328 39.91 15.42 -5.15
C ASN A 328 40.33 13.95 -5.14
N ILE A 329 41.30 13.59 -5.95
CA ILE A 329 41.70 12.19 -6.11
C ILE A 329 42.87 11.84 -5.20
N THR A 330 44.04 12.48 -5.40
CA THR A 330 45.26 12.29 -4.61
C THR A 330 45.63 10.80 -4.54
N ASN A 331 45.36 10.08 -5.63
CA ASN A 331 45.46 8.62 -5.65
C ASN A 331 46.08 8.15 -6.96
N LEU A 332 47.14 8.82 -7.40
CA LEU A 332 47.77 8.48 -8.67
C LEU A 332 48.50 7.15 -8.57
N CYS A 333 48.37 6.33 -9.62
CA CYS A 333 49.06 5.06 -9.68
C CYS A 333 50.56 5.28 -9.89
N PRO A 334 51.41 4.36 -9.41
CA PRO A 334 52.86 4.49 -9.68
C PRO A 334 53.22 4.16 -11.11
N PHE A 335 52.81 5.02 -12.05
CA PHE A 335 53.02 4.78 -13.47
C PHE A 335 54.20 5.55 -14.04
N ASP A 336 54.96 6.28 -13.21
CA ASP A 336 56.16 6.93 -13.70
C ASP A 336 57.24 5.91 -14.04
N GLU A 337 57.42 4.90 -13.17
CA GLU A 337 58.36 3.82 -13.48
C GLU A 337 57.81 2.87 -14.52
N VAL A 338 56.49 2.87 -14.74
CA VAL A 338 55.91 2.01 -15.77
C VAL A 338 56.28 2.51 -17.17
N PHE A 339 56.26 3.83 -17.36
CA PHE A 339 56.49 4.41 -18.69
C PHE A 339 57.84 5.09 -18.85
N ASN A 340 58.49 5.51 -17.78
CA ASN A 340 59.73 6.28 -17.88
C ASN A 340 60.91 5.60 -17.19
N ALA A 341 60.93 4.27 -17.14
CA ALA A 341 62.10 3.56 -16.66
C ALA A 341 63.18 3.56 -17.74
N THR A 342 64.45 3.61 -17.29
CA THR A 342 65.55 3.70 -18.24
C THR A 342 65.80 2.38 -18.94
N ARG A 343 65.48 1.26 -18.29
CA ARG A 343 65.69 -0.06 -18.85
C ARG A 343 64.55 -0.98 -18.48
N PHE A 344 64.08 -1.74 -19.45
CA PHE A 344 63.04 -2.73 -19.23
C PHE A 344 63.63 -4.13 -19.33
N ALA A 345 62.91 -5.10 -18.79
CA ALA A 345 63.36 -6.48 -18.82
C ALA A 345 63.28 -7.05 -20.23
N SER A 346 64.02 -8.13 -20.45
CA SER A 346 64.18 -8.70 -21.78
C SER A 346 63.00 -9.63 -22.11
N VAL A 347 63.10 -10.31 -23.25
CA VAL A 347 61.99 -11.11 -23.76
C VAL A 347 61.79 -12.37 -22.92
N TYR A 348 62.89 -13.03 -22.54
CA TYR A 348 62.80 -14.33 -21.88
C TYR A 348 62.17 -14.23 -20.50
N ALA A 349 62.43 -13.14 -19.79
CA ALA A 349 61.85 -12.90 -18.46
C ALA A 349 61.30 -11.48 -18.48
N TRP A 350 60.03 -11.35 -18.84
CA TRP A 350 59.38 -10.05 -18.88
C TRP A 350 59.24 -9.48 -17.47
N ASN A 351 59.21 -8.15 -17.40
CA ASN A 351 59.10 -7.47 -16.11
C ASN A 351 57.70 -7.65 -15.53
N ARG A 352 57.64 -7.98 -14.25
CA ARG A 352 56.39 -8.22 -13.55
C ARG A 352 56.05 -7.01 -12.69
N LYS A 353 54.85 -6.48 -12.86
CA LYS A 353 54.36 -5.37 -12.05
C LYS A 353 52.85 -5.49 -11.93
N ARG A 354 52.37 -5.87 -10.75
CA ARG A 354 50.95 -6.04 -10.52
C ARG A 354 50.38 -4.76 -9.93
N ILE A 355 49.83 -3.92 -10.80
CA ILE A 355 49.25 -2.64 -10.37
C ILE A 355 47.88 -2.91 -9.75
N SER A 356 47.71 -2.47 -8.52
CA SER A 356 46.45 -2.67 -7.80
C SER A 356 46.31 -1.56 -6.76
N ASN A 357 45.09 -1.42 -6.24
CA ASN A 357 44.74 -0.46 -5.20
C ASN A 357 45.05 0.98 -5.64
N CYS A 358 44.36 1.41 -6.69
CA CYS A 358 44.55 2.73 -7.26
C CYS A 358 43.25 3.17 -7.92
N VAL A 359 43.32 4.21 -8.75
CA VAL A 359 42.16 4.70 -9.48
C VAL A 359 42.37 4.52 -10.97
N ALA A 360 41.37 4.87 -11.77
CA ALA A 360 41.40 4.69 -13.22
C ALA A 360 41.78 6.00 -13.88
N ASP A 361 43.01 6.06 -14.42
CA ASP A 361 43.47 7.22 -15.18
C ASP A 361 44.57 6.77 -16.12
N TYR A 362 44.27 6.71 -17.41
CA TYR A 362 45.25 6.33 -18.43
C TYR A 362 45.39 7.42 -19.49
N SER A 363 45.14 8.67 -19.09
CA SER A 363 45.24 9.79 -20.04
C SER A 363 46.66 10.30 -20.22
N VAL A 364 47.62 9.80 -19.42
CA VAL A 364 49.00 10.25 -19.52
C VAL A 364 49.72 9.72 -20.74
N LEU A 365 49.15 8.72 -21.42
CA LEU A 365 49.80 8.16 -22.61
C LEU A 365 49.68 9.06 -23.83
N TYR A 366 48.62 9.87 -23.90
CA TYR A 366 48.39 10.69 -25.08
C TYR A 366 49.38 11.84 -25.18
N ASN A 367 49.65 12.53 -24.07
CA ASN A 367 50.57 13.64 -24.05
C ASN A 367 52.00 13.24 -23.75
N LEU A 368 52.26 11.95 -23.54
CA LEU A 368 53.62 11.49 -23.29
C LEU A 368 54.49 11.61 -24.53
N ALA A 369 53.95 11.25 -25.68
CA ALA A 369 54.74 11.08 -26.89
C ALA A 369 53.91 11.54 -28.08
N PRO A 370 54.52 11.68 -29.27
CA PRO A 370 53.73 11.83 -30.49
C PRO A 370 52.94 10.58 -30.86
N PHE A 371 52.32 10.60 -32.04
CA PHE A 371 51.47 9.50 -32.49
C PHE A 371 52.24 8.19 -32.56
N PHE A 372 51.60 7.13 -32.07
CA PHE A 372 52.22 5.81 -32.00
C PHE A 372 51.12 4.77 -32.14
N THR A 373 51.50 3.50 -31.95
CA THR A 373 50.58 2.39 -32.18
C THR A 373 49.84 2.01 -30.92
N PHE A 374 48.55 1.75 -31.07
CA PHE A 374 47.68 1.29 -29.98
C PHE A 374 47.09 -0.08 -30.26
N LYS A 375 46.53 -0.28 -31.45
CA LYS A 375 45.95 -1.53 -31.98
C LYS A 375 45.11 -2.30 -30.95
N CYS A 376 44.16 -1.57 -30.36
CA CYS A 376 43.32 -2.18 -29.34
C CYS A 376 42.20 -3.00 -29.96
N TYR A 377 41.93 -4.17 -29.37
CA TYR A 377 41.03 -5.15 -29.95
C TYR A 377 39.82 -5.45 -29.08
N GLY A 378 40.02 -5.74 -27.79
CA GLY A 378 38.94 -6.16 -26.92
C GLY A 378 37.96 -5.07 -26.56
N VAL A 379 38.41 -4.10 -25.78
CA VAL A 379 37.60 -2.97 -25.33
C VAL A 379 37.91 -1.79 -26.24
N SER A 380 36.90 -0.98 -26.53
CA SER A 380 37.09 0.20 -27.36
C SER A 380 38.06 1.16 -26.69
N PRO A 381 38.96 1.81 -27.45
CA PRO A 381 39.97 2.68 -26.84
C PRO A 381 39.41 3.90 -26.13
N THR A 382 38.20 4.33 -26.47
CA THR A 382 37.63 5.53 -25.85
C THR A 382 36.94 5.24 -24.52
N LYS A 383 36.87 3.98 -24.10
CA LYS A 383 36.16 3.59 -22.89
C LYS A 383 37.10 3.02 -21.83
N LEU A 384 38.38 3.40 -21.87
CA LEU A 384 39.32 2.92 -20.85
C LEU A 384 39.14 3.64 -19.53
N ASN A 385 38.75 4.92 -19.54
CA ASN A 385 38.54 5.65 -18.29
C ASN A 385 37.39 5.07 -17.49
N ASP A 386 36.32 4.66 -18.16
CA ASP A 386 35.24 3.93 -17.52
C ASP A 386 35.50 2.43 -17.66
N LEU A 387 34.52 1.62 -17.25
CA LEU A 387 34.57 0.15 -17.33
C LEU A 387 35.79 -0.40 -16.58
N CYS A 388 35.82 -0.16 -15.28
CA CYS A 388 36.95 -0.54 -14.46
C CYS A 388 37.00 -2.04 -14.24
N PHE A 389 38.20 -2.54 -14.01
CA PHE A 389 38.48 -3.96 -13.79
C PHE A 389 39.24 -4.12 -12.48
N THR A 390 39.75 -5.33 -12.26
CA THR A 390 40.54 -5.64 -11.08
C THR A 390 41.79 -6.41 -11.47
N ASN A 391 42.88 -6.13 -10.77
CA ASN A 391 44.15 -6.88 -10.83
C ASN A 391 44.70 -6.93 -12.27
N VAL A 392 45.06 -5.75 -12.76
CA VAL A 392 45.56 -5.62 -14.12
C VAL A 392 46.91 -6.30 -14.24
N TYR A 393 47.07 -7.09 -15.31
CA TYR A 393 48.26 -7.92 -15.52
C TYR A 393 49.16 -7.18 -16.52
N ALA A 394 50.16 -6.47 -16.00
CA ALA A 394 51.00 -5.60 -16.80
C ALA A 394 52.35 -6.25 -17.06
N ASP A 395 52.74 -6.32 -18.33
CA ASP A 395 54.03 -6.86 -18.74
C ASP A 395 54.75 -5.81 -19.58
N SER A 396 56.01 -5.54 -19.23
CA SER A 396 56.81 -4.53 -19.91
C SER A 396 58.10 -5.14 -20.42
N PHE A 397 58.39 -4.91 -21.68
CA PHE A 397 59.50 -5.54 -22.41
C PHE A 397 59.66 -4.86 -23.77
N VAL A 398 60.83 -5.02 -24.36
CA VAL A 398 61.19 -4.35 -25.61
C VAL A 398 61.58 -5.41 -26.64
N ILE A 399 60.89 -5.40 -27.78
CA ILE A 399 61.23 -6.21 -28.94
C ILE A 399 61.29 -5.26 -30.14
N ARG A 400 62.08 -5.65 -31.15
CA ARG A 400 62.19 -4.91 -32.39
C ARG A 400 60.85 -4.81 -33.11
N GLY A 401 60.80 -3.96 -34.14
CA GLY A 401 59.54 -3.64 -34.78
C GLY A 401 58.94 -4.76 -35.61
N ASP A 402 59.71 -5.82 -35.84
CA ASP A 402 59.20 -6.95 -36.62
C ASP A 402 58.09 -7.69 -35.88
N GLU A 403 58.21 -7.82 -34.56
CA GLU A 403 57.26 -8.58 -33.76
C GLU A 403 56.29 -7.72 -32.97
N VAL A 404 56.23 -6.42 -33.26
CA VAL A 404 55.34 -5.53 -32.53
C VAL A 404 53.88 -5.83 -32.88
N ARG A 405 53.59 -5.96 -34.17
CA ARG A 405 52.23 -6.20 -34.62
C ARG A 405 51.79 -7.64 -34.46
N GLN A 406 52.68 -8.54 -34.05
CA GLN A 406 52.35 -9.94 -33.84
C GLN A 406 51.83 -10.23 -32.44
N ILE A 407 51.30 -9.22 -31.74
CA ILE A 407 50.71 -9.42 -30.42
C ILE A 407 49.25 -9.81 -30.51
N ALA A 408 48.64 -9.74 -31.70
CA ALA A 408 47.24 -10.09 -31.85
C ALA A 408 47.03 -11.59 -31.63
N PRO A 409 45.92 -11.97 -30.99
CA PRO A 409 45.65 -13.40 -30.77
C PRO A 409 45.40 -14.13 -32.08
N GLY A 410 45.85 -15.38 -32.14
CA GLY A 410 45.70 -16.21 -33.30
C GLY A 410 46.88 -16.21 -34.26
N GLN A 411 47.86 -15.32 -34.04
CA GLN A 411 49.03 -15.23 -34.89
C GLN A 411 50.24 -15.80 -34.15
N THR A 412 50.92 -16.75 -34.78
CA THR A 412 52.11 -17.38 -34.22
C THR A 412 53.35 -16.82 -34.91
N GLY A 413 54.51 -17.38 -34.60
CA GLY A 413 55.76 -16.95 -35.20
C GLY A 413 56.98 -17.53 -34.51
N ASN A 414 57.94 -16.68 -34.20
CA ASN A 414 59.16 -17.08 -33.49
C ASN A 414 59.20 -16.61 -32.05
N ILE A 415 58.81 -15.37 -31.78
CA ILE A 415 58.62 -14.89 -30.42
C ILE A 415 57.17 -15.03 -29.98
N ALA A 416 56.22 -14.71 -30.87
CA ALA A 416 54.80 -14.80 -30.56
C ALA A 416 54.31 -16.22 -30.36
N ASP A 417 55.11 -17.23 -30.73
CA ASP A 417 54.77 -18.62 -30.48
C ASP A 417 55.58 -19.26 -29.37
N TYR A 418 56.82 -18.81 -29.15
CA TYR A 418 57.72 -19.47 -28.23
C TYR A 418 58.22 -18.58 -27.09
N ASN A 419 57.65 -17.38 -26.94
CA ASN A 419 58.04 -16.53 -25.81
C ASN A 419 56.83 -15.95 -25.10
N TYR A 420 55.72 -15.78 -25.81
CA TYR A 420 54.54 -15.16 -25.23
C TYR A 420 53.34 -15.60 -26.06
N LYS A 421 52.45 -16.38 -25.46
CA LYS A 421 51.27 -16.91 -26.13
C LYS A 421 50.02 -16.32 -25.51
N LEU A 422 49.06 -15.95 -26.37
CA LEU A 422 47.84 -15.29 -25.93
C LEU A 422 46.61 -16.12 -26.26
N PRO A 423 45.59 -16.10 -25.42
CA PRO A 423 44.33 -16.78 -25.75
C PRO A 423 43.54 -16.02 -26.79
N ASP A 424 42.62 -16.72 -27.44
CA ASP A 424 41.80 -16.10 -28.48
C ASP A 424 40.73 -15.20 -27.90
N ASP A 425 40.37 -15.38 -26.64
CA ASP A 425 39.40 -14.53 -25.94
C ASP A 425 40.10 -13.50 -25.07
N PHE A 426 41.23 -12.97 -25.55
CA PHE A 426 42.04 -12.04 -24.79
C PHE A 426 41.32 -10.71 -24.60
N THR A 427 41.44 -10.15 -23.40
CA THR A 427 40.82 -8.88 -23.04
C THR A 427 41.92 -7.89 -22.65
N GLY A 428 41.83 -6.68 -23.17
CA GLY A 428 42.87 -5.68 -22.98
C GLY A 428 43.68 -5.49 -24.25
N CYS A 429 44.62 -4.55 -24.17
CA CYS A 429 45.46 -4.25 -25.33
C CYS A 429 46.77 -3.63 -24.88
N VAL A 430 47.70 -3.57 -25.83
CA VAL A 430 49.07 -3.14 -25.57
C VAL A 430 49.24 -1.70 -26.01
N ILE A 431 50.33 -1.09 -25.54
CA ILE A 431 50.75 0.24 -25.98
C ILE A 431 52.21 0.14 -26.37
N ALA A 432 52.53 0.45 -27.63
CA ALA A 432 53.87 0.30 -28.16
C ALA A 432 54.36 1.62 -28.74
N TRP A 433 55.64 1.92 -28.52
CA TRP A 433 56.24 3.14 -29.04
C TRP A 433 57.73 2.92 -29.23
N ASN A 434 58.33 3.75 -30.08
CA ASN A 434 59.72 3.62 -30.44
C ASN A 434 60.63 4.11 -29.31
N SER A 435 61.87 3.61 -29.32
CA SER A 435 62.90 3.99 -28.36
C SER A 435 64.22 4.25 -29.09
N ASN A 436 64.14 5.05 -30.16
CA ASN A 436 65.30 5.26 -31.03
C ASN A 436 66.41 6.05 -30.35
N LYS A 437 66.09 6.86 -29.35
CA LYS A 437 67.08 7.71 -28.71
C LYS A 437 67.40 7.34 -27.27
N LEU A 438 66.52 6.60 -26.59
CA LEU A 438 66.72 6.31 -25.18
C LEU A 438 67.42 4.98 -24.96
N ASP A 439 66.83 3.89 -25.42
CA ASP A 439 67.34 2.55 -25.16
C ASP A 439 68.19 2.02 -26.31
N SER A 440 68.45 2.84 -27.33
CA SER A 440 69.25 2.44 -28.47
C SER A 440 70.66 2.99 -28.30
N LYS A 441 71.64 2.08 -28.23
CA LYS A 441 73.04 2.46 -28.10
C LYS A 441 73.63 2.69 -29.48
N VAL A 442 74.47 3.72 -29.59
CA VAL A 442 75.11 4.04 -30.86
C VAL A 442 76.06 2.92 -31.29
N SER A 443 76.71 2.26 -30.33
CA SER A 443 77.50 1.09 -30.62
C SER A 443 76.73 -0.21 -30.67
N GLY A 444 75.42 -0.16 -30.41
CA GLY A 444 74.60 -1.35 -30.40
C GLY A 444 74.41 -1.92 -29.02
N ASN A 445 73.19 -1.82 -28.48
CA ASN A 445 72.90 -2.35 -27.16
C ASN A 445 72.72 -3.86 -27.25
N TYR A 446 73.58 -4.61 -26.54
CA TYR A 446 73.54 -6.06 -26.56
C TYR A 446 73.10 -6.64 -25.22
N ASN A 447 72.61 -5.82 -24.31
CA ASN A 447 72.12 -6.31 -23.03
C ASN A 447 70.82 -7.10 -23.17
N TYR A 448 70.02 -6.80 -24.18
CA TYR A 448 68.75 -7.49 -24.39
C TYR A 448 69.01 -8.83 -25.05
N LEU A 449 68.52 -9.90 -24.41
CA LEU A 449 68.66 -11.25 -24.92
C LEU A 449 67.30 -11.92 -24.99
N TYR A 450 67.14 -12.84 -25.93
CA TYR A 450 65.90 -13.57 -26.10
C TYR A 450 66.19 -15.05 -26.34
N ARG A 451 65.23 -15.88 -25.95
CA ARG A 451 65.31 -17.33 -26.14
C ARG A 451 64.36 -17.73 -27.25
N LEU A 452 64.87 -18.47 -28.23
CA LEU A 452 64.06 -18.97 -29.33
C LEU A 452 63.90 -20.47 -29.34
N PHE A 453 64.86 -21.22 -28.79
CA PHE A 453 64.78 -22.67 -28.74
C PHE A 453 64.14 -23.10 -27.42
N ARG A 454 62.89 -23.55 -27.49
CA ARG A 454 62.22 -24.12 -26.33
C ARG A 454 61.58 -25.46 -26.70
N LYS A 455 61.18 -25.59 -27.97
CA LYS A 455 60.57 -26.81 -28.53
C LYS A 455 59.31 -27.21 -27.76
N SER A 456 58.53 -26.21 -27.35
CA SER A 456 57.29 -26.45 -26.62
C SER A 456 56.39 -25.24 -26.77
N ASN A 457 55.12 -25.48 -27.09
CA ASN A 457 54.16 -24.38 -27.19
C ASN A 457 53.80 -23.89 -25.80
N LEU A 458 53.87 -22.57 -25.60
CA LEU A 458 53.65 -21.99 -24.28
C LEU A 458 52.16 -21.90 -23.96
N LYS A 459 51.84 -22.18 -22.70
CA LYS A 459 50.52 -21.87 -22.18
C LYS A 459 50.41 -20.36 -21.98
N PRO A 460 49.20 -19.81 -21.98
CA PRO A 460 49.06 -18.37 -21.76
C PRO A 460 49.45 -17.95 -20.34
N PHE A 461 50.10 -16.78 -20.26
CA PHE A 461 50.33 -16.03 -19.02
C PHE A 461 51.15 -16.82 -18.00
N GLU A 462 52.40 -17.10 -18.40
CA GLU A 462 53.40 -17.60 -17.47
C GLU A 462 54.78 -17.24 -18.01
N ARG A 463 55.77 -17.33 -17.12
CA ARG A 463 57.17 -17.07 -17.48
C ARG A 463 57.98 -18.34 -17.26
N ASP A 464 58.71 -18.75 -18.28
CA ASP A 464 59.53 -19.95 -18.24
C ASP A 464 61.00 -19.58 -18.41
N ILE A 465 61.87 -20.26 -17.66
CA ILE A 465 63.31 -20.05 -17.72
C ILE A 465 63.93 -21.31 -18.30
N SER A 466 64.72 -21.16 -19.37
CA SER A 466 65.39 -22.27 -20.03
C SER A 466 66.88 -21.93 -20.13
N THR A 467 67.63 -22.31 -19.10
CA THR A 467 69.07 -22.06 -19.09
C THR A 467 69.84 -23.16 -19.84
N GLU A 468 69.27 -24.37 -19.88
CA GLU A 468 69.96 -25.53 -20.43
C GLU A 468 70.15 -25.41 -21.94
N ILE A 469 71.08 -26.21 -22.46
CA ILE A 469 71.41 -26.24 -23.87
C ILE A 469 70.78 -27.48 -24.50
N TYR A 470 70.17 -27.31 -25.67
CA TYR A 470 69.51 -28.42 -26.35
C TYR A 470 70.52 -29.16 -27.22
N GLN A 471 70.52 -30.49 -27.14
CA GLN A 471 71.40 -31.33 -27.93
C GLN A 471 70.60 -32.05 -29.01
N ALA A 472 71.15 -32.06 -30.23
CA ALA A 472 70.50 -32.66 -31.37
C ALA A 472 71.25 -33.91 -31.80
N GLY A 473 70.54 -34.77 -32.55
CA GLY A 473 71.13 -35.99 -33.05
C GLY A 473 71.17 -37.14 -32.08
N ASN A 474 70.44 -37.04 -30.95
CA ASN A 474 70.43 -38.05 -29.88
C ASN A 474 71.85 -38.34 -29.37
N LYS A 475 72.65 -37.28 -29.23
CA LYS A 475 74.03 -37.38 -28.82
C LYS A 475 74.22 -36.60 -27.52
N PRO A 476 74.87 -37.19 -26.51
CA PRO A 476 75.09 -36.46 -25.25
C PRO A 476 76.10 -35.35 -25.40
N CYS A 477 75.63 -34.10 -25.40
CA CYS A 477 76.52 -32.96 -25.58
C CYS A 477 77.25 -32.62 -24.29
N ASN A 478 76.49 -32.21 -23.25
CA ASN A 478 77.02 -31.81 -21.94
C ASN A 478 78.10 -30.75 -22.06
N GLY A 479 77.88 -29.79 -22.96
CA GLY A 479 78.88 -28.76 -23.19
C GLY A 479 78.25 -27.54 -23.85
N VAL A 480 79.07 -26.51 -23.99
CA VAL A 480 78.66 -25.23 -24.57
C VAL A 480 79.44 -25.00 -25.85
N ALA A 481 78.75 -24.52 -26.88
CA ALA A 481 79.32 -24.17 -28.19
C ALA A 481 80.00 -25.39 -28.85
N GLY A 482 79.18 -26.40 -29.13
CA GLY A 482 79.63 -27.57 -29.83
C GLY A 482 78.73 -27.88 -31.01
N PHE A 483 79.18 -28.85 -31.82
CA PHE A 483 78.40 -29.26 -32.98
C PHE A 483 77.14 -30.00 -32.54
N ASN A 484 76.04 -29.73 -33.26
CA ASN A 484 74.69 -30.25 -32.98
C ASN A 484 74.18 -29.84 -31.59
N CYS A 485 74.71 -28.76 -31.03
CA CYS A 485 74.25 -28.20 -29.76
C CYS A 485 74.02 -26.72 -29.95
N TYR A 486 72.83 -26.24 -29.59
CA TYR A 486 72.41 -24.87 -29.86
C TYR A 486 72.10 -24.16 -28.55
N PHE A 487 72.68 -22.99 -28.36
CA PHE A 487 72.37 -22.15 -27.21
C PHE A 487 71.06 -21.42 -27.46
N PRO A 488 70.04 -21.60 -26.60
CA PRO A 488 68.75 -20.93 -26.84
C PRO A 488 68.81 -19.41 -26.80
N LEU A 489 69.71 -18.83 -26.00
CA LEU A 489 69.75 -17.38 -25.83
C LEU A 489 70.51 -16.73 -26.98
N ARG A 490 69.92 -15.67 -27.53
CA ARG A 490 70.56 -14.87 -28.57
C ARG A 490 70.37 -13.40 -28.24
N SER A 491 71.29 -12.57 -28.74
CA SER A 491 71.38 -11.17 -28.33
C SER A 491 70.79 -10.25 -29.38
N TYR A 492 70.02 -9.26 -28.92
CA TYR A 492 69.53 -8.19 -29.77
C TYR A 492 70.64 -7.18 -30.08
N SER A 493 70.41 -6.40 -31.12
CA SER A 493 71.29 -5.30 -31.50
C SER A 493 70.45 -4.05 -31.69
N PHE A 494 70.86 -2.95 -31.07
CA PHE A 494 70.07 -1.72 -31.09
C PHE A 494 70.84 -0.58 -31.75
N ARG A 495 71.46 -0.84 -32.89
CA ARG A 495 72.15 0.21 -33.62
C ARG A 495 71.14 1.21 -34.18
N PRO A 496 71.36 2.51 -34.02
CA PRO A 496 70.40 3.50 -34.52
C PRO A 496 70.42 3.66 -36.04
N THR A 497 71.46 3.14 -36.72
CA THR A 497 71.51 3.21 -38.17
C THR A 497 70.59 2.19 -38.84
N TYR A 498 70.00 1.28 -38.08
CA TYR A 498 69.08 0.29 -38.64
C TYR A 498 67.78 0.96 -39.09
N GLY A 499 67.09 0.31 -40.02
CA GLY A 499 65.83 0.79 -40.51
C GLY A 499 64.67 0.47 -39.59
N VAL A 500 63.48 0.84 -40.04
CA VAL A 500 62.27 0.61 -39.27
C VAL A 500 61.94 -0.88 -39.28
N GLY A 501 61.70 -1.42 -38.08
CA GLY A 501 61.47 -2.85 -37.94
C GLY A 501 62.60 -3.52 -37.18
N HIS A 502 63.79 -2.94 -37.28
CA HIS A 502 64.96 -3.43 -36.57
C HIS A 502 65.34 -2.55 -35.39
N GLN A 503 64.68 -1.43 -35.23
CA GLN A 503 64.87 -0.47 -34.14
C GLN A 503 64.19 -0.96 -32.87
N PRO A 504 64.68 -0.57 -31.70
CA PRO A 504 63.99 -0.91 -30.45
C PRO A 504 62.61 -0.29 -30.38
N TYR A 505 61.68 -1.02 -29.75
CA TYR A 505 60.30 -0.58 -29.62
C TYR A 505 59.79 -0.97 -28.24
N ARG A 506 59.62 0.01 -27.36
CA ARG A 506 59.07 -0.24 -26.05
C ARG A 506 57.58 -0.54 -26.15
N VAL A 507 57.16 -1.69 -25.62
CA VAL A 507 55.76 -2.10 -25.63
C VAL A 507 55.39 -2.59 -24.23
N VAL A 508 54.24 -2.14 -23.74
CA VAL A 508 53.71 -2.58 -22.44
C VAL A 508 52.37 -3.25 -22.70
N VAL A 509 52.22 -4.48 -22.22
CA VAL A 509 50.99 -5.24 -22.42
C VAL A 509 50.07 -4.98 -21.23
N LEU A 510 48.86 -4.52 -21.51
CA LEU A 510 47.85 -4.27 -20.49
C LEU A 510 46.67 -5.20 -20.75
N SER A 511 46.30 -5.99 -19.75
CA SER A 511 45.18 -6.91 -19.86
C SER A 511 44.27 -6.75 -18.65
N PHE A 512 42.97 -6.77 -18.90
CA PHE A 512 41.97 -6.53 -17.87
C PHE A 512 41.09 -7.76 -17.71
N GLU A 513 40.96 -8.24 -16.48
CA GLU A 513 40.15 -9.42 -16.18
C GLU A 513 39.27 -9.15 -14.97
N LEU A 514 38.09 -9.76 -14.95
CA LEU A 514 37.16 -9.67 -13.82
C LEU A 514 37.22 -10.99 -13.05
N LEU A 515 38.03 -11.00 -11.99
CA LEU A 515 38.09 -12.15 -11.07
C LEU A 515 37.13 -11.86 -9.91
N HIS A 516 35.85 -12.14 -10.16
CA HIS A 516 34.68 -11.90 -9.30
C HIS A 516 34.42 -10.41 -9.08
N ALA A 517 35.15 -9.51 -9.74
CA ALA A 517 35.02 -8.06 -9.73
C ALA A 517 34.98 -7.43 -8.34
N PRO A 518 36.08 -7.41 -7.59
CA PRO A 518 36.13 -6.53 -6.41
C PRO A 518 36.59 -5.14 -6.81
N ALA A 519 36.14 -4.15 -6.03
CA ALA A 519 36.52 -2.78 -6.30
C ALA A 519 37.96 -2.52 -5.88
N THR A 520 38.88 -2.69 -6.82
CA THR A 520 40.30 -2.52 -6.54
C THR A 520 40.85 -1.29 -7.25
N VAL A 521 40.70 -1.24 -8.56
CA VAL A 521 41.15 -0.12 -9.38
C VAL A 521 39.93 0.42 -10.11
N CYS A 522 39.27 1.42 -9.52
CA CYS A 522 38.09 2.02 -10.14
C CYS A 522 37.94 3.44 -9.61
N GLY A 523 38.35 4.42 -10.40
CA GLY A 523 38.19 5.81 -10.03
C GLY A 523 37.85 6.72 -11.19
N PRO A 524 36.66 7.38 -11.19
CA PRO A 524 36.33 8.36 -12.21
C PRO A 524 36.88 9.71 -11.75
N LYS A 525 36.40 10.80 -12.33
CA LYS A 525 36.80 12.15 -11.87
C LYS A 525 35.55 13.00 -11.92
N LYS A 526 35.06 13.29 -13.12
CA LYS A 526 33.77 13.99 -13.28
C LYS A 526 33.71 15.25 -12.42
N SER A 527 34.77 16.06 -12.44
CA SER A 527 34.69 17.33 -11.68
C SER A 527 34.20 18.46 -12.59
N THR A 528 33.28 19.31 -12.11
CA THR A 528 32.75 20.44 -12.88
C THR A 528 32.29 21.50 -11.88
N ASN A 529 33.08 22.55 -11.73
CA ASN A 529 32.74 23.67 -10.84
C ASN A 529 31.85 24.69 -11.56
N LEU A 530 30.54 24.61 -11.29
CA LEU A 530 29.57 25.50 -11.91
C LEU A 530 28.49 25.85 -10.89
N VAL A 531 28.67 27.00 -10.24
CA VAL A 531 27.65 27.58 -9.38
C VAL A 531 27.08 28.81 -10.09
N LYS A 532 26.02 28.60 -10.87
CA LYS A 532 25.50 29.66 -11.73
C LYS A 532 24.16 30.21 -11.27
N ASN A 533 23.71 29.81 -10.08
CA ASN A 533 22.43 30.25 -9.49
C ASN A 533 21.24 29.93 -10.40
N LYS A 534 21.34 28.81 -11.12
CA LYS A 534 20.26 28.32 -11.97
C LYS A 534 19.95 26.88 -11.56
N CYS A 535 18.72 26.46 -11.86
CA CYS A 535 18.25 25.17 -11.38
C CYS A 535 18.97 24.04 -12.08
N VAL A 536 19.51 23.11 -11.30
CA VAL A 536 20.47 22.13 -11.78
C VAL A 536 20.25 20.82 -11.05
N ASN A 537 20.43 19.72 -11.76
CA ASN A 537 20.47 18.39 -11.15
C ASN A 537 21.86 18.22 -10.57
N PHE A 538 21.97 18.38 -9.25
CA PHE A 538 23.31 18.38 -8.63
C PHE A 538 23.66 17.05 -7.99
N ASN A 539 24.95 16.71 -7.98
CA ASN A 539 25.39 15.53 -7.22
C ASN A 539 26.63 15.98 -6.45
N PHE A 540 26.56 16.04 -5.13
CA PHE A 540 27.78 16.35 -4.36
C PHE A 540 28.03 15.17 -3.46
N ASN A 541 29.13 14.48 -3.69
CA ASN A 541 29.50 13.30 -2.88
C ASN A 541 28.34 12.31 -2.83
N GLY A 542 27.67 12.07 -3.96
CA GLY A 542 26.62 11.04 -3.98
C GLY A 542 25.28 11.44 -3.38
N LEU A 543 25.00 12.74 -3.27
CA LEU A 543 23.66 13.19 -2.81
C LEU A 543 22.88 13.66 -4.03
N LYS A 544 22.01 12.81 -4.59
CA LYS A 544 21.27 13.20 -5.78
C LYS A 544 20.13 14.13 -5.39
N GLY A 545 20.02 15.25 -6.11
CA GLY A 545 18.95 16.20 -5.86
C GLY A 545 18.97 17.27 -6.93
N THR A 546 17.86 18.01 -7.00
CA THR A 546 17.68 19.08 -7.98
C THR A 546 17.28 20.36 -7.26
N GLY A 547 17.97 21.45 -7.56
CA GLY A 547 17.66 22.72 -6.94
C GLY A 547 18.57 23.80 -7.45
N VAL A 548 18.34 25.01 -6.95
CA VAL A 548 19.11 26.18 -7.33
C VAL A 548 20.21 26.39 -6.29
N LEU A 549 21.46 26.35 -6.75
CA LEU A 549 22.61 26.43 -5.86
C LEU A 549 23.04 27.88 -5.73
N THR A 550 22.93 28.42 -4.53
CA THR A 550 23.40 29.77 -4.21
C THR A 550 24.48 29.69 -3.13
N GLU A 551 24.87 30.85 -2.60
CA GLU A 551 25.99 30.95 -1.68
C GLU A 551 25.49 31.27 -0.27
N SER A 552 26.09 30.62 0.73
CA SER A 552 25.75 30.86 2.12
C SER A 552 27.01 30.96 2.98
N ASN A 553 26.81 31.09 4.31
CA ASN A 553 27.92 31.29 5.22
C ASN A 553 27.75 30.49 6.51
N LYS A 554 27.09 29.34 6.43
CA LYS A 554 26.89 28.51 7.62
C LYS A 554 28.21 27.85 8.03
N LYS A 555 28.41 27.74 9.35
CA LYS A 555 29.63 27.18 9.91
C LYS A 555 29.40 25.70 10.23
N PHE A 556 30.23 24.85 9.64
CA PHE A 556 30.13 23.40 9.82
C PHE A 556 31.41 22.89 10.49
N LEU A 557 31.25 21.94 11.40
CA LEU A 557 32.40 21.27 11.98
C LEU A 557 33.04 20.34 10.94
N PRO A 558 34.35 20.10 11.04
CA PRO A 558 35.03 19.31 10.00
C PRO A 558 34.53 17.89 9.85
N PHE A 559 34.05 17.28 10.92
CA PHE A 559 33.47 15.94 10.87
C PHE A 559 31.96 15.97 10.62
N GLN A 560 31.41 17.11 10.23
CA GLN A 560 29.98 17.32 10.17
C GLN A 560 29.66 17.82 8.76
N GLN A 561 29.32 16.89 7.86
CA GLN A 561 29.25 17.18 6.43
C GLN A 561 27.86 17.57 5.97
N PHE A 562 26.89 16.66 6.11
CA PHE A 562 25.55 16.90 5.60
C PHE A 562 24.73 17.74 6.56
N GLY A 563 23.75 18.44 6.00
CA GLY A 563 22.79 19.19 6.79
C GLY A 563 21.39 18.69 6.56
N ARG A 564 20.59 18.68 7.62
CA ARG A 564 19.21 18.23 7.55
C ARG A 564 18.28 19.37 7.97
N ASP A 565 16.99 19.06 8.07
CA ASP A 565 15.96 20.03 8.43
C ASP A 565 14.88 19.29 9.19
N ILE A 566 13.71 19.92 9.32
CA ILE A 566 12.60 19.30 10.05
C ILE A 566 12.05 18.11 9.26
N ALA A 567 12.15 18.14 7.94
CA ALA A 567 11.61 17.08 7.11
C ALA A 567 12.59 15.93 6.90
N ASP A 568 13.76 16.00 7.52
CA ASP A 568 14.86 15.04 7.32
C ASP A 568 15.20 14.97 5.82
N THR A 569 15.50 16.13 5.25
CA THR A 569 15.93 16.25 3.87
C THR A 569 17.23 17.03 3.83
N THR A 570 18.07 16.73 2.85
CA THR A 570 19.33 17.45 2.68
C THR A 570 19.04 18.85 2.16
N ASP A 571 19.41 19.86 2.94
CA ASP A 571 19.15 21.25 2.59
C ASP A 571 20.43 22.05 2.39
N ALA A 572 21.41 21.93 3.29
CA ALA A 572 22.70 22.58 3.15
C ALA A 572 23.79 21.51 3.10
N VAL A 573 24.60 21.55 2.05
CA VAL A 573 25.62 20.54 1.83
C VAL A 573 26.99 21.19 1.77
N ARG A 574 28.05 20.40 1.59
CA ARG A 574 29.42 20.96 1.40
C ARG A 574 30.10 20.26 0.22
N ASP A 575 30.67 21.03 -0.71
CA ASP A 575 31.31 20.47 -1.93
C ASP A 575 32.52 19.61 -1.56
N PRO A 576 32.67 18.40 -2.13
CA PRO A 576 33.77 17.50 -1.77
C PRO A 576 35.18 17.97 -2.11
N GLN A 577 35.39 18.48 -3.32
CA GLN A 577 36.74 18.94 -3.74
C GLN A 577 37.21 20.10 -2.85
N THR A 578 36.31 21.05 -2.52
CA THR A 578 36.70 22.23 -1.71
C THR A 578 36.07 22.12 -0.31
N LEU A 579 36.00 23.20 0.48
CA LEU A 579 35.48 23.10 1.85
C LEU A 579 34.53 24.26 2.13
N GLU A 580 33.60 24.49 1.20
CA GLU A 580 32.68 25.61 1.28
C GLU A 580 31.25 25.09 1.42
N ILE A 581 30.52 25.63 2.39
CA ILE A 581 29.11 25.28 2.58
C ILE A 581 28.29 26.07 1.57
N LEU A 582 27.52 25.36 0.74
CA LEU A 582 26.95 26.00 -0.45
C LEU A 582 25.78 26.90 -0.07
N ASP A 583 24.63 26.31 0.30
CA ASP A 583 23.43 27.05 0.72
C ASP A 583 22.29 26.13 1.13
N ILE A 584 21.31 26.70 1.83
CA ILE A 584 19.98 26.12 1.96
C ILE A 584 19.06 26.91 1.03
N THR A 585 18.89 26.40 -0.19
CA THR A 585 18.08 27.08 -1.21
C THR A 585 17.52 26.05 -2.18
N PRO A 586 16.23 25.74 -2.08
CA PRO A 586 15.56 25.01 -3.16
C PRO A 586 15.15 25.96 -4.28
N CYS A 587 14.38 25.46 -5.25
CA CYS A 587 13.82 26.35 -6.26
C CYS A 587 12.86 27.34 -5.62
N SER A 588 12.81 28.55 -6.17
CA SER A 588 11.98 29.61 -5.62
C SER A 588 10.56 29.52 -6.16
N PHE A 589 9.59 29.61 -5.26
CA PHE A 589 8.19 29.47 -5.61
C PHE A 589 7.33 30.30 -4.65
N GLY A 590 6.02 30.06 -4.67
CA GLY A 590 5.05 30.91 -4.01
C GLY A 590 3.62 30.53 -4.37
N GLY A 591 2.83 31.48 -4.85
CA GLY A 591 1.49 31.18 -5.31
C GLY A 591 1.13 32.03 -6.51
N VAL A 592 0.21 31.51 -7.32
CA VAL A 592 -0.32 32.23 -8.48
C VAL A 592 -1.84 32.16 -8.43
N SER A 593 -2.49 33.31 -8.48
CA SER A 593 -3.93 33.41 -8.55
C SER A 593 -4.33 34.29 -9.72
N VAL A 594 -5.52 34.04 -10.26
CA VAL A 594 -6.00 34.75 -11.43
C VAL A 594 -7.27 35.49 -11.04
N ILE A 595 -7.22 36.81 -11.08
CA ILE A 595 -8.37 37.65 -10.75
C ILE A 595 -9.05 38.01 -12.07
N THR A 596 -10.21 37.41 -12.32
CA THR A 596 -10.89 37.64 -13.59
C THR A 596 -12.35 38.02 -13.35
N PRO A 597 -12.94 38.79 -14.26
CA PRO A 597 -14.39 38.90 -14.31
C PRO A 597 -14.97 37.72 -15.07
N GLY A 598 -16.27 37.72 -15.33
CA GLY A 598 -16.86 36.64 -16.10
C GLY A 598 -16.33 36.64 -17.53
N THR A 599 -16.19 35.43 -18.09
CA THR A 599 -15.74 35.29 -19.46
C THR A 599 -16.73 35.91 -20.43
N ASN A 600 -18.02 35.74 -20.16
CA ASN A 600 -19.06 36.38 -20.96
C ASN A 600 -18.99 37.90 -20.84
N THR A 601 -18.62 38.41 -19.66
CA THR A 601 -18.61 39.86 -19.46
C THR A 601 -17.37 40.49 -20.10
N SER A 602 -16.19 40.06 -19.70
CA SER A 602 -14.95 40.69 -20.15
C SER A 602 -13.94 39.61 -20.51
N ASN A 603 -12.71 40.04 -20.79
CA ASN A 603 -11.67 39.13 -21.23
C ASN A 603 -10.29 39.43 -20.65
N GLN A 604 -10.17 40.42 -19.77
CA GLN A 604 -8.88 40.82 -19.23
C GLN A 604 -8.70 40.26 -17.82
N VAL A 605 -7.47 39.92 -17.46
CA VAL A 605 -7.18 39.26 -16.20
C VAL A 605 -6.06 39.98 -15.47
N ALA A 606 -5.97 39.72 -14.17
CA ALA A 606 -4.87 40.14 -13.32
C ALA A 606 -4.25 38.92 -12.66
N VAL A 607 -3.01 39.06 -12.20
CA VAL A 607 -2.27 37.95 -11.64
C VAL A 607 -1.67 38.37 -10.31
N LEU A 608 -1.85 37.54 -9.29
CA LEU A 608 -1.29 37.76 -7.97
C LEU A 608 -0.14 36.79 -7.74
N TYR A 609 0.89 37.24 -7.03
CA TYR A 609 2.02 36.39 -6.66
C TYR A 609 2.13 36.39 -5.13
N GLN A 610 1.74 35.28 -4.50
CA GLN A 610 1.62 35.25 -3.05
C GLN A 610 2.98 35.26 -2.38
N GLY A 611 3.14 36.18 -1.42
CA GLY A 611 4.28 36.19 -0.52
C GLY A 611 5.65 36.34 -1.13
N VAL A 612 5.80 37.31 -2.04
CA VAL A 612 7.08 37.56 -2.68
C VAL A 612 7.24 39.06 -2.89
N ASN A 613 8.47 39.55 -2.78
CA ASN A 613 8.74 40.94 -3.12
C ASN A 613 8.75 41.11 -4.62
N CYS A 614 8.42 42.32 -5.07
CA CYS A 614 8.26 42.57 -6.51
C CYS A 614 9.58 42.65 -7.25
N THR A 615 10.71 42.73 -6.54
CA THR A 615 11.98 43.01 -7.20
C THR A 615 12.63 41.74 -7.75
N GLU A 616 12.75 40.70 -6.92
CA GLU A 616 13.67 39.62 -7.26
C GLU A 616 13.06 38.56 -8.18
N VAL A 617 11.97 37.93 -7.77
CA VAL A 617 11.38 36.81 -8.52
C VAL A 617 10.47 37.20 -9.67
N PRO A 618 9.50 38.14 -9.55
CA PRO A 618 8.55 38.36 -10.66
C PRO A 618 9.17 38.83 -11.95
N VAL A 619 10.39 39.37 -11.92
CA VAL A 619 11.11 39.61 -13.17
C VAL A 619 12.06 38.46 -13.52
N ALA A 620 12.29 37.53 -12.60
CA ALA A 620 13.24 36.45 -12.82
C ALA A 620 12.62 35.22 -13.49
N ILE A 621 11.29 35.12 -13.53
CA ILE A 621 10.66 33.99 -14.19
C ILE A 621 10.90 34.04 -15.69
N HIS A 622 10.66 35.19 -16.30
CA HIS A 622 11.01 35.55 -17.69
C HIS A 622 10.32 34.57 -18.64
N ALA A 623 11.06 33.86 -19.51
CA ALA A 623 10.46 32.97 -20.49
C ALA A 623 11.36 31.74 -20.59
N ASP A 624 10.86 30.60 -20.13
CA ASP A 624 11.61 29.35 -20.15
C ASP A 624 10.57 28.22 -20.10
N GLN A 625 11.01 26.99 -19.81
CA GLN A 625 10.10 25.84 -19.82
C GLN A 625 9.14 25.86 -18.64
N LEU A 626 9.37 26.67 -17.62
CA LEU A 626 8.35 26.93 -16.61
C LEU A 626 7.37 27.95 -17.18
N THR A 627 6.09 27.59 -17.19
CA THR A 627 5.04 28.45 -17.77
C THR A 627 3.89 28.65 -16.80
N PRO A 628 4.08 29.46 -15.75
CA PRO A 628 2.89 29.92 -15.00
C PRO A 628 2.14 31.01 -15.74
N THR A 629 2.86 31.97 -16.33
CA THR A 629 2.27 33.12 -17.00
C THR A 629 3.16 33.49 -18.19
N TRP A 630 2.53 33.97 -19.26
CA TRP A 630 3.23 34.20 -20.51
C TRP A 630 3.04 35.67 -20.89
N ARG A 631 3.64 36.04 -22.03
CA ARG A 631 3.54 37.37 -22.66
C ARG A 631 4.26 38.44 -21.86
N VAL A 632 5.23 38.03 -21.03
CA VAL A 632 6.06 38.89 -20.20
C VAL A 632 5.15 39.78 -19.37
N TYR A 633 4.44 39.19 -18.41
CA TYR A 633 3.37 39.91 -17.76
C TYR A 633 3.89 40.91 -16.73
N SER A 634 5.17 40.80 -16.35
CA SER A 634 5.73 41.64 -15.31
C SER A 634 5.76 43.11 -15.71
N THR A 635 6.05 43.40 -16.98
CA THR A 635 6.08 44.76 -17.47
C THR A 635 4.78 45.18 -18.15
N GLY A 636 3.75 44.32 -18.10
CA GLY A 636 2.49 44.66 -18.75
C GLY A 636 1.78 45.84 -18.10
N SER A 637 1.77 45.89 -16.77
CA SER A 637 1.17 46.98 -16.04
C SER A 637 2.05 47.35 -14.86
N ASN A 638 1.67 48.43 -14.18
CA ASN A 638 2.41 48.88 -13.01
C ASN A 638 2.23 47.89 -11.87
N VAL A 639 3.32 47.59 -11.17
CA VAL A 639 3.26 46.66 -10.07
C VAL A 639 2.68 47.35 -8.84
N PHE A 640 2.29 46.55 -7.86
CA PHE A 640 1.79 47.05 -6.58
C PHE A 640 2.03 45.96 -5.55
N GLN A 641 2.57 46.36 -4.39
CA GLN A 641 2.97 45.41 -3.36
C GLN A 641 1.98 45.45 -2.20
N THR A 642 1.52 44.29 -1.77
CA THR A 642 0.66 44.12 -0.61
C THR A 642 1.33 43.21 0.40
N ARG A 643 0.65 43.01 1.54
CA ARG A 643 1.13 42.04 2.53
C ARG A 643 1.03 40.62 1.99
N ALA A 644 -0.06 40.32 1.28
CA ALA A 644 -0.22 38.99 0.70
C ALA A 644 0.77 38.74 -0.44
N GLY A 645 1.02 39.77 -1.24
CA GLY A 645 1.96 39.61 -2.34
C GLY A 645 1.90 40.79 -3.29
N CYS A 646 2.47 40.61 -4.47
CA CYS A 646 2.64 41.67 -5.46
C CYS A 646 1.64 41.47 -6.59
N LEU A 647 0.68 42.39 -6.70
CA LEU A 647 -0.29 42.36 -7.78
C LEU A 647 0.30 42.99 -9.04
N ILE A 648 0.17 42.29 -10.16
CA ILE A 648 0.58 42.82 -11.45
C ILE A 648 -0.62 42.77 -12.38
N GLY A 649 -1.02 43.93 -12.89
CA GLY A 649 -2.19 44.02 -13.75
C GLY A 649 -3.35 44.75 -13.11
N ALA A 650 -3.11 45.35 -11.95
CA ALA A 650 -4.15 46.06 -11.22
C ALA A 650 -3.71 47.48 -10.92
N GLU A 651 -4.65 48.41 -11.01
CA GLU A 651 -4.43 49.82 -10.73
C GLU A 651 -5.00 50.14 -9.35
N TYR A 652 -4.12 50.40 -8.39
CA TYR A 652 -4.56 50.78 -7.05
C TYR A 652 -5.17 52.18 -7.09
N VAL A 653 -6.29 52.35 -6.39
CA VAL A 653 -6.96 53.64 -6.31
C VAL A 653 -7.04 54.05 -4.84
N ASN A 654 -7.28 55.33 -4.62
CA ASN A 654 -7.36 55.87 -3.27
C ASN A 654 -8.78 55.84 -2.71
N ASN A 655 -9.79 55.93 -3.57
CA ASN A 655 -11.16 55.85 -3.10
C ASN A 655 -11.49 54.42 -2.69
N SER A 656 -12.34 54.28 -1.68
CA SER A 656 -12.70 52.99 -1.12
C SER A 656 -14.15 52.67 -1.45
N TYR A 657 -14.38 51.46 -1.96
CA TYR A 657 -15.71 51.01 -2.34
C TYR A 657 -15.95 49.63 -1.75
N GLU A 658 -17.23 49.25 -1.70
CA GLU A 658 -17.60 47.88 -1.33
C GLU A 658 -17.04 46.92 -2.37
N CYS A 659 -16.45 45.83 -1.89
CA CYS A 659 -15.58 45.02 -2.73
C CYS A 659 -16.18 43.65 -3.01
N ASP A 660 -15.88 43.15 -4.22
CA ASP A 660 -16.45 41.91 -4.73
C ASP A 660 -15.50 40.72 -4.56
N ILE A 661 -14.30 40.81 -5.14
CA ILE A 661 -13.34 39.71 -5.12
C ILE A 661 -12.32 40.01 -4.02
N PRO A 662 -12.27 39.23 -2.94
CA PRO A 662 -11.23 39.43 -1.93
C PRO A 662 -9.86 39.10 -2.49
N ILE A 663 -8.85 39.82 -2.01
CA ILE A 663 -7.48 39.70 -2.48
C ILE A 663 -6.53 39.26 -1.37
N GLY A 664 -6.50 39.99 -0.27
CA GLY A 664 -5.60 39.67 0.81
C GLY A 664 -5.91 40.45 2.07
N ALA A 665 -4.87 40.93 2.76
CA ALA A 665 -5.04 41.67 4.00
C ALA A 665 -5.49 43.09 3.68
N GLY A 666 -6.80 43.25 3.47
CA GLY A 666 -7.40 44.53 3.26
C GLY A 666 -7.62 44.93 1.82
N ILE A 667 -7.06 44.20 0.87
CA ILE A 667 -7.14 44.56 -0.54
C ILE A 667 -8.32 43.83 -1.17
N CYS A 668 -9.02 44.53 -2.07
CA CYS A 668 -10.10 43.94 -2.84
C CYS A 668 -10.02 44.42 -4.27
N ALA A 669 -10.61 43.64 -5.18
CA ALA A 669 -10.59 43.94 -6.60
C ALA A 669 -12.02 44.00 -7.14
N SER A 670 -12.16 44.62 -8.31
CA SER A 670 -13.45 44.72 -8.99
C SER A 670 -13.16 45.00 -10.47
N TYR A 671 -14.21 45.36 -11.21
CA TYR A 671 -14.11 45.65 -12.64
C TYR A 671 -14.97 46.86 -12.94
N GLN A 672 -14.35 48.05 -12.92
CA GLN A 672 -15.06 49.29 -13.17
C GLN A 672 -14.13 50.24 -13.90
N THR A 673 -14.73 51.25 -14.54
CA THR A 673 -13.97 52.23 -15.30
C THR A 673 -13.22 53.19 -14.38
N SER A 686 -13.16 50.79 -21.83
CA SER A 686 -12.61 51.83 -20.97
C SER A 686 -12.65 51.41 -19.51
N GLN A 687 -12.58 50.10 -19.27
CA GLN A 687 -12.59 49.55 -17.93
C GLN A 687 -11.35 48.69 -17.71
N SER A 688 -10.76 48.82 -16.53
CA SER A 688 -9.60 48.04 -16.14
C SER A 688 -9.81 47.50 -14.74
N ILE A 689 -9.15 46.37 -14.45
CA ILE A 689 -9.29 45.74 -13.14
C ILE A 689 -8.51 46.58 -12.13
N ILE A 690 -9.19 47.01 -11.07
CA ILE A 690 -8.60 47.90 -10.09
C ILE A 690 -8.57 47.26 -8.71
N ALA A 691 -8.02 47.97 -7.73
CA ALA A 691 -7.45 47.36 -6.52
C ALA A 691 -7.89 48.10 -5.27
N TYR A 692 -9.21 48.20 -5.05
CA TYR A 692 -9.82 48.85 -3.88
C TYR A 692 -9.12 48.49 -2.57
N THR A 693 -9.07 49.46 -1.66
CA THR A 693 -8.93 49.17 -0.25
C THR A 693 -10.34 49.01 0.31
N MET A 694 -10.62 47.87 0.94
CA MET A 694 -11.99 47.52 1.27
C MET A 694 -12.58 48.47 2.30
N SER A 695 -13.89 48.67 2.20
CA SER A 695 -14.60 49.57 3.08
C SER A 695 -15.31 48.77 4.17
N LEU A 696 -15.40 49.38 5.35
CA LEU A 696 -16.11 48.79 6.47
C LEU A 696 -17.49 49.40 6.65
N GLY A 697 -17.99 50.11 5.65
CA GLY A 697 -19.24 50.84 5.76
C GLY A 697 -19.02 52.31 6.04
N ALA A 698 -20.06 53.10 5.78
CA ALA A 698 -19.98 54.54 5.95
C ALA A 698 -20.00 54.89 7.44
N GLU A 699 -19.19 55.88 7.80
CA GLU A 699 -19.15 56.34 9.19
C GLU A 699 -20.43 57.07 9.56
N ASN A 700 -20.83 56.94 10.83
CA ASN A 700 -21.99 57.64 11.33
C ASN A 700 -21.68 58.06 12.76
N SER A 701 -21.19 59.29 12.94
CA SER A 701 -20.91 59.80 14.26
C SER A 701 -22.21 60.06 15.01
N VAL A 702 -22.24 59.67 16.28
CA VAL A 702 -23.43 59.81 17.13
C VAL A 702 -23.10 60.77 18.26
N ALA A 703 -23.93 61.80 18.41
CA ALA A 703 -23.76 62.76 19.49
C ALA A 703 -24.17 62.12 20.81
N TYR A 704 -23.35 62.30 21.84
CA TYR A 704 -23.67 61.85 23.18
C TYR A 704 -23.66 63.03 24.13
N SER A 705 -24.66 63.11 25.00
CA SER A 705 -24.77 64.20 25.96
C SER A 705 -25.34 63.66 27.26
N ASN A 706 -25.33 64.51 28.29
CA ASN A 706 -25.87 64.15 29.59
C ASN A 706 -27.39 64.02 29.57
N ASN A 707 -28.06 64.69 28.63
CA ASN A 707 -29.52 64.63 28.55
C ASN A 707 -29.95 64.75 27.09
N SER A 708 -30.08 63.60 26.43
CA SER A 708 -30.46 63.58 25.01
C SER A 708 -31.07 62.22 24.71
N ILE A 709 -32.39 62.17 24.59
CA ILE A 709 -33.08 60.97 24.15
C ILE A 709 -33.59 61.21 22.73
N ALA A 710 -33.80 60.12 22.01
CA ALA A 710 -34.29 60.14 20.63
C ALA A 710 -35.46 59.17 20.52
N ILE A 711 -36.67 59.65 20.81
CA ILE A 711 -37.87 58.83 20.70
C ILE A 711 -38.26 58.77 19.22
N PRO A 712 -38.36 57.57 18.62
CA PRO A 712 -38.68 57.50 17.19
C PRO A 712 -40.18 57.53 16.94
N THR A 713 -40.61 58.47 16.11
CA THR A 713 -41.97 58.48 15.60
C THR A 713 -42.04 57.58 14.36
N ASN A 714 -43.26 57.13 14.06
CA ASN A 714 -43.58 56.28 12.90
C ASN A 714 -42.86 54.93 12.94
N PHE A 715 -43.11 54.09 11.95
CA PHE A 715 -42.47 52.79 11.91
C PHE A 715 -42.40 52.32 10.46
N THR A 716 -42.05 51.05 10.29
CA THR A 716 -42.01 50.41 8.98
C THR A 716 -42.02 48.91 9.21
N ILE A 717 -42.96 48.20 8.58
CA ILE A 717 -43.06 46.75 8.70
C ILE A 717 -42.45 46.13 7.45
N SER A 718 -41.45 45.28 7.64
CA SER A 718 -40.73 44.68 6.53
C SER A 718 -40.87 43.17 6.56
N VAL A 719 -40.46 42.54 5.47
CA VAL A 719 -40.48 41.09 5.32
C VAL A 719 -39.09 40.67 4.87
N THR A 720 -38.47 39.76 5.63
CA THR A 720 -37.11 39.31 5.34
C THR A 720 -37.14 37.79 5.15
N THR A 721 -36.73 37.34 3.98
CA THR A 721 -36.69 35.91 3.72
C THR A 721 -35.43 35.30 4.31
N GLU A 722 -35.50 34.00 4.60
CA GLU A 722 -34.35 33.26 5.13
C GLU A 722 -34.48 31.81 4.70
N ILE A 723 -33.39 31.25 4.19
CA ILE A 723 -33.40 29.96 3.50
C ILE A 723 -32.47 29.01 4.23
N LEU A 724 -32.97 27.80 4.51
CA LEU A 724 -32.20 26.77 5.18
C LEU A 724 -32.33 25.44 4.43
N PRO A 725 -31.27 24.65 4.36
CA PRO A 725 -31.41 23.28 3.86
C PRO A 725 -31.94 22.37 4.96
N VAL A 726 -32.71 21.35 4.55
CA VAL A 726 -33.34 20.46 5.51
C VAL A 726 -32.96 19.01 5.22
N SER A 727 -32.70 18.69 3.96
CA SER A 727 -32.34 17.32 3.62
C SER A 727 -31.54 17.31 2.32
N MET A 728 -30.86 16.20 2.10
CA MET A 728 -30.11 15.96 0.88
C MET A 728 -30.70 14.75 0.16
N THR A 729 -30.10 14.40 -0.97
CA THR A 729 -30.61 13.29 -1.77
C THR A 729 -30.23 11.97 -1.13
N LYS A 730 -31.23 11.12 -0.88
CA LYS A 730 -30.98 9.81 -0.32
C LYS A 730 -30.35 8.93 -1.38
N THR A 731 -29.06 8.65 -1.23
CA THR A 731 -28.32 7.85 -2.20
C THR A 731 -28.18 6.41 -1.71
N SER A 732 -27.77 5.54 -2.64
CA SER A 732 -27.55 4.14 -2.33
C SER A 732 -26.59 3.57 -3.37
N VAL A 733 -25.51 2.95 -2.90
CA VAL A 733 -24.44 2.46 -3.75
C VAL A 733 -24.39 0.95 -3.69
N ASP A 734 -24.43 0.31 -4.85
CA ASP A 734 -24.26 -1.13 -4.95
C ASP A 734 -22.77 -1.44 -4.99
N CYS A 735 -22.21 -2.03 -3.94
CA CYS A 735 -20.75 -2.17 -3.95
C CYS A 735 -20.34 -3.16 -5.01
N THR A 736 -20.88 -4.36 -5.00
CA THR A 736 -20.32 -5.36 -5.90
C THR A 736 -20.48 -4.99 -7.38
N MET A 737 -21.30 -3.99 -7.70
CA MET A 737 -21.40 -3.51 -9.07
C MET A 737 -20.45 -2.34 -9.34
N TYR A 738 -20.05 -1.60 -8.31
CA TYR A 738 -19.08 -0.53 -8.53
C TYR A 738 -17.66 -1.06 -8.62
N ILE A 739 -17.17 -1.69 -7.54
CA ILE A 739 -15.78 -2.15 -7.50
C ILE A 739 -15.54 -3.23 -8.55
N CYS A 740 -16.39 -4.25 -8.56
CA CYS A 740 -16.36 -5.22 -9.64
C CYS A 740 -17.26 -4.73 -10.76
N GLY A 741 -17.59 -5.60 -11.71
CA GLY A 741 -18.52 -5.22 -12.76
C GLY A 741 -19.48 -6.35 -13.07
N ASP A 742 -19.54 -6.73 -14.34
CA ASP A 742 -20.25 -7.94 -14.73
C ASP A 742 -19.40 -9.20 -14.58
N SER A 743 -18.14 -9.06 -14.18
CA SER A 743 -17.26 -10.20 -14.03
C SER A 743 -17.61 -11.01 -12.79
N THR A 744 -17.52 -12.33 -12.90
CA THR A 744 -17.80 -13.23 -11.80
C THR A 744 -16.57 -13.48 -10.93
N GLU A 745 -15.39 -13.54 -11.55
CA GLU A 745 -14.16 -13.85 -10.82
C GLU A 745 -13.70 -12.72 -9.93
N CYS A 746 -14.17 -11.49 -10.16
CA CYS A 746 -13.84 -10.39 -9.27
C CYS A 746 -14.56 -10.55 -7.93
N SER A 747 -15.82 -10.97 -7.96
CA SER A 747 -16.62 -11.06 -6.74
C SER A 747 -16.13 -12.18 -5.82
N ASN A 748 -15.46 -13.19 -6.37
CA ASN A 748 -14.89 -14.23 -5.53
C ASN A 748 -13.73 -13.68 -4.70
N LEU A 749 -12.97 -12.74 -5.26
CA LEU A 749 -11.85 -12.14 -4.55
C LEU A 749 -12.26 -10.91 -3.75
N LEU A 750 -13.53 -10.54 -3.77
CA LEU A 750 -14.00 -9.38 -3.02
C LEU A 750 -14.49 -9.75 -1.63
N LEU A 751 -14.98 -10.98 -1.43
CA LEU A 751 -15.40 -11.42 -0.12
C LEU A 751 -14.24 -11.68 0.83
N GLN A 752 -13.00 -11.68 0.34
CA GLN A 752 -11.82 -11.87 1.18
C GLN A 752 -11.38 -10.59 1.86
N TYR A 753 -12.04 -9.47 1.60
CA TYR A 753 -11.65 -8.16 2.13
C TYR A 753 -12.48 -7.77 3.34
N GLY A 754 -12.85 -8.73 4.17
CA GLY A 754 -13.60 -8.46 5.38
C GLY A 754 -15.07 -8.19 5.11
N SER A 755 -15.61 -7.17 5.77
CA SER A 755 -17.03 -6.83 5.66
C SER A 755 -17.19 -5.35 5.41
N PHE A 756 -16.42 -4.82 4.46
CA PHE A 756 -16.50 -3.40 4.15
C PHE A 756 -17.81 -3.05 3.46
N CYS A 757 -18.26 -3.93 2.60
CA CYS A 757 -19.50 -3.54 1.91
C CYS A 757 -20.59 -3.55 2.94
N THR A 758 -20.59 -4.50 3.85
CA THR A 758 -21.73 -4.53 4.78
C THR A 758 -21.71 -3.24 5.58
N GLN A 759 -20.53 -2.73 5.92
CA GLN A 759 -20.46 -1.43 6.63
C GLN A 759 -20.98 -0.32 5.73
N LEU A 760 -20.64 -0.32 4.45
CA LEU A 760 -21.08 0.80 3.60
C LEU A 760 -22.59 0.75 3.57
N LYS A 761 -23.17 -0.41 3.35
CA LYS A 761 -24.65 -0.44 3.21
C LYS A 761 -25.30 0.02 4.49
N ARG A 762 -24.76 -0.31 5.65
CA ARG A 762 -25.47 0.07 6.88
C ARG A 762 -25.01 1.44 7.30
N ALA A 763 -24.17 2.07 6.49
CA ALA A 763 -23.74 3.45 6.81
C ALA A 763 -24.55 4.39 5.95
N LEU A 764 -24.89 3.97 4.75
CA LEU A 764 -25.71 4.80 3.85
C LEU A 764 -27.19 4.51 4.06
N THR A 765 -27.56 3.58 4.94
CA THR A 765 -28.99 3.34 5.26
C THR A 765 -29.22 4.06 6.55
N GLY A 766 -28.17 4.36 7.25
CA GLY A 766 -28.30 5.27 8.38
C GLY A 766 -28.39 6.72 7.96
N ILE A 767 -27.75 7.09 6.85
CA ILE A 767 -27.92 8.42 6.29
C ILE A 767 -29.33 8.60 5.76
N ALA A 768 -29.82 7.61 5.00
CA ALA A 768 -31.08 7.71 4.29
C ALA A 768 -32.30 7.61 5.19
N VAL A 769 -32.13 7.22 6.45
CA VAL A 769 -33.26 7.22 7.38
C VAL A 769 -33.42 8.59 8.04
N GLU A 770 -32.32 9.28 8.33
CA GLU A 770 -32.38 10.60 8.95
C GLU A 770 -33.08 11.61 8.05
N GLN A 771 -32.94 11.47 6.73
CA GLN A 771 -33.57 12.41 5.81
C GLN A 771 -35.08 12.33 5.87
N ASP A 772 -35.62 11.12 6.01
CA ASP A 772 -37.05 10.96 6.23
C ASP A 772 -37.47 11.33 7.64
N LYS A 773 -36.51 11.40 8.57
CA LYS A 773 -36.77 11.91 9.91
C LYS A 773 -36.57 13.42 10.00
N ASN A 774 -35.74 13.98 9.12
CA ASN A 774 -35.50 15.42 9.13
C ASN A 774 -36.76 16.19 8.79
N THR A 775 -37.44 15.79 7.72
CA THR A 775 -38.67 16.46 7.35
C THR A 775 -39.86 16.04 8.21
N GLN A 776 -39.73 14.96 8.98
CA GLN A 776 -40.80 14.54 9.88
C GLN A 776 -40.86 15.40 11.13
N GLU A 777 -39.78 16.11 11.47
CA GLU A 777 -39.77 16.98 12.63
C GLU A 777 -39.72 18.45 12.28
N VAL A 778 -39.27 18.81 11.08
CA VAL A 778 -39.34 20.20 10.65
C VAL A 778 -40.77 20.58 10.32
N PHE A 779 -41.48 19.73 9.57
CA PHE A 779 -42.79 20.06 9.00
C PHE A 779 -43.96 19.51 9.80
N ALA A 780 -43.81 18.33 10.40
CA ALA A 780 -44.94 17.58 10.96
C ALA A 780 -45.08 17.76 12.47
N GLN A 781 -44.87 18.97 12.97
CA GLN A 781 -45.08 19.24 14.39
C GLN A 781 -46.54 18.99 14.78
N VAL A 782 -47.48 19.44 13.96
CA VAL A 782 -48.91 19.26 14.23
C VAL A 782 -49.35 17.88 13.82
N LYS A 783 -50.55 17.48 14.24
CA LYS A 783 -51.16 16.23 13.79
C LYS A 783 -52.47 16.44 13.06
N GLN A 784 -53.31 17.36 13.50
CA GLN A 784 -54.53 17.69 12.77
C GLN A 784 -54.19 18.46 11.51
N ILE A 785 -54.76 18.05 10.38
CA ILE A 785 -54.52 18.72 9.10
C ILE A 785 -55.65 19.73 8.93
N TYR A 786 -55.37 20.98 9.34
CA TYR A 786 -56.36 22.03 9.24
C TYR A 786 -56.54 22.46 7.79
N LYS A 787 -57.69 23.04 7.50
CA LYS A 787 -58.02 23.50 6.16
C LYS A 787 -58.38 24.97 6.19
N THR A 788 -58.07 25.66 5.10
CA THR A 788 -58.29 27.10 5.02
C THR A 788 -59.79 27.39 4.96
N PRO A 789 -60.26 28.49 5.54
CA PRO A 789 -61.66 28.85 5.41
C PRO A 789 -61.96 29.28 3.99
N PRO A 790 -63.23 29.14 3.54
CA PRO A 790 -63.59 29.57 2.19
C PRO A 790 -63.46 31.08 1.97
N ILE A 791 -64.00 31.88 2.89
CA ILE A 791 -63.83 33.32 2.82
C ILE A 791 -62.40 33.67 3.21
N LYS A 792 -61.83 34.66 2.52
CA LYS A 792 -60.43 35.02 2.71
C LYS A 792 -60.28 36.52 2.94
N TYR A 793 -61.16 37.10 3.75
CA TYR A 793 -61.05 38.51 4.12
C TYR A 793 -60.61 38.56 5.58
N PHE A 794 -59.31 38.66 5.79
CA PHE A 794 -58.75 38.74 7.14
C PHE A 794 -58.39 40.19 7.48
N GLY A 795 -59.44 40.97 7.73
CA GLY A 795 -59.30 42.33 8.20
C GLY A 795 -58.75 43.35 7.22
N GLY A 796 -58.23 42.92 6.08
CA GLY A 796 -57.63 43.84 5.14
C GLY A 796 -56.25 43.40 4.70
N PHE A 797 -55.79 42.28 5.21
CA PHE A 797 -54.49 41.72 4.87
C PHE A 797 -54.68 40.67 3.79
N ASN A 798 -53.85 40.71 2.74
CA ASN A 798 -54.02 39.83 1.59
C ASN A 798 -53.03 38.68 1.69
N PHE A 799 -53.55 37.46 1.84
CA PHE A 799 -52.76 36.25 1.95
C PHE A 799 -52.85 35.38 0.71
N SER A 800 -53.20 35.97 -0.42
CA SER A 800 -53.45 35.13 -1.61
C SER A 800 -52.17 34.51 -2.12
N GLN A 801 -51.08 35.25 -2.15
CA GLN A 801 -49.87 34.65 -2.75
C GLN A 801 -49.40 33.47 -1.94
N ILE A 802 -49.34 33.61 -0.63
CA ILE A 802 -48.86 32.52 0.24
C ILE A 802 -49.83 31.32 0.28
N LEU A 803 -51.16 31.53 0.43
CA LEU A 803 -52.16 30.45 0.65
C LEU A 803 -52.45 29.65 -0.62
N PRO A 804 -52.73 28.34 -0.58
CA PRO A 804 -52.76 27.47 -1.76
C PRO A 804 -53.73 27.97 -2.84
N ASP A 805 -53.40 27.61 -4.08
CA ASP A 805 -54.13 28.06 -5.26
C ASP A 805 -55.02 26.93 -5.76
N PRO A 806 -56.34 27.02 -5.62
CA PRO A 806 -57.21 25.94 -6.13
C PRO A 806 -57.28 25.91 -7.65
N SER A 807 -56.96 27.01 -8.33
CA SER A 807 -57.04 27.02 -9.79
C SER A 807 -55.92 26.20 -10.42
N LYS A 808 -54.75 26.20 -9.80
CA LYS A 808 -53.66 25.35 -10.26
C LYS A 808 -54.00 23.89 -10.00
N PRO A 809 -53.61 22.97 -10.89
CA PRO A 809 -53.84 21.54 -10.62
C PRO A 809 -53.11 21.03 -9.38
N SER A 810 -52.00 21.65 -8.98
CA SER A 810 -51.31 21.32 -7.75
C SER A 810 -51.78 22.26 -6.63
N LYS A 811 -51.45 21.88 -5.40
CA LYS A 811 -51.83 22.67 -4.24
C LYS A 811 -50.77 23.70 -3.87
N ARG A 812 -49.77 23.88 -4.72
CA ARG A 812 -48.68 24.84 -4.43
C ARG A 812 -49.30 26.24 -4.45
N SER A 813 -48.52 27.24 -4.12
CA SER A 813 -49.07 28.62 -4.05
C SER A 813 -48.17 29.49 -4.90
N PRO A 814 -48.57 30.70 -5.29
CA PRO A 814 -47.71 31.45 -6.19
C PRO A 814 -46.22 31.65 -5.80
N ILE A 815 -45.88 32.11 -4.59
CA ILE A 815 -44.46 32.24 -4.17
C ILE A 815 -43.95 30.82 -4.15
N GLU A 816 -44.78 29.89 -3.78
CA GLU A 816 -44.20 28.54 -3.73
C GLU A 816 -43.82 28.18 -5.15
N ASP A 817 -44.61 28.59 -6.14
CA ASP A 817 -44.33 28.11 -7.52
C ASP A 817 -42.97 28.60 -8.04
N LEU A 818 -42.67 29.88 -7.87
CA LEU A 818 -41.35 30.39 -8.30
C LEU A 818 -40.29 29.52 -7.65
N LEU A 819 -40.42 29.24 -6.36
CA LEU A 819 -39.33 28.54 -5.69
C LEU A 819 -39.08 27.17 -6.31
N PHE A 820 -40.09 26.56 -6.90
CA PHE A 820 -39.88 25.30 -7.60
C PHE A 820 -39.20 25.51 -8.95
N ASN A 821 -39.42 26.67 -9.58
CA ASN A 821 -38.88 26.91 -10.91
C ASN A 821 -37.39 27.22 -10.88
N LYS A 822 -36.93 27.92 -9.84
CA LYS A 822 -35.53 28.37 -9.82
C LYS A 822 -34.57 27.22 -9.55
N VAL A 823 -34.93 26.32 -8.63
CA VAL A 823 -34.06 25.18 -8.34
C VAL A 823 -34.07 24.20 -9.51
N THR A 824 -35.27 23.90 -10.05
CA THR A 824 -35.56 23.07 -11.23
C THR A 824 -34.83 21.71 -11.24
N LEU A 825 -34.42 21.22 -10.08
CA LEU A 825 -33.85 19.87 -9.97
C LEU A 825 -34.61 19.04 -8.95
N LEU A 846 -29.62 11.76 -19.23
CA LEU A 846 -28.32 11.81 -19.89
C LEU A 846 -27.21 11.46 -18.91
N ILE A 847 -26.96 12.36 -17.95
CA ILE A 847 -25.95 12.08 -16.93
C ILE A 847 -26.43 11.00 -15.96
N CYS A 848 -27.75 10.91 -15.73
CA CYS A 848 -28.27 9.86 -14.88
C CYS A 848 -28.27 8.49 -15.56
N ALA A 849 -28.27 8.46 -16.89
CA ALA A 849 -28.23 7.19 -17.61
C ALA A 849 -26.84 6.56 -17.59
N GLN A 850 -25.79 7.33 -17.34
CA GLN A 850 -24.44 6.80 -17.23
C GLN A 850 -24.16 6.31 -15.81
N LYS A 851 -25.15 6.40 -14.92
CA LYS A 851 -25.01 5.87 -13.57
C LYS A 851 -25.58 4.47 -13.46
N PHE A 852 -25.34 3.68 -14.51
CA PHE A 852 -25.58 2.23 -14.46
C PHE A 852 -24.66 1.52 -13.49
N LYS A 853 -23.59 2.18 -13.02
CA LYS A 853 -22.63 1.53 -12.15
C LYS A 853 -23.09 1.50 -10.70
N GLY A 854 -24.30 1.01 -10.46
CA GLY A 854 -24.78 0.78 -9.11
C GLY A 854 -25.15 2.01 -8.31
N LEU A 855 -25.11 3.20 -8.90
CA LEU A 855 -25.41 4.42 -8.20
C LEU A 855 -26.84 4.83 -8.52
N THR A 856 -27.68 4.93 -7.49
CA THR A 856 -29.08 5.25 -7.69
C THR A 856 -29.52 6.23 -6.59
N VAL A 857 -30.65 6.88 -6.84
CA VAL A 857 -31.21 7.87 -5.93
C VAL A 857 -32.57 7.38 -5.49
N LEU A 858 -32.69 6.97 -4.23
CA LEU A 858 -33.95 6.48 -3.71
C LEU A 858 -34.94 7.64 -3.54
N PRO A 859 -36.22 7.40 -3.78
CA PRO A 859 -37.22 8.46 -3.62
C PRO A 859 -37.47 8.75 -2.15
N PRO A 860 -37.80 10.00 -1.81
CA PRO A 860 -38.17 10.31 -0.44
C PRO A 860 -39.50 9.71 -0.06
N LEU A 861 -39.70 9.51 1.25
CA LEU A 861 -40.95 8.93 1.72
C LEU A 861 -42.13 9.86 1.47
N LEU A 862 -41.99 11.12 1.84
CA LEU A 862 -43.00 12.10 1.50
C LEU A 862 -42.79 12.59 0.08
N THR A 863 -43.89 12.93 -0.59
CA THR A 863 -43.84 13.57 -1.89
C THR A 863 -44.15 15.05 -1.75
N ASP A 864 -44.00 15.78 -2.84
CA ASP A 864 -44.11 17.23 -2.81
C ASP A 864 -45.53 17.72 -2.62
N GLU A 865 -46.54 16.85 -2.73
CA GLU A 865 -47.91 17.27 -2.51
C GLU A 865 -48.36 17.09 -1.07
N MET A 866 -47.84 16.08 -0.37
CA MET A 866 -48.12 15.95 1.06
C MET A 866 -47.35 16.98 1.87
N ILE A 867 -46.13 17.32 1.43
CA ILE A 867 -45.35 18.37 2.10
C ILE A 867 -46.07 19.71 1.97
N ALA A 868 -46.66 19.96 0.80
CA ALA A 868 -47.46 21.16 0.61
C ALA A 868 -48.74 21.16 1.45
N GLN A 869 -49.17 19.99 1.97
CA GLN A 869 -50.32 19.93 2.84
C GLN A 869 -49.96 20.22 4.30
N TYR A 870 -48.78 19.79 4.75
CA TYR A 870 -48.25 20.25 6.03
C TYR A 870 -48.08 21.76 6.04
N THR A 871 -47.45 22.31 5.00
CA THR A 871 -47.20 23.75 4.95
C THR A 871 -48.51 24.53 4.84
N SER A 872 -49.51 23.98 4.16
CA SER A 872 -50.83 24.60 4.17
C SER A 872 -51.49 24.50 5.53
N ALA A 873 -51.28 23.39 6.26
CA ALA A 873 -51.90 23.23 7.56
C ALA A 873 -51.27 24.15 8.59
N LEU A 874 -49.96 24.35 8.52
CA LEU A 874 -49.33 25.36 9.37
C LEU A 874 -49.84 26.76 9.05
N LEU A 875 -50.04 27.05 7.76
CA LEU A 875 -50.49 28.38 7.37
C LEU A 875 -51.96 28.59 7.67
N ALA A 876 -52.76 27.52 7.64
CA ALA A 876 -54.19 27.67 7.90
C ALA A 876 -54.52 27.64 9.38
N GLY A 877 -53.54 27.43 10.25
CA GLY A 877 -53.80 27.47 11.67
C GLY A 877 -53.24 28.72 12.30
N THR A 878 -52.09 29.18 11.79
CA THR A 878 -51.46 30.38 12.33
C THR A 878 -52.19 31.65 11.97
N ILE A 879 -53.13 31.62 11.03
CA ILE A 879 -53.89 32.80 10.64
C ILE A 879 -55.32 32.76 11.13
N THR A 880 -55.72 31.70 11.84
CA THR A 880 -57.06 31.64 12.41
C THR A 880 -57.08 31.13 13.85
N SER A 881 -55.97 30.64 14.38
CA SER A 881 -55.93 30.17 15.77
C SER A 881 -54.81 30.83 16.55
N GLY A 882 -53.75 31.22 15.87
CA GLY A 882 -52.66 31.94 16.50
C GLY A 882 -51.51 31.02 16.87
N TRP A 883 -51.17 31.03 18.16
CA TRP A 883 -50.08 30.20 18.72
C TRP A 883 -50.61 28.98 19.46
N THR A 884 -51.89 28.93 19.75
CA THR A 884 -52.35 27.84 20.60
C THR A 884 -52.10 26.51 19.94
N PHE A 885 -52.27 26.41 18.65
CA PHE A 885 -52.19 25.08 18.01
C PHE A 885 -50.85 24.39 18.29
N GLY A 886 -49.85 25.09 18.82
CA GLY A 886 -48.60 24.49 19.20
C GLY A 886 -48.50 24.07 20.65
N ALA A 887 -49.42 24.51 21.50
CA ALA A 887 -49.48 24.07 22.90
C ALA A 887 -50.48 22.94 23.03
N GLY A 888 -51.76 23.28 23.17
CA GLY A 888 -52.78 22.21 23.21
C GLY A 888 -53.90 22.33 22.20
N PRO A 889 -55.17 22.36 22.64
CA PRO A 889 -56.27 22.38 21.72
C PRO A 889 -56.25 23.71 20.99
N ALA A 890 -56.71 23.77 19.73
CA ALA A 890 -56.57 25.02 18.95
C ALA A 890 -57.78 25.89 19.12
N LEU A 891 -57.59 27.13 19.58
CA LEU A 891 -58.73 28.03 19.81
C LEU A 891 -58.79 29.07 18.69
N GLN A 892 -59.99 29.36 18.18
CA GLN A 892 -60.16 30.29 17.04
C GLN A 892 -60.06 31.72 17.56
N ILE A 893 -59.56 32.64 16.73
CA ILE A 893 -59.34 34.03 17.13
C ILE A 893 -59.23 34.87 15.86
N PRO A 894 -59.94 36.06 15.84
CA PRO A 894 -59.98 36.90 14.65
C PRO A 894 -58.62 37.49 14.27
N PHE A 895 -58.04 37.33 13.06
CA PHE A 895 -56.64 37.79 12.72
C PHE A 895 -56.39 39.27 12.96
N PRO A 896 -57.29 40.25 12.74
CA PRO A 896 -57.01 41.64 13.06
C PRO A 896 -56.87 41.83 14.56
N MET A 897 -57.22 40.83 15.36
CA MET A 897 -57.03 40.89 16.84
C MET A 897 -55.85 40.02 17.24
N GLN A 898 -55.38 39.09 16.42
CA GLN A 898 -54.18 38.36 16.86
C GLN A 898 -53.10 39.40 16.81
N MET A 899 -53.07 40.24 15.79
CA MET A 899 -51.91 41.16 15.68
C MET A 899 -51.83 42.07 16.91
N ALA A 900 -52.91 42.58 17.46
CA ALA A 900 -52.78 43.49 18.60
C ALA A 900 -52.29 42.72 19.79
N TYR A 901 -52.29 41.39 19.73
CA TYR A 901 -51.65 40.62 20.79
C TYR A 901 -50.25 40.20 20.44
N ARG A 902 -49.73 40.65 19.29
CA ARG A 902 -48.33 40.46 18.94
C ARG A 902 -47.52 41.74 19.02
N PHE A 903 -48.18 42.90 18.99
CA PHE A 903 -47.50 44.14 19.37
C PHE A 903 -47.19 44.17 20.85
N ASN A 904 -48.07 43.58 21.66
CA ASN A 904 -47.99 43.72 23.11
C ASN A 904 -46.78 43.02 23.69
N GLY A 905 -46.18 42.07 22.98
CA GLY A 905 -44.97 41.42 23.39
C GLY A 905 -43.70 42.08 22.91
N ILE A 906 -43.80 43.25 22.30
CA ILE A 906 -42.63 43.98 21.80
C ILE A 906 -42.28 45.15 22.71
N GLY A 907 -43.28 45.94 23.10
CA GLY A 907 -43.03 47.09 23.93
C GLY A 907 -43.95 48.25 23.59
N VAL A 908 -44.57 48.17 22.42
CA VAL A 908 -45.60 49.12 22.00
C VAL A 908 -46.96 48.53 22.32
N THR A 909 -47.85 49.35 22.87
CA THR A 909 -49.13 48.87 23.33
C THR A 909 -50.05 48.58 22.13
N GLN A 910 -51.20 47.98 22.42
CA GLN A 910 -52.13 47.56 21.38
C GLN A 910 -53.03 48.68 20.88
N ASN A 911 -52.95 49.87 21.47
CA ASN A 911 -53.75 51.00 21.03
C ASN A 911 -53.15 51.72 19.84
N VAL A 912 -52.19 51.09 19.16
CA VAL A 912 -51.56 51.67 17.98
C VAL A 912 -52.04 50.99 16.71
N LEU A 913 -52.32 49.67 16.77
CA LEU A 913 -52.75 48.91 15.54
C LEU A 913 -54.12 49.42 15.14
N TYR A 914 -55.12 49.28 15.97
CA TYR A 914 -56.48 49.69 15.54
C TYR A 914 -56.40 51.10 14.94
N GLU A 915 -55.65 52.00 15.56
CA GLU A 915 -55.64 53.36 15.04
C GLU A 915 -54.94 53.47 13.69
N ASN A 916 -54.20 52.45 13.28
CA ASN A 916 -53.47 52.44 12.02
C ASN A 916 -53.74 51.16 11.25
N GLN A 917 -54.97 50.68 11.27
CA GLN A 917 -55.20 49.36 10.63
C GLN A 917 -54.98 49.50 9.13
N LYS A 918 -55.56 50.53 8.50
CA LYS A 918 -55.51 50.61 7.04
C LYS A 918 -54.08 50.78 6.53
N LEU A 919 -53.27 51.60 7.22
CA LEU A 919 -51.91 51.84 6.76
C LEU A 919 -51.03 50.61 6.92
N ILE A 920 -51.18 49.90 8.04
CA ILE A 920 -50.44 48.66 8.25
C ILE A 920 -50.89 47.60 7.27
N ALA A 921 -52.17 47.59 6.92
CA ALA A 921 -52.66 46.66 5.89
C ALA A 921 -52.01 46.94 4.55
N ASN A 922 -51.88 48.20 4.17
CA ASN A 922 -51.26 48.54 2.89
C ASN A 922 -49.76 48.28 2.92
N GLN A 923 -49.12 48.54 4.06
CA GLN A 923 -47.68 48.26 4.19
C GLN A 923 -47.41 46.77 4.13
N PHE A 924 -48.27 45.96 4.75
CA PHE A 924 -48.13 44.51 4.64
C PHE A 924 -48.44 44.04 3.23
N ASN A 925 -49.47 44.60 2.60
CA ASN A 925 -49.83 44.19 1.24
C ASN A 925 -48.75 44.57 0.23
N SER A 926 -48.15 45.75 0.41
CA SER A 926 -47.10 46.17 -0.52
C SER A 926 -45.78 45.44 -0.27
N ALA A 927 -45.52 45.05 0.99
CA ALA A 927 -44.27 44.36 1.29
C ALA A 927 -44.24 42.98 0.66
N ILE A 928 -45.36 42.25 0.71
CA ILE A 928 -45.39 40.91 0.14
C ILE A 928 -45.37 40.95 -1.39
N GLY A 929 -45.81 42.06 -2.00
CA GLY A 929 -45.75 42.17 -3.44
C GLY A 929 -44.32 42.26 -3.96
N LYS A 930 -43.44 42.95 -3.22
CA LYS A 930 -42.05 43.06 -3.62
C LYS A 930 -41.27 41.78 -3.43
N ILE A 931 -41.80 40.81 -2.69
CA ILE A 931 -41.08 39.58 -2.44
C ILE A 931 -40.98 38.76 -3.72
N GLN A 932 -42.05 38.71 -4.50
CA GLN A 932 -42.09 37.87 -5.70
C GLN A 932 -41.11 38.38 -6.76
N ASP A 933 -41.02 39.69 -6.94
CA ASP A 933 -40.13 40.23 -7.95
C ASP A 933 -38.67 40.18 -7.53
N SER A 934 -38.40 40.42 -6.25
CA SER A 934 -37.01 40.48 -5.78
C SER A 934 -36.35 39.11 -5.81
N LEU A 935 -37.11 38.05 -5.53
CA LEU A 935 -36.55 36.70 -5.62
C LEU A 935 -36.25 36.32 -7.06
N SER A 936 -37.03 36.89 -7.99
CA SER A 936 -36.85 36.48 -9.41
C SER A 936 -35.61 37.11 -10.03
N SER A 937 -35.54 38.44 -10.06
CA SER A 937 -34.43 39.11 -10.75
C SER A 937 -33.10 38.73 -10.11
N THR A 938 -33.01 38.78 -8.79
CA THR A 938 -31.69 38.38 -8.23
C THR A 938 -31.52 36.90 -8.60
N PRO A 939 -30.37 36.46 -9.12
CA PRO A 939 -30.19 35.03 -9.39
C PRO A 939 -29.63 34.27 -8.18
N SER A 940 -29.13 34.97 -7.16
CA SER A 940 -28.48 34.31 -5.99
C SER A 940 -29.51 34.09 -4.91
N ALA A 941 -30.78 34.23 -5.26
CA ALA A 941 -31.83 34.11 -4.24
C ALA A 941 -31.76 32.71 -3.59
N LEU A 942 -31.58 31.65 -4.38
CA LEU A 942 -31.61 30.28 -3.80
C LEU A 942 -30.21 29.70 -3.82
N GLY A 943 -29.21 30.52 -3.56
CA GLY A 943 -27.88 29.96 -3.67
C GLY A 943 -27.57 28.89 -2.63
N LYS A 944 -28.25 28.94 -1.49
CA LYS A 944 -27.97 27.95 -0.44
C LYS A 944 -28.50 26.57 -0.81
N LEU A 945 -29.69 26.51 -1.42
CA LEU A 945 -30.24 25.24 -1.85
C LEU A 945 -29.58 24.72 -3.12
N GLN A 946 -29.15 25.62 -4.00
CA GLN A 946 -28.50 25.18 -5.24
C GLN A 946 -27.12 24.60 -4.95
N ASP A 947 -26.49 24.99 -3.85
CA ASP A 947 -25.25 24.35 -3.45
C ASP A 947 -25.50 22.93 -2.96
N VAL A 948 -26.66 22.67 -2.36
CA VAL A 948 -26.98 21.34 -1.85
C VAL A 948 -27.10 20.34 -2.99
N VAL A 949 -27.79 20.71 -4.06
CA VAL A 949 -27.93 19.78 -5.18
C VAL A 949 -26.66 19.70 -6.00
N ASN A 950 -25.86 20.78 -6.05
CA ASN A 950 -24.65 20.75 -6.85
C ASN A 950 -23.54 19.95 -6.16
N HIS A 951 -23.48 20.03 -4.82
CA HIS A 951 -22.51 19.22 -4.10
C HIS A 951 -22.88 17.74 -4.16
N ASN A 952 -24.17 17.43 -4.22
CA ASN A 952 -24.63 16.06 -4.32
C ASN A 952 -24.79 15.61 -5.76
N ALA A 953 -24.41 16.43 -6.73
CA ALA A 953 -24.32 16.00 -8.12
C ALA A 953 -22.89 15.83 -8.59
N GLN A 954 -21.99 16.75 -8.24
CA GLN A 954 -20.60 16.60 -8.66
C GLN A 954 -19.83 15.62 -7.79
N ALA A 955 -20.33 15.30 -6.59
CA ALA A 955 -19.72 14.22 -5.83
C ALA A 955 -19.99 12.87 -6.48
N LEU A 956 -21.20 12.70 -7.03
CA LEU A 956 -21.50 11.48 -7.77
C LEU A 956 -20.77 11.46 -9.10
N ASN A 957 -20.56 12.62 -9.72
CA ASN A 957 -19.93 12.66 -11.04
C ASN A 957 -18.45 12.32 -10.98
N THR A 958 -17.75 12.75 -9.92
CA THR A 958 -16.36 12.36 -9.77
C THR A 958 -16.23 10.87 -9.49
N LEU A 959 -17.23 10.28 -8.83
CA LEU A 959 -17.20 8.84 -8.58
C LEU A 959 -17.25 8.04 -9.87
N VAL A 960 -17.89 8.57 -10.92
CA VAL A 960 -17.86 7.92 -12.21
C VAL A 960 -16.47 8.05 -12.84
N LYS A 961 -15.84 9.21 -12.70
CA LYS A 961 -14.52 9.44 -13.28
C LYS A 961 -13.42 8.67 -12.57
N GLN A 962 -13.67 8.16 -11.36
CA GLN A 962 -12.66 7.36 -10.68
C GLN A 962 -12.43 6.02 -11.35
N LEU A 963 -13.32 5.59 -12.23
CA LEU A 963 -13.19 4.33 -12.93
C LEU A 963 -12.21 4.40 -14.10
N SER A 964 -11.66 5.57 -14.37
CA SER A 964 -10.67 5.75 -15.43
C SER A 964 -9.26 5.96 -14.89
N SER A 965 -9.01 5.63 -13.63
CA SER A 965 -7.69 5.73 -13.04
C SER A 965 -7.04 4.35 -13.00
N LYS A 966 -5.80 4.26 -13.47
CA LYS A 966 -5.16 2.97 -13.58
C LYS A 966 -4.66 2.44 -12.24
N PHE A 967 -4.33 3.34 -11.31
CA PHE A 967 -3.74 2.99 -10.00
C PHE A 967 -2.47 2.16 -10.13
N GLY A 968 -1.68 2.42 -11.16
CA GLY A 968 -0.46 1.66 -11.36
C GLY A 968 -0.66 0.31 -12.03
N ALA A 969 -1.88 -0.04 -12.40
CA ALA A 969 -2.14 -1.29 -13.09
C ALA A 969 -1.93 -1.09 -14.60
N ILE A 970 -2.39 -2.05 -15.40
CA ILE A 970 -2.21 -1.94 -16.84
C ILE A 970 -3.33 -1.13 -17.47
N SER A 971 -4.58 -1.44 -17.14
CA SER A 971 -5.71 -0.73 -17.71
C SER A 971 -6.80 -0.60 -16.66
N SER A 972 -7.80 0.22 -16.97
CA SER A 972 -8.89 0.52 -16.05
C SER A 972 -10.13 -0.33 -16.29
N VAL A 973 -10.05 -1.33 -17.17
CA VAL A 973 -11.14 -2.25 -17.43
C VAL A 973 -10.75 -3.64 -16.92
N LEU A 974 -11.64 -4.24 -16.13
CA LEU A 974 -11.31 -5.52 -15.50
C LEU A 974 -11.40 -6.69 -16.47
N ASN A 975 -12.26 -6.59 -17.49
CA ASN A 975 -12.45 -7.70 -18.41
C ASN A 975 -11.21 -7.95 -19.26
N ASP A 976 -10.50 -6.89 -19.65
CA ASP A 976 -9.31 -7.07 -20.46
C ASP A 976 -8.12 -7.57 -19.65
N ILE A 977 -8.14 -7.37 -18.34
CA ILE A 977 -7.03 -7.82 -17.49
C ILE A 977 -7.00 -9.34 -17.44
N PHE A 978 -8.16 -9.96 -17.20
CA PHE A 978 -8.22 -11.41 -17.09
C PHE A 978 -7.99 -12.08 -18.43
N SER A 979 -8.39 -11.41 -19.51
CA SER A 979 -8.19 -11.98 -20.84
C SER A 979 -6.71 -11.94 -21.24
N ARG A 980 -6.01 -10.86 -20.92
CA ARG A 980 -4.61 -10.75 -21.38
C ARG A 980 -3.66 -11.59 -20.52
N LEU A 981 -3.45 -11.21 -19.27
CA LEU A 981 -2.45 -11.91 -18.41
C LEU A 981 -3.01 -13.23 -17.90
N ASP A 982 -2.14 -14.08 -17.35
CA ASP A 982 -2.53 -15.39 -16.77
C ASP A 982 -2.98 -15.16 -15.33
N PRO A 983 -3.64 -16.10 -14.63
CA PRO A 983 -4.16 -15.83 -13.28
C PRO A 983 -3.22 -15.40 -12.14
N PRO A 984 -1.97 -15.87 -12.03
CA PRO A 984 -1.14 -15.51 -10.88
C PRO A 984 -0.82 -14.04 -10.63
N GLU A 985 -0.42 -13.29 -11.65
CA GLU A 985 0.00 -11.87 -11.47
C GLU A 985 -1.19 -10.98 -11.70
N ALA A 986 -2.26 -11.55 -12.24
CA ALA A 986 -3.47 -10.76 -12.45
C ALA A 986 -3.88 -10.29 -11.07
N GLU A 987 -3.69 -11.13 -10.06
CA GLU A 987 -4.11 -10.77 -8.70
C GLU A 987 -3.38 -9.49 -8.33
N VAL A 988 -2.10 -9.43 -8.63
CA VAL A 988 -1.33 -8.23 -8.19
C VAL A 988 -1.97 -7.03 -8.83
N GLN A 989 -2.32 -7.12 -10.11
CA GLN A 989 -2.88 -5.97 -10.81
C GLN A 989 -4.30 -5.66 -10.35
N ILE A 990 -5.14 -6.69 -10.17
CA ILE A 990 -6.51 -6.41 -9.76
C ILE A 990 -6.60 -6.06 -8.28
N ASP A 991 -5.59 -6.38 -7.48
CA ASP A 991 -5.60 -5.94 -6.10
C ASP A 991 -5.41 -4.44 -5.98
N ARG A 992 -4.70 -3.83 -6.93
CA ARG A 992 -4.53 -2.38 -6.92
C ARG A 992 -5.84 -1.68 -7.23
N LEU A 993 -6.64 -2.24 -8.13
CA LEU A 993 -7.90 -1.59 -8.51
C LEU A 993 -8.97 -1.77 -7.44
N ILE A 994 -9.01 -2.92 -6.78
CA ILE A 994 -9.99 -3.14 -5.72
C ILE A 994 -9.66 -2.28 -4.50
N THR A 995 -8.39 -2.25 -4.09
CA THR A 995 -7.99 -1.40 -2.99
C THR A 995 -8.06 0.08 -3.37
N GLY A 996 -7.79 0.39 -4.64
CA GLY A 996 -7.91 1.77 -5.09
C GLY A 996 -9.34 2.26 -5.07
N ARG A 997 -10.28 1.45 -5.57
CA ARG A 997 -11.68 1.85 -5.58
C ARG A 997 -12.32 1.78 -4.21
N LEU A 998 -11.79 0.96 -3.30
CA LEU A 998 -12.33 0.91 -1.95
C LEU A 998 -12.05 2.22 -1.21
N GLN A 999 -10.80 2.68 -1.24
CA GLN A 999 -10.49 3.97 -0.63
C GLN A 999 -11.05 5.13 -1.45
N SER A 1000 -11.34 4.92 -2.73
CA SER A 1000 -12.07 5.91 -3.51
C SER A 1000 -13.54 5.95 -3.15
N LEU A 1001 -14.04 4.93 -2.45
CA LEU A 1001 -15.44 4.88 -2.04
C LEU A 1001 -15.61 5.09 -0.54
N GLN A 1002 -14.58 4.84 0.26
CA GLN A 1002 -14.60 5.26 1.66
C GLN A 1002 -14.69 6.77 1.77
N THR A 1003 -13.96 7.48 0.92
CA THR A 1003 -13.96 8.94 0.94
C THR A 1003 -15.33 9.51 0.60
N TYR A 1004 -16.10 8.80 -0.22
CA TYR A 1004 -17.48 9.21 -0.47
C TYR A 1004 -18.32 9.10 0.79
N VAL A 1005 -18.23 7.96 1.49
CA VAL A 1005 -19.04 7.75 2.69
C VAL A 1005 -18.61 8.68 3.81
N THR A 1006 -17.30 8.89 3.96
CA THR A 1006 -16.79 9.76 5.01
C THR A 1006 -17.23 11.20 4.79
N GLN A 1007 -17.20 11.68 3.56
CA GLN A 1007 -17.64 13.04 3.28
C GLN A 1007 -19.16 13.16 3.34
N GLN A 1008 -19.88 12.06 3.10
CA GLN A 1008 -21.34 12.10 3.25
C GLN A 1008 -21.74 12.19 4.71
N LEU A 1009 -20.95 11.60 5.61
CA LEU A 1009 -21.27 11.63 7.03
C LEU A 1009 -21.00 12.99 7.65
N ILE A 1010 -20.17 13.81 7.02
CA ILE A 1010 -19.90 15.16 7.51
C ILE A 1010 -20.93 16.15 6.96
N ARG A 1011 -21.30 16.00 5.68
CA ARG A 1011 -22.35 16.84 5.11
C ARG A 1011 -23.68 16.61 5.80
N ALA A 1012 -24.01 15.36 6.11
CA ALA A 1012 -25.23 15.07 6.85
C ALA A 1012 -25.14 15.53 8.30
N ALA A 1013 -23.94 15.77 8.81
CA ALA A 1013 -23.80 16.40 10.12
C ALA A 1013 -23.94 17.92 10.05
N GLU A 1014 -23.88 18.50 8.86
CA GLU A 1014 -24.16 19.93 8.71
C GLU A 1014 -25.60 20.19 8.36
N ILE A 1015 -26.24 19.29 7.62
CA ILE A 1015 -27.68 19.39 7.37
C ILE A 1015 -28.45 19.18 8.66
N ARG A 1016 -28.04 18.19 9.47
CA ARG A 1016 -28.69 17.95 10.74
C ARG A 1016 -28.46 19.09 11.73
N ALA A 1017 -27.38 19.84 11.56
CA ALA A 1017 -27.19 21.05 12.35
C ALA A 1017 -28.13 22.16 11.90
N SER A 1018 -28.65 22.09 10.68
CA SER A 1018 -29.60 23.08 10.18
C SER A 1018 -31.03 22.58 10.20
N ALA A 1019 -31.25 21.27 10.10
CA ALA A 1019 -32.60 20.73 10.32
C ALA A 1019 -33.03 20.93 11.76
N ASN A 1020 -32.11 20.79 12.71
CA ASN A 1020 -32.39 21.09 14.11
C ASN A 1020 -32.45 22.59 14.38
N LEU A 1021 -31.95 23.41 13.47
CA LEU A 1021 -32.15 24.86 13.57
C LEU A 1021 -33.45 25.30 12.92
N ALA A 1022 -33.91 24.58 11.89
CA ALA A 1022 -35.22 24.88 11.33
C ALA A 1022 -36.33 24.37 12.24
N ALA A 1023 -36.11 23.25 12.92
CA ALA A 1023 -37.13 22.71 13.82
C ALA A 1023 -37.31 23.59 15.05
N THR A 1024 -36.25 24.26 15.50
CA THR A 1024 -36.36 25.22 16.58
C THR A 1024 -36.65 26.62 16.09
N LYS A 1025 -36.84 26.80 14.78
CA LYS A 1025 -37.31 28.07 14.24
C LYS A 1025 -38.78 28.05 13.89
N MET A 1026 -39.30 26.92 13.40
CA MET A 1026 -40.73 26.81 13.15
C MET A 1026 -41.52 26.66 14.43
N SER A 1027 -40.88 26.29 15.53
CA SER A 1027 -41.56 26.13 16.81
C SER A 1027 -41.16 27.22 17.80
N GLU A 1028 -40.53 28.29 17.33
CA GLU A 1028 -40.24 29.41 18.21
C GLU A 1028 -40.67 30.73 17.56
N CYS A 1029 -40.73 30.76 16.24
CA CYS A 1029 -41.17 31.93 15.50
C CYS A 1029 -42.61 31.80 15.03
N VAL A 1030 -42.97 30.66 14.43
CA VAL A 1030 -44.30 30.49 13.88
C VAL A 1030 -45.34 30.26 14.98
N LEU A 1031 -45.03 29.37 15.91
CA LEU A 1031 -45.96 28.98 16.97
C LEU A 1031 -45.87 29.87 18.19
N GLY A 1032 -45.44 31.11 18.04
CA GLY A 1032 -45.37 32.04 19.14
C GLY A 1032 -44.41 33.18 18.85
N GLN A 1033 -44.64 34.35 19.43
CA GLN A 1033 -43.75 35.48 19.23
C GLN A 1033 -42.48 35.28 20.05
N SER A 1034 -41.33 35.41 19.39
CA SER A 1034 -40.06 35.18 20.05
C SER A 1034 -39.47 36.47 20.61
N LYS A 1035 -38.41 36.33 21.41
CA LYS A 1035 -37.78 37.47 22.06
C LYS A 1035 -36.27 37.48 21.93
N ARG A 1036 -35.66 36.47 21.32
CA ARG A 1036 -34.22 36.48 21.11
C ARG A 1036 -33.88 37.48 20.03
N VAL A 1037 -32.90 38.34 20.30
CA VAL A 1037 -32.58 39.43 19.39
C VAL A 1037 -31.86 38.88 18.18
N ASP A 1038 -32.38 39.19 16.99
CA ASP A 1038 -31.90 38.69 15.69
C ASP A 1038 -31.90 37.15 15.73
N PHE A 1039 -33.08 36.57 15.92
CA PHE A 1039 -33.29 35.15 15.69
C PHE A 1039 -34.36 34.93 14.63
N CYS A 1040 -35.54 35.51 14.83
CA CYS A 1040 -36.60 35.49 13.82
C CYS A 1040 -36.63 36.82 13.06
N GLY A 1041 -35.55 37.07 12.34
CA GLY A 1041 -35.43 38.26 11.50
C GLY A 1041 -34.72 39.39 12.21
N LYS A 1042 -34.34 40.38 11.41
CA LYS A 1042 -33.62 41.56 11.90
C LYS A 1042 -34.63 42.62 12.33
N GLY A 1043 -34.76 42.82 13.64
CA GLY A 1043 -35.69 43.76 14.20
C GLY A 1043 -36.56 43.10 15.22
N TYR A 1044 -37.65 43.77 15.58
CA TYR A 1044 -38.62 43.24 16.54
C TYR A 1044 -39.56 42.28 15.81
N HIS A 1045 -39.57 41.03 16.25
CA HIS A 1045 -40.28 39.98 15.53
C HIS A 1045 -41.79 40.09 15.74
N LEU A 1046 -42.54 39.76 14.70
CA LEU A 1046 -44.00 39.73 14.76
C LEU A 1046 -44.57 38.35 14.52
N MET A 1047 -44.22 37.70 13.40
CA MET A 1047 -44.74 36.38 13.07
C MET A 1047 -43.85 35.78 11.98
N SER A 1048 -44.27 34.63 11.44
CA SER A 1048 -43.54 34.01 10.35
C SER A 1048 -44.49 33.19 9.51
N PHE A 1049 -44.06 32.89 8.28
CA PHE A 1049 -44.86 32.11 7.34
C PHE A 1049 -43.93 31.13 6.63
N PRO A 1050 -43.92 29.87 7.01
CA PRO A 1050 -43.07 28.90 6.33
C PRO A 1050 -43.55 28.64 4.92
N GLN A 1051 -42.60 28.39 4.02
CA GLN A 1051 -42.91 27.98 2.66
C GLN A 1051 -41.99 26.85 2.26
N SER A 1052 -42.53 25.90 1.51
CA SER A 1052 -41.76 24.73 1.10
C SER A 1052 -40.93 25.04 -0.13
N ALA A 1053 -39.70 24.55 -0.13
CA ALA A 1053 -38.77 24.66 -1.23
C ALA A 1053 -38.17 23.28 -1.47
N PRO A 1054 -37.64 23.02 -2.67
CA PRO A 1054 -36.97 21.73 -2.90
C PRO A 1054 -35.74 21.55 -2.03
N HIS A 1055 -35.81 20.58 -1.10
CA HIS A 1055 -34.79 20.31 -0.09
C HIS A 1055 -34.51 21.53 0.78
N GLY A 1056 -35.54 21.99 1.48
CA GLY A 1056 -35.36 23.07 2.42
C GLY A 1056 -36.63 23.85 2.64
N VAL A 1057 -36.55 24.79 3.59
CA VAL A 1057 -37.65 25.65 3.96
C VAL A 1057 -37.23 27.09 3.72
N VAL A 1058 -38.17 27.89 3.21
CA VAL A 1058 -37.98 29.34 3.06
C VAL A 1058 -38.95 30.01 4.02
N PHE A 1059 -38.41 30.77 4.97
CA PHE A 1059 -39.22 31.47 5.95
C PHE A 1059 -39.47 32.90 5.48
N LEU A 1060 -40.58 33.48 5.93
CA LEU A 1060 -40.94 34.86 5.61
C LEU A 1060 -41.07 35.62 6.93
N HIS A 1061 -39.95 36.12 7.45
CA HIS A 1061 -39.91 36.71 8.77
C HIS A 1061 -40.47 38.13 8.72
N VAL A 1062 -41.71 38.30 9.16
CA VAL A 1062 -42.28 39.63 9.31
C VAL A 1062 -41.70 40.27 10.56
N THR A 1063 -41.29 41.54 10.46
CA THR A 1063 -40.64 42.20 11.58
C THR A 1063 -40.99 43.68 11.60
N TYR A 1064 -40.80 44.29 12.76
CA TYR A 1064 -41.16 45.67 13.02
C TYR A 1064 -39.89 46.50 13.16
N VAL A 1065 -39.82 47.61 12.43
CA VAL A 1065 -38.61 48.44 12.40
C VAL A 1065 -38.97 49.90 12.61
N PRO A 1066 -38.29 50.62 13.55
CA PRO A 1066 -38.61 52.02 13.88
C PRO A 1066 -38.18 53.01 12.80
N ALA A 1067 -38.53 54.29 12.92
CA ALA A 1067 -38.30 55.21 11.78
C ALA A 1067 -37.56 56.50 12.14
N GLN A 1068 -38.06 57.66 11.70
CA GLN A 1068 -37.46 58.96 12.00
C GLN A 1068 -37.61 59.35 13.47
N GLU A 1069 -36.58 60.02 13.98
CA GLU A 1069 -36.51 60.32 15.42
C GLU A 1069 -36.71 61.80 15.71
N LYS A 1070 -36.23 62.26 16.86
CA LYS A 1070 -36.32 63.66 17.25
C LYS A 1070 -35.46 63.91 18.48
N ASN A 1071 -34.86 65.09 18.56
CA ASN A 1071 -34.04 65.47 19.71
C ASN A 1071 -34.94 65.82 20.90
N PHE A 1072 -34.47 65.49 22.10
CA PHE A 1072 -35.20 65.79 23.32
C PHE A 1072 -34.22 65.99 24.48
N THR A 1073 -34.77 66.37 25.64
CA THR A 1073 -34.00 66.58 26.86
C THR A 1073 -34.62 65.72 27.96
N THR A 1074 -33.79 65.05 28.75
CA THR A 1074 -34.26 63.95 29.58
C THR A 1074 -33.79 64.12 31.02
N ALA A 1075 -34.63 63.75 31.98
CA ALA A 1075 -34.27 63.74 33.39
C ALA A 1075 -34.61 62.40 34.01
N PRO A 1076 -33.82 61.94 34.99
CA PRO A 1076 -34.08 60.61 35.58
C PRO A 1076 -35.29 60.57 36.49
N ALA A 1077 -35.60 61.64 37.20
CA ALA A 1077 -36.67 61.63 38.18
C ALA A 1077 -37.19 63.05 38.35
N ILE A 1078 -38.36 63.16 38.98
CA ILE A 1078 -39.01 64.44 39.23
C ILE A 1078 -39.19 64.61 40.73
N CYS A 1079 -38.84 65.78 41.24
CA CYS A 1079 -39.06 66.12 42.64
C CYS A 1079 -40.34 66.92 42.77
N HIS A 1080 -41.32 66.37 43.48
CA HIS A 1080 -42.56 67.08 43.77
C HIS A 1080 -42.91 66.85 45.22
N ASP A 1081 -43.23 67.94 45.93
CA ASP A 1081 -43.60 67.92 47.35
C ASP A 1081 -42.49 67.30 48.20
N GLY A 1082 -41.25 67.53 47.81
CA GLY A 1082 -40.11 67.05 48.59
C GLY A 1082 -39.79 65.58 48.45
N LYS A 1083 -40.45 64.87 47.55
CA LYS A 1083 -40.18 63.46 47.33
C LYS A 1083 -39.98 63.18 45.85
N ALA A 1084 -39.20 62.16 45.55
CA ALA A 1084 -38.87 61.82 44.18
C ALA A 1084 -40.06 61.20 43.46
N HIS A 1085 -39.91 61.01 42.15
CA HIS A 1085 -40.93 60.37 41.35
C HIS A 1085 -40.25 59.61 40.21
N PHE A 1086 -40.74 58.41 39.95
CA PHE A 1086 -40.17 57.57 38.91
C PHE A 1086 -41.25 57.18 37.91
N PRO A 1087 -40.91 57.07 36.63
CA PRO A 1087 -41.92 56.64 35.65
C PRO A 1087 -42.17 55.15 35.79
N ARG A 1088 -43.44 54.77 35.69
CA ARG A 1088 -43.79 53.36 35.81
C ARG A 1088 -43.31 52.60 34.57
N GLU A 1089 -43.88 52.92 33.41
CA GLU A 1089 -43.48 52.34 32.13
C GLU A 1089 -43.26 53.48 31.15
N GLY A 1090 -42.01 53.88 30.97
CA GLY A 1090 -41.70 54.92 30.00
C GLY A 1090 -40.59 55.82 30.48
N VAL A 1091 -40.31 56.85 29.70
CA VAL A 1091 -39.26 57.81 29.96
C VAL A 1091 -39.80 59.21 29.69
N PHE A 1092 -39.17 60.21 30.30
CA PHE A 1092 -39.55 61.60 30.13
C PHE A 1092 -38.96 62.18 28.85
N VAL A 1093 -39.65 63.15 28.25
CA VAL A 1093 -39.34 63.63 26.91
C VAL A 1093 -38.99 65.12 26.88
N SER A 1094 -39.81 65.96 27.52
CA SER A 1094 -39.55 67.40 27.68
C SER A 1094 -39.36 68.09 26.33
N ASN A 1095 -40.47 68.20 25.59
CA ASN A 1095 -40.45 68.74 24.23
C ASN A 1095 -39.91 70.16 24.13
N GLY A 1096 -39.71 70.88 25.24
CA GLY A 1096 -39.09 72.19 25.22
C GLY A 1096 -39.69 73.15 26.22
N THR A 1097 -40.96 72.95 26.56
CA THR A 1097 -41.62 73.80 27.53
C THR A 1097 -42.30 72.98 28.62
N HIS A 1098 -42.76 71.79 28.29
CA HIS A 1098 -43.49 70.94 29.20
C HIS A 1098 -42.95 69.52 29.15
N TRP A 1099 -43.21 68.77 30.22
CA TRP A 1099 -42.66 67.44 30.39
C TRP A 1099 -43.75 66.39 30.24
N PHE A 1100 -43.49 65.36 29.44
CA PHE A 1100 -44.44 64.28 29.23
C PHE A 1100 -43.71 62.95 29.37
N VAL A 1101 -44.47 61.86 29.28
CA VAL A 1101 -43.93 60.51 29.35
C VAL A 1101 -44.48 59.72 28.16
N THR A 1102 -43.61 58.96 27.50
CA THR A 1102 -44.00 58.13 26.38
C THR A 1102 -43.31 56.78 26.50
N GLN A 1103 -43.80 55.80 25.73
CA GLN A 1103 -43.14 54.51 25.72
C GLN A 1103 -41.92 54.53 24.81
N ARG A 1104 -41.21 53.40 24.78
CA ARG A 1104 -39.87 53.39 24.20
C ARG A 1104 -39.86 53.24 22.68
N ASN A 1105 -40.83 52.57 22.07
CA ASN A 1105 -40.73 52.28 20.64
C ASN A 1105 -41.74 53.05 19.80
N PHE A 1106 -42.44 54.03 20.37
CA PHE A 1106 -43.36 54.86 19.62
C PHE A 1106 -43.60 56.14 20.39
N TYR A 1107 -43.54 57.27 19.70
CA TYR A 1107 -43.74 58.55 20.34
C TYR A 1107 -45.22 58.77 20.60
N GLU A 1108 -45.61 58.88 21.86
CA GLU A 1108 -46.99 59.14 22.24
C GLU A 1108 -46.99 59.79 23.61
N PRO A 1109 -46.97 61.12 23.65
CA PRO A 1109 -46.81 61.81 24.94
C PRO A 1109 -48.12 62.00 25.69
N GLN A 1110 -48.12 61.62 26.96
CA GLN A 1110 -49.23 61.89 27.86
C GLN A 1110 -48.74 62.78 28.99
N ILE A 1111 -49.66 63.57 29.54
CA ILE A 1111 -49.31 64.41 30.69
C ILE A 1111 -49.02 63.52 31.89
N ILE A 1112 -48.01 63.91 32.67
CA ILE A 1112 -47.56 63.08 33.79
C ILE A 1112 -48.60 63.10 34.90
N THR A 1113 -48.81 61.94 35.53
CA THR A 1113 -49.92 61.74 36.43
C THR A 1113 -49.47 60.78 37.52
N THR A 1114 -50.15 60.81 38.67
CA THR A 1114 -49.86 59.90 39.77
C THR A 1114 -50.10 58.45 39.38
N ASP A 1115 -50.97 58.18 38.41
CA ASP A 1115 -51.34 56.82 38.03
C ASP A 1115 -50.15 56.05 37.45
N ASN A 1116 -49.35 56.70 36.60
CA ASN A 1116 -48.21 56.05 35.98
C ASN A 1116 -46.88 56.50 36.58
N THR A 1117 -46.89 56.92 37.85
CA THR A 1117 -45.68 57.25 38.58
C THR A 1117 -45.77 56.69 39.99
N PHE A 1118 -44.65 56.20 40.50
CA PHE A 1118 -44.59 55.72 41.88
C PHE A 1118 -43.50 56.47 42.63
N VAL A 1119 -43.81 56.86 43.85
CA VAL A 1119 -42.90 57.60 44.71
C VAL A 1119 -41.96 56.62 45.42
N SER A 1120 -40.70 56.99 45.51
CA SER A 1120 -39.71 56.13 46.15
C SER A 1120 -38.57 56.98 46.68
N GLY A 1121 -38.11 56.63 47.89
CA GLY A 1121 -36.96 57.31 48.46
C GLY A 1121 -37.26 58.74 48.87
N ASN A 1122 -36.25 59.59 48.73
CA ASN A 1122 -36.31 60.99 49.11
C ASN A 1122 -35.70 61.82 48.00
N CYS A 1123 -36.06 63.11 47.96
CA CYS A 1123 -35.50 64.02 46.97
C CYS A 1123 -34.00 64.23 47.22
N ASP A 1124 -33.33 64.83 46.23
CA ASP A 1124 -31.91 65.22 46.08
C ASP A 1124 -30.90 64.14 46.49
N VAL A 1125 -31.31 62.86 46.51
CA VAL A 1125 -30.36 61.80 46.81
C VAL A 1125 -29.53 61.46 45.58
N VAL A 1126 -30.05 61.73 44.39
CA VAL A 1126 -29.37 61.41 43.14
C VAL A 1126 -29.38 62.65 42.25
N ILE A 1127 -28.24 62.90 41.59
CA ILE A 1127 -28.15 64.02 40.66
C ILE A 1127 -29.05 63.76 39.46
N GLY A 1128 -29.49 64.84 38.82
CA GLY A 1128 -30.34 64.77 37.65
C GLY A 1128 -31.80 65.03 37.90
N ILE A 1129 -32.25 65.02 39.15
CA ILE A 1129 -33.66 65.23 39.44
C ILE A 1129 -34.02 66.69 39.19
N VAL A 1130 -35.04 66.91 38.36
CA VAL A 1130 -35.48 68.24 38.02
C VAL A 1130 -36.84 68.51 38.65
N ASN A 1131 -37.29 69.76 38.57
CA ASN A 1131 -38.51 70.22 39.21
C ASN A 1131 -39.64 70.27 38.20
N ASN A 1132 -40.79 69.73 38.59
CA ASN A 1132 -42.03 69.86 37.84
C ASN A 1132 -43.18 69.68 38.82
N THR A 1133 -44.39 69.47 38.30
CA THR A 1133 -45.56 69.16 39.12
C THR A 1133 -46.27 67.95 38.53
N VAL A 1134 -46.10 66.80 39.17
CA VAL A 1134 -46.80 65.60 38.75
C VAL A 1134 -48.27 65.71 39.17
N TYR A 1135 -49.16 65.41 38.24
CA TYR A 1135 -50.58 65.64 38.46
C TYR A 1135 -51.20 64.52 39.28
N ASP A 1136 -52.19 64.89 40.10
CA ASP A 1136 -52.98 63.92 40.84
C ASP A 1136 -54.37 63.81 40.21
N PRO A 1137 -54.76 62.63 39.72
CA PRO A 1137 -56.06 62.52 39.05
C PRO A 1137 -57.25 62.57 40.00
N LEU A 1138 -57.03 62.32 41.29
CA LEU A 1138 -58.15 62.33 42.23
C LEU A 1138 -58.64 63.74 42.50
N GLN A 1139 -57.72 64.71 42.52
CA GLN A 1139 -58.07 66.09 42.88
C GLN A 1139 -59.11 66.76 41.97
N PRO A 1140 -59.02 66.71 40.61
CA PRO A 1140 -60.04 67.41 39.81
C PRO A 1140 -61.42 66.78 39.94
N GLU A 1141 -61.49 65.45 39.86
CA GLU A 1141 -62.78 64.77 39.90
C GLU A 1141 -63.44 64.87 41.26
N LEU A 1142 -62.65 64.91 42.34
CA LEU A 1142 -63.22 65.16 43.65
C LEU A 1142 -63.71 66.60 43.77
N ASP A 1143 -62.93 67.56 43.27
CA ASP A 1143 -63.32 68.96 43.31
C ASP A 1143 -64.32 69.31 42.22
N SER A 1144 -64.50 68.46 41.21
CA SER A 1144 -65.61 68.64 40.27
C SER A 1144 -66.95 68.34 40.92
N PHE A 1145 -66.95 67.59 42.02
CA PHE A 1145 -68.15 67.38 42.82
C PHE A 1145 -68.28 68.40 43.93
N LYS A 1146 -67.15 68.89 44.47
CA LYS A 1146 -67.18 69.87 45.55
C LYS A 1146 -67.46 71.28 45.07
N GLU A 1147 -67.32 71.56 43.77
CA GLU A 1147 -67.55 72.91 43.27
C GLU A 1147 -69.02 73.29 43.31
N GLU A 1148 -69.92 72.32 43.14
CA GLU A 1148 -71.34 72.56 43.19
C GLU A 1148 -71.88 72.69 44.61
N LEU A 1149 -71.04 72.44 45.62
CA LEU A 1149 -71.48 72.42 47.00
C LEU A 1149 -71.15 73.69 47.77
N ASP A 1150 -70.13 74.44 47.34
CA ASP A 1150 -69.84 75.73 47.94
C ASP A 1150 -70.92 76.75 47.62
N LYS A 1151 -71.64 76.58 46.51
CA LYS A 1151 -72.79 77.42 46.22
C LYS A 1151 -73.92 77.17 47.21
N TYR A 1152 -74.07 75.92 47.66
CA TYR A 1152 -75.08 75.59 48.65
C TYR A 1152 -74.80 76.27 49.98
N PHE A 1153 -73.53 76.34 50.36
CA PHE A 1153 -73.17 77.06 51.59
C PHE A 1153 -73.35 78.56 51.43
N LYS A 1154 -73.05 79.07 50.24
CA LYS A 1154 -73.21 80.51 50.00
C LYS A 1154 -74.68 80.91 49.92
N ASN A 1155 -75.51 80.09 49.29
CA ASN A 1155 -76.92 80.42 49.13
C ASN A 1155 -77.69 80.30 50.43
N HIS A 1156 -77.23 79.48 51.37
CA HIS A 1156 -77.92 79.31 52.65
C HIS A 1156 -77.58 80.42 53.64
N THR A 1157 -76.63 81.29 53.30
CA THR A 1157 -76.28 82.39 54.19
C THR A 1157 -77.35 83.47 54.20
N SER A 1158 -78.00 83.70 53.04
CA SER A 1158 -79.00 84.77 52.96
C SER A 1158 -80.25 84.50 53.81
N PRO A 1159 -80.86 83.28 53.82
CA PRO A 1159 -82.01 83.25 54.73
C PRO A 1159 -81.61 82.95 56.17
N GLN B 14 -18.78 -65.24 -7.14
CA GLN B 14 -19.81 -65.93 -7.91
C GLN B 14 -21.20 -65.53 -7.45
N CYS B 15 -22.04 -65.11 -8.40
CA CYS B 15 -23.41 -64.72 -8.07
C CYS B 15 -24.41 -65.47 -8.95
N VAL B 16 -25.69 -65.15 -8.79
CA VAL B 16 -26.76 -65.74 -9.58
C VAL B 16 -27.54 -64.61 -10.25
N ASN B 17 -27.69 -64.69 -11.56
CA ASN B 17 -28.48 -63.71 -12.30
C ASN B 17 -29.95 -64.02 -12.10
N LEU B 18 -30.58 -63.29 -11.17
CA LEU B 18 -32.01 -63.49 -10.91
C LEU B 18 -32.86 -63.04 -12.08
N THR B 19 -32.60 -61.84 -12.58
CA THR B 19 -33.39 -61.12 -13.59
C THR B 19 -34.84 -61.04 -13.11
N THR B 20 -35.79 -61.08 -14.06
CA THR B 20 -37.23 -61.00 -13.79
C THR B 20 -37.58 -59.78 -12.93
N ARG B 21 -36.97 -58.65 -13.26
CA ARG B 21 -37.07 -57.45 -12.44
C ARG B 21 -38.45 -56.81 -12.63
N THR B 22 -39.23 -56.75 -11.54
CA THR B 22 -40.52 -56.08 -11.54
C THR B 22 -40.29 -54.59 -11.27
N GLN B 23 -39.76 -53.90 -12.28
CA GLN B 23 -39.40 -52.50 -12.13
C GLN B 23 -40.63 -51.61 -12.23
N LEU B 24 -40.73 -50.64 -11.34
CA LEU B 24 -41.78 -49.65 -11.28
C LEU B 24 -41.15 -48.29 -11.07
N PRO B 25 -41.83 -47.20 -11.47
CA PRO B 25 -41.35 -45.86 -11.17
C PRO B 25 -41.34 -45.61 -9.66
N PRO B 26 -40.17 -45.30 -9.09
CA PRO B 26 -40.10 -45.06 -7.65
C PRO B 26 -40.75 -43.75 -7.27
N ALA B 27 -41.11 -43.64 -5.99
CA ALA B 27 -41.94 -42.53 -5.57
C ALA B 27 -41.08 -41.29 -5.29
N TYR B 28 -41.74 -40.13 -5.25
CA TYR B 28 -41.10 -38.86 -4.96
C TYR B 28 -41.73 -38.26 -3.72
N THR B 29 -40.89 -37.81 -2.78
CA THR B 29 -41.39 -37.26 -1.53
C THR B 29 -40.55 -36.05 -1.15
N ASN B 30 -41.19 -35.06 -0.51
CA ASN B 30 -40.46 -33.90 -0.01
C ASN B 30 -39.80 -34.22 1.33
N SER B 31 -38.50 -33.92 1.42
CA SER B 31 -37.73 -34.14 2.63
C SER B 31 -37.77 -32.87 3.47
N PHE B 32 -38.44 -32.93 4.62
CA PHE B 32 -38.75 -31.75 5.42
C PHE B 32 -37.52 -31.03 5.96
N THR B 33 -36.78 -31.66 6.88
CA THR B 33 -35.65 -31.00 7.53
C THR B 33 -34.43 -31.87 7.70
N ARG B 34 -34.41 -33.10 7.19
CA ARG B 34 -33.30 -34.00 7.43
C ARG B 34 -32.06 -33.57 6.64
N GLY B 35 -30.90 -34.01 7.10
CA GLY B 35 -29.65 -33.79 6.41
C GLY B 35 -28.69 -32.83 7.08
N VAL B 36 -29.01 -32.33 8.26
CA VAL B 36 -28.12 -31.39 8.96
C VAL B 36 -27.09 -32.20 9.74
N TYR B 37 -25.81 -31.93 9.49
CA TYR B 37 -24.72 -32.61 10.19
C TYR B 37 -23.78 -31.57 10.79
N TYR B 38 -22.95 -32.04 11.71
CA TYR B 38 -21.93 -31.18 12.30
C TYR B 38 -20.86 -30.89 11.27
N PRO B 39 -20.56 -29.61 10.98
CA PRO B 39 -19.58 -29.33 9.91
C PRO B 39 -18.16 -29.69 10.28
N ASP B 40 -17.78 -29.53 11.54
CA ASP B 40 -16.43 -29.84 11.99
C ASP B 40 -16.48 -30.12 13.48
N LYS B 41 -15.34 -30.52 14.05
CA LYS B 41 -15.27 -30.95 15.43
C LYS B 41 -15.16 -29.80 16.43
N VAL B 42 -15.14 -28.55 15.97
CA VAL B 42 -14.97 -27.41 16.87
C VAL B 42 -16.21 -27.22 17.71
N PHE B 43 -16.00 -27.04 19.00
CA PHE B 43 -17.15 -26.88 19.93
C PHE B 43 -17.39 -25.39 20.15
N ARG B 44 -18.64 -24.94 20.18
CA ARG B 44 -19.08 -23.56 20.49
C ARG B 44 -20.50 -23.74 21.00
N SER B 45 -21.03 -22.83 21.83
CA SER B 45 -22.33 -22.99 22.45
C SER B 45 -23.09 -21.67 22.50
N SER B 46 -24.42 -21.79 22.40
CA SER B 46 -25.37 -20.69 22.58
C SER B 46 -25.10 -19.54 21.62
N VAL B 47 -24.90 -19.88 20.34
CA VAL B 47 -24.54 -18.90 19.32
C VAL B 47 -25.42 -19.10 18.10
N LEU B 48 -25.15 -18.31 17.06
CA LEU B 48 -25.86 -18.38 15.78
C LEU B 48 -24.79 -18.27 14.70
N HIS B 49 -24.31 -19.41 14.21
CA HIS B 49 -23.15 -19.42 13.33
C HIS B 49 -23.57 -19.72 11.89
N SER B 50 -23.02 -18.95 10.95
CA SER B 50 -23.33 -19.09 9.54
C SER B 50 -22.19 -19.80 8.83
N THR B 51 -22.52 -20.83 8.07
CA THR B 51 -21.54 -21.60 7.32
C THR B 51 -22.00 -21.76 5.88
N GLN B 52 -21.11 -22.26 5.03
CA GLN B 52 -21.40 -22.44 3.61
C GLN B 52 -20.77 -23.75 3.16
N ASP B 53 -21.58 -24.81 3.13
CA ASP B 53 -21.09 -26.15 2.83
C ASP B 53 -22.08 -26.87 1.93
N LEU B 54 -21.81 -28.16 1.73
CA LEU B 54 -22.74 -29.03 1.00
C LEU B 54 -23.87 -29.43 1.93
N PHE B 55 -25.11 -29.35 1.44
CA PHE B 55 -26.26 -29.62 2.28
C PHE B 55 -27.38 -30.19 1.42
N LEU B 56 -28.35 -30.81 2.10
CA LEU B 56 -29.60 -31.19 1.47
C LEU B 56 -30.57 -30.02 1.57
N PRO B 57 -31.03 -29.45 0.46
CA PRO B 57 -31.94 -28.31 0.54
C PRO B 57 -33.28 -28.70 1.17
N PHE B 58 -33.87 -27.75 1.87
CA PHE B 58 -35.12 -28.02 2.58
C PHE B 58 -36.26 -28.19 1.59
N PHE B 59 -37.16 -29.15 1.91
CA PHE B 59 -38.35 -29.45 1.11
C PHE B 59 -37.99 -29.81 -0.33
N SER B 60 -36.96 -30.64 -0.47
CA SER B 60 -36.49 -31.08 -1.78
C SER B 60 -37.01 -32.48 -2.08
N ASN B 61 -36.99 -32.81 -3.37
CA ASN B 61 -37.48 -34.10 -3.85
C ASN B 61 -36.47 -35.19 -3.56
N VAL B 62 -36.88 -36.23 -2.85
CA VAL B 62 -36.07 -37.41 -2.62
C VAL B 62 -36.83 -38.61 -3.14
N THR B 63 -36.08 -39.64 -3.55
CA THR B 63 -36.64 -40.80 -4.20
C THR B 63 -36.86 -41.91 -3.18
N TRP B 64 -38.09 -42.42 -3.12
CA TRP B 64 -38.50 -43.44 -2.18
C TRP B 64 -38.62 -44.77 -2.91
N PHE B 65 -37.94 -45.79 -2.38
CA PHE B 65 -38.08 -47.16 -2.80
C PHE B 65 -38.64 -47.98 -1.65
N HIS B 66 -39.57 -48.89 -1.97
CA HIS B 66 -40.13 -49.79 -0.99
C HIS B 66 -40.28 -51.17 -1.61
N VAL B 67 -39.96 -52.21 -0.85
CA VAL B 67 -40.00 -53.57 -1.36
C VAL B 67 -40.85 -54.43 -0.44
N ILE B 68 -41.69 -55.26 -1.05
CA ILE B 68 -42.58 -56.18 -0.34
C ILE B 68 -42.73 -57.47 -1.15
N LYS B 75 -41.73 -60.53 -4.62
CA LYS B 75 -42.67 -59.76 -5.42
C LYS B 75 -41.98 -58.60 -6.11
N ARG B 76 -41.76 -57.52 -5.36
CA ARG B 76 -41.15 -56.31 -5.88
C ARG B 76 -39.76 -56.13 -5.28
N PHE B 77 -38.76 -55.96 -6.14
CA PHE B 77 -37.38 -55.78 -5.72
C PHE B 77 -36.84 -54.50 -6.34
N ASP B 78 -36.06 -53.75 -5.56
CA ASP B 78 -35.57 -52.43 -5.97
C ASP B 78 -34.15 -52.26 -5.47
N ASN B 79 -33.17 -52.44 -6.36
CA ASN B 79 -31.78 -52.13 -6.07
C ASN B 79 -31.05 -51.79 -7.36
N PRO B 80 -31.39 -50.65 -7.99
CA PRO B 80 -30.79 -50.33 -9.29
C PRO B 80 -29.48 -49.55 -9.16
N VAL B 81 -28.88 -49.21 -10.28
CA VAL B 81 -27.71 -48.33 -10.27
C VAL B 81 -28.17 -46.90 -10.02
N LEU B 82 -27.50 -46.21 -9.10
CA LEU B 82 -27.92 -44.88 -8.67
C LEU B 82 -26.73 -43.93 -8.75
N PRO B 83 -26.90 -42.76 -9.35
CA PRO B 83 -25.77 -41.83 -9.49
C PRO B 83 -25.39 -41.18 -8.17
N PHE B 84 -24.15 -40.72 -8.13
CA PHE B 84 -23.57 -40.06 -6.96
C PHE B 84 -22.91 -38.77 -7.41
N ASN B 85 -23.26 -37.67 -6.73
CA ASN B 85 -22.61 -36.39 -6.96
C ASN B 85 -22.80 -35.50 -5.75
N ASP B 86 -21.70 -34.86 -5.31
CA ASP B 86 -21.68 -33.90 -4.21
C ASP B 86 -22.15 -34.48 -2.87
N GLY B 87 -22.09 -35.80 -2.72
CA GLY B 87 -22.56 -36.39 -1.48
C GLY B 87 -24.01 -36.83 -1.57
N VAL B 88 -24.32 -37.90 -0.84
CA VAL B 88 -25.66 -38.50 -0.88
C VAL B 88 -26.12 -38.78 0.55
N TYR B 89 -27.36 -38.37 0.85
CA TYR B 89 -28.00 -38.67 2.11
C TYR B 89 -28.93 -39.86 1.92
N PHE B 90 -28.68 -40.93 2.67
CA PHE B 90 -29.43 -42.18 2.57
C PHE B 90 -30.22 -42.38 3.85
N ALA B 91 -31.46 -42.83 3.74
CA ALA B 91 -32.28 -43.06 4.91
C ALA B 91 -33.04 -44.37 4.75
N SER B 92 -33.40 -44.98 5.87
CA SER B 92 -34.16 -46.23 5.83
C SER B 92 -34.97 -46.37 7.10
N ILE B 93 -36.11 -47.06 7.00
CA ILE B 93 -36.94 -47.36 8.15
C ILE B 93 -37.17 -48.87 8.21
N GLU B 94 -36.82 -49.48 9.34
CA GLU B 94 -36.80 -50.94 9.46
C GLU B 94 -36.64 -51.32 10.92
N LYS B 95 -37.09 -52.55 11.22
CA LYS B 95 -36.72 -53.27 12.44
C LYS B 95 -36.06 -54.62 12.16
N SER B 96 -36.48 -55.32 11.10
CA SER B 96 -35.90 -56.61 10.76
C SER B 96 -34.45 -56.50 10.33
N ASN B 97 -34.01 -55.33 9.85
CA ASN B 97 -32.63 -55.02 9.50
C ASN B 97 -32.11 -55.96 8.41
N ILE B 98 -32.75 -55.82 7.24
CA ILE B 98 -32.48 -56.71 6.12
C ILE B 98 -31.41 -56.07 5.23
N ILE B 99 -31.37 -54.73 5.22
CA ILE B 99 -30.35 -54.02 4.46
C ILE B 99 -29.00 -54.20 5.12
N ARG B 100 -27.95 -54.36 4.31
CA ARG B 100 -26.64 -54.72 4.83
C ARG B 100 -25.59 -53.63 4.63
N GLY B 101 -25.34 -53.21 3.40
CA GLY B 101 -24.20 -52.34 3.12
C GLY B 101 -24.34 -51.53 1.84
N TRP B 102 -23.20 -51.15 1.27
CA TRP B 102 -23.13 -50.24 0.14
C TRP B 102 -21.96 -50.60 -0.75
N ILE B 103 -22.08 -50.24 -2.03
CA ILE B 103 -21.03 -50.42 -3.03
C ILE B 103 -20.70 -49.05 -3.60
N PHE B 104 -19.42 -48.69 -3.59
CA PHE B 104 -18.96 -47.41 -4.10
C PHE B 104 -17.88 -47.65 -5.15
N GLY B 105 -17.93 -46.85 -6.21
CA GLY B 105 -16.93 -46.97 -7.26
C GLY B 105 -17.32 -46.15 -8.46
N THR B 106 -16.61 -46.41 -9.56
CA THR B 106 -16.82 -45.71 -10.82
C THR B 106 -17.14 -46.63 -11.99
N THR B 107 -16.64 -47.86 -12.00
CA THR B 107 -16.93 -48.80 -13.07
C THR B 107 -17.47 -50.13 -12.57
N LEU B 108 -16.96 -50.61 -11.42
CA LEU B 108 -17.39 -51.87 -10.79
C LEU B 108 -17.23 -53.06 -11.73
N ASP B 109 -16.02 -53.21 -12.28
CA ASP B 109 -15.74 -54.30 -13.22
C ASP B 109 -14.37 -54.91 -13.00
N SER B 110 -13.88 -54.89 -11.76
CA SER B 110 -12.55 -55.37 -11.35
C SER B 110 -11.42 -54.69 -12.13
N LYS B 111 -11.67 -53.49 -12.65
CA LYS B 111 -10.65 -52.72 -13.35
C LYS B 111 -10.32 -51.41 -12.64
N THR B 112 -11.22 -50.90 -11.80
CA THR B 112 -11.01 -49.69 -11.04
C THR B 112 -11.17 -49.98 -9.55
N GLN B 113 -10.52 -49.15 -8.74
CA GLN B 113 -10.56 -49.31 -7.29
C GLN B 113 -11.96 -49.05 -6.76
N SER B 114 -12.46 -49.95 -5.90
CA SER B 114 -13.84 -49.87 -5.45
C SER B 114 -13.92 -50.18 -3.96
N LEU B 115 -14.93 -49.59 -3.32
CA LEU B 115 -15.15 -49.70 -1.89
C LEU B 115 -16.44 -50.48 -1.62
N LEU B 116 -16.43 -51.25 -0.54
CA LEU B 116 -17.56 -52.11 -0.18
C LEU B 116 -17.75 -52.01 1.33
N ILE B 117 -18.90 -51.45 1.73
CA ILE B 117 -19.31 -51.43 3.12
C ILE B 117 -20.23 -52.64 3.31
N VAL B 118 -19.96 -53.47 4.31
CA VAL B 118 -20.86 -54.59 4.57
C VAL B 118 -20.92 -54.86 6.07
N ASN B 119 -22.07 -55.33 6.52
CA ASN B 119 -22.28 -55.70 7.92
C ASN B 119 -21.90 -57.16 8.11
N ASN B 120 -20.80 -57.41 8.80
CA ASN B 120 -20.47 -58.75 9.25
C ASN B 120 -21.38 -59.16 10.39
N ALA B 121 -21.41 -60.46 10.68
CA ALA B 121 -22.27 -60.98 11.74
C ALA B 121 -21.89 -60.42 13.10
N THR B 122 -20.59 -60.30 13.37
CA THR B 122 -20.10 -59.78 14.64
C THR B 122 -19.35 -58.47 14.50
N ASN B 123 -19.14 -57.97 13.28
CA ASN B 123 -18.35 -56.76 13.05
C ASN B 123 -18.92 -56.05 11.83
N VAL B 124 -18.13 -55.13 11.27
CA VAL B 124 -18.40 -54.52 9.97
C VAL B 124 -17.12 -54.62 9.14
N VAL B 125 -17.27 -54.86 7.85
CA VAL B 125 -16.13 -55.03 6.95
C VAL B 125 -16.12 -53.89 5.94
N ILE B 126 -14.97 -53.25 5.81
CA ILE B 126 -14.74 -52.14 4.89
C ILE B 126 -13.66 -52.61 3.94
N LYS B 127 -14.03 -52.96 2.70
CA LYS B 127 -13.09 -53.55 1.75
C LYS B 127 -12.83 -52.58 0.62
N VAL B 128 -11.56 -52.27 0.38
CA VAL B 128 -11.14 -51.35 -0.67
C VAL B 128 -10.20 -52.11 -1.59
N CYS B 129 -10.70 -52.50 -2.77
CA CYS B 129 -9.99 -53.46 -3.60
C CYS B 129 -10.59 -53.45 -5.02
N GLU B 130 -10.13 -54.38 -5.84
CA GLU B 130 -10.67 -54.57 -7.19
C GLU B 130 -11.73 -55.67 -7.13
N PHE B 131 -12.98 -55.30 -7.40
CA PHE B 131 -14.12 -56.19 -7.28
C PHE B 131 -14.82 -56.38 -8.62
N GLN B 132 -14.97 -57.64 -9.03
CA GLN B 132 -15.74 -58.02 -10.22
C GLN B 132 -17.21 -58.15 -9.80
N PHE B 133 -17.87 -57.01 -9.68
CA PHE B 133 -19.25 -56.99 -9.22
C PHE B 133 -20.19 -57.58 -10.27
N CYS B 134 -21.14 -58.38 -9.79
CA CYS B 134 -22.07 -59.07 -10.66
C CYS B 134 -23.18 -58.11 -11.09
N ASN B 135 -24.10 -58.61 -11.91
CA ASN B 135 -25.23 -57.80 -12.35
C ASN B 135 -26.21 -57.55 -11.21
N ASP B 136 -26.33 -58.49 -10.28
CA ASP B 136 -27.25 -58.38 -9.14
C ASP B 136 -26.46 -58.38 -7.83
N PRO B 137 -26.30 -57.24 -7.10
CA PRO B 137 -25.64 -57.28 -5.78
C PRO B 137 -26.63 -57.82 -4.72
N PHE B 138 -26.78 -59.14 -4.64
CA PHE B 138 -27.76 -59.76 -3.70
C PHE B 138 -27.04 -60.71 -2.74
N LEU B 139 -27.41 -60.67 -1.46
CA LEU B 139 -26.75 -61.55 -0.44
C LEU B 139 -27.74 -62.60 0.08
N ASP B 140 -28.89 -62.78 -0.56
CA ASP B 140 -29.92 -63.72 0.00
C ASP B 140 -29.99 -65.03 -0.80
N HIS B 141 -30.69 -65.03 -1.95
CA HIS B 141 -31.96 -65.78 -2.10
C HIS B 141 -31.78 -67.25 -1.69
N LYS B 142 -32.08 -67.58 -0.43
CA LYS B 142 -31.99 -68.99 0.05
C LYS B 142 -33.14 -69.29 1.02
N ASN B 143 -33.54 -70.57 1.14
CA ASN B 143 -34.62 -70.98 2.08
C ASN B 143 -35.70 -69.89 2.13
N ASN B 144 -36.41 -69.67 1.03
CA ASN B 144 -37.38 -68.57 0.92
C ASN B 144 -37.31 -67.52 2.04
N LYS B 145 -38.30 -67.49 2.95
CA LYS B 145 -38.42 -66.41 3.92
C LYS B 145 -37.30 -66.39 4.96
N SER B 146 -36.63 -67.52 5.18
CA SER B 146 -35.56 -67.56 6.18
C SER B 146 -34.34 -66.78 5.70
N TRP B 147 -33.61 -66.18 6.64
CA TRP B 147 -32.47 -65.31 6.24
C TRP B 147 -31.15 -66.10 6.12
N MET B 148 -30.63 -66.25 4.90
CA MET B 148 -29.33 -66.92 4.70
C MET B 148 -28.40 -66.01 3.90
N GLU B 149 -27.17 -65.79 4.36
CA GLU B 149 -26.21 -64.90 3.66
C GLU B 149 -25.44 -65.68 2.58
N SER B 150 -26.12 -66.06 1.49
CA SER B 150 -25.48 -66.84 0.40
C SER B 150 -24.71 -65.93 -0.56
N GLU B 151 -23.92 -66.52 -1.47
CA GLU B 151 -23.14 -65.73 -2.47
C GLU B 151 -22.19 -64.76 -1.76
N PHE B 152 -21.54 -65.21 -0.69
CA PHE B 152 -20.55 -64.36 0.04
C PHE B 152 -19.66 -63.63 -0.97
N ARG B 153 -19.08 -64.36 -1.93
CA ARG B 153 -18.15 -63.73 -2.86
C ARG B 153 -18.95 -63.11 -4.01
N VAL B 154 -19.33 -61.85 -3.83
CA VAL B 154 -20.00 -61.10 -4.89
C VAL B 154 -19.02 -60.59 -5.94
N TYR B 155 -17.72 -60.72 -5.70
CA TYR B 155 -16.70 -60.43 -6.69
C TYR B 155 -15.94 -61.71 -7.02
N SER B 156 -15.52 -61.84 -8.28
CA SER B 156 -14.82 -63.05 -8.69
C SER B 156 -13.40 -63.09 -8.13
N SER B 157 -12.68 -61.98 -8.19
CA SER B 157 -11.30 -61.95 -7.72
C SER B 157 -11.02 -60.59 -7.10
N ALA B 158 -9.97 -60.55 -6.27
CA ALA B 158 -9.52 -59.34 -5.59
C ALA B 158 -8.08 -59.07 -6.02
N ASN B 159 -7.92 -58.18 -6.99
CA ASN B 159 -6.60 -57.97 -7.60
C ASN B 159 -5.74 -57.03 -6.76
N ASN B 160 -6.16 -55.79 -6.59
CA ASN B 160 -5.37 -54.75 -5.93
C ASN B 160 -6.09 -54.31 -4.67
N CYS B 161 -5.86 -55.03 -3.57
CA CYS B 161 -6.44 -54.68 -2.29
C CYS B 161 -5.53 -53.69 -1.59
N THR B 162 -6.10 -52.59 -1.09
CA THR B 162 -5.31 -51.51 -0.52
C THR B 162 -5.63 -51.20 0.93
N PHE B 163 -6.89 -51.29 1.34
CA PHE B 163 -7.29 -50.81 2.65
C PHE B 163 -8.18 -51.84 3.33
N GLU B 164 -8.11 -51.88 4.65
CA GLU B 164 -8.89 -52.78 5.49
C GLU B 164 -9.29 -52.05 6.76
N TYR B 165 -10.51 -52.31 7.24
CA TYR B 165 -11.01 -51.66 8.43
C TYR B 165 -12.09 -52.53 9.06
N VAL B 166 -11.96 -52.80 10.35
CA VAL B 166 -12.98 -53.49 11.14
C VAL B 166 -13.16 -52.74 12.44
N SER B 167 -14.40 -52.37 12.74
CA SER B 167 -14.71 -51.63 13.96
C SER B 167 -15.95 -52.24 14.60
N GLN B 168 -16.49 -51.54 15.59
CA GLN B 168 -17.66 -52.02 16.30
C GLN B 168 -18.89 -51.97 15.39
N PRO B 169 -19.62 -53.07 15.24
CA PRO B 169 -20.85 -53.05 14.45
C PRO B 169 -21.91 -52.16 15.07
N PHE B 170 -22.73 -51.57 14.21
CA PHE B 170 -23.71 -50.58 14.64
C PHE B 170 -24.96 -51.29 15.17
N LEU B 171 -26.03 -50.53 15.40
CA LEU B 171 -27.22 -51.06 16.05
C LEU B 171 -28.07 -51.83 15.03
N MET B 172 -27.59 -53.01 14.67
CA MET B 172 -28.33 -53.96 13.85
C MET B 172 -28.65 -55.19 14.68
N ASP B 173 -29.94 -55.55 14.72
CA ASP B 173 -30.44 -56.59 15.61
C ASP B 173 -30.38 -57.95 14.93
N LEU B 174 -31.01 -58.95 15.54
CA LEU B 174 -30.98 -60.32 15.08
C LEU B 174 -32.33 -60.72 14.50
N GLU B 175 -32.29 -61.66 13.54
CA GLU B 175 -33.44 -62.25 12.87
C GLU B 175 -34.28 -61.20 12.15
N GLY B 176 -35.52 -61.56 11.81
CA GLY B 176 -36.39 -60.66 11.07
C GLY B 176 -37.82 -60.64 11.57
N LYS B 177 -38.35 -59.45 11.83
CA LYS B 177 -39.73 -59.27 12.28
C LYS B 177 -40.46 -58.42 11.26
N GLN B 178 -41.59 -58.94 10.76
CA GLN B 178 -42.40 -58.17 9.82
C GLN B 178 -43.16 -57.08 10.56
N GLY B 179 -43.18 -55.88 9.97
CA GLY B 179 -43.80 -54.74 10.62
C GLY B 179 -42.99 -54.25 11.81
N ASN B 180 -43.62 -53.35 12.56
CA ASN B 180 -43.07 -52.77 13.79
C ASN B 180 -41.71 -52.12 13.57
N PHE B 181 -41.58 -51.40 12.45
CA PHE B 181 -40.32 -50.75 12.09
C PHE B 181 -40.09 -49.58 13.02
N LYS B 182 -39.24 -49.77 14.03
CA LYS B 182 -38.93 -48.73 14.99
C LYS B 182 -37.55 -48.12 14.78
N ASN B 183 -36.74 -48.66 13.88
CA ASN B 183 -35.37 -48.20 13.68
C ASN B 183 -35.33 -47.32 12.44
N LEU B 184 -35.09 -46.02 12.63
CA LEU B 184 -34.89 -45.10 11.52
C LEU B 184 -33.41 -44.77 11.44
N ARG B 185 -32.78 -45.14 10.33
CA ARG B 185 -31.34 -45.01 10.16
C ARG B 185 -31.05 -43.98 9.08
N GLU B 186 -30.24 -42.98 9.44
CA GLU B 186 -29.78 -41.95 8.50
C GLU B 186 -28.28 -42.05 8.36
N PHE B 187 -27.80 -42.03 7.12
CA PHE B 187 -26.38 -42.03 6.83
C PHE B 187 -26.12 -40.95 5.79
N VAL B 188 -24.92 -40.35 5.86
CA VAL B 188 -24.49 -39.36 4.89
C VAL B 188 -23.14 -39.78 4.37
N PHE B 189 -23.02 -39.93 3.05
CA PHE B 189 -21.78 -40.32 2.41
C PHE B 189 -21.25 -39.14 1.62
N LYS B 190 -20.00 -38.76 1.89
CA LYS B 190 -19.39 -37.63 1.23
C LYS B 190 -17.96 -37.97 0.83
N ASN B 191 -17.52 -37.40 -0.29
CA ASN B 191 -16.14 -37.51 -0.74
C ASN B 191 -15.63 -36.11 -1.06
N ILE B 192 -14.58 -35.68 -0.36
CA ILE B 192 -14.01 -34.36 -0.59
C ILE B 192 -12.52 -34.39 -0.23
N ASP B 193 -11.69 -33.87 -1.14
CA ASP B 193 -10.23 -33.78 -0.98
C ASP B 193 -9.61 -35.16 -0.75
N GLY B 194 -10.14 -36.17 -1.42
CA GLY B 194 -9.66 -37.52 -1.22
C GLY B 194 -10.09 -38.17 0.08
N TYR B 195 -10.97 -37.51 0.83
CA TYR B 195 -11.40 -38.00 2.13
C TYR B 195 -12.85 -38.48 2.04
N PHE B 196 -13.07 -39.68 2.52
CA PHE B 196 -14.39 -40.32 2.55
C PHE B 196 -14.96 -40.13 3.95
N LYS B 197 -16.11 -39.47 4.04
CA LYS B 197 -16.75 -39.19 5.31
C LYS B 197 -18.08 -39.90 5.37
N ILE B 198 -18.26 -40.69 6.43
CA ILE B 198 -19.50 -41.40 6.71
C ILE B 198 -20.06 -40.85 8.01
N TYR B 199 -21.27 -40.31 7.96
CA TYR B 199 -21.95 -39.81 9.15
C TYR B 199 -23.19 -40.66 9.40
N SER B 200 -23.52 -40.85 10.68
CA SER B 200 -24.57 -41.79 11.06
C SER B 200 -25.51 -41.19 12.09
N LYS B 201 -26.73 -41.70 12.11
CA LYS B 201 -27.73 -41.34 13.12
C LYS B 201 -28.78 -42.44 13.17
N HIS B 202 -29.25 -42.76 14.38
CA HIS B 202 -30.28 -43.76 14.59
C HIS B 202 -31.36 -43.20 15.50
N THR B 203 -32.62 -43.47 15.15
CA THR B 203 -33.77 -43.04 15.93
C THR B 203 -34.65 -44.23 16.26
N PRO B 204 -34.79 -44.60 17.53
CA PRO B 204 -35.72 -45.66 17.92
C PRO B 204 -37.18 -45.21 17.86
N ILE B 205 -38.06 -46.12 18.30
CA ILE B 205 -39.51 -45.99 18.53
C ILE B 205 -40.24 -45.12 17.51
N ILE B 206 -40.13 -45.48 16.23
CA ILE B 206 -40.86 -44.79 15.17
C ILE B 206 -42.28 -45.33 15.14
N VAL B 207 -43.21 -44.64 15.83
CA VAL B 207 -44.59 -45.06 15.90
C VAL B 207 -45.37 -44.71 14.63
N ARG B 208 -44.89 -43.74 13.85
CA ARG B 208 -45.52 -43.38 12.59
C ARG B 208 -45.36 -44.52 11.58
N GLU B 209 -46.32 -44.60 10.66
CA GLU B 209 -46.27 -45.61 9.61
C GLU B 209 -45.06 -45.37 8.70
N PRO B 210 -44.43 -46.44 8.19
CA PRO B 210 -43.18 -46.30 7.43
C PRO B 210 -43.39 -45.74 6.02
N GLU B 211 -43.87 -44.50 5.94
CA GLU B 211 -44.11 -43.84 4.68
C GLU B 211 -43.81 -42.35 4.80
N ASP B 212 -43.24 -41.80 3.71
CA ASP B 212 -43.07 -40.37 3.43
C ASP B 212 -42.47 -39.57 4.60
N LEU B 213 -41.61 -40.23 5.40
CA LEU B 213 -40.80 -39.68 6.50
C LEU B 213 -41.63 -39.13 7.67
N PRO B 214 -41.07 -39.10 8.88
CA PRO B 214 -41.74 -38.39 9.98
C PRO B 214 -41.39 -36.91 9.96
N GLN B 215 -41.86 -36.18 10.97
CA GLN B 215 -41.54 -34.77 11.14
C GLN B 215 -40.68 -34.61 12.38
N GLY B 216 -39.54 -33.95 12.22
CA GLY B 216 -38.64 -33.74 13.34
C GLY B 216 -37.25 -33.29 12.94
N PHE B 217 -36.57 -32.60 13.85
CA PHE B 217 -35.23 -32.10 13.61
C PHE B 217 -34.22 -32.99 14.33
N SER B 218 -33.25 -33.51 13.58
CA SER B 218 -32.25 -34.42 14.13
C SER B 218 -30.91 -34.13 13.46
N ALA B 219 -30.00 -33.54 14.22
CA ALA B 219 -28.66 -33.27 13.70
C ALA B 219 -27.87 -34.56 13.57
N LEU B 220 -26.80 -34.49 12.78
CA LEU B 220 -25.93 -35.63 12.55
C LEU B 220 -24.52 -35.31 13.03
N GLU B 221 -23.78 -36.35 13.39
CA GLU B 221 -22.47 -36.24 13.99
C GLU B 221 -21.43 -37.00 13.17
N PRO B 222 -20.16 -36.60 13.22
CA PRO B 222 -19.14 -37.33 12.48
C PRO B 222 -18.90 -38.72 13.05
N LEU B 223 -18.83 -39.70 12.16
CA LEU B 223 -18.61 -41.08 12.56
C LEU B 223 -17.28 -41.62 12.06
N VAL B 224 -17.04 -41.62 10.74
CA VAL B 224 -15.85 -42.23 10.16
C VAL B 224 -15.26 -41.31 9.11
N ASP B 225 -13.97 -41.02 9.24
CA ASP B 225 -13.22 -40.24 8.26
C ASP B 225 -12.08 -41.09 7.74
N LEU B 226 -11.97 -41.22 6.42
CA LEU B 226 -10.98 -42.10 5.81
C LEU B 226 -10.18 -41.36 4.76
N PRO B 227 -8.85 -41.49 4.76
CA PRO B 227 -8.01 -40.93 3.68
C PRO B 227 -7.75 -41.93 2.56
N ILE B 228 -8.78 -42.17 1.74
CA ILE B 228 -8.73 -43.21 0.72
C ILE B 228 -8.29 -42.65 -0.63
N GLY B 229 -8.77 -41.47 -1.01
CA GLY B 229 -8.37 -40.83 -2.25
C GLY B 229 -8.74 -41.53 -3.54
N ILE B 230 -9.99 -41.97 -3.68
CA ILE B 230 -10.46 -42.58 -4.91
C ILE B 230 -11.61 -41.76 -5.49
N ASN B 231 -12.12 -42.18 -6.64
CA ASN B 231 -13.18 -41.46 -7.35
C ASN B 231 -14.52 -42.14 -7.11
N ILE B 232 -15.57 -41.31 -7.03
CA ILE B 232 -16.93 -41.78 -6.81
C ILE B 232 -17.84 -41.14 -7.86
N THR B 233 -18.59 -41.96 -8.58
CA THR B 233 -19.56 -41.44 -9.56
C THR B 233 -20.94 -42.03 -9.34
N ARG B 234 -21.01 -43.26 -8.85
CA ARG B 234 -22.30 -43.92 -8.66
C ARG B 234 -22.17 -44.94 -7.54
N PHE B 235 -23.32 -45.33 -6.98
CA PHE B 235 -23.36 -46.27 -5.88
C PHE B 235 -24.62 -47.12 -5.96
N GLN B 236 -24.54 -48.30 -5.34
CA GLN B 236 -25.67 -49.23 -5.29
C GLN B 236 -25.71 -49.87 -3.91
N THR B 237 -26.90 -49.95 -3.32
CA THR B 237 -27.06 -50.46 -1.97
C THR B 237 -27.07 -51.99 -1.94
N LEU B 238 -27.02 -52.57 -0.74
CA LEU B 238 -26.99 -54.05 -0.59
C LEU B 238 -28.28 -54.51 0.10
N LEU B 239 -28.94 -55.53 -0.47
CA LEU B 239 -30.17 -56.09 0.16
C LEU B 239 -29.98 -57.59 0.37
N ALA B 240 -30.29 -58.10 1.57
CA ALA B 240 -30.20 -59.55 1.83
C ALA B 240 -31.58 -60.12 2.12
N SER B 251 -31.82 -74.12 -4.94
CA SER B 251 -32.78 -73.03 -4.82
C SER B 251 -32.08 -71.69 -4.67
N SER B 252 -32.34 -70.78 -5.61
CA SER B 252 -31.75 -69.45 -5.57
C SER B 252 -32.78 -68.38 -5.91
N SER B 253 -34.05 -68.64 -5.62
CA SER B 253 -35.12 -67.69 -5.91
C SER B 253 -36.22 -67.84 -4.87
N GLY B 254 -37.10 -66.84 -4.79
CA GLY B 254 -38.28 -66.97 -3.90
C GLY B 254 -38.16 -66.21 -2.60
N TRP B 255 -38.57 -64.93 -2.57
CA TRP B 255 -38.58 -64.19 -1.29
C TRP B 255 -39.94 -63.52 -1.08
N THR B 256 -40.60 -63.77 0.06
CA THR B 256 -41.90 -63.15 0.39
C THR B 256 -41.88 -62.84 1.89
N ALA B 257 -41.42 -61.65 2.29
CA ALA B 257 -41.24 -61.36 3.69
C ALA B 257 -41.68 -59.92 3.94
N GLY B 258 -41.31 -59.37 5.10
CA GLY B 258 -41.71 -58.03 5.46
C GLY B 258 -41.10 -56.97 4.56
N ALA B 259 -41.73 -55.80 4.56
CA ALA B 259 -41.35 -54.71 3.68
C ALA B 259 -40.04 -54.08 4.12
N ALA B 260 -39.43 -53.34 3.20
CA ALA B 260 -38.28 -52.52 3.52
C ALA B 260 -38.38 -51.22 2.73
N ALA B 261 -38.34 -50.10 3.43
CA ALA B 261 -38.51 -48.78 2.84
C ALA B 261 -37.26 -47.95 3.06
N TYR B 262 -36.72 -47.39 1.98
CA TYR B 262 -35.56 -46.53 2.06
C TYR B 262 -35.71 -45.36 1.09
N TYR B 263 -34.90 -44.34 1.32
CA TYR B 263 -34.96 -43.07 0.61
C TYR B 263 -33.55 -42.65 0.23
N VAL B 264 -33.42 -42.07 -0.96
CA VAL B 264 -32.15 -41.55 -1.44
C VAL B 264 -32.36 -40.09 -1.87
N GLY B 265 -31.32 -39.28 -1.68
CA GLY B 265 -31.39 -37.88 -2.05
C GLY B 265 -30.09 -37.38 -2.65
N TYR B 266 -29.95 -36.06 -2.78
CA TYR B 266 -28.73 -35.48 -3.34
C TYR B 266 -28.41 -34.19 -2.61
N LEU B 267 -27.12 -33.86 -2.54
CA LEU B 267 -26.64 -32.68 -1.85
C LEU B 267 -26.16 -31.64 -2.86
N GLN B 268 -26.26 -30.37 -2.47
CA GLN B 268 -25.88 -29.23 -3.29
C GLN B 268 -25.20 -28.20 -2.41
N PRO B 269 -24.33 -27.36 -2.98
CA PRO B 269 -23.73 -26.28 -2.19
C PRO B 269 -24.78 -25.27 -1.74
N ARG B 270 -24.62 -24.79 -0.49
CA ARG B 270 -25.60 -23.90 0.11
C ARG B 270 -24.95 -23.17 1.28
N THR B 271 -25.63 -22.13 1.72
CA THR B 271 -25.27 -21.40 2.94
C THR B 271 -26.35 -21.66 3.98
N PHE B 272 -25.93 -22.04 5.19
CA PHE B 272 -26.84 -22.40 6.25
C PHE B 272 -26.51 -21.60 7.50
N LEU B 273 -27.49 -21.50 8.39
CA LEU B 273 -27.33 -20.87 9.69
C LEU B 273 -27.74 -21.87 10.76
N LEU B 274 -26.87 -22.05 11.76
CA LEU B 274 -27.06 -23.04 12.80
C LEU B 274 -27.19 -22.36 14.15
N LYS B 275 -28.22 -22.73 14.90
CA LYS B 275 -28.48 -22.19 16.23
C LYS B 275 -27.95 -23.18 17.26
N TYR B 276 -27.05 -22.70 18.13
CA TYR B 276 -26.35 -23.56 19.07
C TYR B 276 -26.74 -23.19 20.49
N ASN B 277 -26.86 -24.20 21.34
CA ASN B 277 -27.04 -24.09 22.78
C ASN B 277 -25.90 -24.85 23.44
N GLU B 278 -26.03 -25.13 24.74
CA GLU B 278 -24.99 -25.79 25.52
C GLU B 278 -25.44 -27.13 26.09
N ASN B 279 -26.34 -27.84 25.40
CA ASN B 279 -26.92 -29.06 25.96
C ASN B 279 -26.76 -30.30 25.09
N GLY B 280 -25.73 -30.36 24.24
CA GLY B 280 -25.39 -31.58 23.54
C GLY B 280 -25.96 -31.75 22.13
N THR B 281 -26.86 -30.87 21.68
CA THR B 281 -27.52 -31.09 20.40
C THR B 281 -27.72 -29.76 19.69
N ILE B 282 -27.59 -29.77 18.36
CA ILE B 282 -27.97 -28.62 17.57
C ILE B 282 -29.50 -28.49 17.60
N THR B 283 -29.99 -27.35 18.11
CA THR B 283 -31.42 -27.20 18.33
C THR B 283 -32.18 -27.04 17.02
N ASP B 284 -31.72 -26.14 16.15
CA ASP B 284 -32.44 -25.84 14.92
C ASP B 284 -31.50 -25.20 13.91
N ALA B 285 -31.91 -25.24 12.65
CA ALA B 285 -31.18 -24.60 11.57
C ALA B 285 -32.16 -24.01 10.58
N VAL B 286 -31.73 -22.98 9.86
CA VAL B 286 -32.60 -22.26 8.93
C VAL B 286 -31.90 -22.15 7.58
N ASP B 287 -32.68 -22.31 6.51
CA ASP B 287 -32.18 -22.19 5.14
C ASP B 287 -31.91 -20.73 4.80
N CYS B 288 -31.40 -20.50 3.59
CA CYS B 288 -31.13 -19.15 3.11
C CYS B 288 -31.60 -18.89 1.70
N ALA B 289 -31.95 -19.91 0.92
CA ALA B 289 -32.35 -19.72 -0.47
C ALA B 289 -33.67 -20.41 -0.74
N LEU B 290 -34.60 -20.32 0.20
CA LEU B 290 -35.93 -20.92 0.07
C LEU B 290 -37.04 -19.89 0.09
N ASP B 291 -37.00 -18.95 1.03
CA ASP B 291 -38.06 -17.98 1.24
C ASP B 291 -37.40 -16.62 1.43
N PRO B 292 -38.13 -15.53 1.15
CA PRO B 292 -37.63 -14.21 1.56
C PRO B 292 -37.42 -14.10 3.06
N LEU B 293 -38.28 -14.74 3.85
CA LEU B 293 -38.12 -14.71 5.30
C LEU B 293 -36.86 -15.45 5.74
N SER B 294 -36.46 -16.49 5.02
CA SER B 294 -35.28 -17.26 5.41
C SER B 294 -34.01 -16.43 5.25
N GLU B 295 -33.85 -15.77 4.11
CA GLU B 295 -32.68 -14.91 3.93
C GLU B 295 -32.78 -13.62 4.72
N THR B 296 -33.99 -13.18 5.06
CA THR B 296 -34.14 -12.11 6.03
C THR B 296 -33.60 -12.52 7.39
N LYS B 297 -33.89 -13.76 7.80
CA LYS B 297 -33.31 -14.32 9.02
C LYS B 297 -31.80 -14.47 8.90
N CYS B 298 -31.30 -14.73 7.69
CA CYS B 298 -29.86 -14.87 7.51
C CYS B 298 -29.14 -13.54 7.62
N THR B 299 -29.71 -12.47 7.05
CA THR B 299 -29.02 -11.19 7.01
C THR B 299 -29.09 -10.41 8.32
N LEU B 300 -30.00 -10.78 9.22
CA LEU B 300 -30.06 -10.15 10.53
C LEU B 300 -29.36 -10.98 11.60
N LYS B 301 -28.84 -12.16 11.24
CA LYS B 301 -28.17 -13.09 12.14
C LYS B 301 -29.02 -13.44 13.36
N SER B 302 -30.32 -13.65 13.13
CA SER B 302 -31.23 -13.95 14.23
C SER B 302 -32.25 -14.99 13.80
N PHE B 303 -33.25 -15.24 14.64
CA PHE B 303 -34.33 -16.16 14.31
C PHE B 303 -35.71 -15.55 14.36
N THR B 304 -35.88 -14.43 15.05
CA THR B 304 -37.16 -13.72 15.14
C THR B 304 -36.92 -12.29 14.65
N VAL B 305 -37.18 -12.07 13.36
CA VAL B 305 -37.03 -10.72 12.81
C VAL B 305 -38.24 -9.88 13.22
N GLU B 306 -38.03 -8.56 13.27
CA GLU B 306 -39.08 -7.65 13.69
C GLU B 306 -39.79 -7.04 12.50
N LYS B 307 -40.89 -6.36 12.78
CA LYS B 307 -41.69 -5.75 11.73
C LYS B 307 -40.98 -4.54 11.14
N GLY B 308 -40.85 -4.53 9.83
CA GLY B 308 -40.20 -3.42 9.15
C GLY B 308 -39.84 -3.80 7.72
N ILE B 309 -38.84 -3.10 7.19
CA ILE B 309 -38.33 -3.30 5.84
C ILE B 309 -36.82 -3.51 5.90
N TYR B 310 -36.33 -4.47 5.13
CA TYR B 310 -34.92 -4.83 5.11
C TYR B 310 -34.36 -4.73 3.70
N GLN B 311 -33.08 -5.06 3.56
CA GLN B 311 -32.37 -5.02 2.27
C GLN B 311 -31.73 -6.38 2.10
N THR B 312 -32.42 -7.32 1.46
CA THR B 312 -31.94 -8.68 1.38
C THR B 312 -30.78 -8.80 0.38
N SER B 313 -31.05 -8.52 -0.89
CA SER B 313 -30.06 -8.69 -1.95
C SER B 313 -30.55 -7.94 -3.19
N ASN B 314 -29.88 -8.18 -4.31
CA ASN B 314 -30.17 -7.56 -5.59
C ASN B 314 -30.39 -8.63 -6.64
N PHE B 315 -31.16 -8.30 -7.68
CA PHE B 315 -31.51 -9.24 -8.73
C PHE B 315 -30.76 -8.89 -10.01
N ARG B 316 -30.15 -9.90 -10.61
CA ARG B 316 -29.38 -9.74 -11.84
C ARG B 316 -29.98 -10.65 -12.90
N VAL B 317 -30.31 -10.09 -14.06
CA VAL B 317 -30.78 -10.93 -15.17
C VAL B 317 -29.61 -11.70 -15.74
N GLN B 318 -29.74 -13.01 -15.77
CA GLN B 318 -28.63 -13.86 -16.17
C GLN B 318 -28.56 -13.95 -17.69
N PRO B 319 -27.37 -14.14 -18.27
CA PRO B 319 -27.28 -14.25 -19.73
C PRO B 319 -27.93 -15.54 -20.23
N THR B 320 -28.41 -15.50 -21.47
CA THR B 320 -29.07 -16.66 -22.04
C THR B 320 -28.12 -17.49 -22.89
N GLU B 321 -27.39 -16.85 -23.81
CA GLU B 321 -26.56 -17.58 -24.75
C GLU B 321 -25.26 -16.79 -24.97
N SER B 322 -24.43 -17.25 -25.89
CA SER B 322 -23.13 -16.65 -26.14
C SER B 322 -22.90 -16.53 -27.64
N ILE B 323 -22.29 -15.41 -28.04
CA ILE B 323 -21.95 -15.14 -29.43
C ILE B 323 -20.50 -14.68 -29.51
N VAL B 324 -19.78 -15.23 -30.50
CA VAL B 324 -18.39 -14.87 -30.75
C VAL B 324 -18.27 -14.42 -32.19
N ARG B 325 -18.00 -13.14 -32.41
CA ARG B 325 -18.10 -12.67 -33.81
C ARG B 325 -16.93 -11.82 -34.20
N PHE B 326 -15.74 -12.36 -34.17
CA PHE B 326 -14.60 -11.61 -34.69
C PHE B 326 -14.83 -11.53 -36.20
N PRO B 327 -14.08 -10.76 -37.01
CA PRO B 327 -14.43 -10.59 -38.43
C PRO B 327 -14.25 -11.75 -39.43
N ASN B 328 -14.86 -11.67 -40.64
CA ASN B 328 -14.79 -12.73 -41.69
C ASN B 328 -13.48 -12.62 -42.47
N ILE B 329 -12.40 -13.12 -41.90
CA ILE B 329 -11.14 -13.12 -42.68
C ILE B 329 -10.41 -14.44 -42.42
N THR B 330 -9.77 -14.98 -43.44
CA THR B 330 -9.12 -16.30 -43.28
C THR B 330 -7.94 -16.41 -44.26
N ASN B 331 -6.79 -16.92 -43.84
CA ASN B 331 -5.58 -17.01 -44.64
C ASN B 331 -4.42 -17.44 -43.74
N LEU B 332 -3.55 -18.29 -44.28
CA LEU B 332 -2.40 -18.74 -43.53
C LEU B 332 -1.34 -17.64 -43.46
N CYS B 333 -0.67 -17.54 -42.30
CA CYS B 333 0.19 -16.38 -42.08
C CYS B 333 1.59 -16.62 -42.64
N PRO B 334 2.28 -15.53 -43.01
CA PRO B 334 3.70 -15.63 -43.38
C PRO B 334 4.69 -15.83 -42.24
N PHE B 335 4.23 -16.30 -41.07
CA PHE B 335 5.14 -16.61 -39.96
C PHE B 335 6.23 -17.61 -40.35
N ASP B 336 5.98 -18.46 -41.35
CA ASP B 336 6.97 -19.45 -41.73
C ASP B 336 8.19 -18.84 -42.41
N GLU B 337 8.06 -17.66 -43.04
CA GLU B 337 9.25 -17.04 -43.60
C GLU B 337 10.14 -16.43 -42.52
N VAL B 338 9.55 -15.77 -41.52
CA VAL B 338 10.38 -15.01 -40.58
C VAL B 338 11.07 -15.91 -39.57
N PHE B 339 10.52 -17.10 -39.30
CA PHE B 339 11.15 -18.00 -38.35
C PHE B 339 12.04 -19.04 -39.02
N ASN B 340 11.77 -19.38 -40.28
CA ASN B 340 12.55 -20.38 -41.00
C ASN B 340 13.42 -19.76 -42.08
N ALA B 341 13.74 -18.47 -41.96
CA ALA B 341 14.64 -17.84 -42.92
C ALA B 341 16.06 -18.36 -42.72
N THR B 342 16.77 -18.51 -43.84
CA THR B 342 18.16 -18.98 -43.78
C THR B 342 19.06 -17.91 -43.16
N ARG B 343 18.88 -16.66 -43.54
CA ARG B 343 19.75 -15.56 -43.11
C ARG B 343 18.92 -14.48 -42.45
N PHE B 344 19.37 -14.01 -41.29
CA PHE B 344 18.85 -12.80 -40.68
C PHE B 344 19.81 -11.65 -40.89
N ALA B 345 19.27 -10.43 -40.83
CA ALA B 345 20.06 -9.23 -41.03
C ALA B 345 20.91 -8.93 -39.79
N SER B 346 21.89 -8.05 -39.98
CA SER B 346 22.80 -7.69 -38.91
C SER B 346 22.11 -6.80 -37.88
N VAL B 347 22.82 -6.53 -36.79
CA VAL B 347 22.23 -5.77 -35.68
C VAL B 347 22.04 -4.31 -36.06
N TYR B 348 23.04 -3.70 -36.70
CA TYR B 348 22.97 -2.27 -36.99
C TYR B 348 21.96 -1.96 -38.08
N ALA B 349 21.69 -2.92 -38.96
CA ALA B 349 20.67 -2.79 -40.00
C ALA B 349 19.77 -4.01 -39.90
N TRP B 350 18.77 -3.93 -39.02
CA TRP B 350 17.87 -5.05 -38.76
C TRP B 350 16.71 -5.08 -39.75
N ASN B 351 16.20 -6.28 -40.00
CA ASN B 351 15.27 -6.54 -41.08
C ASN B 351 13.88 -5.99 -40.75
N ARG B 352 13.12 -5.71 -41.80
CA ARG B 352 11.77 -5.18 -41.69
C ARG B 352 10.76 -6.19 -42.21
N LYS B 353 9.65 -6.34 -41.49
CA LYS B 353 8.59 -7.25 -41.93
C LYS B 353 7.24 -6.69 -41.49
N ARG B 354 6.31 -6.62 -42.43
CA ARG B 354 4.93 -6.25 -42.15
C ARG B 354 4.05 -7.47 -42.35
N ILE B 355 3.19 -7.74 -41.37
CA ILE B 355 2.36 -8.94 -41.36
C ILE B 355 0.91 -8.50 -41.23
N SER B 356 0.07 -8.95 -42.15
CA SER B 356 -1.34 -8.57 -42.14
C SER B 356 -2.16 -9.67 -42.81
N ASN B 357 -3.46 -9.70 -42.46
CA ASN B 357 -4.44 -10.63 -43.02
C ASN B 357 -4.02 -12.08 -42.84
N CYS B 358 -3.98 -12.50 -41.58
CA CYS B 358 -3.46 -13.81 -41.20
C CYS B 358 -4.47 -14.56 -40.35
N VAL B 359 -4.00 -15.68 -39.80
CA VAL B 359 -4.57 -16.29 -38.62
C VAL B 359 -3.45 -16.40 -37.58
N ALA B 360 -3.75 -15.97 -36.35
CA ALA B 360 -2.73 -15.93 -35.29
C ALA B 360 -2.67 -17.28 -34.61
N ASP B 361 -1.97 -18.21 -35.25
CA ASP B 361 -1.74 -19.54 -34.70
C ASP B 361 -0.40 -19.54 -33.99
N TYR B 362 -0.40 -19.88 -32.71
CA TYR B 362 0.80 -19.87 -31.88
C TYR B 362 1.09 -21.25 -31.35
N SER B 363 0.98 -22.27 -32.21
CA SER B 363 1.23 -23.64 -31.83
C SER B 363 2.63 -24.12 -32.21
N VAL B 364 3.17 -23.64 -33.34
CA VAL B 364 4.48 -24.09 -33.79
C VAL B 364 5.63 -23.38 -33.08
N LEU B 365 5.33 -22.40 -32.23
CA LEU B 365 6.37 -21.65 -31.54
C LEU B 365 7.14 -22.52 -30.56
N TYR B 366 6.42 -23.38 -29.82
CA TYR B 366 7.07 -24.23 -28.84
C TYR B 366 7.70 -25.47 -29.45
N ASN B 367 7.41 -25.76 -30.73
CA ASN B 367 7.89 -26.99 -31.34
C ASN B 367 9.11 -26.79 -32.25
N LEU B 368 9.32 -25.58 -32.77
CA LEU B 368 10.47 -25.33 -33.61
C LEU B 368 11.77 -25.44 -32.84
N ALA B 369 11.78 -24.96 -31.61
CA ALA B 369 12.92 -24.99 -30.71
C ALA B 369 12.47 -25.52 -29.36
N PRO B 370 13.38 -26.05 -28.55
CA PRO B 370 13.02 -26.43 -27.17
C PRO B 370 12.64 -25.22 -26.34
N PHE B 371 12.27 -25.49 -25.09
CA PHE B 371 11.78 -24.44 -24.21
C PHE B 371 12.91 -23.49 -23.83
N PHE B 372 12.63 -22.19 -23.98
CA PHE B 372 13.56 -21.13 -23.59
C PHE B 372 12.74 -19.97 -23.04
N THR B 373 13.39 -18.81 -22.91
CA THR B 373 12.74 -17.66 -22.31
C THR B 373 11.76 -17.02 -23.27
N PHE B 374 10.68 -16.47 -22.70
CA PHE B 374 9.78 -15.56 -23.41
C PHE B 374 9.82 -14.18 -22.78
N LYS B 375 9.57 -14.09 -21.46
CA LYS B 375 9.69 -12.86 -20.68
C LYS B 375 8.77 -11.79 -21.28
N CYS B 376 7.47 -12.05 -21.18
CA CYS B 376 6.49 -11.32 -21.96
C CYS B 376 5.77 -10.33 -21.06
N TYR B 377 5.83 -9.05 -21.45
CA TYR B 377 5.53 -7.94 -20.55
C TYR B 377 4.06 -7.54 -20.62
N GLY B 378 3.60 -7.12 -21.79
CA GLY B 378 2.26 -6.63 -21.96
C GLY B 378 1.18 -7.67 -21.73
N VAL B 379 1.49 -8.91 -22.05
CA VAL B 379 0.50 -9.97 -22.05
C VAL B 379 1.17 -11.29 -21.67
N SER B 380 0.39 -12.20 -21.07
CA SER B 380 0.87 -13.55 -20.80
C SER B 380 1.07 -14.30 -22.12
N PRO B 381 2.05 -15.20 -22.20
CA PRO B 381 2.31 -15.89 -23.48
C PRO B 381 1.22 -16.86 -23.91
N THR B 382 0.42 -17.38 -22.99
CA THR B 382 -0.53 -18.43 -23.33
C THR B 382 -1.90 -17.89 -23.76
N LYS B 383 -2.12 -16.59 -23.73
CA LYS B 383 -3.41 -15.99 -24.05
C LYS B 383 -3.46 -15.40 -25.45
N LEU B 384 -2.46 -15.67 -26.29
CA LEU B 384 -2.28 -14.90 -27.52
C LEU B 384 -3.38 -15.19 -28.54
N ASN B 385 -3.94 -16.39 -28.52
CA ASN B 385 -4.92 -16.77 -29.52
C ASN B 385 -6.29 -16.15 -29.26
N ASP B 386 -6.65 -15.97 -27.99
CA ASP B 386 -8.02 -15.57 -27.68
C ASP B 386 -8.23 -14.06 -27.83
N LEU B 387 -7.18 -13.26 -27.61
CA LEU B 387 -7.36 -11.83 -27.40
C LEU B 387 -7.47 -11.06 -28.72
N CYS B 388 -6.91 -11.59 -29.80
CA CYS B 388 -6.78 -10.97 -31.12
C CYS B 388 -5.92 -9.71 -31.18
N PHE B 389 -5.40 -9.43 -32.39
CA PHE B 389 -4.20 -8.64 -32.56
C PHE B 389 -4.51 -7.42 -33.41
N THR B 390 -3.81 -6.33 -33.13
CA THR B 390 -4.01 -5.08 -33.86
C THR B 390 -2.65 -4.53 -34.26
N ASN B 391 -2.37 -4.52 -35.57
CA ASN B 391 -1.17 -3.92 -36.17
C ASN B 391 0.12 -4.54 -35.62
N VAL B 392 0.32 -5.83 -35.93
CA VAL B 392 1.53 -6.52 -35.52
C VAL B 392 2.73 -5.95 -36.27
N TYR B 393 3.89 -5.94 -35.61
CA TYR B 393 5.08 -5.23 -36.07
C TYR B 393 6.29 -6.05 -35.64
N ALA B 394 6.89 -6.79 -36.56
CA ALA B 394 7.89 -7.80 -36.23
C ALA B 394 9.30 -7.22 -36.30
N ASP B 395 10.27 -8.03 -35.87
CA ASP B 395 11.68 -7.67 -35.84
C ASP B 395 12.52 -8.92 -36.04
N SER B 396 13.80 -8.72 -36.41
CA SER B 396 14.70 -9.85 -36.63
C SER B 396 16.14 -9.37 -36.62
N PHE B 397 16.97 -9.99 -35.77
CA PHE B 397 18.40 -9.77 -35.76
C PHE B 397 19.06 -10.89 -34.94
N VAL B 398 20.39 -10.96 -35.04
CA VAL B 398 21.17 -11.99 -34.36
C VAL B 398 22.26 -11.31 -33.53
N ILE B 399 22.28 -11.58 -32.22
CA ILE B 399 23.27 -11.00 -31.33
C ILE B 399 24.03 -12.08 -30.59
N ARG B 400 24.94 -11.67 -29.70
CA ARG B 400 25.70 -12.58 -28.87
C ARG B 400 24.83 -13.12 -27.73
N GLY B 401 25.18 -14.32 -27.26
CA GLY B 401 24.41 -14.95 -26.20
C GLY B 401 24.60 -14.33 -24.82
N ASP B 402 25.70 -13.59 -24.63
CA ASP B 402 25.91 -12.93 -23.34
C ASP B 402 24.91 -11.81 -23.11
N GLU B 403 24.53 -11.09 -24.17
CA GLU B 403 23.67 -9.92 -24.05
C GLU B 403 22.24 -10.19 -24.49
N VAL B 404 21.77 -11.43 -24.40
CA VAL B 404 20.39 -11.73 -24.75
C VAL B 404 19.44 -11.13 -23.73
N ARG B 405 19.86 -10.98 -22.48
CA ARG B 405 19.07 -10.34 -21.44
C ARG B 405 19.21 -8.83 -21.43
N GLN B 406 20.08 -8.28 -22.29
CA GLN B 406 20.26 -6.84 -22.40
C GLN B 406 19.13 -6.17 -23.18
N ILE B 407 18.37 -6.95 -23.97
CA ILE B 407 17.31 -6.42 -24.82
C ILE B 407 16.13 -5.85 -24.01
N ALA B 408 15.82 -6.43 -22.86
CA ALA B 408 14.63 -6.00 -22.10
C ALA B 408 14.43 -4.49 -22.05
N PRO B 409 13.19 -3.99 -21.86
CA PRO B 409 12.96 -2.57 -21.73
C PRO B 409 13.66 -1.93 -20.53
N GLY B 410 14.29 -0.77 -20.71
CA GLY B 410 14.92 -0.04 -19.59
C GLY B 410 16.30 -0.52 -19.22
N GLN B 411 16.83 -1.53 -19.93
CA GLN B 411 18.22 -1.98 -19.67
C GLN B 411 19.14 -1.23 -20.61
N THR B 412 20.25 -0.70 -20.08
CA THR B 412 21.24 -0.04 -20.95
C THR B 412 22.44 -0.95 -21.16
N GLY B 413 23.42 -0.50 -21.93
CA GLY B 413 24.57 -1.29 -22.28
C GLY B 413 25.29 -0.68 -23.47
N ASN B 414 25.57 -1.49 -24.48
CA ASN B 414 26.17 -0.96 -25.71
C ASN B 414 25.35 -1.35 -26.94
N ILE B 415 24.72 -2.52 -26.89
CA ILE B 415 23.86 -2.93 -28.01
C ILE B 415 22.60 -2.08 -28.05
N ALA B 416 21.96 -1.90 -26.89
CA ALA B 416 20.76 -1.06 -26.84
C ALA B 416 21.09 0.42 -26.71
N ASP B 417 22.37 0.79 -26.63
CA ASP B 417 22.76 2.19 -26.60
C ASP B 417 23.28 2.69 -27.93
N TYR B 418 23.60 1.79 -28.87
CA TYR B 418 24.21 2.20 -30.12
C TYR B 418 23.52 1.59 -31.32
N ASN B 419 22.89 0.43 -31.16
CA ASN B 419 22.40 -0.34 -32.29
C ASN B 419 20.87 -0.46 -32.31
N TYR B 420 20.25 -0.96 -31.24
CA TYR B 420 18.83 -1.27 -31.28
C TYR B 420 18.26 -1.17 -29.87
N LYS B 421 17.51 -0.10 -29.61
CA LYS B 421 16.88 0.11 -28.31
C LYS B 421 15.39 -0.20 -28.40
N LEU B 422 14.81 -0.62 -27.27
CA LEU B 422 13.38 -0.83 -27.12
C LEU B 422 12.77 0.24 -26.22
N PRO B 423 11.50 0.58 -26.41
CA PRO B 423 10.95 1.70 -25.68
C PRO B 423 10.73 1.33 -24.22
N ASP B 424 10.50 2.33 -23.40
CA ASP B 424 10.17 2.00 -22.01
C ASP B 424 8.82 1.29 -22.00
N ASP B 425 7.87 1.82 -22.75
CA ASP B 425 6.49 1.27 -22.71
C ASP B 425 6.34 0.25 -23.82
N PHE B 426 7.19 -0.76 -23.81
CA PHE B 426 7.17 -1.80 -24.83
C PHE B 426 6.11 -2.85 -24.54
N THR B 427 5.22 -3.06 -25.49
CA THR B 427 4.17 -4.06 -25.41
C THR B 427 4.44 -5.12 -26.47
N GLY B 428 4.44 -6.38 -26.07
CA GLY B 428 4.92 -7.47 -26.90
C GLY B 428 6.16 -8.08 -26.28
N CYS B 429 6.70 -9.09 -26.96
CA CYS B 429 7.80 -9.84 -26.36
C CYS B 429 8.60 -10.61 -27.40
N VAL B 430 9.67 -11.22 -26.91
CA VAL B 430 10.73 -11.77 -27.73
C VAL B 430 10.71 -13.28 -27.67
N ILE B 431 11.38 -13.91 -28.64
CA ILE B 431 11.54 -15.35 -28.72
C ILE B 431 13.02 -15.59 -28.96
N ALA B 432 13.75 -16.00 -27.94
CA ALA B 432 15.19 -16.20 -28.02
C ALA B 432 15.51 -17.69 -27.94
N TRP B 433 16.37 -18.16 -28.84
CA TRP B 433 16.81 -19.54 -28.82
C TRP B 433 18.21 -19.65 -29.39
N ASN B 434 18.96 -20.63 -28.89
CA ASN B 434 20.33 -20.84 -29.35
C ASN B 434 20.36 -21.32 -30.78
N SER B 435 21.32 -20.82 -31.55
CA SER B 435 21.45 -21.17 -32.96
C SER B 435 22.92 -21.40 -33.31
N ASN B 436 23.61 -22.17 -32.46
CA ASN B 436 25.02 -22.47 -32.71
C ASN B 436 25.20 -23.37 -33.93
N LYS B 437 24.18 -24.16 -34.27
CA LYS B 437 24.32 -25.08 -35.39
C LYS B 437 24.27 -24.35 -36.72
N LEU B 438 23.41 -23.34 -36.85
CA LEU B 438 23.16 -22.72 -38.15
C LEU B 438 24.03 -21.50 -38.41
N ASP B 439 23.95 -20.50 -37.54
CA ASP B 439 24.60 -19.22 -37.83
C ASP B 439 26.10 -19.29 -37.65
N SER B 440 26.59 -20.10 -36.71
CA SER B 440 28.02 -20.15 -36.44
C SER B 440 28.73 -20.92 -37.55
N LYS B 441 29.78 -20.30 -38.10
CA LYS B 441 30.61 -20.93 -39.12
C LYS B 441 32.02 -21.12 -38.55
N VAL B 442 32.54 -22.34 -38.66
CA VAL B 442 33.86 -22.64 -38.14
C VAL B 442 34.94 -21.96 -38.99
N SER B 443 34.70 -21.79 -40.28
CA SER B 443 35.65 -21.15 -41.17
C SER B 443 35.66 -19.64 -41.13
N GLY B 444 34.76 -19.02 -40.37
CA GLY B 444 34.72 -17.58 -40.27
C GLY B 444 33.46 -16.96 -40.82
N ASN B 445 32.60 -16.46 -39.93
CA ASN B 445 31.36 -15.80 -40.32
C ASN B 445 31.46 -14.35 -39.87
N TYR B 446 31.87 -13.48 -40.78
CA TYR B 446 32.05 -12.06 -40.49
C TYR B 446 30.90 -11.22 -41.02
N ASN B 447 29.79 -11.84 -41.41
CA ASN B 447 28.68 -11.12 -42.01
C ASN B 447 27.87 -10.31 -41.02
N TYR B 448 28.03 -10.57 -39.73
CA TYR B 448 27.28 -9.87 -38.69
C TYR B 448 28.14 -8.75 -38.11
N LEU B 449 27.59 -7.54 -38.09
CA LEU B 449 28.32 -6.34 -37.72
C LEU B 449 27.68 -5.69 -36.50
N TYR B 450 28.38 -4.73 -35.92
CA TYR B 450 27.86 -3.95 -34.81
C TYR B 450 28.59 -2.62 -34.73
N ARG B 451 27.97 -1.66 -34.06
CA ARG B 451 28.49 -0.30 -33.94
C ARG B 451 28.91 -0.03 -32.51
N LEU B 452 30.07 0.63 -32.35
CA LEU B 452 30.56 0.96 -31.02
C LEU B 452 31.20 2.35 -30.96
N PHE B 453 31.06 3.18 -31.99
CA PHE B 453 31.62 4.53 -32.01
C PHE B 453 30.54 5.50 -32.49
N ARG B 454 29.77 6.02 -31.56
CA ARG B 454 28.77 7.02 -31.94
C ARG B 454 28.83 8.28 -31.10
N LYS B 455 29.10 8.14 -29.79
CA LYS B 455 29.08 9.25 -28.81
C LYS B 455 27.75 9.99 -28.84
N SER B 456 26.67 9.24 -29.01
CA SER B 456 25.32 9.79 -29.03
C SER B 456 24.34 8.68 -28.69
N ASN B 457 23.29 9.03 -27.95
CA ASN B 457 22.30 8.05 -27.53
C ASN B 457 21.33 7.79 -28.67
N LEU B 458 20.29 7.00 -28.41
CA LEU B 458 19.28 6.69 -29.40
C LEU B 458 17.90 6.78 -28.76
N LYS B 459 16.93 7.27 -29.52
CA LYS B 459 15.53 7.08 -29.19
C LYS B 459 15.13 5.64 -29.51
N PRO B 460 13.97 5.19 -29.05
CA PRO B 460 13.51 3.84 -29.44
C PRO B 460 13.27 3.71 -30.94
N PHE B 461 13.61 2.53 -31.47
CA PHE B 461 13.16 2.02 -32.76
C PHE B 461 13.62 2.89 -33.94
N GLU B 462 14.93 2.94 -34.14
CA GLU B 462 15.47 3.43 -35.40
C GLU B 462 16.78 2.71 -35.70
N ARG B 463 17.14 2.75 -36.98
CA ARG B 463 18.42 2.24 -37.46
C ARG B 463 19.22 3.41 -38.01
N ASP B 464 20.54 3.33 -37.91
CA ASP B 464 21.42 4.39 -38.38
C ASP B 464 22.57 3.80 -39.16
N ILE B 465 22.79 4.32 -40.37
CA ILE B 465 23.90 3.88 -41.20
C ILE B 465 24.93 4.99 -41.29
N SER B 466 25.91 4.96 -40.39
CA SER B 466 26.99 5.96 -40.38
C SER B 466 28.26 5.27 -40.83
N THR B 467 28.47 5.26 -42.15
CA THR B 467 29.65 4.63 -42.72
C THR B 467 30.90 5.47 -42.49
N GLU B 468 30.75 6.77 -42.28
CA GLU B 468 31.86 7.70 -42.13
C GLU B 468 32.68 7.39 -40.88
N ILE B 469 33.97 7.67 -40.98
CA ILE B 469 34.91 7.36 -39.90
C ILE B 469 34.74 8.37 -38.77
N TYR B 470 34.47 7.85 -37.56
CA TYR B 470 34.26 8.73 -36.42
C TYR B 470 35.57 9.35 -35.95
N GLN B 471 35.51 10.63 -35.60
CA GLN B 471 36.65 11.39 -35.12
C GLN B 471 36.49 11.71 -33.65
N ALA B 472 37.53 11.43 -32.87
CA ALA B 472 37.55 11.72 -31.45
C ALA B 472 38.78 12.54 -31.10
N GLY B 473 38.63 13.43 -30.13
CA GLY B 473 39.71 14.27 -29.67
C GLY B 473 39.69 15.70 -30.16
N ASN B 474 38.64 16.12 -30.88
CA ASN B 474 38.45 17.49 -31.33
C ASN B 474 39.61 17.99 -32.19
N LYS B 475 40.14 17.12 -33.05
CA LYS B 475 41.16 17.50 -34.02
C LYS B 475 40.72 16.96 -35.37
N PRO B 476 40.52 17.81 -36.37
CA PRO B 476 40.08 17.34 -37.70
C PRO B 476 41.02 16.30 -38.30
N CYS B 477 40.50 15.09 -38.46
CA CYS B 477 41.30 13.99 -38.98
C CYS B 477 41.51 14.12 -40.49
N ASN B 478 40.40 14.16 -41.25
CA ASN B 478 40.38 14.29 -42.70
C ASN B 478 41.17 13.19 -43.40
N GLY B 479 41.22 12.00 -42.81
CA GLY B 479 41.94 10.89 -43.39
C GLY B 479 41.23 9.58 -43.14
N VAL B 480 41.84 8.48 -43.55
CA VAL B 480 41.26 7.15 -43.39
C VAL B 480 42.27 6.26 -42.67
N ALA B 481 41.77 5.50 -41.68
CA ALA B 481 42.55 4.53 -40.91
C ALA B 481 43.76 5.19 -40.22
N GLY B 482 43.48 6.31 -39.56
CA GLY B 482 44.49 7.05 -38.85
C GLY B 482 44.39 6.87 -37.34
N PHE B 483 45.36 7.47 -36.64
CA PHE B 483 45.37 7.44 -35.19
C PHE B 483 44.22 8.30 -34.66
N ASN B 484 43.47 7.74 -33.70
CA ASN B 484 42.24 8.32 -33.17
C ASN B 484 41.19 8.57 -34.26
N CYS B 485 41.27 7.81 -35.35
CA CYS B 485 40.28 7.84 -36.43
C CYS B 485 39.95 6.38 -36.74
N TYR B 486 38.97 5.83 -36.03
CA TYR B 486 38.64 4.42 -36.12
C TYR B 486 37.40 4.19 -36.97
N PHE B 487 37.39 3.07 -37.68
CA PHE B 487 36.22 2.67 -38.44
C PHE B 487 35.09 2.31 -37.48
N PRO B 488 33.85 2.76 -37.73
CA PRO B 488 32.78 2.57 -36.74
C PRO B 488 32.24 1.15 -36.67
N LEU B 489 32.60 0.27 -37.60
CA LEU B 489 32.05 -1.08 -37.67
C LEU B 489 33.13 -2.11 -37.41
N ARG B 490 32.84 -3.03 -36.50
CA ARG B 490 33.69 -4.19 -36.24
C ARG B 490 32.86 -5.45 -36.39
N SER B 491 33.53 -6.56 -36.62
CA SER B 491 32.86 -7.82 -36.92
C SER B 491 32.86 -8.74 -35.71
N TYR B 492 31.76 -9.49 -35.57
CA TYR B 492 31.63 -10.46 -34.49
C TYR B 492 32.55 -11.66 -34.74
N SER B 493 32.87 -12.36 -33.64
CA SER B 493 33.56 -13.64 -33.68
C SER B 493 32.62 -14.69 -33.14
N PHE B 494 32.33 -15.71 -33.95
CA PHE B 494 31.37 -16.76 -33.61
C PHE B 494 32.01 -18.13 -33.77
N ARG B 495 33.19 -18.30 -33.18
CA ARG B 495 33.90 -19.57 -33.27
C ARG B 495 33.16 -20.63 -32.45
N PRO B 496 33.01 -21.85 -33.00
CA PRO B 496 32.25 -22.89 -32.27
C PRO B 496 32.97 -23.44 -31.04
N THR B 497 34.23 -23.10 -30.82
CA THR B 497 34.95 -23.60 -29.66
C THR B 497 34.49 -22.95 -28.36
N TYR B 498 33.78 -21.82 -28.43
CA TYR B 498 33.32 -21.14 -27.24
C TYR B 498 32.10 -21.84 -26.66
N GLY B 499 31.94 -21.72 -25.35
CA GLY B 499 30.79 -22.27 -24.66
C GLY B 499 29.61 -21.32 -24.70
N VAL B 500 28.77 -21.37 -23.66
CA VAL B 500 27.64 -20.46 -23.58
C VAL B 500 28.14 -19.07 -23.26
N GLY B 501 27.78 -18.10 -24.09
CA GLY B 501 28.23 -16.74 -23.91
C GLY B 501 28.72 -16.09 -25.20
N HIS B 502 29.10 -16.93 -26.17
CA HIS B 502 29.55 -16.43 -27.46
C HIS B 502 28.86 -17.15 -28.61
N GLN B 503 27.67 -17.66 -28.40
CA GLN B 503 26.91 -18.34 -29.42
C GLN B 503 25.82 -17.42 -29.98
N PRO B 504 25.49 -17.53 -31.26
CA PRO B 504 24.42 -16.70 -31.81
C PRO B 504 23.06 -17.12 -31.27
N TYR B 505 22.19 -16.13 -31.10
CA TYR B 505 20.85 -16.35 -30.55
C TYR B 505 19.86 -15.57 -31.42
N ARG B 506 19.16 -16.27 -32.30
CA ARG B 506 18.18 -15.62 -33.18
C ARG B 506 16.98 -15.18 -32.37
N VAL B 507 16.71 -13.87 -32.36
CA VAL B 507 15.56 -13.33 -31.65
C VAL B 507 14.65 -12.64 -32.65
N VAL B 508 13.36 -12.61 -32.32
CA VAL B 508 12.37 -11.81 -33.02
C VAL B 508 11.61 -11.01 -31.97
N VAL B 509 11.45 -9.72 -32.22
CA VAL B 509 10.84 -8.85 -31.22
C VAL B 509 9.49 -8.37 -31.74
N LEU B 510 8.43 -9.07 -31.37
CA LEU B 510 7.08 -8.68 -31.79
C LEU B 510 6.58 -7.55 -30.91
N SER B 511 6.08 -6.50 -31.54
CA SER B 511 5.46 -5.40 -30.81
C SER B 511 4.14 -5.05 -31.48
N PHE B 512 3.16 -4.68 -30.66
CA PHE B 512 1.79 -4.51 -31.13
C PHE B 512 0.98 -3.74 -30.11
N GLU B 513 0.21 -2.76 -30.60
CA GLU B 513 -0.77 -2.10 -29.75
C GLU B 513 -2.03 -2.96 -29.66
N LEU B 514 -2.92 -2.60 -28.74
CA LEU B 514 -4.09 -3.44 -28.47
C LEU B 514 -5.37 -2.63 -28.65
N LEU B 515 -6.32 -3.23 -29.35
CA LEU B 515 -7.75 -2.88 -29.40
C LEU B 515 -8.10 -1.59 -30.13
N HIS B 516 -7.20 -0.96 -30.91
CA HIS B 516 -7.60 0.17 -31.75
C HIS B 516 -6.95 0.04 -33.13
N ALA B 517 -7.71 -0.67 -33.98
CA ALA B 517 -7.26 -1.00 -35.35
C ALA B 517 -8.27 -2.01 -35.91
N PRO B 518 -8.37 -2.19 -37.23
CA PRO B 518 -9.23 -3.20 -37.82
C PRO B 518 -8.78 -4.58 -37.35
N ALA B 519 -7.48 -4.76 -37.18
CA ALA B 519 -6.93 -6.02 -36.66
C ALA B 519 -6.90 -7.08 -37.73
N THR B 520 -6.81 -6.69 -38.99
CA THR B 520 -6.72 -7.68 -40.09
C THR B 520 -6.28 -9.05 -39.58
N VAL B 521 -5.23 -9.13 -38.79
CA VAL B 521 -4.71 -10.38 -38.25
C VAL B 521 -5.35 -10.67 -36.90
N CYS B 522 -5.87 -11.89 -36.74
CA CYS B 522 -5.86 -12.58 -35.45
C CYS B 522 -6.26 -14.04 -35.60
N GLY B 523 -6.32 -14.71 -34.45
CA GLY B 523 -6.51 -16.14 -34.37
C GLY B 523 -7.89 -16.61 -34.80
N PRO B 524 -7.96 -17.87 -35.24
CA PRO B 524 -9.22 -18.38 -35.81
C PRO B 524 -10.22 -18.86 -34.76
N LYS B 525 -11.46 -18.37 -34.87
CA LYS B 525 -12.57 -18.87 -34.08
C LYS B 525 -13.85 -18.83 -34.92
N LYS B 526 -14.94 -19.30 -34.32
CA LYS B 526 -16.21 -19.37 -35.04
C LYS B 526 -16.85 -17.99 -35.15
N SER B 527 -17.56 -17.76 -36.25
CA SER B 527 -18.18 -16.47 -36.48
C SER B 527 -19.56 -16.38 -35.84
N THR B 528 -20.19 -17.54 -35.62
CA THR B 528 -21.44 -17.73 -34.85
C THR B 528 -22.53 -16.89 -35.53
N ASN B 529 -23.25 -16.02 -34.82
CA ASN B 529 -24.33 -15.23 -35.39
C ASN B 529 -24.55 -14.02 -34.48
N LEU B 530 -25.56 -13.22 -34.80
CA LEU B 530 -25.87 -12.01 -34.06
C LEU B 530 -27.21 -12.16 -33.36
N VAL B 531 -27.26 -11.75 -32.09
CA VAL B 531 -28.48 -11.75 -31.30
C VAL B 531 -28.67 -10.36 -30.72
N LYS B 532 -29.83 -9.76 -30.94
CA LYS B 532 -30.14 -8.43 -30.45
C LYS B 532 -31.27 -8.50 -29.44
N ASN B 533 -31.31 -7.47 -28.57
CA ASN B 533 -32.36 -7.28 -27.57
C ASN B 533 -32.49 -8.48 -26.62
N LYS B 534 -31.35 -8.97 -26.16
CA LYS B 534 -31.32 -10.11 -25.26
C LYS B 534 -30.02 -10.07 -24.46
N CYS B 535 -30.10 -10.40 -23.17
CA CYS B 535 -28.92 -10.43 -22.32
C CYS B 535 -28.06 -11.60 -22.75
N VAL B 536 -26.99 -11.33 -23.50
CA VAL B 536 -26.12 -12.36 -24.04
C VAL B 536 -24.68 -12.04 -23.66
N ASN B 537 -23.82 -13.03 -23.86
CA ASN B 537 -22.38 -12.84 -23.76
C ASN B 537 -21.80 -12.60 -25.14
N PHE B 538 -20.81 -11.70 -25.20
CA PHE B 538 -20.21 -11.36 -26.48
C PHE B 538 -18.69 -11.38 -26.38
N ASN B 539 -18.06 -11.58 -27.53
CA ASN B 539 -16.62 -11.63 -27.67
C ASN B 539 -16.19 -10.83 -28.90
N PHE B 540 -16.84 -9.69 -29.12
CA PHE B 540 -16.61 -8.92 -30.37
C PHE B 540 -15.18 -8.45 -30.56
N ASN B 541 -14.24 -9.33 -30.88
CA ASN B 541 -12.85 -8.97 -31.24
C ASN B 541 -11.94 -8.81 -30.04
N GLY B 542 -12.41 -9.13 -28.84
CA GLY B 542 -11.54 -9.08 -27.63
C GLY B 542 -12.17 -8.15 -26.64
N LEU B 543 -13.48 -8.17 -26.57
CA LEU B 543 -14.22 -7.18 -25.78
C LEU B 543 -15.21 -7.90 -24.87
N LYS B 544 -14.69 -8.85 -24.08
CA LYS B 544 -15.51 -9.73 -23.26
C LYS B 544 -16.39 -8.94 -22.29
N GLY B 545 -17.64 -9.36 -22.20
CA GLY B 545 -18.59 -8.71 -21.33
C GLY B 545 -20.00 -9.19 -21.63
N THR B 546 -20.93 -8.73 -20.80
CA THR B 546 -22.33 -9.13 -20.89
C THR B 546 -23.19 -7.89 -21.02
N GLY B 547 -24.12 -7.92 -21.97
CA GLY B 547 -24.99 -6.77 -22.17
C GLY B 547 -26.05 -7.07 -23.21
N VAL B 548 -26.74 -6.00 -23.64
CA VAL B 548 -27.79 -6.08 -24.63
C VAL B 548 -27.36 -5.27 -25.84
N LEU B 549 -27.32 -5.91 -27.00
CA LEU B 549 -26.84 -5.28 -28.23
C LEU B 549 -28.03 -4.65 -28.95
N THR B 550 -28.31 -3.39 -28.65
CA THR B 550 -29.43 -2.68 -29.23
C THR B 550 -29.02 -2.04 -30.56
N GLU B 551 -29.86 -1.13 -31.05
CA GLU B 551 -29.57 -0.34 -32.25
C GLU B 551 -29.47 1.12 -31.87
N SER B 552 -28.43 1.79 -32.35
CA SER B 552 -28.19 3.19 -32.05
C SER B 552 -28.17 4.02 -33.32
N ASN B 553 -28.03 5.33 -33.16
CA ASN B 553 -28.11 6.28 -34.26
C ASN B 553 -26.99 7.31 -34.17
N LYS B 554 -25.76 6.82 -33.99
CA LYS B 554 -24.57 7.68 -34.00
C LYS B 554 -23.71 7.34 -35.20
N LYS B 555 -23.04 8.36 -35.74
CA LYS B 555 -22.26 8.26 -36.96
C LYS B 555 -20.78 8.14 -36.63
N PHE B 556 -20.11 7.18 -37.24
CA PHE B 556 -18.69 6.94 -37.01
C PHE B 556 -17.85 7.49 -38.16
N LEU B 557 -16.69 8.03 -37.81
CA LEU B 557 -15.68 8.36 -38.79
C LEU B 557 -15.05 7.07 -39.34
N PRO B 558 -14.49 7.11 -40.55
CA PRO B 558 -13.97 5.87 -41.16
C PRO B 558 -12.83 5.20 -40.40
N PHE B 559 -12.09 5.93 -39.56
CA PHE B 559 -11.02 5.32 -38.79
C PHE B 559 -11.42 5.01 -37.35
N GLN B 560 -12.40 5.74 -36.80
CA GLN B 560 -12.84 5.48 -35.44
C GLN B 560 -13.65 4.19 -35.39
N GLN B 561 -13.32 3.31 -34.45
CA GLN B 561 -14.03 2.05 -34.30
C GLN B 561 -14.76 1.95 -32.96
N PHE B 562 -14.07 2.11 -31.84
CA PHE B 562 -14.66 1.90 -30.53
C PHE B 562 -15.15 3.22 -29.95
N GLY B 563 -16.43 3.27 -29.60
CA GLY B 563 -16.93 4.38 -28.83
C GLY B 563 -16.56 4.24 -27.36
N ARG B 564 -16.69 5.33 -26.63
CA ARG B 564 -16.34 5.32 -25.21
C ARG B 564 -17.18 6.37 -24.49
N ASP B 565 -16.84 6.60 -23.23
CA ASP B 565 -17.56 7.55 -22.40
C ASP B 565 -16.57 8.15 -21.40
N ILE B 566 -17.10 8.76 -20.34
CA ILE B 566 -16.25 9.35 -19.31
C ILE B 566 -15.48 8.26 -18.56
N ALA B 567 -16.13 7.15 -18.25
CA ALA B 567 -15.51 6.12 -17.43
C ALA B 567 -14.56 5.20 -18.20
N ASP B 568 -14.31 5.48 -19.48
CA ASP B 568 -13.47 4.65 -20.37
C ASP B 568 -13.97 3.21 -20.43
N THR B 569 -15.29 3.05 -20.53
CA THR B 569 -15.92 1.76 -20.78
C THR B 569 -16.61 1.83 -22.13
N THR B 570 -16.45 0.78 -22.94
CA THR B 570 -16.92 0.82 -24.31
C THR B 570 -18.45 0.79 -24.35
N ASP B 571 -19.04 1.73 -25.09
CA ASP B 571 -20.48 1.78 -25.30
C ASP B 571 -20.88 1.36 -26.71
N ALA B 572 -20.28 1.95 -27.73
CA ALA B 572 -20.63 1.66 -29.11
C ALA B 572 -19.50 0.86 -29.75
N VAL B 573 -19.85 -0.29 -30.31
CA VAL B 573 -18.91 -1.14 -31.03
C VAL B 573 -19.47 -1.40 -32.42
N ARG B 574 -18.63 -1.29 -33.43
CA ARG B 574 -19.02 -1.58 -34.79
C ARG B 574 -18.75 -3.04 -35.09
N ASP B 575 -19.82 -3.73 -35.50
CA ASP B 575 -19.75 -5.18 -35.75
C ASP B 575 -18.67 -5.47 -36.76
N PRO B 576 -17.78 -6.44 -36.52
CA PRO B 576 -16.71 -6.63 -37.44
C PRO B 576 -17.14 -7.05 -38.85
N GLN B 577 -17.99 -8.06 -39.01
CA GLN B 577 -18.35 -8.60 -40.36
C GLN B 577 -19.27 -7.67 -41.16
N THR B 578 -20.28 -7.11 -40.52
CA THR B 578 -21.14 -6.13 -41.23
C THR B 578 -21.03 -4.80 -40.51
N LEU B 579 -20.99 -3.68 -41.22
CA LEU B 579 -20.72 -2.43 -40.54
C LEU B 579 -22.02 -1.76 -40.11
N GLU B 580 -22.21 -1.63 -38.81
CA GLU B 580 -23.34 -0.90 -38.24
C GLU B 580 -22.96 -0.45 -36.84
N ILE B 581 -23.94 0.05 -36.09
CA ILE B 581 -23.73 0.54 -34.73
C ILE B 581 -24.56 -0.31 -33.79
N LEU B 582 -23.91 -0.85 -32.76
CA LEU B 582 -24.58 -1.65 -31.74
C LEU B 582 -24.24 -1.06 -30.38
N ASP B 583 -25.18 -0.34 -29.79
CA ASP B 583 -25.01 0.18 -28.45
C ASP B 583 -25.01 -0.94 -27.44
N ILE B 584 -24.11 -0.86 -26.45
CA ILE B 584 -23.97 -1.88 -25.43
C ILE B 584 -24.49 -1.32 -24.11
N THR B 585 -25.57 -1.90 -23.60
CA THR B 585 -26.12 -1.55 -22.30
C THR B 585 -26.26 -2.81 -21.46
N PRO B 586 -25.86 -2.77 -20.18
CA PRO B 586 -26.09 -3.91 -19.30
C PRO B 586 -27.56 -3.97 -18.92
N CYS B 587 -28.12 -5.18 -18.93
CA CYS B 587 -29.56 -5.32 -18.72
C CYS B 587 -29.89 -5.28 -17.23
N SER B 588 -31.15 -5.57 -16.91
CA SER B 588 -31.82 -5.01 -15.74
C SER B 588 -31.21 -5.49 -14.42
N PHE B 589 -31.18 -4.57 -13.46
CA PHE B 589 -30.76 -4.85 -12.10
C PHE B 589 -31.41 -3.80 -11.20
N GLY B 590 -31.41 -4.08 -9.90
CA GLY B 590 -32.01 -3.16 -8.95
C GLY B 590 -31.84 -3.59 -7.51
N GLY B 591 -32.85 -3.31 -6.68
CA GLY B 591 -32.81 -3.70 -5.30
C GLY B 591 -34.06 -4.46 -4.91
N VAL B 592 -33.92 -5.31 -3.89
CA VAL B 592 -35.01 -6.13 -3.40
C VAL B 592 -35.11 -5.94 -1.90
N SER B 593 -36.29 -5.55 -1.43
CA SER B 593 -36.57 -5.45 -0.01
C SER B 593 -37.43 -6.64 0.41
N VAL B 594 -37.73 -6.70 1.71
CA VAL B 594 -38.68 -7.68 2.24
C VAL B 594 -39.61 -6.94 3.17
N ILE B 595 -40.91 -6.97 2.87
CA ILE B 595 -41.92 -6.37 3.73
C ILE B 595 -42.58 -7.49 4.51
N THR B 596 -42.29 -7.57 5.79
CA THR B 596 -42.82 -8.63 6.62
C THR B 596 -43.46 -8.06 7.88
N PRO B 597 -44.47 -8.75 8.42
CA PRO B 597 -44.89 -8.46 9.79
C PRO B 597 -43.97 -9.19 10.77
N GLY B 598 -44.30 -9.16 12.05
CA GLY B 598 -43.47 -9.83 13.03
C GLY B 598 -43.45 -11.33 12.84
N THR B 599 -42.31 -11.94 13.21
CA THR B 599 -42.19 -13.39 13.18
C THR B 599 -43.15 -14.03 14.17
N ASN B 600 -43.37 -13.37 15.31
CA ASN B 600 -44.34 -13.83 16.30
C ASN B 600 -45.77 -13.73 15.81
N THR B 601 -46.04 -12.95 14.76
CA THR B 601 -47.39 -12.75 14.26
C THR B 601 -47.72 -13.65 13.08
N SER B 602 -46.92 -13.58 12.01
CA SER B 602 -47.22 -14.33 10.80
C SER B 602 -45.92 -14.70 10.10
N ASN B 603 -46.06 -15.31 8.93
CA ASN B 603 -44.92 -15.75 8.12
C ASN B 603 -44.97 -15.31 6.67
N GLN B 604 -46.13 -14.91 6.14
CA GLN B 604 -46.21 -14.46 4.76
C GLN B 604 -45.59 -13.08 4.62
N VAL B 605 -44.91 -12.85 3.49
CA VAL B 605 -44.12 -11.65 3.28
C VAL B 605 -44.57 -10.97 1.99
N ALA B 606 -44.10 -9.75 1.80
CA ALA B 606 -44.28 -9.02 0.55
C ALA B 606 -42.92 -8.53 0.07
N VAL B 607 -42.65 -8.64 -1.22
CA VAL B 607 -41.34 -8.38 -1.79
C VAL B 607 -41.43 -7.18 -2.73
N LEU B 608 -40.57 -6.19 -2.52
CA LEU B 608 -40.54 -4.98 -3.31
C LEU B 608 -39.41 -5.06 -4.34
N TYR B 609 -39.76 -5.00 -5.61
CA TYR B 609 -38.77 -4.97 -6.69
C TYR B 609 -38.49 -3.52 -7.02
N GLN B 610 -37.43 -2.97 -6.44
CA GLN B 610 -37.19 -1.54 -6.43
C GLN B 610 -36.67 -1.04 -7.78
N GLY B 611 -37.26 0.05 -8.26
CA GLY B 611 -36.75 0.77 -9.41
C GLY B 611 -36.77 0.02 -10.74
N VAL B 612 -37.89 -0.62 -11.06
CA VAL B 612 -38.04 -1.31 -12.33
C VAL B 612 -39.52 -1.35 -12.69
N ASN B 613 -39.81 -1.29 -13.99
CA ASN B 613 -41.18 -1.42 -14.48
C ASN B 613 -41.63 -2.88 -14.41
N CYS B 614 -42.94 -3.08 -14.50
CA CYS B 614 -43.56 -4.39 -14.36
C CYS B 614 -43.55 -5.20 -15.66
N THR B 615 -42.67 -4.89 -16.60
CA THR B 615 -42.56 -5.67 -17.84
C THR B 615 -41.66 -6.87 -17.69
N GLU B 616 -40.98 -7.04 -16.55
CA GLU B 616 -40.11 -8.18 -16.32
C GLU B 616 -40.71 -9.21 -15.38
N VAL B 617 -41.68 -8.84 -14.55
CA VAL B 617 -42.33 -9.78 -13.65
C VAL B 617 -43.21 -10.85 -14.31
N PRO B 618 -43.78 -10.67 -15.52
CA PRO B 618 -44.42 -11.85 -16.16
C PRO B 618 -43.43 -12.94 -16.53
N VAL B 619 -42.22 -12.58 -16.97
CA VAL B 619 -41.22 -13.59 -17.34
C VAL B 619 -40.34 -13.94 -16.14
N ALA B 620 -40.53 -13.28 -15.00
CA ALA B 620 -39.77 -13.61 -13.80
C ALA B 620 -40.15 -15.00 -13.26
N ILE B 621 -41.34 -15.50 -13.60
CA ILE B 621 -41.72 -16.84 -13.20
C ILE B 621 -40.94 -17.91 -13.97
N HIS B 622 -40.37 -17.56 -15.12
CA HIS B 622 -39.64 -18.49 -15.95
C HIS B 622 -38.21 -18.67 -15.43
N ALA B 623 -37.53 -19.69 -15.93
CA ALA B 623 -36.13 -19.93 -15.64
C ALA B 623 -35.25 -19.03 -16.52
N ASP B 624 -33.94 -19.20 -16.39
CA ASP B 624 -32.93 -18.35 -17.03
C ASP B 624 -33.19 -16.89 -16.71
N GLN B 625 -33.36 -16.60 -15.43
CA GLN B 625 -33.97 -15.35 -14.96
C GLN B 625 -33.18 -14.92 -13.72
N LEU B 626 -33.79 -14.06 -12.90
CA LEU B 626 -33.11 -13.35 -11.83
C LEU B 626 -32.45 -14.30 -10.85
N THR B 627 -31.30 -13.87 -10.33
CA THR B 627 -30.51 -14.69 -9.40
C THR B 627 -31.25 -15.07 -8.12
N PRO B 628 -32.10 -14.22 -7.49
CA PRO B 628 -32.98 -14.73 -6.45
C PRO B 628 -33.89 -15.84 -6.96
N THR B 629 -34.06 -16.87 -6.14
CA THR B 629 -34.75 -18.09 -6.54
C THR B 629 -36.22 -18.08 -6.17
N TRP B 630 -36.61 -17.33 -5.14
CA TRP B 630 -37.97 -17.37 -4.62
C TRP B 630 -38.97 -16.63 -5.50
N ARG B 631 -39.03 -17.00 -6.78
CA ARG B 631 -39.95 -16.40 -7.73
C ARG B 631 -41.32 -17.05 -7.71
N VAL B 632 -41.67 -17.74 -6.62
CA VAL B 632 -43.01 -18.32 -6.47
C VAL B 632 -44.08 -17.26 -6.32
N TYR B 633 -43.71 -16.02 -6.00
CA TYR B 633 -44.65 -14.91 -5.92
C TYR B 633 -44.87 -14.25 -7.28
N SER B 634 -44.19 -14.70 -8.33
CA SER B 634 -44.33 -14.13 -9.66
C SER B 634 -45.56 -14.64 -10.39
N THR B 635 -46.36 -15.51 -9.76
CA THR B 635 -47.58 -16.03 -10.37
C THR B 635 -48.69 -14.98 -10.26
N GLY B 636 -49.93 -15.39 -10.52
CA GLY B 636 -51.04 -14.48 -10.49
C GLY B 636 -51.47 -14.01 -9.12
N SER B 637 -50.55 -13.42 -8.37
CA SER B 637 -50.83 -12.84 -7.08
C SER B 637 -51.08 -11.34 -7.24
N ASN B 638 -51.18 -10.65 -6.11
CA ASN B 638 -51.44 -9.21 -6.14
C ASN B 638 -50.20 -8.46 -6.58
N VAL B 639 -50.34 -7.68 -7.65
CA VAL B 639 -49.21 -6.95 -8.22
C VAL B 639 -49.57 -5.47 -8.27
N PHE B 640 -48.69 -4.64 -7.72
CA PHE B 640 -48.89 -3.21 -7.65
C PHE B 640 -47.68 -2.51 -8.26
N GLN B 641 -47.91 -1.34 -8.83
CA GLN B 641 -46.86 -0.55 -9.45
C GLN B 641 -46.87 0.85 -8.87
N THR B 642 -45.73 1.29 -8.35
CA THR B 642 -45.58 2.61 -7.75
C THR B 642 -44.34 3.27 -8.33
N ARG B 643 -43.99 4.44 -7.77
CA ARG B 643 -42.77 5.11 -8.19
C ARG B 643 -41.52 4.38 -7.70
N ALA B 644 -41.60 3.74 -6.53
CA ALA B 644 -40.45 3.01 -6.01
C ALA B 644 -40.18 1.75 -6.81
N GLY B 645 -41.22 1.03 -7.22
CA GLY B 645 -41.04 -0.16 -8.00
C GLY B 645 -42.29 -1.01 -7.98
N CYS B 646 -42.16 -2.22 -8.52
CA CYS B 646 -43.27 -3.16 -8.66
C CYS B 646 -43.37 -3.98 -7.38
N LEU B 647 -44.37 -3.66 -6.55
CA LEU B 647 -44.56 -4.35 -5.29
C LEU B 647 -45.36 -5.62 -5.52
N ILE B 648 -44.87 -6.73 -4.99
CA ILE B 648 -45.46 -8.06 -5.20
C ILE B 648 -45.80 -8.66 -3.85
N GLY B 649 -47.04 -9.10 -3.70
CA GLY B 649 -47.47 -9.78 -2.49
C GLY B 649 -48.53 -9.04 -1.69
N ALA B 650 -48.90 -7.82 -2.08
CA ALA B 650 -49.92 -7.07 -1.37
C ALA B 650 -50.80 -6.34 -2.37
N GLU B 651 -52.10 -6.37 -2.13
CA GLU B 651 -53.05 -5.67 -2.97
C GLU B 651 -53.25 -4.24 -2.47
N TYR B 652 -53.50 -3.34 -3.41
CA TYR B 652 -53.65 -1.92 -3.09
C TYR B 652 -55.09 -1.65 -2.70
N VAL B 653 -55.34 -1.53 -1.40
CA VAL B 653 -56.62 -1.02 -0.94
C VAL B 653 -56.57 0.49 -0.93
N ASN B 654 -57.74 1.13 -1.04
CA ASN B 654 -57.79 2.59 -1.11
C ASN B 654 -58.33 3.20 0.18
N ASN B 655 -58.14 2.51 1.31
CA ASN B 655 -58.43 3.11 2.60
C ASN B 655 -57.22 3.87 3.11
N SER B 656 -57.40 4.60 4.20
CA SER B 656 -56.34 5.44 4.76
C SER B 656 -56.14 5.09 6.24
N TYR B 657 -54.91 4.76 6.60
CA TYR B 657 -54.53 4.51 7.97
C TYR B 657 -53.18 5.17 8.24
N GLU B 658 -52.73 5.08 9.50
CA GLU B 658 -51.40 5.56 9.85
C GLU B 658 -50.33 4.64 9.27
N CYS B 659 -49.15 5.20 9.02
CA CYS B 659 -48.08 4.43 8.41
C CYS B 659 -47.41 3.51 9.42
N ASP B 660 -47.14 2.28 8.99
CA ASP B 660 -46.43 1.30 9.80
C ASP B 660 -45.08 0.91 9.20
N ILE B 661 -45.09 0.38 7.98
CA ILE B 661 -43.88 0.01 7.26
C ILE B 661 -43.82 0.88 6.00
N PRO B 662 -42.96 1.88 5.95
CA PRO B 662 -42.94 2.76 4.78
C PRO B 662 -42.32 2.07 3.57
N ILE B 663 -42.98 2.21 2.42
CA ILE B 663 -42.51 1.66 1.17
C ILE B 663 -41.72 2.68 0.37
N GLY B 664 -42.28 3.86 0.17
CA GLY B 664 -41.65 4.93 -0.58
C GLY B 664 -42.67 5.67 -1.42
N ALA B 665 -42.50 7.00 -1.48
CA ALA B 665 -43.33 7.90 -2.28
C ALA B 665 -44.81 7.82 -1.89
N GLY B 666 -45.08 7.66 -0.61
CA GLY B 666 -46.45 7.71 -0.11
C GLY B 666 -47.17 6.39 -0.01
N ILE B 667 -46.46 5.27 -0.02
CA ILE B 667 -47.05 3.94 0.10
C ILE B 667 -46.67 3.38 1.46
N CYS B 668 -47.67 2.92 2.21
CA CYS B 668 -47.45 2.36 3.53
C CYS B 668 -48.12 0.99 3.61
N ALA B 669 -47.47 0.07 4.31
CA ALA B 669 -47.93 -1.31 4.40
C ALA B 669 -48.29 -1.64 5.83
N SER B 670 -49.32 -2.47 6.01
CA SER B 670 -49.73 -2.92 7.33
C SER B 670 -50.42 -4.28 7.21
N TYR B 671 -50.47 -4.99 8.33
CA TYR B 671 -51.04 -6.33 8.40
C TYR B 671 -52.46 -6.24 8.94
N GLN B 672 -53.44 -6.46 8.06
CA GLN B 672 -54.85 -6.39 8.43
C GLN B 672 -55.58 -7.63 7.94
N THR B 673 -56.64 -7.99 8.65
CA THR B 673 -57.43 -9.15 8.32
C THR B 673 -58.30 -8.90 7.09
N SER B 686 -58.58 -15.17 6.99
CA SER B 686 -58.34 -14.29 5.86
C SER B 686 -57.51 -13.07 6.27
N GLN B 687 -56.20 -13.26 6.37
CA GLN B 687 -55.27 -12.21 6.74
C GLN B 687 -54.24 -12.05 5.63
N SER B 688 -54.01 -10.82 5.20
CA SER B 688 -53.08 -10.54 4.12
C SER B 688 -52.48 -9.16 4.31
N ILE B 689 -51.36 -8.93 3.63
CA ILE B 689 -50.68 -7.65 3.68
C ILE B 689 -51.38 -6.69 2.72
N ILE B 690 -51.63 -5.47 3.17
CA ILE B 690 -52.27 -4.45 2.36
C ILE B 690 -51.35 -3.25 2.27
N ALA B 691 -51.28 -2.63 1.09
CA ALA B 691 -50.55 -1.40 0.87
C ALA B 691 -51.54 -0.31 0.52
N TYR B 692 -51.43 0.85 1.17
CA TYR B 692 -52.39 1.91 0.99
C TYR B 692 -51.67 3.24 0.96
N THR B 693 -52.36 4.26 0.42
CA THR B 693 -51.83 5.61 0.45
C THR B 693 -51.83 6.13 1.88
N MET B 694 -50.73 6.80 2.25
CA MET B 694 -50.55 7.26 3.61
C MET B 694 -51.57 8.32 3.98
N SER B 695 -52.15 8.18 5.17
CA SER B 695 -53.02 9.20 5.74
C SER B 695 -52.17 10.18 6.52
N LEU B 696 -52.24 11.46 6.14
CA LEU B 696 -51.35 12.45 6.75
C LEU B 696 -51.74 12.70 8.20
N GLY B 697 -53.02 12.56 8.53
CA GLY B 697 -53.48 12.74 9.89
C GLY B 697 -54.99 12.80 9.91
N ALA B 698 -55.52 13.06 11.09
CA ALA B 698 -56.96 13.25 11.24
C ALA B 698 -57.36 14.56 10.58
N GLU B 699 -58.12 14.48 9.50
CA GLU B 699 -58.51 15.68 8.76
C GLU B 699 -59.47 16.50 9.60
N ASN B 700 -59.08 17.73 9.91
CA ASN B 700 -59.81 18.56 10.86
C ASN B 700 -60.06 19.93 10.25
N SER B 701 -61.16 20.55 10.67
CA SER B 701 -61.50 21.90 10.27
C SER B 701 -61.77 22.74 11.51
N VAL B 702 -61.47 24.03 11.41
CA VAL B 702 -61.69 24.98 12.49
C VAL B 702 -62.52 26.13 11.95
N ALA B 703 -63.54 26.52 12.71
CA ALA B 703 -64.39 27.63 12.29
C ALA B 703 -63.64 28.95 12.42
N TYR B 704 -64.18 29.97 11.77
CA TYR B 704 -63.61 31.31 11.85
C TYR B 704 -64.70 32.32 11.53
N SER B 705 -64.67 33.45 12.23
CA SER B 705 -65.59 34.53 11.96
C SER B 705 -64.94 35.84 12.42
N ASN B 706 -65.65 36.95 12.19
CA ASN B 706 -65.15 38.24 12.62
C ASN B 706 -65.07 38.37 14.13
N ASN B 707 -65.91 37.63 14.87
CA ASN B 707 -66.06 37.82 16.30
C ASN B 707 -66.17 36.47 17.02
N SER B 708 -65.37 35.49 16.62
CA SER B 708 -65.41 34.17 17.22
C SER B 708 -64.14 33.96 18.05
N ILE B 709 -64.32 33.73 19.34
CA ILE B 709 -63.21 33.49 20.26
C ILE B 709 -63.54 32.26 21.09
N ALA B 710 -62.52 31.43 21.33
CA ALA B 710 -62.66 30.23 22.15
C ALA B 710 -61.68 30.31 23.31
N ILE B 711 -62.20 30.19 24.53
CA ILE B 711 -61.43 30.36 25.75
C ILE B 711 -61.56 29.08 26.57
N PRO B 712 -60.46 28.45 26.99
CA PRO B 712 -60.57 27.21 27.75
C PRO B 712 -60.95 27.43 29.20
N THR B 713 -61.67 26.47 29.76
CA THR B 713 -62.19 26.56 31.12
C THR B 713 -61.62 25.49 32.05
N ASN B 714 -60.61 24.74 31.62
CA ASN B 714 -60.06 23.67 32.44
C ASN B 714 -58.62 23.42 32.03
N PHE B 715 -57.87 22.78 32.92
CA PHE B 715 -56.46 22.54 32.71
C PHE B 715 -56.10 21.13 33.15
N THR B 716 -55.06 20.57 32.54
CA THR B 716 -54.56 19.25 32.91
C THR B 716 -53.05 19.32 33.04
N ILE B 717 -52.53 19.09 34.24
CA ILE B 717 -51.08 18.98 34.42
C ILE B 717 -50.62 17.66 33.84
N SER B 718 -49.62 17.72 32.97
CA SER B 718 -49.11 16.54 32.28
C SER B 718 -47.62 16.42 32.52
N VAL B 719 -47.14 15.17 32.61
CA VAL B 719 -45.73 14.88 32.80
C VAL B 719 -45.23 14.17 31.56
N THR B 720 -44.27 14.78 30.88
CA THR B 720 -43.68 14.23 29.67
C THR B 720 -42.19 13.96 29.89
N THR B 721 -41.75 12.80 29.45
CA THR B 721 -40.36 12.39 29.61
C THR B 721 -39.57 12.75 28.35
N GLU B 722 -38.26 12.86 28.52
CA GLU B 722 -37.37 13.23 27.42
C GLU B 722 -35.99 12.65 27.70
N ILE B 723 -35.52 11.79 26.81
CA ILE B 723 -34.30 11.02 27.01
C ILE B 723 -33.22 11.58 26.10
N LEU B 724 -32.06 11.91 26.68
CA LEU B 724 -30.93 12.44 25.91
C LEU B 724 -29.67 11.68 26.28
N PRO B 725 -28.86 11.27 25.31
CA PRO B 725 -27.53 10.75 25.63
C PRO B 725 -26.63 11.89 26.11
N VAL B 726 -25.64 11.53 26.93
CA VAL B 726 -24.68 12.52 27.41
C VAL B 726 -23.23 12.08 27.24
N SER B 727 -22.93 10.79 27.14
CA SER B 727 -21.56 10.31 27.01
C SER B 727 -21.61 8.88 26.51
N MET B 728 -20.47 8.40 26.03
CA MET B 728 -20.35 7.03 25.57
C MET B 728 -19.15 6.37 26.25
N THR B 729 -18.88 5.13 25.87
CA THR B 729 -17.84 4.35 26.54
C THR B 729 -16.46 4.82 26.12
N LYS B 730 -15.66 5.26 27.09
CA LYS B 730 -14.28 5.60 26.82
C LYS B 730 -13.51 4.34 26.45
N THR B 731 -12.58 4.48 25.51
CA THR B 731 -11.76 3.35 25.11
C THR B 731 -10.39 3.84 24.69
N SER B 732 -9.42 2.93 24.72
CA SER B 732 -8.06 3.26 24.33
C SER B 732 -7.40 1.99 23.82
N VAL B 733 -6.75 2.13 22.67
CA VAL B 733 -6.20 0.92 22.05
C VAL B 733 -4.72 1.12 21.83
N ASP B 734 -3.98 0.03 21.66
CA ASP B 734 -2.51 0.08 21.43
C ASP B 734 -2.31 -0.38 20.01
N CYS B 735 -1.64 0.42 19.22
CA CYS B 735 -1.51 0.11 17.79
C CYS B 735 -0.65 -1.12 17.63
N THR B 736 0.43 -1.17 18.36
CA THR B 736 1.39 -2.25 18.13
C THR B 736 0.73 -3.62 18.30
N MET B 737 -0.05 -3.79 19.38
CA MET B 737 -0.58 -5.11 19.70
C MET B 737 -1.74 -5.51 18.79
N TYR B 738 -2.51 -4.54 18.29
CA TYR B 738 -3.60 -4.88 17.38
C TYR B 738 -3.06 -5.35 16.03
N ILE B 739 -2.12 -4.60 15.47
CA ILE B 739 -1.64 -4.89 14.12
C ILE B 739 -0.77 -6.15 14.13
N CYS B 740 0.18 -6.23 15.05
CA CYS B 740 1.06 -7.37 15.19
C CYS B 740 0.86 -8.00 16.57
N GLY B 741 1.01 -9.31 16.64
CA GLY B 741 0.82 -9.99 17.91
C GLY B 741 2.06 -9.89 18.79
N ASP B 742 2.46 -11.01 19.39
CA ASP B 742 3.68 -11.07 20.19
C ASP B 742 4.88 -11.43 19.30
N SER B 743 5.01 -10.68 18.20
CA SER B 743 6.06 -10.91 17.22
C SER B 743 7.05 -9.75 17.29
N THR B 744 8.33 -10.09 17.47
CA THR B 744 9.35 -9.06 17.56
C THR B 744 9.70 -8.45 16.22
N GLU B 745 9.72 -9.26 15.15
CA GLU B 745 10.08 -8.74 13.85
C GLU B 745 8.93 -7.96 13.22
N CYS B 746 7.69 -8.26 13.60
CA CYS B 746 6.56 -7.46 13.13
C CYS B 746 6.53 -6.06 13.74
N SER B 747 7.13 -5.88 14.91
CA SER B 747 7.19 -4.55 15.52
C SER B 747 8.06 -3.60 14.70
N ASN B 748 9.15 -4.11 14.13
CA ASN B 748 10.03 -3.29 13.32
C ASN B 748 9.43 -2.94 11.96
N LEU B 749 8.57 -3.82 11.43
CA LEU B 749 7.91 -3.52 10.16
C LEU B 749 6.92 -2.37 10.30
N LEU B 750 6.20 -2.32 11.43
CA LEU B 750 5.30 -1.20 11.68
C LEU B 750 6.08 0.09 11.93
N LEU B 751 7.27 -0.03 12.54
CA LEU B 751 8.12 1.14 12.76
C LEU B 751 8.58 1.76 11.45
N GLN B 752 8.73 0.95 10.41
CA GLN B 752 9.15 1.45 9.10
C GLN B 752 8.10 2.38 8.51
N TYR B 753 6.81 2.14 8.78
CA TYR B 753 5.76 3.03 8.33
C TYR B 753 5.91 4.41 8.96
N GLY B 754 6.15 4.46 10.27
CA GLY B 754 6.62 5.68 10.89
C GLY B 754 5.53 6.62 11.35
N SER B 755 5.44 6.82 12.66
CA SER B 755 4.63 7.85 13.31
C SER B 755 3.15 7.76 13.01
N PHE B 756 2.66 6.65 12.45
CA PHE B 756 1.25 6.52 12.16
C PHE B 756 0.45 6.20 13.41
N CYS B 757 1.01 5.37 14.27
CA CYS B 757 0.25 4.96 15.45
C CYS B 757 0.11 6.10 16.46
N THR B 758 1.06 7.03 16.52
CA THR B 758 0.93 8.05 17.57
C THR B 758 -0.33 8.83 17.30
N GLN B 759 -0.64 9.15 16.06
CA GLN B 759 -1.84 10.00 15.89
C GLN B 759 -3.03 9.21 16.41
N LEU B 760 -3.04 7.90 16.22
CA LEU B 760 -4.24 7.16 16.65
C LEU B 760 -4.38 7.27 18.17
N LYS B 761 -3.34 7.06 18.96
CA LYS B 761 -3.55 7.17 20.42
C LYS B 761 -3.92 8.60 20.79
N ARG B 762 -3.27 9.58 20.19
CA ARG B 762 -3.53 10.98 20.59
C ARG B 762 -4.97 11.38 20.27
N ALA B 763 -5.53 10.90 19.18
CA ALA B 763 -6.94 11.19 18.87
C ALA B 763 -7.83 10.54 19.90
N LEU B 764 -7.59 9.28 20.22
CA LEU B 764 -8.48 8.52 21.13
C LEU B 764 -8.44 9.08 22.54
N THR B 765 -7.31 9.57 23.01
CA THR B 765 -7.34 10.20 24.35
C THR B 765 -8.20 11.43 24.23
N GLY B 766 -8.02 12.22 23.18
CA GLY B 766 -8.81 13.43 23.15
C GLY B 766 -10.30 13.18 23.34
N ILE B 767 -10.80 12.05 22.84
CA ILE B 767 -12.19 11.68 23.10
C ILE B 767 -12.36 11.29 24.56
N ALA B 768 -11.43 10.48 25.09
CA ALA B 768 -11.58 9.93 26.43
C ALA B 768 -11.49 11.00 27.50
N VAL B 769 -10.65 12.02 27.30
CA VAL B 769 -10.64 13.16 28.21
C VAL B 769 -11.95 13.92 28.09
N GLU B 770 -12.45 14.10 26.87
CA GLU B 770 -13.66 14.88 26.65
C GLU B 770 -14.89 14.20 27.21
N GLN B 771 -14.92 12.87 27.23
CA GLN B 771 -16.06 12.15 27.79
C GLN B 771 -16.19 12.41 29.29
N ASP B 772 -15.06 12.47 30.00
CA ASP B 772 -15.08 12.85 31.40
C ASP B 772 -15.39 14.33 31.56
N LYS B 773 -15.15 15.13 30.53
CA LYS B 773 -15.52 16.54 30.58
C LYS B 773 -17.01 16.74 30.37
N ASN B 774 -17.64 15.87 29.56
CA ASN B 774 -19.05 16.02 29.22
C ASN B 774 -19.95 15.87 30.44
N THR B 775 -19.58 15.00 31.38
CA THR B 775 -20.38 14.82 32.58
C THR B 775 -20.31 16.03 33.50
N GLN B 776 -19.20 16.77 33.48
CA GLN B 776 -19.05 17.88 34.40
C GLN B 776 -19.88 19.11 34.00
N GLU B 777 -20.17 19.31 32.72
CA GLU B 777 -20.97 20.47 32.36
C GLU B 777 -22.46 20.26 32.62
N VAL B 778 -22.89 19.02 32.84
CA VAL B 778 -24.32 18.76 32.99
C VAL B 778 -24.66 18.61 34.46
N PHE B 779 -24.08 17.61 35.12
CA PHE B 779 -24.48 17.29 36.48
C PHE B 779 -23.87 18.20 37.53
N ALA B 780 -22.80 18.91 37.21
CA ALA B 780 -22.05 19.68 38.20
C ALA B 780 -22.30 21.19 38.08
N GLN B 781 -23.54 21.58 37.84
CA GLN B 781 -23.86 23.01 37.74
C GLN B 781 -23.70 23.74 39.07
N VAL B 782 -23.72 23.03 40.19
CA VAL B 782 -23.59 23.64 41.50
C VAL B 782 -22.47 22.93 42.26
N LYS B 783 -21.89 23.64 43.22
CA LYS B 783 -20.74 23.12 43.95
C LYS B 783 -21.09 22.61 45.35
N GLN B 784 -21.88 23.37 46.10
CA GLN B 784 -22.29 22.93 47.43
C GLN B 784 -23.31 21.81 47.29
N ILE B 785 -22.95 20.60 47.74
CA ILE B 785 -23.85 19.46 47.64
C ILE B 785 -24.95 19.61 48.68
N TYR B 786 -26.13 20.01 48.24
CA TYR B 786 -27.22 20.28 49.16
C TYR B 786 -27.79 19.00 49.72
N LYS B 787 -27.96 18.95 51.04
CA LYS B 787 -28.49 17.77 51.71
C LYS B 787 -30.00 17.69 51.51
N THR B 788 -30.49 16.48 51.30
CA THR B 788 -31.92 16.27 51.17
C THR B 788 -32.61 16.56 52.49
N PRO B 789 -33.82 17.11 52.47
CA PRO B 789 -34.54 17.38 53.72
C PRO B 789 -34.93 16.09 54.41
N PRO B 790 -34.78 16.02 55.74
CA PRO B 790 -35.14 14.78 56.45
C PRO B 790 -36.64 14.61 56.65
N ILE B 791 -37.45 15.60 56.33
CA ILE B 791 -38.89 15.54 56.56
C ILE B 791 -39.62 15.60 55.23
N LYS B 792 -40.67 14.80 55.11
CA LYS B 792 -41.47 14.69 53.90
C LYS B 792 -42.64 15.70 53.98
N TYR B 793 -43.66 15.47 53.16
CA TYR B 793 -44.84 16.35 53.02
C TYR B 793 -44.43 17.74 52.53
N PHE B 794 -43.97 17.75 51.28
CA PHE B 794 -43.63 18.98 50.56
C PHE B 794 -44.92 19.66 50.10
N GLY B 795 -45.62 20.29 51.05
CA GLY B 795 -46.76 21.12 50.75
C GLY B 795 -48.04 20.38 50.41
N GLY B 796 -47.98 19.09 50.10
CA GLY B 796 -49.16 18.35 49.72
C GLY B 796 -48.93 17.45 48.53
N PHE B 797 -47.71 17.50 47.98
CA PHE B 797 -47.37 16.70 46.81
C PHE B 797 -46.67 15.42 47.29
N ASN B 798 -46.27 14.58 46.34
CA ASN B 798 -45.57 13.34 46.66
C ASN B 798 -44.34 13.23 45.77
N PHE B 799 -43.16 13.25 46.39
CA PHE B 799 -41.90 13.11 45.70
C PHE B 799 -41.17 11.83 46.05
N SER B 800 -41.94 10.85 46.50
CA SER B 800 -41.30 9.60 46.97
C SER B 800 -40.71 8.91 45.77
N GLN B 801 -41.36 9.00 44.64
CA GLN B 801 -40.88 8.24 43.48
C GLN B 801 -39.51 8.76 43.02
N ILE B 802 -39.26 10.07 43.09
CA ILE B 802 -37.99 10.68 42.61
C ILE B 802 -36.91 10.83 43.69
N LEU B 803 -37.22 11.17 44.95
CA LEU B 803 -36.21 11.45 46.01
C LEU B 803 -35.65 10.15 46.58
N PRO B 804 -34.32 9.98 46.81
CA PRO B 804 -33.68 8.70 47.14
C PRO B 804 -34.25 8.06 48.39
N ASP B 805 -34.23 6.74 48.41
CA ASP B 805 -34.76 5.94 49.50
C ASP B 805 -33.63 5.29 50.27
N PRO B 806 -33.47 5.57 51.57
CA PRO B 806 -32.36 4.96 52.33
C PRO B 806 -32.48 3.46 52.50
N SER B 807 -33.67 2.88 52.33
CA SER B 807 -33.83 1.43 52.50
C SER B 807 -33.17 0.63 51.39
N LYS B 808 -32.95 1.26 50.23
CA LYS B 808 -32.28 0.58 49.14
C LYS B 808 -30.81 0.35 49.48
N PRO B 809 -30.21 -0.75 49.02
CA PRO B 809 -28.76 -0.89 49.18
C PRO B 809 -27.87 -0.11 48.19
N SER B 810 -28.33 0.21 46.98
CA SER B 810 -27.70 1.22 46.14
C SER B 810 -28.48 2.52 46.30
N LYS B 811 -27.80 3.58 46.74
CA LYS B 811 -28.48 4.82 47.12
C LYS B 811 -28.95 5.54 45.86
N ARG B 812 -30.14 5.13 45.40
CA ARG B 812 -30.76 5.70 44.20
C ARG B 812 -32.23 5.96 44.53
N SER B 813 -33.01 6.31 43.53
CA SER B 813 -34.43 6.64 43.78
C SER B 813 -35.26 5.52 43.17
N PRO B 814 -36.56 5.40 43.46
CA PRO B 814 -37.32 4.37 42.78
C PRO B 814 -37.43 4.37 41.23
N ILE B 815 -37.75 5.49 40.57
CA ILE B 815 -37.89 5.56 39.07
C ILE B 815 -36.53 5.29 38.48
N GLU B 816 -35.49 5.81 39.11
CA GLU B 816 -34.12 5.54 38.63
C GLU B 816 -33.91 4.05 38.82
N ASP B 817 -34.62 3.44 39.77
CA ASP B 817 -34.31 2.00 39.94
C ASP B 817 -34.61 1.19 38.66
N LEU B 818 -35.76 1.40 38.02
CA LEU B 818 -36.06 0.69 36.76
C LEU B 818 -35.02 1.05 35.71
N LEU B 819 -34.70 2.33 35.58
CA LEU B 819 -33.89 2.77 34.46
C LEU B 819 -32.57 2.02 34.39
N PHE B 820 -32.10 1.47 35.49
CA PHE B 820 -30.86 0.71 35.49
C PHE B 820 -31.08 -0.75 35.12
N ASN B 821 -32.33 -1.17 34.93
CA ASN B 821 -32.66 -2.55 34.58
C ASN B 821 -33.15 -2.71 33.15
N LYS B 822 -33.91 -1.75 32.63
CA LYS B 822 -34.36 -1.83 31.24
C LYS B 822 -33.20 -1.72 30.28
N VAL B 823 -32.25 -0.83 30.55
CA VAL B 823 -31.06 -0.70 29.73
C VAL B 823 -30.11 -1.84 30.05
N THR B 824 -29.64 -2.52 29.01
CA THR B 824 -28.65 -3.57 29.16
C THR B 824 -27.30 -3.10 28.64
N LEU B 825 -26.26 -3.80 29.07
CA LEU B 825 -24.90 -3.46 28.66
C LEU B 825 -24.13 -4.72 28.25
N LEU B 846 -16.32 -11.77 27.43
CA LEU B 846 -17.72 -11.88 27.08
C LEU B 846 -18.29 -10.51 26.70
N ILE B 847 -19.01 -9.90 27.63
CA ILE B 847 -19.53 -8.55 27.40
C ILE B 847 -18.40 -7.53 27.42
N CYS B 848 -17.49 -7.66 28.37
CA CYS B 848 -16.38 -6.72 28.51
C CYS B 848 -15.06 -7.40 28.82
N ALA B 849 -15.03 -8.72 28.97
CA ALA B 849 -13.82 -9.41 29.43
C ALA B 849 -12.95 -9.92 28.29
N GLN B 850 -13.54 -10.45 27.23
CA GLN B 850 -12.77 -11.08 26.16
C GLN B 850 -12.25 -10.09 25.13
N LYS B 851 -12.57 -8.81 25.25
CA LYS B 851 -12.12 -7.82 24.28
C LYS B 851 -10.64 -7.47 24.40
N PHE B 852 -9.94 -8.02 25.40
CA PHE B 852 -8.55 -7.65 25.66
C PHE B 852 -7.66 -8.29 24.60
N LYS B 853 -7.61 -7.65 23.43
CA LYS B 853 -6.68 -8.01 22.37
C LYS B 853 -5.93 -6.78 21.88
N GLY B 854 -5.65 -5.86 22.79
CA GLY B 854 -5.06 -4.58 22.44
C GLY B 854 -5.95 -3.44 22.90
N LEU B 855 -7.25 -3.66 22.81
CA LEU B 855 -8.22 -2.66 23.24
C LEU B 855 -8.45 -2.76 24.74
N THR B 856 -9.07 -1.72 25.30
CA THR B 856 -9.46 -1.72 26.70
C THR B 856 -10.63 -0.76 26.87
N VAL B 857 -11.31 -0.90 28.00
CA VAL B 857 -12.43 -0.04 28.35
C VAL B 857 -12.04 0.68 29.64
N LEU B 858 -11.60 1.92 29.52
CA LEU B 858 -11.19 2.67 30.70
C LEU B 858 -12.41 2.97 31.56
N PRO B 859 -12.28 2.86 32.88
CA PRO B 859 -13.39 3.23 33.76
C PRO B 859 -13.60 4.74 33.76
N PRO B 860 -14.84 5.20 33.85
CA PRO B 860 -15.08 6.64 33.94
C PRO B 860 -14.56 7.19 35.26
N LEU B 861 -14.19 8.48 35.24
CA LEU B 861 -13.71 9.12 36.45
C LEU B 861 -14.82 9.25 37.49
N LEU B 862 -16.01 9.65 37.06
CA LEU B 862 -17.17 9.71 37.94
C LEU B 862 -17.90 8.38 37.89
N THR B 863 -18.13 7.80 39.07
CA THR B 863 -18.82 6.52 39.14
C THR B 863 -20.32 6.74 39.22
N ASP B 864 -21.08 5.66 39.39
CA ASP B 864 -22.52 5.74 39.45
C ASP B 864 -23.02 6.24 40.80
N GLU B 865 -22.14 6.39 41.80
CA GLU B 865 -22.55 6.88 43.10
C GLU B 865 -22.52 8.40 43.18
N MET B 866 -21.42 9.01 42.74
CA MET B 866 -21.32 10.46 42.79
C MET B 866 -22.25 11.14 41.78
N ILE B 867 -22.49 10.49 40.63
CA ILE B 867 -23.51 10.96 39.71
C ILE B 867 -24.89 10.89 40.36
N ALA B 868 -25.14 9.82 41.11
CA ALA B 868 -26.38 9.71 41.88
C ALA B 868 -26.45 10.69 43.04
N GLN B 869 -25.33 11.30 43.43
CA GLN B 869 -25.35 12.32 44.48
C GLN B 869 -25.57 13.71 43.91
N TYR B 870 -24.99 14.01 42.74
CA TYR B 870 -25.25 15.29 42.08
C TYR B 870 -26.71 15.41 41.70
N THR B 871 -27.30 14.34 41.17
CA THR B 871 -28.73 14.33 40.87
C THR B 871 -29.55 14.49 42.15
N SER B 872 -29.11 13.85 43.24
CA SER B 872 -29.74 14.04 44.53
C SER B 872 -29.42 15.39 45.15
N ALA B 873 -28.46 16.14 44.60
CA ALA B 873 -28.21 17.50 45.04
C ALA B 873 -29.01 18.52 44.25
N LEU B 874 -29.15 18.29 42.94
CA LEU B 874 -30.03 19.13 42.13
C LEU B 874 -31.48 19.01 42.58
N LEU B 875 -31.91 17.80 42.91
CA LEU B 875 -33.29 17.56 43.32
C LEU B 875 -33.59 18.20 44.67
N ALA B 876 -32.62 18.22 45.58
CA ALA B 876 -32.86 18.76 46.91
C ALA B 876 -32.82 20.28 46.96
N GLY B 877 -32.32 20.93 45.91
CA GLY B 877 -32.30 22.37 45.87
C GLY B 877 -33.45 22.93 45.07
N THR B 878 -33.88 22.21 44.04
CA THR B 878 -35.01 22.63 43.23
C THR B 878 -36.34 22.51 43.96
N ILE B 879 -36.36 21.88 45.12
CA ILE B 879 -37.59 21.72 45.88
C ILE B 879 -37.74 22.81 46.93
N THR B 880 -36.70 23.07 47.72
CA THR B 880 -36.80 24.01 48.82
C THR B 880 -36.26 25.41 48.51
N SER B 881 -35.70 25.61 47.33
CA SER B 881 -35.18 26.94 46.99
C SER B 881 -35.71 27.46 45.66
N GLY B 882 -35.89 26.60 44.67
CA GLY B 882 -36.44 27.00 43.39
C GLY B 882 -35.34 27.28 42.38
N TRP B 883 -35.41 28.42 41.72
CA TRP B 883 -34.41 28.81 40.74
C TRP B 883 -33.26 29.60 41.36
N THR B 884 -33.34 29.96 42.62
CA THR B 884 -32.30 30.85 43.12
C THR B 884 -31.00 30.12 43.21
N PHE B 885 -31.02 28.88 43.57
CA PHE B 885 -29.76 28.23 43.91
C PHE B 885 -28.80 28.14 42.73
N GLY B 886 -29.22 28.57 41.55
CA GLY B 886 -28.34 28.66 40.40
C GLY B 886 -27.91 30.05 40.02
N ALA B 887 -27.95 30.95 40.99
CA ALA B 887 -27.52 32.34 40.77
C ALA B 887 -27.12 32.97 42.09
N GLY B 888 -26.18 32.38 42.81
CA GLY B 888 -25.87 32.97 44.13
C GLY B 888 -26.26 32.13 45.31
N PRO B 889 -26.36 32.71 46.50
CA PRO B 889 -26.63 31.93 47.68
C PRO B 889 -27.99 31.27 47.49
N ALA B 890 -28.20 30.04 47.95
CA ALA B 890 -29.47 29.34 47.71
C ALA B 890 -30.40 29.74 48.81
N LEU B 891 -31.45 30.46 48.45
CA LEU B 891 -32.40 30.93 49.46
C LEU B 891 -33.32 29.78 49.83
N GLN B 892 -34.43 30.03 50.49
CA GLN B 892 -35.37 29.03 50.95
C GLN B 892 -36.79 29.56 50.85
N ILE B 893 -37.69 28.73 50.34
CA ILE B 893 -39.11 29.06 50.15
C ILE B 893 -39.87 27.75 50.03
N PRO B 894 -41.06 27.61 50.68
CA PRO B 894 -41.91 26.42 50.49
C PRO B 894 -42.11 25.83 49.07
N PHE B 895 -42.81 24.70 48.88
CA PHE B 895 -43.14 24.21 47.50
C PHE B 895 -44.58 24.48 47.11
N PRO B 896 -45.53 24.88 47.97
CA PRO B 896 -46.82 25.29 47.51
C PRO B 896 -46.67 26.75 47.09
N MET B 897 -45.45 27.31 47.10
CA MET B 897 -45.23 28.66 46.55
C MET B 897 -44.31 28.62 45.32
N GLN B 898 -43.24 27.86 45.33
CA GLN B 898 -42.42 27.81 44.12
C GLN B 898 -43.35 27.36 43.03
N MET B 899 -44.54 26.82 43.33
CA MET B 899 -45.47 26.54 42.23
C MET B 899 -46.27 27.77 41.86
N ALA B 900 -46.60 28.64 42.80
CA ALA B 900 -47.48 29.77 42.44
C ALA B 900 -46.66 30.86 41.81
N TYR B 901 -45.34 30.87 41.97
CA TYR B 901 -44.50 31.79 41.21
C TYR B 901 -44.03 31.17 39.91
N ARG B 902 -44.55 30.00 39.57
CA ARG B 902 -44.33 29.40 38.26
C ARG B 902 -45.58 29.33 37.41
N PHE B 903 -46.76 29.55 37.99
CA PHE B 903 -47.93 29.95 37.19
C PHE B 903 -47.92 31.41 36.81
N ASN B 904 -47.05 32.21 37.42
CA ASN B 904 -47.07 33.63 37.10
C ASN B 904 -46.32 33.91 35.80
N GLY B 905 -45.37 33.06 35.44
CA GLY B 905 -44.71 33.18 34.15
C GLY B 905 -45.58 32.76 32.99
N ILE B 906 -46.55 31.88 33.22
CA ILE B 906 -47.46 31.47 32.15
C ILE B 906 -48.36 32.63 31.74
N GLY B 907 -48.89 33.34 32.73
CA GLY B 907 -49.95 34.31 32.50
C GLY B 907 -51.29 33.88 33.08
N VAL B 908 -51.33 32.78 33.82
CA VAL B 908 -52.59 32.28 34.35
C VAL B 908 -52.79 32.78 35.78
N THR B 909 -51.79 33.47 36.33
CA THR B 909 -51.79 34.10 37.66
C THR B 909 -51.92 33.09 38.79
N GLN B 910 -51.96 33.58 40.03
CA GLN B 910 -51.84 32.74 41.21
C GLN B 910 -53.18 32.29 41.78
N ASN B 911 -54.30 32.79 41.28
CA ASN B 911 -55.60 32.38 41.80
C ASN B 911 -55.93 30.94 41.44
N VAL B 912 -55.30 30.40 40.40
CA VAL B 912 -55.60 29.04 39.97
C VAL B 912 -54.98 28.00 40.89
N LEU B 913 -53.89 28.33 41.60
CA LEU B 913 -53.21 27.28 42.43
C LEU B 913 -53.82 27.19 43.81
N TYR B 914 -53.62 28.18 44.68
CA TYR B 914 -54.30 28.15 46.01
C TYR B 914 -55.72 27.63 45.86
N GLU B 915 -56.63 28.44 45.34
CA GLU B 915 -57.93 27.82 45.17
C GLU B 915 -57.79 26.55 44.35
N ASN B 916 -58.57 25.53 44.72
CA ASN B 916 -58.54 24.21 44.08
C ASN B 916 -57.12 23.63 44.12
N GLN B 917 -56.54 23.61 45.32
CA GLN B 917 -55.15 23.19 45.46
C GLN B 917 -55.00 21.68 45.39
N LYS B 918 -55.93 20.93 45.98
CA LYS B 918 -55.71 19.50 46.19
C LYS B 918 -55.79 18.70 44.90
N LEU B 919 -56.63 19.13 43.95
CA LEU B 919 -56.74 18.42 42.68
C LEU B 919 -55.46 18.54 41.87
N ILE B 920 -54.80 19.70 41.92
CA ILE B 920 -53.51 19.84 41.26
C ILE B 920 -52.47 18.98 41.96
N ALA B 921 -52.58 18.83 43.28
CA ALA B 921 -51.74 17.87 43.99
C ALA B 921 -52.06 16.44 43.55
N ASN B 922 -53.33 16.13 43.37
CA ASN B 922 -53.71 14.77 42.97
C ASN B 922 -53.42 14.53 41.50
N GLN B 923 -53.54 15.55 40.65
CA GLN B 923 -53.19 15.39 39.24
C GLN B 923 -51.69 15.16 39.08
N PHE B 924 -50.87 15.88 39.85
CA PHE B 924 -49.44 15.63 39.81
C PHE B 924 -49.11 14.26 40.40
N ASN B 925 -49.83 13.86 41.46
CA ASN B 925 -49.57 12.56 42.08
C ASN B 925 -49.96 11.41 41.15
N SER B 926 -51.07 11.56 40.43
CA SER B 926 -51.46 10.50 39.49
C SER B 926 -50.59 10.50 38.25
N ALA B 927 -50.12 11.67 37.82
CA ALA B 927 -49.25 11.74 36.65
C ALA B 927 -47.90 11.06 36.92
N ILE B 928 -47.35 11.24 38.12
CA ILE B 928 -46.10 10.58 38.44
C ILE B 928 -46.33 9.09 38.72
N GLY B 929 -47.56 8.68 39.00
CA GLY B 929 -47.83 7.26 39.14
C GLY B 929 -47.90 6.56 37.79
N LYS B 930 -48.40 7.26 36.77
CA LYS B 930 -48.56 6.66 35.46
C LYS B 930 -47.23 6.51 34.72
N ILE B 931 -46.25 7.37 35.02
CA ILE B 931 -45.00 7.35 34.29
C ILE B 931 -44.17 6.12 34.63
N GLN B 932 -44.45 5.47 35.76
CA GLN B 932 -43.71 4.26 36.11
C GLN B 932 -44.15 3.08 35.23
N ASP B 933 -45.45 2.99 34.94
CA ASP B 933 -45.96 1.88 34.15
C ASP B 933 -45.62 2.05 32.67
N SER B 934 -45.68 3.29 32.16
CA SER B 934 -45.47 3.52 30.74
C SER B 934 -44.03 3.22 30.32
N LEU B 935 -43.07 3.54 31.18
CA LEU B 935 -41.69 3.17 30.91
C LEU B 935 -41.52 1.64 30.96
N SER B 936 -42.27 0.97 31.80
CA SER B 936 -41.98 -0.49 31.87
C SER B 936 -42.34 -1.18 30.55
N SER B 937 -43.60 -1.09 30.12
CA SER B 937 -44.10 -1.83 28.92
C SER B 937 -43.52 -1.39 27.58
N THR B 938 -43.44 -0.10 27.34
CA THR B 938 -43.06 0.33 25.96
C THR B 938 -41.73 -0.30 25.57
N PRO B 939 -41.62 -0.87 24.35
CA PRO B 939 -40.37 -1.43 23.86
C PRO B 939 -39.23 -0.42 23.68
N SER B 940 -39.52 0.78 23.20
CA SER B 940 -38.45 1.75 22.88
C SER B 940 -38.34 2.80 23.97
N ALA B 941 -38.83 2.52 25.18
CA ALA B 941 -38.87 3.61 26.17
C ALA B 941 -37.45 4.16 26.35
N LEU B 942 -36.45 3.30 26.51
CA LEU B 942 -35.07 3.82 26.56
C LEU B 942 -34.47 3.47 25.21
N GLY B 943 -35.12 3.92 24.15
CA GLY B 943 -34.58 3.60 22.84
C GLY B 943 -33.33 4.38 22.48
N LYS B 944 -33.26 5.63 22.91
CA LYS B 944 -32.14 6.49 22.54
C LYS B 944 -30.86 6.15 23.30
N LEU B 945 -30.96 5.44 24.42
CA LEU B 945 -29.79 5.00 25.15
C LEU B 945 -29.43 3.54 24.91
N GLN B 946 -30.41 2.72 24.50
CA GLN B 946 -30.12 1.33 24.22
C GLN B 946 -29.25 1.18 22.97
N ASP B 947 -29.54 1.97 21.94
CA ASP B 947 -28.75 1.88 20.72
C ASP B 947 -27.39 2.56 20.83
N VAL B 948 -27.21 3.46 21.80
CA VAL B 948 -25.90 4.06 22.03
C VAL B 948 -24.92 3.01 22.54
N VAL B 949 -25.35 2.23 23.54
CA VAL B 949 -24.49 1.16 24.03
C VAL B 949 -24.44 -0.01 23.05
N ASN B 950 -25.44 -0.13 22.17
CA ASN B 950 -25.40 -1.16 21.15
C ASN B 950 -24.43 -0.81 20.04
N HIS B 951 -24.37 0.46 19.65
CA HIS B 951 -23.50 0.88 18.55
C HIS B 951 -22.03 0.72 18.92
N ASN B 952 -21.67 1.03 20.16
CA ASN B 952 -20.30 0.80 20.60
C ASN B 952 -20.00 -0.69 20.68
N ALA B 953 -20.98 -1.49 21.09
CA ALA B 953 -20.80 -2.94 21.06
C ALA B 953 -20.69 -3.45 19.63
N GLN B 954 -21.46 -2.87 18.71
CA GLN B 954 -21.38 -3.26 17.32
C GLN B 954 -20.06 -2.81 16.70
N ALA B 955 -19.57 -1.64 17.09
CA ALA B 955 -18.34 -1.12 16.50
C ALA B 955 -17.13 -1.95 16.93
N LEU B 956 -17.05 -2.32 18.20
CA LEU B 956 -15.90 -3.10 18.67
C LEU B 956 -15.93 -4.51 18.10
N ASN B 957 -17.12 -5.09 17.95
CA ASN B 957 -17.22 -6.47 17.46
C ASN B 957 -16.82 -6.57 15.99
N THR B 958 -17.18 -5.58 15.17
CA THR B 958 -16.74 -5.58 13.79
C THR B 958 -15.24 -5.35 13.69
N LEU B 959 -14.67 -4.57 14.61
CA LEU B 959 -13.23 -4.33 14.59
C LEU B 959 -12.45 -5.57 14.96
N VAL B 960 -12.97 -6.36 15.92
CA VAL B 960 -12.23 -7.53 16.38
C VAL B 960 -12.49 -8.74 15.50
N LYS B 961 -13.59 -8.75 14.74
CA LYS B 961 -13.87 -9.87 13.84
C LYS B 961 -13.03 -9.86 12.58
N GLN B 962 -12.37 -8.74 12.27
CA GLN B 962 -11.55 -8.64 11.08
C GLN B 962 -10.11 -9.08 11.31
N LEU B 963 -9.79 -9.57 12.51
CA LEU B 963 -8.46 -10.07 12.77
C LEU B 963 -8.21 -11.44 12.13
N SER B 964 -9.25 -12.11 11.65
CA SER B 964 -9.14 -13.43 11.04
C SER B 964 -9.49 -13.38 9.56
N SER B 965 -9.07 -12.32 8.88
CA SER B 965 -9.36 -12.14 7.46
C SER B 965 -8.07 -12.06 6.66
N LYS B 966 -8.12 -12.60 5.44
CA LYS B 966 -6.90 -12.74 4.65
C LYS B 966 -6.39 -11.41 4.12
N PHE B 967 -7.32 -10.50 3.77
CA PHE B 967 -7.00 -9.20 3.16
C PHE B 967 -6.16 -9.34 1.89
N GLY B 968 -6.36 -10.43 1.15
CA GLY B 968 -5.57 -10.68 -0.03
C GLY B 968 -4.33 -11.51 0.19
N ALA B 969 -4.00 -11.85 1.43
CA ALA B 969 -2.86 -12.70 1.73
C ALA B 969 -3.30 -14.16 1.73
N ILE B 970 -2.42 -15.05 2.18
CA ILE B 970 -2.76 -16.47 2.21
C ILE B 970 -3.43 -16.89 3.51
N SER B 971 -3.07 -16.28 4.63
CA SER B 971 -3.66 -16.63 5.91
C SER B 971 -3.58 -15.43 6.84
N SER B 972 -4.43 -15.42 7.85
CA SER B 972 -4.49 -14.33 8.81
C SER B 972 -3.60 -14.56 10.02
N VAL B 973 -2.86 -15.65 10.05
CA VAL B 973 -1.92 -15.94 11.12
C VAL B 973 -0.59 -15.28 10.78
N LEU B 974 0.09 -14.74 11.79
CA LEU B 974 1.31 -13.98 11.54
C LEU B 974 2.57 -14.83 11.69
N ASN B 975 2.70 -15.54 12.81
CA ASN B 975 3.93 -16.27 13.08
C ASN B 975 4.07 -17.52 12.21
N ASP B 976 2.95 -18.15 11.84
CA ASP B 976 3.02 -19.38 11.06
C ASP B 976 3.44 -19.11 9.63
N ILE B 977 2.95 -18.02 9.03
CA ILE B 977 3.30 -17.71 7.65
C ILE B 977 4.73 -17.20 7.50
N PHE B 978 5.40 -16.86 8.60
CA PHE B 978 6.81 -16.51 8.49
C PHE B 978 7.68 -17.75 8.33
N SER B 979 7.21 -18.89 8.83
CA SER B 979 7.97 -20.13 8.73
C SER B 979 7.61 -20.96 7.49
N ARG B 980 6.44 -20.71 6.92
CA ARG B 980 6.08 -21.42 5.68
C ARG B 980 6.68 -20.69 4.49
N LEU B 981 7.27 -19.52 4.70
CA LEU B 981 7.73 -18.74 3.53
C LEU B 981 9.10 -18.13 3.78
N ASP B 982 9.87 -17.95 2.70
CA ASP B 982 11.23 -17.37 2.81
C ASP B 982 11.08 -15.89 3.09
N PRO B 983 12.11 -15.17 3.59
CA PRO B 983 11.94 -13.78 3.97
C PRO B 983 11.45 -12.78 2.93
N PRO B 984 11.89 -12.76 1.65
CA PRO B 984 11.42 -11.73 0.74
C PRO B 984 9.90 -11.78 0.56
N GLU B 985 9.34 -12.97 0.38
CA GLU B 985 7.88 -13.09 0.15
C GLU B 985 7.12 -12.58 1.37
N ALA B 986 7.60 -12.88 2.57
CA ALA B 986 6.82 -12.50 3.76
C ALA B 986 6.69 -10.99 3.70
N GLU B 987 7.77 -10.29 3.42
CA GLU B 987 7.59 -8.83 3.44
C GLU B 987 6.60 -8.51 2.33
N VAL B 988 6.75 -9.19 1.20
CA VAL B 988 5.88 -8.89 0.02
C VAL B 988 4.51 -9.51 0.25
N GLN B 989 4.17 -9.84 1.51
CA GLN B 989 2.79 -10.22 1.75
C GLN B 989 2.23 -9.64 3.04
N ILE B 990 3.05 -9.49 4.08
CA ILE B 990 2.55 -8.97 5.35
C ILE B 990 2.29 -7.48 5.30
N ASP B 991 2.72 -6.79 4.24
CA ASP B 991 2.29 -5.42 4.03
C ASP B 991 0.78 -5.36 3.82
N ARG B 992 0.21 -6.37 3.15
CA ARG B 992 -1.23 -6.42 2.94
C ARG B 992 -1.99 -6.54 4.25
N LEU B 993 -1.50 -7.39 5.16
CA LEU B 993 -2.13 -7.49 6.47
C LEU B 993 -1.90 -6.24 7.30
N ILE B 994 -0.72 -5.62 7.16
CA ILE B 994 -0.44 -4.40 7.89
C ILE B 994 -1.29 -3.26 7.36
N THR B 995 -1.35 -3.10 6.03
CA THR B 995 -2.20 -2.04 5.48
C THR B 995 -3.67 -2.40 5.51
N GLY B 996 -4.00 -3.66 5.77
CA GLY B 996 -5.39 -4.05 5.92
C GLY B 996 -5.92 -3.67 7.27
N ARG B 997 -5.18 -4.01 8.33
CA ARG B 997 -5.61 -3.71 9.68
C ARG B 997 -5.44 -2.25 10.03
N LEU B 998 -4.40 -1.59 9.50
CA LEU B 998 -4.23 -0.15 9.76
C LEU B 998 -5.35 0.65 9.12
N GLN B 999 -5.78 0.26 7.91
CA GLN B 999 -6.95 0.89 7.32
C GLN B 999 -8.22 0.49 8.05
N SER B 1000 -8.25 -0.71 8.63
CA SER B 1000 -9.41 -1.14 9.40
C SER B 1000 -9.45 -0.51 10.78
N LEU B 1001 -8.33 -0.02 11.29
CA LEU B 1001 -8.35 0.69 12.56
C LEU B 1001 -8.54 2.18 12.37
N GLN B 1002 -8.12 2.72 11.22
CA GLN B 1002 -8.42 4.10 10.90
C GLN B 1002 -9.92 4.31 10.69
N THR B 1003 -10.61 3.31 10.14
CA THR B 1003 -12.05 3.41 9.98
C THR B 1003 -12.76 3.42 11.31
N TYR B 1004 -12.25 2.66 12.28
CA TYR B 1004 -12.86 2.67 13.61
C TYR B 1004 -12.66 4.01 14.31
N VAL B 1005 -11.47 4.59 14.19
CA VAL B 1005 -11.18 5.86 14.85
C VAL B 1005 -11.99 6.99 14.22
N THR B 1006 -12.02 7.04 12.89
CA THR B 1006 -12.72 8.12 12.19
C THR B 1006 -14.22 8.08 12.45
N GLN B 1007 -14.79 6.90 12.64
CA GLN B 1007 -16.19 6.81 13.04
C GLN B 1007 -16.42 7.38 14.43
N GLN B 1008 -15.44 7.25 15.33
CA GLN B 1008 -15.64 7.70 16.70
C GLN B 1008 -15.62 9.22 16.83
N LEU B 1009 -14.75 9.88 16.05
CA LEU B 1009 -14.73 11.35 16.06
C LEU B 1009 -16.03 11.93 15.50
N ILE B 1010 -16.59 11.29 14.48
CA ILE B 1010 -17.89 11.72 13.98
C ILE B 1010 -18.98 11.41 15.00
N ARG B 1011 -18.87 10.26 15.67
CA ARG B 1011 -19.87 9.90 16.68
C ARG B 1011 -19.73 10.76 17.93
N ALA B 1012 -18.51 11.13 18.30
CA ALA B 1012 -18.34 12.00 19.46
C ALA B 1012 -18.72 13.43 19.17
N ALA B 1013 -18.84 13.80 17.90
CA ALA B 1013 -19.26 15.14 17.53
C ALA B 1013 -20.76 15.34 17.62
N GLU B 1014 -21.54 14.27 17.80
CA GLU B 1014 -22.97 14.40 18.01
C GLU B 1014 -23.41 14.11 19.43
N ILE B 1015 -22.59 13.40 20.23
CA ILE B 1015 -22.84 13.34 21.66
C ILE B 1015 -22.54 14.70 22.28
N ARG B 1016 -21.46 15.35 21.84
CA ARG B 1016 -21.16 16.70 22.29
C ARG B 1016 -22.21 17.70 21.80
N ALA B 1017 -22.84 17.41 20.67
CA ALA B 1017 -23.98 18.21 20.25
C ALA B 1017 -25.22 17.93 21.08
N SER B 1018 -25.26 16.78 21.78
CA SER B 1018 -26.36 16.45 22.66
C SER B 1018 -26.04 16.67 24.13
N ALA B 1019 -24.76 16.66 24.51
CA ALA B 1019 -24.39 17.06 25.85
C ALA B 1019 -24.64 18.55 26.07
N ASN B 1020 -24.32 19.36 25.06
CA ASN B 1020 -24.61 20.79 25.13
C ASN B 1020 -26.10 21.09 25.07
N LEU B 1021 -26.89 20.21 24.45
CA LEU B 1021 -28.33 20.37 24.50
C LEU B 1021 -28.88 19.97 25.86
N ALA B 1022 -28.22 19.03 26.54
CA ALA B 1022 -28.60 18.68 27.91
C ALA B 1022 -27.99 19.61 28.94
N ALA B 1023 -26.86 20.24 28.63
CA ALA B 1023 -26.32 21.26 29.52
C ALA B 1023 -27.09 22.56 29.45
N THR B 1024 -27.80 22.82 28.36
CA THR B 1024 -28.69 23.95 28.24
C THR B 1024 -30.13 23.60 28.53
N LYS B 1025 -30.42 22.35 28.90
CA LYS B 1025 -31.74 21.96 29.37
C LYS B 1025 -31.79 21.76 30.86
N MET B 1026 -30.66 21.42 31.48
CA MET B 1026 -30.55 21.36 32.94
C MET B 1026 -30.19 22.69 33.55
N SER B 1027 -30.00 23.72 32.73
CA SER B 1027 -29.73 25.06 33.22
C SER B 1027 -30.80 26.07 32.87
N GLU B 1028 -31.81 25.69 32.08
CA GLU B 1028 -32.92 26.56 31.77
C GLU B 1028 -34.25 25.99 32.21
N CYS B 1029 -34.53 24.71 31.90
CA CYS B 1029 -35.74 24.09 32.41
C CYS B 1029 -35.63 23.80 33.90
N VAL B 1030 -34.48 23.30 34.35
CA VAL B 1030 -34.33 22.89 35.74
C VAL B 1030 -34.13 24.09 36.66
N LEU B 1031 -33.16 24.94 36.34
CA LEU B 1031 -32.80 26.08 37.16
C LEU B 1031 -33.61 27.32 36.86
N GLY B 1032 -34.79 27.16 36.26
CA GLY B 1032 -35.62 28.31 35.96
C GLY B 1032 -36.90 27.87 35.27
N GLN B 1033 -37.50 28.80 34.54
CA GLN B 1033 -38.69 28.51 33.75
C GLN B 1033 -38.51 29.13 32.37
N SER B 1034 -38.57 28.31 31.33
CA SER B 1034 -38.27 28.76 29.98
C SER B 1034 -39.54 29.08 29.21
N LYS B 1035 -39.44 30.12 28.37
CA LYS B 1035 -40.53 30.54 27.49
C LYS B 1035 -40.26 30.20 26.04
N ARG B 1036 -39.27 29.35 25.77
CA ARG B 1036 -39.04 28.83 24.42
C ARG B 1036 -40.08 27.74 24.14
N VAL B 1037 -40.89 27.95 23.10
CA VAL B 1037 -42.02 27.09 22.85
C VAL B 1037 -41.56 25.72 22.38
N ASP B 1038 -42.15 24.66 22.95
CA ASP B 1038 -41.84 23.27 22.63
C ASP B 1038 -40.36 22.94 22.86
N PHE B 1039 -39.78 23.56 23.89
CA PHE B 1039 -38.41 23.27 24.30
C PHE B 1039 -38.38 22.45 25.59
N CYS B 1040 -38.99 22.97 26.66
CA CYS B 1040 -39.04 22.27 27.94
C CYS B 1040 -40.39 21.56 28.09
N GLY B 1041 -40.62 20.61 27.20
CA GLY B 1041 -41.89 19.90 27.21
C GLY B 1041 -42.96 20.60 26.38
N LYS B 1042 -43.88 19.81 25.85
CA LYS B 1042 -44.91 20.36 24.98
C LYS B 1042 -45.98 21.08 25.79
N GLY B 1043 -46.30 22.29 25.37
CA GLY B 1043 -47.19 23.15 26.12
C GLY B 1043 -46.45 24.14 26.98
N TYR B 1044 -47.20 24.83 27.82
CA TYR B 1044 -46.60 25.78 28.75
C TYR B 1044 -45.84 25.04 29.84
N HIS B 1045 -44.68 25.57 30.20
CA HIS B 1045 -43.73 24.87 31.06
C HIS B 1045 -43.90 25.27 32.52
N LEU B 1046 -43.68 24.30 33.41
CA LEU B 1046 -43.73 24.54 34.85
C LEU B 1046 -42.38 24.35 35.53
N MET B 1047 -41.78 23.18 35.43
CA MET B 1047 -40.46 22.88 36.00
C MET B 1047 -39.97 21.57 35.40
N SER B 1048 -38.86 21.05 35.94
CA SER B 1048 -38.33 19.77 35.48
C SER B 1048 -37.64 19.08 36.63
N PHE B 1049 -37.42 17.78 36.47
CA PHE B 1049 -36.78 16.94 37.48
C PHE B 1049 -35.75 16.04 36.80
N PRO B 1050 -34.47 16.32 36.94
CA PRO B 1050 -33.46 15.49 36.27
C PRO B 1050 -33.34 14.12 36.91
N GLN B 1051 -33.09 13.11 36.07
CA GLN B 1051 -32.83 11.75 36.54
C GLN B 1051 -31.70 11.17 35.70
N SER B 1052 -30.91 10.30 36.31
CA SER B 1052 -29.75 9.74 35.66
C SER B 1052 -30.08 8.41 35.00
N ALA B 1053 -29.18 7.97 34.12
CA ALA B 1053 -29.32 6.73 33.38
C ALA B 1053 -27.93 6.32 32.90
N PRO B 1054 -27.71 5.03 32.62
CA PRO B 1054 -26.38 4.60 32.17
C PRO B 1054 -26.02 5.19 30.81
N HIS B 1055 -24.94 5.98 30.79
CA HIS B 1055 -24.44 6.69 29.60
C HIS B 1055 -25.51 7.61 29.02
N GLY B 1056 -26.17 8.36 29.89
CA GLY B 1056 -27.23 9.24 29.44
C GLY B 1056 -27.85 9.97 30.59
N VAL B 1057 -28.93 10.70 30.28
CA VAL B 1057 -29.70 11.45 31.27
C VAL B 1057 -31.14 11.49 30.81
N VAL B 1058 -32.07 11.47 31.77
CA VAL B 1058 -33.50 11.46 31.49
C VAL B 1058 -34.14 12.62 32.22
N PHE B 1059 -34.77 13.51 31.47
CA PHE B 1059 -35.46 14.65 32.03
C PHE B 1059 -36.94 14.34 32.16
N LEU B 1060 -37.56 14.86 33.20
CA LEU B 1060 -38.93 14.52 33.56
C LEU B 1060 -39.71 15.84 33.63
N HIS B 1061 -40.18 16.30 32.48
CA HIS B 1061 -40.80 17.62 32.37
C HIS B 1061 -42.20 17.60 32.96
N VAL B 1062 -42.65 18.78 33.39
CA VAL B 1062 -44.02 18.99 33.85
C VAL B 1062 -44.59 20.16 33.07
N THR B 1063 -45.74 19.95 32.42
CA THR B 1063 -46.30 20.94 31.53
C THR B 1063 -47.75 21.23 31.91
N TYR B 1064 -48.29 22.27 31.28
CA TYR B 1064 -49.63 22.78 31.56
C TYR B 1064 -50.39 22.83 30.24
N VAL B 1065 -51.51 22.13 30.08
CA VAL B 1065 -52.17 22.08 28.75
C VAL B 1065 -53.64 22.44 28.87
N PRO B 1066 -54.15 23.51 28.23
CA PRO B 1066 -55.52 23.93 28.45
C PRO B 1066 -56.46 22.83 27.95
N ALA B 1067 -57.68 22.73 28.45
CA ALA B 1067 -58.50 21.57 28.02
C ALA B 1067 -59.89 21.90 27.50
N GLN B 1068 -60.91 21.86 28.34
CA GLN B 1068 -62.30 22.04 27.84
C GLN B 1068 -62.51 23.48 27.42
N GLU B 1069 -63.09 23.74 26.24
CA GLU B 1069 -63.17 25.11 25.69
C GLU B 1069 -64.59 25.51 25.34
N LYS B 1070 -64.84 26.81 25.16
CA LYS B 1070 -66.21 27.29 24.88
C LYS B 1070 -66.25 28.25 23.68
N ASN B 1071 -67.40 28.86 23.36
CA ASN B 1071 -67.50 29.85 22.29
C ASN B 1071 -68.06 31.14 22.85
N PHE B 1072 -67.50 32.27 22.39
CA PHE B 1072 -67.94 33.58 22.87
C PHE B 1072 -67.84 34.58 21.72
N THR B 1073 -68.52 35.71 21.91
CA THR B 1073 -68.52 36.81 20.96
C THR B 1073 -67.62 37.92 21.47
N THR B 1074 -66.69 38.37 20.64
CA THR B 1074 -65.63 39.28 21.06
C THR B 1074 -65.65 40.59 20.27
N ALA B 1075 -65.05 41.61 20.87
CA ALA B 1075 -64.91 42.93 20.27
C ALA B 1075 -63.48 43.42 20.48
N PRO B 1076 -62.95 44.20 19.54
CA PRO B 1076 -61.59 44.74 19.72
C PRO B 1076 -61.46 45.70 20.88
N ALA B 1077 -62.48 46.50 21.14
CA ALA B 1077 -62.46 47.47 22.23
C ALA B 1077 -63.90 47.78 22.61
N ILE B 1078 -64.06 48.75 23.51
CA ILE B 1078 -65.38 49.24 23.91
C ILE B 1078 -65.36 50.76 23.90
N CYS B 1079 -66.34 51.37 23.26
CA CYS B 1079 -66.52 52.82 23.29
C CYS B 1079 -67.64 53.15 24.28
N HIS B 1080 -67.34 54.03 25.23
CA HIS B 1080 -68.30 54.41 26.26
C HIS B 1080 -68.75 55.86 26.13
N ASP B 1081 -67.80 56.80 26.13
CA ASP B 1081 -68.11 58.22 26.07
C ASP B 1081 -67.48 58.86 24.85
N GLY B 1082 -67.59 58.20 23.70
CA GLY B 1082 -66.98 58.68 22.48
C GLY B 1082 -65.53 58.30 22.31
N LYS B 1083 -64.90 57.74 23.33
CA LYS B 1083 -63.51 57.31 23.29
C LYS B 1083 -63.43 55.82 23.57
N ALA B 1084 -62.41 55.18 23.03
CA ALA B 1084 -62.26 53.75 23.15
C ALA B 1084 -61.86 53.35 24.57
N HIS B 1085 -61.84 52.05 24.81
CA HIS B 1085 -61.37 51.51 26.09
C HIS B 1085 -60.74 50.16 25.81
N PHE B 1086 -59.44 50.14 25.65
CA PHE B 1086 -58.71 48.91 25.36
C PHE B 1086 -58.47 48.15 26.65
N PRO B 1087 -58.52 46.81 26.63
CA PRO B 1087 -58.25 46.06 27.86
C PRO B 1087 -56.78 46.11 28.25
N ARG B 1088 -56.52 46.40 29.53
CA ARG B 1088 -55.15 46.45 30.02
C ARG B 1088 -54.49 45.08 29.96
N GLU B 1089 -55.16 44.07 30.51
CA GLU B 1089 -54.82 42.68 30.27
C GLU B 1089 -56.11 41.88 30.22
N GLY B 1090 -56.24 41.02 29.23
CA GLY B 1090 -57.43 40.21 29.07
C GLY B 1090 -58.15 40.51 27.79
N VAL B 1091 -59.20 39.73 27.54
CA VAL B 1091 -59.94 39.74 26.28
C VAL B 1091 -61.39 40.12 26.59
N PHE B 1092 -61.93 41.07 25.83
CA PHE B 1092 -63.36 41.38 25.92
C PHE B 1092 -64.17 40.24 25.34
N VAL B 1093 -65.03 39.63 26.17
CA VAL B 1093 -65.91 38.55 25.75
C VAL B 1093 -67.30 38.82 26.29
N SER B 1094 -68.27 38.10 25.73
CA SER B 1094 -69.64 38.18 26.21
C SER B 1094 -70.29 36.82 26.04
N ASN B 1095 -71.25 36.52 26.92
CA ASN B 1095 -72.02 35.30 26.85
C ASN B 1095 -73.40 35.51 26.24
N GLY B 1096 -73.58 36.61 25.51
CA GLY B 1096 -74.85 36.87 24.85
C GLY B 1096 -75.52 38.16 25.32
N THR B 1097 -75.48 38.42 26.62
CA THR B 1097 -76.12 39.61 27.18
C THR B 1097 -75.13 40.55 27.85
N HIS B 1098 -74.26 40.04 28.70
CA HIS B 1098 -73.35 40.86 29.49
C HIS B 1098 -71.92 40.66 29.00
N TRP B 1099 -71.18 41.76 28.88
CA TRP B 1099 -69.80 41.73 28.42
C TRP B 1099 -68.84 41.65 29.60
N PHE B 1100 -67.82 40.79 29.45
CA PHE B 1100 -66.87 40.55 30.52
C PHE B 1100 -65.45 40.55 29.96
N VAL B 1101 -64.49 40.73 30.86
CA VAL B 1101 -63.07 40.64 30.55
C VAL B 1101 -62.47 39.51 31.37
N THR B 1102 -61.68 38.65 30.71
CA THR B 1102 -61.10 37.50 31.38
C THR B 1102 -59.73 37.21 30.79
N GLN B 1103 -58.98 36.34 31.46
CA GLN B 1103 -57.63 36.03 31.06
C GLN B 1103 -57.62 35.23 29.76
N ARG B 1104 -56.42 34.94 29.27
CA ARG B 1104 -56.28 34.28 27.98
C ARG B 1104 -56.15 32.76 28.08
N ASN B 1105 -55.73 32.22 29.22
CA ASN B 1105 -55.54 30.79 29.37
C ASN B 1105 -56.45 30.19 30.44
N PHE B 1106 -57.49 30.91 30.83
CA PHE B 1106 -58.49 30.43 31.78
C PHE B 1106 -59.75 31.25 31.58
N TYR B 1107 -60.83 30.82 32.21
CA TYR B 1107 -62.11 31.51 32.11
C TYR B 1107 -62.49 32.01 33.50
N GLU B 1108 -62.18 33.28 33.77
CA GLU B 1108 -62.59 33.96 35.01
C GLU B 1108 -63.23 35.28 34.62
N PRO B 1109 -64.55 35.29 34.39
CA PRO B 1109 -65.21 36.53 33.96
C PRO B 1109 -65.24 37.56 35.07
N GLN B 1110 -64.92 38.80 34.70
CA GLN B 1110 -64.84 39.90 35.64
C GLN B 1110 -65.54 41.11 35.04
N ILE B 1111 -66.04 41.98 35.92
CA ILE B 1111 -66.70 43.19 35.44
C ILE B 1111 -65.66 44.16 34.90
N ILE B 1112 -65.96 44.75 33.74
CA ILE B 1112 -65.00 45.62 33.07
C ILE B 1112 -64.83 46.92 33.84
N THR B 1113 -63.59 47.24 34.20
CA THR B 1113 -63.27 48.37 35.06
C THR B 1113 -62.09 49.13 34.47
N THR B 1114 -61.85 50.32 35.01
CA THR B 1114 -60.66 51.08 34.64
C THR B 1114 -59.38 50.45 35.18
N ASP B 1115 -59.49 49.57 36.18
CA ASP B 1115 -58.37 48.72 36.52
C ASP B 1115 -58.06 47.70 35.43
N ASN B 1116 -59.02 47.45 34.54
CA ASN B 1116 -58.83 46.56 33.41
C ASN B 1116 -58.70 47.28 32.08
N THR B 1117 -59.00 48.58 32.02
CA THR B 1117 -59.04 49.32 30.76
C THR B 1117 -58.17 50.57 30.83
N PHE B 1118 -57.44 50.83 29.75
CA PHE B 1118 -56.75 52.10 29.56
C PHE B 1118 -57.29 52.76 28.30
N VAL B 1119 -57.60 54.05 28.41
CA VAL B 1119 -58.31 54.79 27.37
C VAL B 1119 -57.31 55.40 26.39
N SER B 1120 -57.65 55.34 25.10
CA SER B 1120 -56.82 55.92 24.07
C SER B 1120 -57.66 56.20 22.83
N GLY B 1121 -57.47 57.38 22.23
CA GLY B 1121 -58.11 57.71 20.98
C GLY B 1121 -59.61 57.92 21.11
N ASN B 1122 -60.29 57.70 19.98
CA ASN B 1122 -61.75 57.80 19.91
C ASN B 1122 -62.28 56.60 19.12
N CYS B 1123 -63.56 56.29 19.34
CA CYS B 1123 -64.16 55.12 18.73
C CYS B 1123 -64.68 55.41 17.32
N ASP B 1124 -63.81 55.96 16.48
CA ASP B 1124 -64.13 56.21 15.08
C ASP B 1124 -63.13 55.58 14.12
N VAL B 1125 -61.83 55.64 14.46
CA VAL B 1125 -60.82 55.04 13.59
C VAL B 1125 -60.89 53.53 13.66
N VAL B 1126 -61.13 52.97 14.85
CA VAL B 1126 -61.19 51.53 15.01
C VAL B 1126 -62.48 50.99 14.42
N ILE B 1127 -62.40 49.84 13.75
CA ILE B 1127 -63.55 49.16 13.20
C ILE B 1127 -63.91 48.01 14.11
N GLY B 1128 -65.19 47.63 14.09
CA GLY B 1128 -65.66 46.58 14.97
C GLY B 1128 -65.92 47.02 16.40
N ILE B 1129 -65.92 48.33 16.66
CA ILE B 1129 -66.18 48.85 17.99
C ILE B 1129 -67.61 48.54 18.39
N VAL B 1130 -67.82 48.21 19.66
CA VAL B 1130 -69.12 47.80 20.17
C VAL B 1130 -69.53 48.73 21.31
N ASN B 1131 -70.74 49.28 21.20
CA ASN B 1131 -71.27 50.15 22.24
C ASN B 1131 -71.54 49.36 23.51
N ASN B 1132 -71.08 49.91 24.64
CA ASN B 1132 -71.32 49.32 25.94
C ASN B 1132 -71.04 50.39 26.99
N THR B 1133 -71.54 50.14 28.20
CA THR B 1133 -71.15 50.92 29.36
C THR B 1133 -70.08 50.17 30.14
N VAL B 1134 -69.22 50.93 30.81
CA VAL B 1134 -68.16 50.37 31.64
C VAL B 1134 -68.45 50.72 33.09
N TYR B 1135 -68.28 49.75 33.97
CA TYR B 1135 -68.48 49.96 35.39
C TYR B 1135 -67.21 50.57 35.96
N ASP B 1136 -67.29 51.85 36.30
CA ASP B 1136 -66.13 52.58 36.78
C ASP B 1136 -65.87 52.21 38.23
N PRO B 1137 -64.70 51.64 38.57
CA PRO B 1137 -64.44 51.27 39.96
C PRO B 1137 -64.08 52.44 40.85
N LEU B 1138 -63.78 53.61 40.27
CA LEU B 1138 -63.48 54.78 41.06
C LEU B 1138 -64.74 55.46 41.57
N GLN B 1139 -65.89 55.18 40.96
CA GLN B 1139 -67.17 55.74 41.42
C GLN B 1139 -67.73 55.17 42.72
N PRO B 1140 -67.96 53.85 42.86
CA PRO B 1140 -68.90 53.39 43.90
C PRO B 1140 -68.41 53.59 45.32
N GLU B 1141 -67.09 53.61 45.55
CA GLU B 1141 -66.60 53.93 46.89
C GLU B 1141 -66.80 55.40 47.23
N LEU B 1142 -66.90 56.27 46.21
CA LEU B 1142 -67.30 57.64 46.44
C LEU B 1142 -68.74 57.91 46.04
N ASP B 1143 -69.37 57.02 45.25
CA ASP B 1143 -70.81 57.11 45.06
C ASP B 1143 -71.54 56.74 46.34
N SER B 1144 -71.00 55.77 47.08
CA SER B 1144 -71.50 55.52 48.43
C SER B 1144 -71.25 56.72 49.33
N PHE B 1145 -70.10 57.39 49.14
CA PHE B 1145 -69.90 58.69 49.77
C PHE B 1145 -70.88 59.72 49.20
N LYS B 1146 -71.09 59.70 47.88
CA LYS B 1146 -72.07 60.60 47.27
C LYS B 1146 -73.48 60.27 47.72
N GLU B 1147 -73.74 59.00 48.08
CA GLU B 1147 -75.01 58.64 48.69
C GLU B 1147 -75.19 59.33 50.03
N GLU B 1148 -74.12 59.42 50.82
CA GLU B 1148 -74.17 60.10 52.11
C GLU B 1148 -73.75 61.56 52.05
N LEU B 1149 -73.09 62.00 50.97
CA LEU B 1149 -72.81 63.42 50.82
C LEU B 1149 -74.07 64.20 50.52
N ASP B 1150 -74.88 63.70 49.58
CA ASP B 1150 -76.17 64.33 49.28
C ASP B 1150 -77.14 64.19 50.44
N LYS B 1151 -77.01 63.12 51.24
CA LYS B 1151 -77.77 63.01 52.46
C LYS B 1151 -77.36 64.08 53.46
N TYR B 1152 -76.08 64.42 53.51
CA TYR B 1152 -75.58 65.44 54.43
C TYR B 1152 -76.00 66.85 54.04
N PHE B 1153 -76.51 67.06 52.82
CA PHE B 1153 -77.10 68.33 52.43
C PHE B 1153 -78.61 68.34 52.48
N LYS B 1154 -79.24 67.18 52.70
CA LYS B 1154 -80.67 67.17 52.99
C LYS B 1154 -80.96 67.88 54.32
N ASN B 1155 -80.15 67.62 55.34
CA ASN B 1155 -80.28 68.31 56.61
C ASN B 1155 -79.73 69.74 56.53
N HIS B 1156 -78.72 69.96 55.68
CA HIS B 1156 -78.14 71.29 55.55
C HIS B 1156 -79.12 72.29 54.93
N THR B 1157 -79.87 71.85 53.92
CA THR B 1157 -80.83 72.71 53.24
C THR B 1157 -82.24 72.59 53.81
N SER B 1158 -82.44 71.76 54.83
CA SER B 1158 -83.77 71.65 55.46
C SER B 1158 -84.23 72.94 56.14
N PRO B 1159 -83.42 73.64 56.97
CA PRO B 1159 -84.08 74.81 57.56
C PRO B 1159 -83.94 76.05 56.70
N GLN C 14 60.15 -11.69 21.29
CA GLN C 14 60.96 -11.10 22.35
C GLN C 14 60.12 -10.88 23.61
N CYS C 15 59.94 -11.95 24.39
CA CYS C 15 59.21 -11.89 25.64
C CYS C 15 59.83 -12.84 26.64
N VAL C 16 59.55 -12.58 27.91
CA VAL C 16 59.93 -13.45 29.01
C VAL C 16 58.71 -13.62 29.93
N ASN C 17 58.71 -14.71 30.68
CA ASN C 17 57.64 -14.98 31.63
C ASN C 17 57.99 -14.30 32.95
N LEU C 18 57.47 -13.08 33.13
CA LEU C 18 57.77 -12.32 34.33
C LEU C 18 56.94 -12.79 35.51
N THR C 19 55.63 -12.69 35.39
CA THR C 19 54.62 -13.01 36.43
C THR C 19 54.93 -12.20 37.68
N THR C 20 54.67 -12.80 38.86
CA THR C 20 54.90 -12.18 40.17
C THR C 20 54.23 -10.81 40.29
N ARG C 21 52.95 -10.77 39.91
CA ARG C 21 52.17 -9.55 39.92
C ARG C 21 51.18 -9.59 41.08
N THR C 22 51.23 -8.58 41.93
CA THR C 22 50.34 -8.48 43.09
C THR C 22 49.01 -7.88 42.63
N GLN C 23 48.21 -8.73 41.98
CA GLN C 23 46.93 -8.29 41.44
C GLN C 23 45.88 -8.14 42.53
N LEU C 24 44.93 -7.26 42.28
CA LEU C 24 43.77 -7.01 43.13
C LEU C 24 42.52 -7.01 42.25
N PRO C 25 41.37 -7.36 42.80
CA PRO C 25 40.11 -7.19 42.06
C PRO C 25 39.86 -5.73 41.74
N PRO C 26 39.36 -5.43 40.54
CA PRO C 26 39.15 -4.03 40.16
C PRO C 26 38.01 -3.40 40.93
N ALA C 27 38.11 -2.08 41.12
CA ALA C 27 37.06 -1.38 41.82
C ALA C 27 35.92 -1.04 40.86
N TYR C 28 34.83 -0.53 41.41
CA TYR C 28 33.68 -0.12 40.62
C TYR C 28 33.34 1.32 40.95
N THR C 29 33.16 2.15 39.92
CA THR C 29 32.78 3.54 40.09
C THR C 29 31.49 3.80 39.33
N ASN C 30 30.49 4.34 40.02
CA ASN C 30 29.18 4.56 39.40
C ASN C 30 29.27 5.70 38.39
N SER C 31 29.19 5.36 37.10
CA SER C 31 29.29 6.35 36.05
C SER C 31 28.06 7.26 36.03
N PHE C 32 28.29 8.54 35.71
CA PHE C 32 27.25 9.55 35.75
C PHE C 32 26.69 9.86 34.36
N THR C 33 27.56 10.28 33.43
CA THR C 33 27.11 10.79 32.14
C THR C 33 27.90 10.22 30.96
N ARG C 34 29.12 9.72 31.17
CA ARG C 34 29.99 9.30 30.09
C ARG C 34 29.45 8.09 29.35
N GLY C 35 29.79 8.00 28.07
CA GLY C 35 29.34 6.90 27.23
C GLY C 35 28.46 7.32 26.07
N VAL C 36 28.69 8.52 25.55
CA VAL C 36 27.93 9.06 24.42
C VAL C 36 28.90 9.54 23.35
N TYR C 37 28.55 9.31 22.09
CA TYR C 37 29.37 9.75 20.97
C TYR C 37 28.48 10.24 19.85
N TYR C 38 29.09 10.90 18.87
CA TYR C 38 28.35 11.36 17.71
C TYR C 38 27.94 10.20 16.84
N PRO C 39 26.65 10.02 16.54
CA PRO C 39 26.23 8.85 15.76
C PRO C 39 26.43 8.99 14.26
N ASP C 40 26.64 10.20 13.75
CA ASP C 40 26.70 10.42 12.31
C ASP C 40 27.57 11.64 12.03
N LYS C 41 27.53 12.11 10.79
CA LYS C 41 28.28 13.28 10.33
C LYS C 41 27.33 14.35 9.81
N VAL C 42 26.25 14.59 10.55
CA VAL C 42 25.10 15.34 10.05
C VAL C 42 24.95 16.63 10.86
N PHE C 43 24.71 17.73 10.16
CA PHE C 43 24.53 19.04 10.80
C PHE C 43 23.05 19.27 11.07
N ARG C 44 22.68 19.21 12.34
CA ARG C 44 21.36 19.64 12.80
C ARG C 44 21.56 20.64 13.93
N SER C 45 20.84 21.76 13.87
CA SER C 45 21.03 22.86 14.80
C SER C 45 19.78 23.08 15.63
N SER C 46 19.93 23.00 16.96
CA SER C 46 18.89 23.31 17.94
C SER C 46 17.64 22.45 17.73
N VAL C 47 17.83 21.17 17.43
CA VAL C 47 16.74 20.23 17.23
C VAL C 47 16.95 19.04 18.15
N LEU C 48 15.94 18.73 18.96
CA LEU C 48 15.99 17.56 19.82
C LEU C 48 15.78 16.31 18.99
N HIS C 49 16.75 15.41 19.00
CA HIS C 49 16.72 14.24 18.12
C HIS C 49 16.86 12.96 18.92
N SER C 50 15.99 11.99 18.65
CA SER C 50 16.00 10.72 19.34
C SER C 50 16.64 9.66 18.45
N THR C 51 17.33 8.71 19.09
CA THR C 51 17.98 7.65 18.33
C THR C 51 18.12 6.41 19.20
N GLN C 52 18.39 5.28 18.54
CA GLN C 52 18.74 4.04 19.23
C GLN C 52 19.89 3.37 18.48
N ASP C 53 20.91 2.97 19.22
CA ASP C 53 22.14 2.39 18.65
C ASP C 53 22.93 1.83 19.84
N LEU C 54 24.13 1.34 19.56
CA LEU C 54 25.03 0.81 20.59
C LEU C 54 25.65 1.97 21.36
N PHE C 55 25.41 2.03 22.68
CA PHE C 55 26.10 2.99 23.54
C PHE C 55 26.37 2.36 24.90
N LEU C 56 26.94 3.16 25.80
CA LEU C 56 27.13 2.74 27.18
C LEU C 56 25.92 3.14 28.00
N PRO C 57 25.25 2.21 28.67
CA PRO C 57 24.07 2.56 29.47
C PRO C 57 24.44 3.47 30.64
N PHE C 58 23.50 4.34 30.99
CA PHE C 58 23.71 5.27 32.09
C PHE C 58 23.66 4.56 33.43
N PHE C 59 24.42 5.10 34.39
CA PHE C 59 24.44 4.66 35.79
C PHE C 59 24.81 3.19 35.91
N SER C 60 25.76 2.75 35.09
CA SER C 60 26.39 1.44 35.20
C SER C 60 27.82 1.64 35.68
N ASN C 61 28.24 0.82 36.64
CA ASN C 61 29.53 1.05 37.28
C ASN C 61 30.67 0.63 36.35
N VAL C 62 31.52 1.60 36.01
CA VAL C 62 32.70 1.37 35.20
C VAL C 62 33.77 0.72 36.08
N THR C 63 34.51 -0.24 35.51
CA THR C 63 35.54 -0.93 36.27
C THR C 63 36.80 -0.08 36.31
N TRP C 64 37.24 0.26 37.51
CA TRP C 64 38.43 1.06 37.73
C TRP C 64 39.60 0.14 38.04
N PHE C 65 40.65 0.25 37.24
CA PHE C 65 41.90 -0.47 37.44
C PHE C 65 43.00 0.52 37.79
N HIS C 66 43.86 0.12 38.72
CA HIS C 66 45.00 0.93 39.12
C HIS C 66 46.27 0.09 38.99
N VAL C 67 47.32 0.73 38.50
CA VAL C 67 48.63 0.10 38.32
C VAL C 67 49.67 0.99 38.99
N ILE C 68 50.44 0.41 39.91
CA ILE C 68 51.49 1.16 40.59
C ILE C 68 52.83 0.90 39.93
N LYS C 75 56.41 -2.25 41.17
CA LYS C 75 55.57 -2.55 42.33
C LYS C 75 54.37 -3.41 41.92
N ARG C 76 53.28 -2.74 41.53
CA ARG C 76 52.04 -3.41 41.16
C ARG C 76 51.78 -3.16 39.68
N PHE C 77 51.64 -4.24 38.91
CA PHE C 77 51.28 -4.17 37.51
C PHE C 77 50.25 -5.26 37.21
N ASP C 78 49.30 -4.95 36.34
CA ASP C 78 48.24 -5.90 36.00
C ASP C 78 47.63 -5.49 34.67
N ASN C 79 47.65 -6.42 33.71
CA ASN C 79 46.97 -6.23 32.42
C ASN C 79 46.49 -7.54 31.82
N PRO C 80 45.51 -8.20 32.45
CA PRO C 80 45.01 -9.47 31.92
C PRO C 80 44.14 -9.25 30.69
N VAL C 81 43.75 -10.37 30.07
CA VAL C 81 42.83 -10.31 28.94
C VAL C 81 41.42 -10.05 29.45
N LEU C 82 40.70 -9.15 28.77
CA LEU C 82 39.37 -8.74 29.17
C LEU C 82 38.39 -8.95 28.01
N PRO C 83 37.13 -9.26 28.31
CA PRO C 83 36.16 -9.50 27.24
C PRO C 83 35.85 -8.25 26.44
N PHE C 84 35.61 -8.44 25.14
CA PHE C 84 35.27 -7.37 24.21
C PHE C 84 33.91 -7.73 23.63
N ASN C 85 32.85 -7.19 24.25
CA ASN C 85 31.49 -7.47 23.84
C ASN C 85 30.80 -6.20 23.34
N ASP C 86 30.45 -6.20 22.05
CA ASP C 86 29.74 -5.10 21.38
C ASP C 86 30.50 -3.78 21.49
N GLY C 87 31.83 -3.83 21.46
CA GLY C 87 32.63 -2.65 21.64
C GLY C 87 32.82 -2.31 23.11
N VAL C 88 33.86 -1.52 23.38
CA VAL C 88 34.20 -1.13 24.75
C VAL C 88 34.43 0.37 24.79
N TYR C 89 34.54 0.89 26.01
CA TYR C 89 34.85 2.29 26.27
C TYR C 89 36.01 2.30 27.26
N PHE C 90 37.17 2.80 26.83
CA PHE C 90 38.35 2.86 27.66
C PHE C 90 38.66 4.31 28.00
N ALA C 91 39.07 4.56 29.23
CA ALA C 91 39.47 5.89 29.66
C ALA C 91 40.72 5.77 30.50
N SER C 92 41.51 6.84 30.55
CA SER C 92 42.73 6.86 31.34
C SER C 92 42.90 8.24 31.95
N ILE C 93 43.12 8.28 33.27
CA ILE C 93 43.32 9.54 33.98
C ILE C 93 44.81 9.60 34.36
N GLU C 94 45.57 10.40 33.60
CA GLU C 94 47.02 10.44 33.73
C GLU C 94 47.54 11.81 33.34
N LYS C 95 48.85 11.98 33.48
CA LYS C 95 49.55 13.10 32.86
C LYS C 95 50.90 12.65 32.30
N SER C 96 51.15 11.35 32.21
CA SER C 96 52.41 10.82 31.69
C SER C 96 52.25 9.98 30.44
N ASN C 97 51.02 9.53 30.13
CA ASN C 97 50.70 8.72 28.96
C ASN C 97 51.53 7.44 28.93
N ILE C 98 51.34 6.62 29.97
CA ILE C 98 52.07 5.36 30.07
C ILE C 98 51.57 4.36 29.04
N ILE C 99 50.25 4.26 28.88
CA ILE C 99 49.67 3.31 27.94
C ILE C 99 49.98 3.77 26.52
N ARG C 100 50.64 2.90 25.74
CA ARG C 100 51.11 3.25 24.42
C ARG C 100 50.33 2.58 23.30
N GLY C 101 49.62 1.50 23.59
CA GLY C 101 48.86 0.80 22.56
C GLY C 101 47.97 -0.25 23.18
N TRP C 102 47.28 -0.98 22.32
CA TRP C 102 46.35 -2.02 22.73
C TRP C 102 46.50 -3.22 21.81
N ILE C 103 45.89 -4.33 22.24
CA ILE C 103 45.88 -5.58 21.49
C ILE C 103 44.43 -6.04 21.38
N PHE C 104 44.01 -6.39 20.17
CA PHE C 104 42.65 -6.85 19.92
C PHE C 104 42.68 -8.17 19.16
N GLY C 105 41.64 -8.96 19.35
CA GLY C 105 41.52 -10.23 18.67
C GLY C 105 40.68 -11.20 19.49
N THR C 106 40.71 -12.46 19.07
CA THR C 106 39.97 -13.52 19.76
C THR C 106 40.90 -14.54 20.39
N THR C 107 41.80 -15.14 19.61
CA THR C 107 42.73 -16.16 20.09
C THR C 107 44.09 -15.58 20.47
N LEU C 108 44.62 -14.69 19.63
CA LEU C 108 45.92 -14.04 19.83
C LEU C 108 47.07 -15.05 19.94
N ASP C 109 46.92 -16.20 19.28
CA ASP C 109 47.89 -17.29 19.34
C ASP C 109 48.11 -17.86 17.94
N SER C 110 48.26 -16.97 16.95
CA SER C 110 48.52 -17.31 15.55
C SER C 110 47.44 -18.22 14.96
N LYS C 111 46.21 -18.06 15.41
CA LYS C 111 45.07 -18.79 14.87
C LYS C 111 43.95 -17.89 14.38
N THR C 112 43.70 -16.79 15.09
CA THR C 112 42.70 -15.80 14.70
C THR C 112 43.39 -14.50 14.33
N GLN C 113 42.94 -13.88 13.24
CA GLN C 113 43.50 -12.61 12.81
C GLN C 113 43.26 -11.53 13.86
N SER C 114 44.29 -10.74 14.13
CA SER C 114 44.31 -9.86 15.28
C SER C 114 44.83 -8.48 14.89
N LEU C 115 44.40 -7.50 15.68
CA LEU C 115 44.79 -6.10 15.58
C LEU C 115 46.02 -5.82 16.45
N LEU C 116 46.74 -4.76 16.07
CA LEU C 116 47.79 -4.21 16.92
C LEU C 116 47.90 -2.73 16.59
N ILE C 117 47.32 -1.89 17.43
CA ILE C 117 47.32 -0.45 17.26
C ILE C 117 48.19 0.14 18.36
N VAL C 118 49.37 0.63 18.01
CA VAL C 118 50.28 1.18 19.00
C VAL C 118 50.78 2.55 18.54
N ASN C 119 50.87 3.48 19.49
CA ASN C 119 51.34 4.84 19.26
C ASN C 119 52.79 4.93 19.72
N ASN C 120 53.72 5.05 18.77
CA ASN C 120 55.14 5.08 19.10
C ASN C 120 55.76 6.36 18.54
N ALA C 121 56.65 6.97 19.33
CA ALA C 121 57.43 8.15 18.94
C ALA C 121 56.47 9.26 18.53
N THR C 122 56.38 9.62 17.24
CA THR C 122 55.42 10.59 16.78
C THR C 122 54.62 10.04 15.59
N ASN C 123 54.10 8.80 15.72
CA ASN C 123 53.11 8.28 14.80
C ASN C 123 52.35 7.13 15.46
N VAL C 124 51.21 6.77 14.87
CA VAL C 124 50.47 5.58 15.26
C VAL C 124 50.59 4.56 14.13
N VAL C 125 50.75 3.30 14.50
CA VAL C 125 50.84 2.22 13.53
C VAL C 125 49.82 1.15 13.88
N ILE C 126 49.12 0.68 12.85
CA ILE C 126 48.07 -0.33 12.96
C ILE C 126 48.50 -1.51 12.12
N LYS C 127 48.51 -2.70 12.72
CA LYS C 127 49.00 -3.90 12.07
C LYS C 127 47.99 -5.00 12.29
N VAL C 128 47.41 -5.52 11.21
CA VAL C 128 46.42 -6.58 11.26
C VAL C 128 47.06 -7.83 10.67
N CYS C 129 47.22 -8.86 11.49
CA CYS C 129 47.98 -10.04 11.07
C CYS C 129 47.60 -11.22 11.97
N GLU C 130 48.15 -12.38 11.65
CA GLU C 130 48.03 -13.56 12.52
C GLU C 130 49.10 -13.44 13.59
N PHE C 131 48.68 -13.17 14.81
CA PHE C 131 49.59 -12.80 15.89
C PHE C 131 49.77 -13.95 16.87
N GLN C 132 51.01 -14.29 17.17
CA GLN C 132 51.37 -15.23 18.23
C GLN C 132 52.05 -14.42 19.32
N PHE C 133 51.25 -13.99 20.30
CA PHE C 133 51.74 -13.12 21.37
C PHE C 133 52.43 -13.96 22.44
N CYS C 134 52.77 -13.32 23.55
CA CYS C 134 53.41 -13.95 24.69
C CYS C 134 52.52 -13.81 25.92
N ASN C 135 52.89 -14.54 26.98
CA ASN C 135 52.10 -14.55 28.21
C ASN C 135 52.15 -13.22 28.95
N ASP C 136 53.20 -12.42 28.74
CA ASP C 136 53.33 -11.11 29.37
C ASP C 136 53.60 -10.07 28.28
N PRO C 137 52.59 -9.50 27.58
CA PRO C 137 52.86 -8.42 26.62
C PRO C 137 53.35 -7.19 27.39
N PHE C 138 54.67 -6.98 27.47
CA PHE C 138 55.22 -5.85 28.28
C PHE C 138 56.19 -5.02 27.44
N LEU C 139 56.18 -3.70 27.64
CA LEU C 139 57.16 -2.83 26.93
C LEU C 139 58.02 -2.07 27.95
N ASP C 140 57.80 -2.28 29.26
CA ASP C 140 58.52 -1.49 30.28
C ASP C 140 60.04 -1.71 30.25
N HIS C 141 60.49 -2.98 30.22
CA HIS C 141 61.33 -3.50 31.34
C HIS C 141 62.82 -3.51 30.95
N LYS C 142 63.46 -2.34 30.86
CA LYS C 142 64.91 -2.26 30.49
C LYS C 142 65.79 -2.06 31.73
N ASN C 143 65.45 -1.13 32.62
CA ASN C 143 66.32 -0.80 33.78
C ASN C 143 65.48 -0.64 35.05
N ASN C 144 65.81 0.31 35.93
CA ASN C 144 64.96 0.49 37.10
C ASN C 144 63.78 1.42 36.81
N LYS C 145 64.07 2.68 36.47
CA LYS C 145 63.00 3.67 36.37
C LYS C 145 63.06 4.47 35.07
N SER C 146 64.24 4.57 34.45
CA SER C 146 64.37 5.26 33.14
C SER C 146 63.46 4.58 32.11
N TRP C 147 62.30 5.17 31.81
CA TRP C 147 61.32 4.50 30.91
C TRP C 147 61.88 4.30 29.51
N MET C 148 61.66 3.11 28.92
CA MET C 148 62.10 2.82 27.53
C MET C 148 61.11 1.83 26.92
N GLU C 149 61.01 1.78 25.59
CA GLU C 149 60.12 0.79 24.91
C GLU C 149 60.88 -0.52 24.72
N SER C 150 61.18 -1.22 25.82
CA SER C 150 61.96 -2.49 25.76
C SER C 150 61.09 -3.63 25.20
N GLU C 151 61.73 -4.66 24.61
CA GLU C 151 60.99 -5.85 24.09
C GLU C 151 59.98 -5.43 23.02
N PHE C 152 60.46 -4.84 21.92
CA PHE C 152 59.60 -4.42 20.81
C PHE C 152 58.73 -5.56 20.30
N ARG C 153 59.31 -6.76 20.14
CA ARG C 153 58.62 -7.88 19.52
C ARG C 153 57.78 -8.60 20.58
N VAL C 154 56.59 -8.06 20.84
CA VAL C 154 55.65 -8.73 21.71
C VAL C 154 55.09 -9.99 21.05
N TYR C 155 55.05 -10.01 19.72
CA TYR C 155 54.67 -11.21 18.98
C TYR C 155 55.93 -11.97 18.57
N SER C 156 55.79 -13.30 18.49
CA SER C 156 56.94 -14.15 18.25
C SER C 156 57.46 -14.02 16.83
N SER C 157 56.57 -14.04 15.84
CA SER C 157 56.98 -14.02 14.45
C SER C 157 55.86 -13.44 13.59
N ALA C 158 56.22 -13.04 12.37
CA ALA C 158 55.26 -12.48 11.43
C ALA C 158 54.65 -13.62 10.62
N ASN C 159 53.40 -13.94 10.93
CA ASN C 159 52.65 -14.98 10.23
C ASN C 159 51.92 -14.35 9.04
N ASN C 160 50.94 -15.06 8.48
CA ASN C 160 50.09 -14.56 7.40
C ASN C 160 49.42 -13.25 7.81
N CYS C 161 49.79 -12.17 7.14
CA CYS C 161 49.40 -10.82 7.53
C CYS C 161 48.34 -10.27 6.57
N THR C 162 47.64 -9.24 7.03
CA THR C 162 46.54 -8.65 6.27
C THR C 162 46.76 -7.17 5.97
N PHE C 163 47.11 -6.36 6.96
CA PHE C 163 46.96 -4.93 6.79
C PHE C 163 48.02 -4.16 7.59
N GLU C 164 48.46 -3.05 7.02
CA GLU C 164 49.46 -2.18 7.63
C GLU C 164 49.03 -0.72 7.43
N TYR C 165 49.23 0.10 8.46
CA TYR C 165 48.75 1.48 8.41
C TYR C 165 49.62 2.34 9.31
N VAL C 166 49.95 3.55 8.84
CA VAL C 166 50.76 4.51 9.58
C VAL C 166 50.08 5.87 9.48
N SER C 167 49.89 6.54 10.61
CA SER C 167 49.20 7.83 10.60
C SER C 167 49.73 8.73 11.71
N GLN C 168 49.14 9.93 11.79
CA GLN C 168 49.51 10.95 12.75
C GLN C 168 49.23 10.47 14.17
N PRO C 169 50.10 10.77 15.14
CA PRO C 169 49.93 10.24 16.49
C PRO C 169 48.78 10.92 17.22
N PHE C 170 48.45 10.34 18.38
CA PHE C 170 47.50 10.93 19.31
C PHE C 170 48.22 11.94 20.19
N LEU C 171 47.56 12.39 21.25
CA LEU C 171 48.18 13.32 22.18
C LEU C 171 49.27 12.62 22.98
N MET C 172 50.38 13.32 23.19
CA MET C 172 51.51 12.83 23.95
C MET C 172 51.71 13.68 25.20
N ASP C 173 52.25 13.05 26.24
CA ASP C 173 52.57 13.73 27.49
C ASP C 173 54.09 13.76 27.66
N LEU C 174 54.62 14.95 27.92
CA LEU C 174 56.07 15.10 28.05
C LEU C 174 56.54 14.54 29.38
N GLU C 175 57.57 13.70 29.33
CA GLU C 175 58.23 13.05 30.47
C GLU C 175 57.20 12.21 31.24
N GLY C 176 57.39 12.06 32.54
CA GLY C 176 56.47 11.29 33.37
C GLY C 176 56.07 12.09 34.60
N LYS C 177 54.77 12.07 34.91
CA LYS C 177 54.23 12.76 36.07
C LYS C 177 53.48 11.74 36.92
N GLN C 178 53.86 11.65 38.19
CA GLN C 178 53.22 10.75 39.15
C GLN C 178 52.36 11.58 40.10
N GLY C 179 51.06 11.32 40.10
CA GLY C 179 50.15 12.08 40.92
C GLY C 179 49.73 13.39 40.25
N ASN C 180 48.60 13.92 40.74
CA ASN C 180 47.95 15.12 40.19
C ASN C 180 47.71 14.99 38.69
N PHE C 181 46.99 13.94 38.33
CA PHE C 181 46.72 13.63 36.93
C PHE C 181 45.75 14.65 36.35
N LYS C 182 46.27 15.55 35.51
CA LYS C 182 45.49 16.64 34.96
C LYS C 182 44.91 16.32 33.59
N ASN C 183 45.11 15.11 33.06
CA ASN C 183 44.66 14.77 31.72
C ASN C 183 43.80 13.52 31.74
N LEU C 184 42.79 13.49 30.87
CA LEU C 184 41.96 12.31 30.71
C LEU C 184 41.81 12.01 29.23
N ARG C 185 42.10 10.78 28.85
CA ARG C 185 41.91 10.32 27.47
C ARG C 185 40.80 9.29 27.45
N GLU C 186 39.75 9.55 26.66
CA GLU C 186 38.64 8.62 26.53
C GLU C 186 38.50 8.20 25.07
N PHE C 187 38.53 6.90 24.84
CA PHE C 187 38.36 6.31 23.53
C PHE C 187 37.21 5.32 23.57
N VAL C 188 36.47 5.21 22.48
CA VAL C 188 35.43 4.20 22.34
C VAL C 188 35.73 3.36 21.11
N PHE C 189 35.62 2.04 21.28
CA PHE C 189 35.98 1.05 20.29
C PHE C 189 34.73 0.28 19.92
N LYS C 190 34.47 0.09 18.64
CA LYS C 190 33.35 -0.75 18.24
C LYS C 190 33.61 -1.33 16.86
N ASN C 191 32.79 -2.31 16.48
CA ASN C 191 32.84 -2.87 15.14
C ASN C 191 31.43 -3.26 14.71
N ILE C 192 30.99 -2.73 13.57
CA ILE C 192 29.74 -3.14 12.94
C ILE C 192 30.00 -3.38 11.45
N ASP C 193 29.48 -4.49 10.93
CA ASP C 193 29.62 -4.91 9.53
C ASP C 193 31.09 -5.02 9.11
N GLY C 194 31.93 -5.48 10.03
CA GLY C 194 33.35 -5.56 9.75
C GLY C 194 34.08 -4.24 9.72
N TYR C 195 33.44 -3.17 10.18
CA TYR C 195 34.03 -1.84 10.24
C TYR C 195 34.33 -1.51 11.70
N PHE C 196 35.60 -1.29 12.00
CA PHE C 196 36.05 -0.96 13.34
C PHE C 196 36.09 0.56 13.48
N LYS C 197 35.18 1.11 14.27
CA LYS C 197 35.10 2.54 14.52
C LYS C 197 35.81 2.84 15.82
N ILE C 198 36.80 3.73 15.76
CA ILE C 198 37.56 4.15 16.92
C ILE C 198 37.45 5.67 17.06
N TYR C 199 36.90 6.11 18.20
CA TYR C 199 36.71 7.53 18.46
C TYR C 199 37.53 7.94 19.67
N SER C 200 38.06 9.15 19.64
CA SER C 200 38.99 9.64 20.65
C SER C 200 38.55 11.01 21.15
N LYS C 201 38.87 11.29 22.42
CA LYS C 201 38.59 12.58 23.03
C LYS C 201 39.55 12.77 24.20
N HIS C 202 39.93 14.02 24.46
CA HIS C 202 40.85 14.35 25.53
C HIS C 202 40.33 15.55 26.31
N THR C 203 40.32 15.44 27.63
CA THR C 203 39.92 16.53 28.51
C THR C 203 41.09 16.90 29.41
N PRO C 204 41.57 18.14 29.39
CA PRO C 204 42.65 18.54 30.31
C PRO C 204 42.13 18.99 31.66
N ILE C 205 43.05 19.51 32.48
CA ILE C 205 42.86 20.06 33.83
C ILE C 205 41.85 19.32 34.70
N ILE C 206 42.28 18.18 35.24
CA ILE C 206 41.53 17.45 36.27
C ILE C 206 42.24 17.68 37.60
N VAL C 207 41.55 18.35 38.52
CA VAL C 207 42.11 18.72 39.81
C VAL C 207 41.53 17.90 40.95
N ARG C 208 40.89 16.77 40.62
CA ARG C 208 40.30 15.90 41.64
C ARG C 208 41.33 14.83 42.02
N GLU C 209 42.07 15.09 43.10
CA GLU C 209 43.04 14.13 43.60
C GLU C 209 42.43 12.82 44.08
N PRO C 210 41.28 12.74 44.82
CA PRO C 210 40.78 11.46 45.36
C PRO C 210 39.57 10.76 44.73
N GLU C 211 39.65 10.31 43.48
CA GLU C 211 38.57 9.49 42.84
C GLU C 211 37.27 10.27 42.63
N ASP C 212 36.13 9.56 42.55
CA ASP C 212 34.78 10.19 42.39
C ASP C 212 34.48 10.60 40.95
N LEU C 213 35.25 10.11 39.96
CA LEU C 213 35.00 10.40 38.52
C LEU C 213 35.31 11.87 38.25
N PRO C 214 34.84 12.46 37.13
CA PRO C 214 34.16 13.73 37.16
C PRO C 214 32.65 13.61 37.01
N GLN C 215 31.91 14.65 37.39
CA GLN C 215 30.44 14.66 37.14
C GLN C 215 30.18 15.71 36.06
N GLY C 216 30.82 15.58 34.89
CA GLY C 216 30.65 16.53 33.81
C GLY C 216 30.21 15.84 32.55
N PHE C 217 29.85 16.66 31.56
CA PHE C 217 29.36 16.18 30.28
C PHE C 217 30.41 16.52 29.23
N SER C 218 30.82 15.52 28.45
CA SER C 218 31.81 15.71 27.39
C SER C 218 31.43 14.80 26.22
N ALA C 219 31.06 15.41 25.10
CA ALA C 219 30.75 14.65 23.91
C ALA C 219 32.02 14.04 23.31
N LEU C 220 31.86 12.88 22.67
CA LEU C 220 32.98 12.16 22.09
C LEU C 220 33.00 12.41 20.59
N GLU C 221 34.02 13.14 20.14
CA GLU C 221 34.24 13.36 18.72
C GLU C 221 34.72 12.07 18.05
N PRO C 222 34.25 11.77 16.84
CA PRO C 222 34.80 10.63 16.11
C PRO C 222 36.23 10.88 15.69
N LEU C 223 37.01 9.79 15.60
CA LEU C 223 38.37 9.92 15.11
C LEU C 223 38.56 9.27 13.74
N VAL C 224 38.44 7.94 13.63
CA VAL C 224 38.56 7.24 12.34
C VAL C 224 37.76 5.95 12.34
N ASP C 225 37.44 5.46 11.14
CA ASP C 225 36.79 4.18 10.93
C ASP C 225 37.65 3.37 9.95
N LEU C 226 37.89 2.10 10.28
CA LEU C 226 38.75 1.25 9.47
C LEU C 226 38.00 0.01 9.02
N PRO C 227 38.01 -0.30 7.72
CA PRO C 227 37.37 -1.55 7.23
C PRO C 227 38.25 -2.79 7.36
N ILE C 228 38.23 -3.39 8.55
CA ILE C 228 39.05 -4.58 8.80
C ILE C 228 38.34 -5.86 8.35
N GLY C 229 37.05 -6.00 8.65
CA GLY C 229 36.29 -7.17 8.23
C GLY C 229 36.72 -8.48 8.85
N ILE C 230 37.12 -8.47 10.12
CA ILE C 230 37.52 -9.68 10.83
C ILE C 230 36.79 -9.75 12.16
N ASN C 231 36.74 -10.96 12.71
CA ASN C 231 36.05 -11.21 13.97
C ASN C 231 36.91 -10.77 15.15
N ILE C 232 36.23 -10.54 16.28
CA ILE C 232 36.89 -10.10 17.51
C ILE C 232 36.03 -10.51 18.70
N THR C 233 36.70 -11.02 19.74
CA THR C 233 36.00 -11.42 20.96
C THR C 233 36.62 -10.83 22.22
N ARG C 234 37.94 -10.68 22.27
CA ARG C 234 38.63 -10.18 23.46
C ARG C 234 39.48 -8.98 23.07
N PHE C 235 40.22 -8.45 24.06
CA PHE C 235 41.16 -7.37 23.81
C PHE C 235 42.19 -7.34 24.94
N GLN C 236 43.24 -6.55 24.73
CA GLN C 236 44.30 -6.39 25.71
C GLN C 236 44.94 -5.02 25.51
N THR C 237 45.64 -4.56 26.54
CA THR C 237 46.27 -3.25 26.55
C THR C 237 47.78 -3.38 26.65
N LEU C 238 48.50 -2.33 26.23
CA LEU C 238 49.99 -2.33 26.31
C LEU C 238 50.45 -1.05 27.02
N LEU C 239 51.46 -1.15 27.88
CA LEU C 239 51.93 0.04 28.65
C LEU C 239 53.44 0.19 28.50
N ALA C 240 53.95 1.43 28.54
CA ALA C 240 55.41 1.68 28.43
C ALA C 240 55.73 3.02 29.10
N SER C 251 65.66 -5.02 37.17
CA SER C 251 65.83 -4.42 35.86
C SER C 251 65.06 -5.17 34.79
N SER C 252 65.49 -6.42 34.52
CA SER C 252 64.81 -7.24 33.53
C SER C 252 63.49 -7.79 34.03
N SER C 253 63.28 -7.81 35.35
CA SER C 253 62.02 -8.22 35.94
C SER C 253 61.55 -7.16 36.91
N GLY C 254 60.32 -6.68 36.75
CA GLY C 254 59.76 -5.68 37.68
C GLY C 254 60.23 -4.27 37.35
N TRP C 255 59.47 -3.26 37.78
CA TRP C 255 59.81 -1.85 37.44
C TRP C 255 59.49 -0.93 38.63
N THR C 256 60.21 0.18 38.77
CA THR C 256 59.84 1.17 39.81
C THR C 256 58.90 2.18 39.16
N ALA C 257 57.59 1.91 39.19
CA ALA C 257 56.64 2.78 38.52
C ALA C 257 55.68 3.39 39.52
N GLY C 258 55.14 4.56 39.17
CA GLY C 258 54.23 5.29 40.01
C GLY C 258 52.78 4.97 39.74
N ALA C 259 51.90 5.86 40.22
CA ALA C 259 50.47 5.63 40.14
C ALA C 259 49.95 5.80 38.72
N ALA C 260 48.98 4.96 38.36
CA ALA C 260 48.30 5.04 37.06
C ALA C 260 46.90 4.47 37.23
N ALA C 261 45.92 5.09 36.57
CA ALA C 261 44.53 4.71 36.77
C ALA C 261 43.76 4.79 35.46
N TYR C 262 42.96 3.76 35.20
CA TYR C 262 42.18 3.70 33.97
C TYR C 262 40.83 3.03 34.22
N TYR C 263 39.91 3.25 33.29
CA TYR C 263 38.50 2.89 33.39
C TYR C 263 38.12 2.04 32.19
N VAL C 264 37.34 0.99 32.43
CA VAL C 264 36.86 0.10 31.37
C VAL C 264 35.36 -0.09 31.51
N GLY C 265 34.62 0.15 30.43
CA GLY C 265 33.20 -0.09 30.40
C GLY C 265 32.79 -0.80 29.13
N TYR C 266 31.62 -1.42 29.16
CA TYR C 266 31.12 -2.27 28.09
C TYR C 266 29.78 -1.76 27.58
N LEU C 267 29.55 -1.90 26.28
CA LEU C 267 28.42 -1.28 25.59
C LEU C 267 27.20 -2.19 25.59
N GLN C 268 26.11 -1.69 24.99
CA GLN C 268 24.79 -2.31 24.92
C GLN C 268 23.94 -1.55 23.92
N PRO C 269 23.03 -2.20 23.20
CA PRO C 269 22.09 -1.47 22.32
C PRO C 269 21.01 -0.77 23.13
N ARG C 270 21.08 0.56 23.18
CA ARG C 270 20.11 1.34 23.93
C ARG C 270 19.53 2.47 23.08
N THR C 271 18.78 3.38 23.71
CA THR C 271 18.17 4.51 23.03
C THR C 271 18.32 5.77 23.87
N PHE C 272 18.57 6.90 23.21
CA PHE C 272 18.78 8.16 23.89
C PHE C 272 18.11 9.30 23.13
N LEU C 273 18.04 10.46 23.79
CA LEU C 273 17.79 11.72 23.12
C LEU C 273 19.05 12.56 23.10
N LEU C 274 19.06 13.56 22.23
CA LEU C 274 20.20 14.44 22.05
C LEU C 274 19.68 15.86 21.82
N LYS C 275 20.30 16.83 22.49
CA LYS C 275 19.98 18.24 22.27
C LYS C 275 21.18 18.89 21.62
N TYR C 276 21.12 19.07 20.30
CA TYR C 276 22.15 19.80 19.59
C TYR C 276 22.02 21.29 19.91
N ASN C 277 23.15 21.98 20.01
CA ASN C 277 23.12 23.41 20.27
C ASN C 277 22.94 24.16 18.95
N GLU C 278 23.10 25.49 18.99
CA GLU C 278 23.03 26.28 17.77
C GLU C 278 24.25 26.04 16.87
N ASN C 279 25.36 25.60 17.44
CA ASN C 279 26.58 25.38 16.66
C ASN C 279 26.70 23.96 16.11
N GLY C 280 26.10 22.97 16.76
CA GLY C 280 26.20 21.60 16.29
C GLY C 280 26.89 20.68 17.28
N THR C 281 27.01 21.13 18.52
CA THR C 281 27.62 20.34 19.58
C THR C 281 26.55 19.87 20.56
N ILE C 282 26.64 18.61 20.97
CA ILE C 282 25.69 18.05 21.92
C ILE C 282 25.93 18.68 23.28
N THR C 283 24.85 19.16 23.91
CA THR C 283 24.95 19.79 25.21
C THR C 283 24.06 19.15 26.28
N ASP C 284 23.10 18.31 25.90
CA ASP C 284 22.26 17.64 26.88
C ASP C 284 21.74 16.35 26.29
N ALA C 285 21.52 15.35 27.14
CA ALA C 285 21.06 14.05 26.69
C ALA C 285 20.33 13.35 27.83
N VAL C 286 19.25 12.65 27.48
CA VAL C 286 18.46 11.87 28.43
C VAL C 286 18.28 10.46 27.90
N ASP C 287 17.93 9.56 28.81
CA ASP C 287 17.67 8.16 28.53
C ASP C 287 16.17 7.90 28.55
N CYS C 288 15.78 6.74 28.01
CA CYS C 288 14.37 6.34 27.98
C CYS C 288 14.05 5.15 28.86
N ALA C 289 14.99 4.21 29.03
CA ALA C 289 14.74 2.95 29.74
C ALA C 289 15.45 2.90 31.09
N LEU C 290 15.48 4.03 31.79
CA LEU C 290 16.07 4.10 33.13
C LEU C 290 15.04 4.37 34.21
N ASP C 291 14.26 5.43 34.06
CA ASP C 291 13.28 5.85 35.03
C ASP C 291 11.95 6.08 34.34
N PRO C 292 10.82 5.91 35.04
CA PRO C 292 9.54 6.30 34.45
C PRO C 292 9.47 7.79 34.14
N LEU C 293 10.14 8.64 34.94
CA LEU C 293 10.30 10.03 34.54
C LEU C 293 11.11 10.15 33.25
N SER C 294 12.17 9.35 33.13
CA SER C 294 12.91 9.31 31.88
C SER C 294 12.06 8.74 30.74
N GLU C 295 11.18 7.79 31.05
CA GLU C 295 10.31 7.22 30.04
C GLU C 295 9.34 8.25 29.48
N THR C 296 8.72 9.04 30.37
CA THR C 296 7.81 10.07 29.89
C THR C 296 8.54 11.31 29.37
N LYS C 297 9.83 11.46 29.67
CA LYS C 297 10.63 12.44 28.95
C LYS C 297 10.88 11.97 27.51
N CYS C 298 11.15 10.68 27.35
CA CYS C 298 11.43 10.13 26.03
C CYS C 298 10.19 10.12 25.15
N THR C 299 9.03 9.81 25.72
CA THR C 299 7.80 9.71 24.92
C THR C 299 7.34 11.09 24.44
N LEU C 300 7.36 12.09 25.31
CA LEU C 300 6.91 13.42 24.93
C LEU C 300 7.90 14.16 24.02
N LYS C 301 9.10 13.61 23.82
CA LYS C 301 10.16 14.21 23.00
C LYS C 301 10.53 15.60 23.50
N SER C 302 10.67 15.71 24.82
CA SER C 302 11.03 16.98 25.46
C SER C 302 11.79 16.69 26.73
N PHE C 303 12.48 17.71 27.23
CA PHE C 303 13.27 17.57 28.45
C PHE C 303 12.43 17.84 29.69
N THR C 304 11.80 19.01 29.76
CA THR C 304 10.91 19.31 30.87
C THR C 304 9.49 18.85 30.53
N VAL C 305 8.87 18.16 31.49
CA VAL C 305 7.52 17.63 31.33
C VAL C 305 6.60 18.35 32.31
N GLU C 306 5.33 18.45 31.95
CA GLU C 306 4.38 19.15 32.79
C GLU C 306 3.67 18.18 33.73
N LYS C 307 2.98 18.72 34.72
CA LYS C 307 2.28 17.88 35.69
C LYS C 307 1.06 17.23 35.06
N GLY C 308 0.66 16.10 35.62
CA GLY C 308 -0.52 15.40 35.19
C GLY C 308 -0.25 13.92 35.05
N ILE C 309 -1.11 13.26 34.29
CA ILE C 309 -0.98 11.84 33.98
C ILE C 309 -0.60 11.69 32.52
N TYR C 310 0.25 10.71 32.23
CA TYR C 310 0.64 10.44 30.85
C TYR C 310 0.47 8.97 30.53
N GLN C 311 0.99 8.55 29.37
CA GLN C 311 0.95 7.14 29.00
C GLN C 311 2.21 6.82 28.21
N THR C 312 2.89 5.76 28.62
CA THR C 312 4.05 5.26 27.91
C THR C 312 3.72 3.85 27.40
N SER C 313 4.74 3.17 26.89
CA SER C 313 4.54 1.84 26.32
C SER C 313 4.13 0.83 27.39
N ASN C 314 3.34 -0.15 26.96
CA ASN C 314 2.90 -1.21 27.85
C ASN C 314 4.06 -2.14 28.20
N PHE C 315 3.85 -2.96 29.23
CA PHE C 315 4.93 -3.80 29.76
C PHE C 315 4.48 -5.23 30.02
N ARG C 316 5.45 -6.14 29.83
CA ARG C 316 5.55 -7.45 30.49
C ARG C 316 4.37 -8.37 30.15
N VAL C 317 4.34 -8.77 28.88
CA VAL C 317 3.76 -10.04 28.47
C VAL C 317 4.92 -11.00 28.23
N GLN C 318 4.86 -12.19 28.83
CA GLN C 318 6.03 -13.04 28.92
C GLN C 318 5.71 -14.49 28.58
N PRO C 319 6.68 -15.22 28.01
CA PRO C 319 6.52 -16.68 27.85
C PRO C 319 6.94 -17.43 29.10
N THR C 320 6.98 -18.76 28.99
CA THR C 320 7.36 -19.63 30.10
C THR C 320 8.09 -20.84 29.51
N GLU C 321 8.21 -21.91 30.31
CA GLU C 321 8.79 -23.15 29.82
C GLU C 321 7.84 -23.79 28.80
N SER C 322 8.42 -24.63 27.95
CA SER C 322 7.67 -25.25 26.87
C SER C 322 6.77 -26.36 27.39
N ILE C 323 5.71 -26.64 26.64
CA ILE C 323 4.82 -27.76 26.90
C ILE C 323 4.18 -28.20 25.58
N VAL C 324 4.08 -29.51 25.39
CA VAL C 324 3.45 -30.10 24.21
C VAL C 324 2.95 -31.49 24.54
N ARG C 325 1.67 -31.76 24.27
CA ARG C 325 1.07 -33.07 24.61
C ARG C 325 0.18 -33.58 23.46
N PHE C 326 0.73 -33.75 22.26
CA PHE C 326 -0.01 -34.29 21.09
C PHE C 326 -0.19 -35.78 21.35
N PRO C 327 -0.98 -36.59 20.58
CA PRO C 327 -1.94 -37.54 21.13
C PRO C 327 -1.28 -38.68 21.90
N ASN C 328 -2.06 -39.45 22.67
CA ASN C 328 -1.38 -40.49 23.50
C ASN C 328 -0.49 -41.24 22.53
N ILE C 329 0.80 -41.36 22.86
CA ILE C 329 1.77 -41.93 21.89
C ILE C 329 1.32 -43.35 21.55
N THR C 330 0.79 -44.08 22.53
CA THR C 330 0.35 -45.49 22.34
C THR C 330 -0.03 -45.75 20.88
N ASN C 331 0.85 -46.34 20.05
CA ASN C 331 0.52 -46.57 18.64
C ASN C 331 1.77 -47.10 17.95
N LEU C 332 1.73 -48.35 17.53
CA LEU C 332 2.88 -49.01 16.94
C LEU C 332 2.49 -49.68 15.63
N CYS C 333 3.50 -50.20 14.95
CA CYS C 333 3.38 -50.86 13.66
C CYS C 333 3.60 -52.36 13.79
N PRO C 334 3.07 -53.16 12.84
CA PRO C 334 3.49 -54.56 12.71
C PRO C 334 4.80 -54.71 11.93
N PHE C 335 5.79 -53.88 12.28
CA PHE C 335 7.10 -53.88 11.65
C PHE C 335 8.15 -54.55 12.51
N ASP C 336 7.84 -54.85 13.78
CA ASP C 336 8.76 -55.59 14.63
C ASP C 336 8.88 -57.04 14.19
N GLU C 337 7.82 -57.58 13.60
CA GLU C 337 7.80 -59.00 13.23
C GLU C 337 8.81 -59.32 12.14
N VAL C 338 9.16 -58.36 11.28
CA VAL C 338 10.16 -58.65 10.26
C VAL C 338 11.56 -58.60 10.86
N PHE C 339 11.77 -57.79 11.91
CA PHE C 339 13.04 -57.83 12.62
C PHE C 339 13.14 -59.08 13.50
N ASN C 340 12.06 -59.41 14.20
CA ASN C 340 12.03 -60.56 15.09
C ASN C 340 11.15 -61.63 14.43
N ALA C 341 11.79 -62.45 13.59
CA ALA C 341 11.08 -63.48 12.85
C ALA C 341 11.74 -64.84 13.03
N THR C 342 11.29 -65.83 12.26
CA THR C 342 11.89 -67.15 12.25
C THR C 342 12.30 -67.63 10.87
N ARG C 343 11.76 -67.05 9.79
CA ARG C 343 12.11 -67.44 8.44
C ARG C 343 11.77 -66.29 7.51
N PHE C 344 12.55 -66.13 6.45
CA PHE C 344 12.34 -65.10 5.45
C PHE C 344 12.02 -65.74 4.10
N ALA C 345 11.19 -65.05 3.33
CA ALA C 345 11.01 -65.42 1.93
C ALA C 345 12.28 -65.12 1.14
N SER C 346 12.60 -65.99 0.19
CA SER C 346 13.91 -65.97 -0.45
C SER C 346 13.96 -64.87 -1.52
N VAL C 347 15.02 -64.89 -2.32
CA VAL C 347 15.26 -63.84 -3.31
C VAL C 347 14.30 -63.97 -4.49
N TYR C 348 13.98 -65.21 -4.89
CA TYR C 348 13.17 -65.43 -6.07
C TYR C 348 11.75 -64.92 -5.88
N ALA C 349 11.22 -65.05 -4.66
CA ALA C 349 9.91 -64.51 -4.30
C ALA C 349 10.11 -63.72 -3.02
N TRP C 350 10.50 -62.45 -3.16
CA TRP C 350 10.74 -61.60 -2.00
C TRP C 350 9.42 -61.18 -1.38
N ASN C 351 9.35 -61.24 -0.05
CA ASN C 351 8.12 -60.97 0.66
C ASN C 351 7.79 -59.47 0.60
N ARG C 352 6.50 -59.16 0.63
CA ARG C 352 6.01 -57.80 0.55
C ARG C 352 5.24 -57.44 1.82
N LYS C 353 5.26 -56.15 2.15
CA LYS C 353 4.53 -55.65 3.31
C LYS C 353 4.18 -54.20 3.06
N ARG C 354 2.89 -53.87 3.11
CA ARG C 354 2.41 -52.52 2.91
C ARG C 354 2.00 -51.95 4.28
N ILE C 355 2.92 -51.23 4.91
CA ILE C 355 2.67 -50.62 6.21
C ILE C 355 1.99 -49.28 5.94
N SER C 356 0.68 -49.24 6.14
CA SER C 356 -0.11 -48.02 5.92
C SER C 356 -1.03 -47.81 7.10
N ASN C 357 -1.40 -46.55 7.32
CA ASN C 357 -2.19 -46.09 8.46
C ASN C 357 -1.55 -46.53 9.78
N CYS C 358 -0.29 -46.13 9.95
CA CYS C 358 0.50 -46.57 11.10
C CYS C 358 1.46 -45.44 11.46
N VAL C 359 2.48 -45.78 12.24
CA VAL C 359 3.41 -44.79 12.77
C VAL C 359 4.77 -44.95 12.09
N ALA C 360 5.69 -44.05 12.42
CA ALA C 360 7.05 -44.09 11.90
C ALA C 360 8.00 -44.14 13.10
N ASP C 361 8.27 -45.36 13.59
CA ASP C 361 9.18 -45.58 14.70
C ASP C 361 10.47 -46.19 14.16
N TYR C 362 11.60 -45.59 14.53
CA TYR C 362 12.89 -46.06 14.04
C TYR C 362 13.96 -46.07 15.13
N SER C 363 13.59 -45.88 16.40
CA SER C 363 14.57 -45.89 17.47
C SER C 363 15.03 -47.32 17.78
N VAL C 364 14.15 -48.30 17.60
CA VAL C 364 14.46 -49.68 17.93
C VAL C 364 14.98 -50.42 16.70
N LEU C 365 15.27 -49.66 15.64
CA LEU C 365 15.85 -50.27 14.44
C LEU C 365 17.28 -50.75 14.71
N TYR C 366 18.04 -50.00 15.50
CA TYR C 366 19.42 -50.35 15.81
C TYR C 366 19.55 -51.28 17.01
N ASN C 367 18.47 -51.52 17.74
CA ASN C 367 18.53 -52.32 18.96
C ASN C 367 18.49 -53.82 18.71
N LEU C 368 18.09 -54.26 17.51
CA LEU C 368 18.03 -55.68 17.24
C LEU C 368 19.41 -56.29 17.11
N ALA C 369 20.28 -55.66 16.34
CA ALA C 369 21.56 -56.23 15.92
C ALA C 369 22.67 -55.23 16.18
N PRO C 370 23.93 -55.71 16.28
CA PRO C 370 25.07 -54.79 16.35
C PRO C 370 25.26 -53.98 15.08
N PHE C 371 26.22 -53.06 15.10
CA PHE C 371 26.43 -52.15 13.99
C PHE C 371 26.94 -52.88 12.75
N PHE C 372 26.38 -52.52 11.61
CA PHE C 372 26.77 -53.09 10.32
C PHE C 372 26.85 -51.95 9.30
N THR C 373 26.99 -52.30 8.03
CA THR C 373 27.04 -51.30 6.97
C THR C 373 25.61 -50.95 6.57
N PHE C 374 25.20 -49.71 6.84
CA PHE C 374 23.86 -49.27 6.46
C PHE C 374 23.74 -49.11 4.95
N LYS C 375 24.73 -48.44 4.34
CA LYS C 375 24.82 -48.20 2.89
C LYS C 375 23.56 -47.50 2.38
N CYS C 376 23.35 -46.28 2.88
CA CYS C 376 22.13 -45.54 2.62
C CYS C 376 22.39 -44.40 1.64
N TYR C 377 21.52 -44.28 0.63
CA TYR C 377 21.77 -43.40 -0.50
C TYR C 377 20.84 -42.19 -0.53
N GLY C 378 19.52 -42.41 -0.50
CA GLY C 378 18.58 -41.33 -0.69
C GLY C 378 18.48 -40.35 0.46
N VAL C 379 17.97 -40.80 1.60
CA VAL C 379 17.79 -39.97 2.78
C VAL C 379 18.95 -40.26 3.73
N SER C 380 19.33 -39.25 4.50
CA SER C 380 20.38 -39.45 5.50
C SER C 380 19.87 -40.41 6.58
N PRO C 381 20.74 -41.27 7.12
CA PRO C 381 20.28 -42.27 8.10
C PRO C 381 19.83 -41.69 9.44
N THR C 382 20.14 -40.42 9.72
CA THR C 382 19.68 -39.81 10.96
C THR C 382 18.30 -39.17 10.82
N LYS C 383 17.71 -39.19 9.63
CA LYS C 383 16.42 -38.56 9.37
C LYS C 383 15.32 -39.57 9.09
N LEU C 384 15.37 -40.73 9.73
CA LEU C 384 14.31 -41.72 9.58
C LEU C 384 13.06 -41.32 10.38
N ASN C 385 13.25 -40.72 11.55
CA ASN C 385 12.11 -40.33 12.39
C ASN C 385 11.33 -39.19 11.74
N ASP C 386 12.03 -38.21 11.18
CA ASP C 386 11.37 -37.11 10.49
C ASP C 386 11.22 -37.46 9.02
N LEU C 387 10.64 -36.52 8.25
CA LEU C 387 10.32 -36.69 6.83
C LEU C 387 9.44 -37.93 6.61
N CYS C 388 8.33 -37.97 7.34
CA CYS C 388 7.44 -39.12 7.31
C CYS C 388 6.63 -39.13 6.01
N PHE C 389 6.64 -40.28 5.33
CA PHE C 389 6.03 -40.43 4.02
C PHE C 389 4.87 -41.42 4.06
N THR C 390 4.33 -41.76 2.88
CA THR C 390 3.18 -42.65 2.78
C THR C 390 3.48 -43.79 1.82
N ASN C 391 2.80 -44.92 2.06
CA ASN C 391 2.82 -46.12 1.22
C ASN C 391 4.24 -46.65 1.04
N VAL C 392 4.81 -47.10 2.15
CA VAL C 392 6.17 -47.64 2.13
C VAL C 392 6.18 -48.99 1.42
N TYR C 393 7.19 -49.21 0.60
CA TYR C 393 7.38 -50.45 -0.14
C TYR C 393 8.47 -51.25 0.58
N ALA C 394 8.10 -52.37 1.17
CA ALA C 394 9.00 -53.15 2.03
C ALA C 394 9.29 -54.50 1.39
N ASP C 395 10.55 -54.85 1.31
CA ASP C 395 11.00 -56.16 0.83
C ASP C 395 11.72 -56.88 1.95
N SER C 396 11.72 -58.21 1.89
CA SER C 396 12.38 -59.03 2.91
C SER C 396 12.92 -60.28 2.24
N PHE C 397 14.25 -60.34 2.10
CA PHE C 397 14.90 -61.51 1.53
C PHE C 397 16.30 -61.64 2.13
N VAL C 398 16.92 -62.80 1.92
CA VAL C 398 18.21 -63.13 2.49
C VAL C 398 19.22 -63.30 1.37
N ILE C 399 20.33 -62.57 1.47
CA ILE C 399 21.45 -62.70 0.56
C ILE C 399 22.72 -62.89 1.38
N ARG C 400 23.79 -63.27 0.70
CA ARG C 400 25.10 -63.44 1.32
C ARG C 400 25.87 -62.14 1.31
N GLY C 401 27.07 -62.18 1.89
CA GLY C 401 27.86 -60.97 2.04
C GLY C 401 28.46 -60.42 0.77
N ASP C 402 28.47 -61.21 -0.31
CA ASP C 402 29.02 -60.74 -1.57
C ASP C 402 28.11 -59.71 -2.23
N GLU C 403 26.79 -59.86 -2.06
CA GLU C 403 25.82 -59.03 -2.75
C GLU C 403 25.23 -57.94 -1.88
N VAL C 404 25.77 -57.72 -0.68
CA VAL C 404 25.32 -56.61 0.14
C VAL C 404 25.70 -55.28 -0.51
N ARG C 405 26.93 -55.18 -0.99
CA ARG C 405 27.36 -54.00 -1.74
C ARG C 405 26.77 -53.97 -3.14
N GLN C 406 26.45 -55.13 -3.71
CA GLN C 406 26.07 -55.26 -5.11
C GLN C 406 24.58 -54.96 -5.32
N ILE C 407 23.80 -54.86 -4.24
CA ILE C 407 22.37 -54.57 -4.32
C ILE C 407 22.09 -53.10 -4.58
N ALA C 408 23.12 -52.27 -4.72
CA ALA C 408 22.94 -50.85 -4.98
C ALA C 408 22.29 -50.64 -6.35
N PRO C 409 21.52 -49.56 -6.51
CA PRO C 409 20.87 -49.29 -7.81
C PRO C 409 21.89 -49.01 -8.90
N GLY C 410 21.56 -49.44 -10.11
CA GLY C 410 22.43 -49.29 -11.26
C GLY C 410 23.38 -50.44 -11.50
N GLN C 411 23.45 -51.40 -10.58
CA GLN C 411 24.33 -52.55 -10.73
C GLN C 411 23.61 -53.71 -11.40
N THR C 412 24.38 -54.55 -12.07
CA THR C 412 23.87 -55.74 -12.75
C THR C 412 24.63 -56.97 -12.23
N GLY C 413 24.40 -58.11 -12.88
CA GLY C 413 24.99 -59.35 -12.44
C GLY C 413 24.01 -60.50 -12.52
N ASN C 414 23.73 -61.14 -11.39
CA ASN C 414 22.77 -62.23 -11.32
C ASN C 414 21.53 -61.85 -10.51
N ILE C 415 21.70 -61.43 -9.25
CA ILE C 415 20.56 -61.06 -8.42
C ILE C 415 19.98 -59.72 -8.87
N ALA C 416 20.84 -58.73 -9.11
CA ALA C 416 20.37 -57.42 -9.53
C ALA C 416 19.93 -57.37 -10.98
N ASP C 417 20.13 -58.44 -11.75
CA ASP C 417 19.75 -58.47 -13.15
C ASP C 417 18.64 -59.48 -13.47
N TYR C 418 18.52 -60.55 -12.68
CA TYR C 418 17.52 -61.58 -12.94
C TYR C 418 16.55 -61.83 -11.80
N ASN C 419 16.75 -61.22 -10.64
CA ASN C 419 15.87 -61.42 -9.48
C ASN C 419 15.13 -60.16 -9.07
N TYR C 420 15.81 -59.01 -9.06
CA TYR C 420 15.22 -57.76 -8.59
C TYR C 420 16.02 -56.62 -9.18
N LYS C 421 15.40 -55.44 -9.25
CA LYS C 421 16.08 -54.26 -9.74
C LYS C 421 15.58 -53.04 -9.00
N LEU C 422 16.50 -52.12 -8.67
CA LEU C 422 16.21 -50.84 -8.05
C LEU C 422 16.36 -49.71 -9.07
N PRO C 423 15.50 -48.70 -9.03
CA PRO C 423 15.60 -47.61 -10.01
C PRO C 423 16.72 -46.63 -9.65
N ASP C 424 17.07 -45.80 -10.64
CA ASP C 424 18.09 -44.78 -10.44
C ASP C 424 17.64 -43.67 -9.49
N ASP C 425 16.33 -43.49 -9.32
CA ASP C 425 15.77 -42.53 -8.37
C ASP C 425 15.22 -43.22 -7.13
N PHE C 426 15.93 -44.25 -6.66
CA PHE C 426 15.47 -45.06 -5.54
C PHE C 426 15.46 -44.26 -4.25
N THR C 427 14.33 -44.32 -3.54
CA THR C 427 14.14 -43.58 -2.30
C THR C 427 14.29 -44.51 -1.10
N GLY C 428 14.78 -43.95 0.00
CA GLY C 428 15.05 -44.79 1.16
C GLY C 428 16.30 -45.61 0.92
N CYS C 429 16.46 -46.64 1.74
CA CYS C 429 17.59 -47.56 1.65
C CYS C 429 17.26 -48.85 2.37
N VAL C 430 18.28 -49.67 2.60
CA VAL C 430 18.11 -51.00 3.15
C VAL C 430 18.77 -51.07 4.53
N ILE C 431 18.44 -52.11 5.27
CA ILE C 431 19.10 -52.45 6.52
C ILE C 431 19.43 -53.94 6.51
N ALA C 432 20.68 -54.27 6.84
CA ALA C 432 21.16 -55.64 6.78
C ALA C 432 21.77 -56.04 8.11
N TRP C 433 21.65 -57.32 8.44
CA TRP C 433 22.24 -57.84 9.66
C TRP C 433 22.61 -59.31 9.45
N ASN C 434 23.65 -59.74 10.15
CA ASN C 434 24.12 -61.11 10.06
C ASN C 434 23.17 -62.05 10.80
N SER C 435 22.93 -63.22 10.22
CA SER C 435 22.05 -64.23 10.79
C SER C 435 22.69 -65.61 10.67
N ASN C 436 23.99 -65.70 10.98
CA ASN C 436 24.67 -66.98 10.92
C ASN C 436 24.20 -67.93 12.02
N LYS C 437 23.85 -67.40 13.19
CA LYS C 437 23.40 -68.26 14.27
C LYS C 437 21.98 -68.76 14.03
N LEU C 438 21.12 -67.91 13.48
CA LEU C 438 19.71 -68.23 13.34
C LEU C 438 19.38 -68.83 11.98
N ASP C 439 19.65 -68.08 10.91
CA ASP C 439 19.23 -68.51 9.57
C ASP C 439 20.08 -69.66 9.06
N SER C 440 21.40 -69.59 9.24
CA SER C 440 22.28 -70.65 8.78
C SER C 440 22.17 -71.86 9.69
N LYS C 441 21.98 -73.03 9.08
CA LYS C 441 21.84 -74.28 9.81
C LYS C 441 23.19 -74.98 9.90
N VAL C 442 23.41 -75.67 11.03
CA VAL C 442 24.66 -76.38 11.24
C VAL C 442 24.78 -77.55 10.27
N SER C 443 23.67 -78.20 9.93
CA SER C 443 23.69 -79.30 8.99
C SER C 443 23.71 -78.91 7.54
N GLY C 444 23.65 -77.61 7.24
CA GLY C 444 23.63 -77.16 5.87
C GLY C 444 22.24 -76.76 5.41
N ASN C 445 21.96 -75.46 5.39
CA ASN C 445 20.64 -74.95 5.00
C ASN C 445 20.62 -74.73 3.50
N TYR C 446 20.07 -75.71 2.78
CA TYR C 446 19.90 -75.63 1.34
C TYR C 446 18.47 -75.25 0.96
N ASN C 447 17.65 -74.86 1.94
CA ASN C 447 16.25 -74.54 1.71
C ASN C 447 16.05 -73.16 1.08
N TYR C 448 17.07 -72.32 1.05
CA TYR C 448 16.97 -70.99 0.47
C TYR C 448 17.36 -71.06 -1.00
N LEU C 449 16.40 -70.78 -1.88
CA LEU C 449 16.58 -70.89 -3.32
C LEU C 449 16.81 -69.53 -3.95
N TYR C 450 17.40 -69.53 -5.14
CA TYR C 450 17.67 -68.29 -5.86
C TYR C 450 17.69 -68.57 -7.36
N ARG C 451 17.62 -67.49 -8.14
CA ARG C 451 17.51 -67.57 -9.59
C ARG C 451 18.87 -67.23 -10.22
N LEU C 452 19.32 -68.08 -11.14
CA LEU C 452 20.61 -67.88 -11.79
C LEU C 452 20.51 -67.81 -13.31
N PHE C 453 19.59 -68.57 -13.92
CA PHE C 453 19.22 -68.44 -15.33
C PHE C 453 17.79 -67.93 -15.46
N ARG C 454 17.65 -66.68 -15.90
CA ARG C 454 16.36 -66.16 -16.32
C ARG C 454 16.46 -65.61 -17.73
N LYS C 455 17.67 -65.13 -18.08
CA LYS C 455 18.03 -64.70 -19.44
C LYS C 455 17.17 -63.55 -19.94
N SER C 456 16.70 -62.70 -19.04
CA SER C 456 15.94 -61.52 -19.42
C SER C 456 16.02 -60.50 -18.29
N ASN C 457 16.54 -59.32 -18.58
CA ASN C 457 16.68 -58.29 -17.56
C ASN C 457 15.32 -57.77 -17.12
N LEU C 458 15.16 -57.56 -15.82
CA LEU C 458 13.91 -57.07 -15.26
C LEU C 458 13.90 -55.55 -15.20
N LYS C 459 12.70 -54.99 -15.28
CA LYS C 459 12.52 -53.59 -14.94
C LYS C 459 12.57 -53.43 -13.42
N PRO C 460 12.81 -52.21 -12.93
CA PRO C 460 12.73 -51.99 -11.48
C PRO C 460 11.30 -52.17 -10.96
N PHE C 461 11.23 -52.69 -9.73
CA PHE C 461 10.01 -52.76 -8.92
C PHE C 461 8.94 -53.68 -9.54
N GLU C 462 9.32 -54.93 -9.76
CA GLU C 462 8.36 -56.01 -9.94
C GLU C 462 9.04 -57.33 -9.55
N ARG C 463 8.26 -58.42 -9.62
CA ARG C 463 8.74 -59.75 -9.28
C ARG C 463 8.30 -60.73 -10.36
N ASP C 464 9.17 -61.69 -10.67
CA ASP C 464 8.88 -62.74 -11.62
C ASP C 464 9.11 -64.11 -10.99
N ILE C 465 8.19 -65.03 -11.24
CA ILE C 465 8.30 -66.41 -10.78
C ILE C 465 8.38 -67.29 -12.01
N SER C 466 9.60 -67.68 -12.39
CA SER C 466 9.82 -68.58 -13.52
C SER C 466 10.11 -69.98 -12.98
N THR C 467 9.03 -70.71 -12.68
CA THR C 467 9.16 -72.05 -12.13
C THR C 467 9.56 -73.07 -13.19
N GLU C 468 9.16 -72.86 -14.45
CA GLU C 468 9.36 -73.83 -15.51
C GLU C 468 10.84 -73.97 -15.86
N ILE C 469 11.17 -75.07 -16.52
CA ILE C 469 12.54 -75.43 -16.88
C ILE C 469 12.87 -74.78 -18.22
N TYR C 470 14.16 -74.58 -18.47
CA TYR C 470 14.65 -73.96 -19.70
C TYR C 470 15.49 -74.96 -20.48
N GLN C 471 15.35 -74.94 -21.80
CA GLN C 471 16.13 -75.78 -22.68
C GLN C 471 17.03 -74.92 -23.56
N ALA C 472 18.22 -75.43 -23.84
CA ALA C 472 19.21 -74.71 -24.63
C ALA C 472 19.77 -75.65 -25.70
N GLY C 473 20.71 -75.11 -26.50
CA GLY C 473 21.32 -75.89 -27.55
C GLY C 473 20.46 -76.07 -28.78
N ASN C 474 19.41 -75.25 -28.94
CA ASN C 474 18.48 -75.31 -30.07
C ASN C 474 17.84 -76.69 -30.20
N LYS C 475 17.53 -77.30 -29.06
CA LYS C 475 16.95 -78.64 -29.03
C LYS C 475 15.80 -78.66 -28.03
N PRO C 476 14.61 -79.12 -28.43
CA PRO C 476 13.51 -79.22 -27.47
C PRO C 476 13.73 -80.36 -26.49
N CYS C 477 14.05 -80.02 -25.24
CA CYS C 477 14.36 -81.05 -24.24
C CYS C 477 13.09 -81.74 -23.76
N ASN C 478 12.22 -80.98 -23.09
CA ASN C 478 10.92 -81.45 -22.57
C ASN C 478 11.06 -82.69 -21.70
N GLY C 479 12.09 -82.70 -20.86
CA GLY C 479 12.37 -83.84 -20.01
C GLY C 479 13.05 -83.50 -18.71
N VAL C 480 13.56 -84.52 -18.02
CA VAL C 480 14.21 -84.37 -16.72
C VAL C 480 15.65 -84.83 -16.84
N ALA C 481 16.58 -83.97 -16.43
CA ALA C 481 18.02 -84.25 -16.39
C ALA C 481 18.57 -84.64 -17.76
N GLY C 482 18.50 -83.69 -18.68
CA GLY C 482 19.01 -83.91 -20.03
C GLY C 482 20.18 -83.02 -20.36
N PHE C 483 20.91 -83.36 -21.43
CA PHE C 483 22.04 -82.55 -21.86
C PHE C 483 21.55 -81.25 -22.49
N ASN C 484 22.21 -80.15 -22.11
CA ASN C 484 21.84 -78.78 -22.50
C ASN C 484 20.40 -78.46 -22.10
N CYS C 485 19.99 -78.94 -20.94
CA CYS C 485 18.68 -78.63 -20.34
C CYS C 485 18.96 -78.09 -18.94
N TYR C 486 19.24 -76.80 -18.86
CA TYR C 486 19.57 -76.16 -17.61
C TYR C 486 18.33 -76.00 -16.73
N PHE C 487 18.55 -75.93 -15.42
CA PHE C 487 17.45 -75.73 -14.48
C PHE C 487 17.58 -74.33 -13.91
N PRO C 488 16.57 -73.47 -14.08
CA PRO C 488 16.74 -72.04 -13.77
C PRO C 488 17.01 -71.72 -12.31
N LEU C 489 16.48 -72.52 -11.37
CA LEU C 489 16.60 -72.21 -9.95
C LEU C 489 17.79 -72.94 -9.34
N ARG C 490 18.42 -72.30 -8.36
CA ARG C 490 19.50 -72.90 -7.61
C ARG C 490 19.37 -72.48 -6.16
N SER C 491 20.14 -73.12 -5.28
CA SER C 491 19.98 -72.97 -3.84
C SER C 491 21.21 -72.34 -3.21
N TYR C 492 20.98 -71.47 -2.24
CA TYR C 492 22.05 -70.97 -1.39
C TYR C 492 22.60 -72.07 -0.50
N SER C 493 23.90 -71.95 -0.19
CA SER C 493 24.57 -72.84 0.75
C SER C 493 24.85 -72.07 2.01
N PHE C 494 24.26 -72.49 3.13
CA PHE C 494 24.40 -71.81 4.41
C PHE C 494 25.08 -72.72 5.44
N ARG C 495 26.12 -73.43 5.01
CA ARG C 495 26.86 -74.27 5.93
C ARG C 495 27.73 -73.40 6.85
N PRO C 496 27.93 -73.83 8.10
CA PRO C 496 28.70 -73.01 9.04
C PRO C 496 30.20 -73.01 8.78
N THR C 497 30.70 -73.82 7.85
CA THR C 497 32.13 -73.90 7.57
C THR C 497 32.65 -72.71 6.77
N TYR C 498 31.77 -71.85 6.27
CA TYR C 498 32.17 -70.72 5.45
C TYR C 498 32.18 -69.44 6.28
N GLY C 499 33.06 -68.51 5.89
CA GLY C 499 33.31 -67.29 6.63
C GLY C 499 32.49 -66.12 6.11
N VAL C 500 33.02 -64.92 6.31
CA VAL C 500 32.32 -63.69 5.94
C VAL C 500 32.30 -63.54 4.43
N GLY C 501 31.10 -63.32 3.88
CA GLY C 501 30.90 -63.16 2.46
C GLY C 501 29.88 -64.14 1.88
N HIS C 502 29.83 -65.35 2.45
CA HIS C 502 28.91 -66.38 1.98
C HIS C 502 27.84 -66.71 3.01
N GLN C 503 28.05 -66.36 4.28
CA GLN C 503 27.04 -66.57 5.31
C GLN C 503 25.83 -65.68 5.07
N PRO C 504 24.65 -66.10 5.53
CA PRO C 504 23.42 -65.33 5.24
C PRO C 504 23.40 -64.01 5.99
N TYR C 505 23.13 -62.93 5.24
CA TYR C 505 22.91 -61.59 5.79
C TYR C 505 21.48 -61.19 5.43
N ARG C 506 20.59 -61.22 6.42
CA ARG C 506 19.21 -60.84 6.18
C ARG C 506 19.11 -59.33 5.95
N VAL C 507 18.42 -58.96 4.88
CA VAL C 507 18.32 -57.55 4.47
C VAL C 507 16.85 -57.21 4.25
N VAL C 508 16.45 -56.00 4.67
CA VAL C 508 15.09 -55.50 4.50
C VAL C 508 15.18 -54.16 3.79
N VAL C 509 14.44 -54.02 2.69
CA VAL C 509 14.46 -52.83 1.84
C VAL C 509 13.36 -51.89 2.28
N LEU C 510 13.70 -50.61 2.44
CA LEU C 510 12.75 -49.57 2.79
C LEU C 510 12.70 -48.53 1.69
N SER C 511 11.53 -48.36 1.07
CA SER C 511 11.32 -47.40 0.01
C SER C 511 9.92 -46.82 0.13
N PHE C 512 9.80 -45.51 -0.04
CA PHE C 512 8.55 -44.79 0.17
C PHE C 512 7.95 -44.36 -1.15
N GLU C 513 6.73 -43.82 -1.07
CA GLU C 513 5.97 -43.37 -2.22
C GLU C 513 5.54 -41.93 -2.00
N LEU C 514 5.67 -41.11 -3.05
CA LEU C 514 5.27 -39.70 -2.98
C LEU C 514 4.55 -39.28 -4.25
N LEU C 515 3.67 -40.15 -4.76
CA LEU C 515 2.82 -39.81 -5.90
C LEU C 515 1.42 -39.47 -5.42
N HIS C 516 0.76 -40.36 -4.68
CA HIS C 516 -0.52 -40.06 -4.09
C HIS C 516 -0.33 -39.39 -2.74
N ALA C 517 -1.29 -38.53 -2.36
CA ALA C 517 -1.21 -37.73 -1.15
C ALA C 517 -2.44 -37.99 -0.28
N PRO C 518 -2.42 -39.04 0.53
CA PRO C 518 -3.49 -39.27 1.51
C PRO C 518 -3.21 -38.70 2.89
N ALA C 519 -1.99 -38.17 3.12
CA ALA C 519 -1.56 -37.59 4.40
C ALA C 519 -1.70 -38.58 5.56
N THR C 520 -1.09 -39.76 5.38
CA THR C 520 -1.08 -40.80 6.41
C THR C 520 0.34 -41.26 6.67
N VAL C 521 0.47 -42.11 7.70
CA VAL C 521 1.71 -42.74 8.14
C VAL C 521 2.73 -41.69 8.58
N CYS C 522 2.78 -41.41 9.88
CA CYS C 522 3.77 -40.49 10.41
C CYS C 522 4.07 -40.84 11.86
N GLY C 523 5.25 -40.45 12.33
CA GLY C 523 5.74 -40.86 13.62
C GLY C 523 5.51 -39.84 14.72
N PRO C 524 5.31 -40.31 15.94
CA PRO C 524 5.10 -39.41 17.08
C PRO C 524 6.42 -38.99 17.73
N LYS C 525 6.37 -37.82 18.36
CA LYS C 525 7.55 -37.28 19.04
C LYS C 525 7.11 -36.23 20.06
N LYS C 526 7.89 -36.12 21.13
CA LYS C 526 7.82 -35.03 22.11
C LYS C 526 6.43 -34.94 22.76
N SER C 527 6.12 -35.97 23.54
CA SER C 527 4.91 -35.99 24.36
C SER C 527 5.34 -35.68 25.80
N THR C 528 5.37 -34.39 26.13
CA THR C 528 5.90 -33.94 27.41
C THR C 528 4.82 -33.98 28.49
N ASN C 529 5.10 -33.34 29.63
CA ASN C 529 4.25 -33.42 30.81
C ASN C 529 3.17 -32.34 30.76
N LEU C 530 2.45 -32.17 31.87
CA LEU C 530 1.34 -31.23 31.96
C LEU C 530 1.65 -30.15 32.98
N VAL C 531 1.17 -28.93 32.69
CA VAL C 531 1.43 -27.75 33.51
C VAL C 531 0.10 -27.03 33.73
N LYS C 532 -0.18 -26.66 34.98
CA LYS C 532 -1.44 -26.03 35.33
C LYS C 532 -1.18 -24.81 36.22
N ASN C 533 -2.11 -23.85 36.16
CA ASN C 533 -2.19 -22.72 37.08
C ASN C 533 -0.99 -21.78 36.99
N LYS C 534 -0.51 -21.55 35.77
CA LYS C 534 0.49 -20.53 35.50
C LYS C 534 0.45 -20.21 34.01
N CYS C 535 1.45 -19.45 33.55
CA CYS C 535 1.59 -19.19 32.13
C CYS C 535 1.89 -20.49 31.38
N VAL C 536 1.33 -20.61 30.18
CA VAL C 536 1.44 -21.82 29.37
C VAL C 536 1.73 -21.40 27.93
N ASN C 537 2.79 -21.97 27.35
CA ASN C 537 3.07 -21.89 25.92
C ASN C 537 2.65 -23.23 25.31
N PHE C 538 1.36 -23.36 25.03
CA PHE C 538 0.80 -24.66 24.67
C PHE C 538 1.00 -24.98 23.20
N ASN C 539 1.26 -26.26 22.93
CA ASN C 539 1.20 -26.84 21.60
C ASN C 539 0.33 -28.07 21.58
N PHE C 540 -0.27 -28.44 22.71
CA PHE C 540 -1.01 -29.68 22.81
C PHE C 540 -2.30 -29.63 22.01
N ASN C 541 -2.68 -30.79 21.48
CA ASN C 541 -3.82 -30.97 20.57
C ASN C 541 -3.70 -30.10 19.32
N GLY C 542 -2.48 -29.86 18.86
CA GLY C 542 -2.23 -29.16 17.61
C GLY C 542 -2.67 -27.71 17.58
N LEU C 543 -2.34 -26.95 18.62
CA LEU C 543 -2.75 -25.55 18.71
C LEU C 543 -1.61 -24.74 19.31
N LYS C 544 -1.09 -23.79 18.54
CA LYS C 544 -0.02 -22.91 19.00
C LYS C 544 -0.61 -21.64 19.58
N GLY C 545 -0.14 -21.25 20.76
CA GLY C 545 -0.61 -20.03 21.37
C GLY C 545 -0.07 -19.88 22.78
N THR C 546 -0.52 -18.80 23.44
CA THR C 546 -0.13 -18.47 24.80
C THR C 546 -1.38 -18.32 25.65
N GLY C 547 -1.23 -18.60 26.95
CA GLY C 547 -2.35 -18.44 27.86
C GLY C 547 -2.07 -19.15 29.19
N VAL C 548 -3.15 -19.34 29.94
CA VAL C 548 -3.13 -20.03 31.22
C VAL C 548 -4.06 -21.22 31.14
N LEU C 549 -3.54 -22.42 31.43
CA LEU C 549 -4.32 -23.65 31.37
C LEU C 549 -4.91 -23.92 32.76
N THR C 550 -6.21 -23.69 32.90
CA THR C 550 -6.94 -23.98 34.13
C THR C 550 -8.17 -24.80 33.77
N GLU C 551 -8.97 -25.13 34.79
CA GLU C 551 -10.16 -25.93 34.61
C GLU C 551 -11.42 -25.06 34.65
N SER C 552 -12.52 -25.63 34.20
CA SER C 552 -13.81 -24.94 34.19
C SER C 552 -14.92 -25.99 34.22
N ASN C 553 -16.15 -25.52 34.27
CA ASN C 553 -17.33 -26.39 34.34
C ASN C 553 -18.00 -26.40 32.97
N LYS C 554 -17.51 -27.27 32.09
CA LYS C 554 -18.12 -27.50 30.79
C LYS C 554 -18.36 -28.99 30.60
N LYS C 555 -19.08 -29.32 29.54
CA LYS C 555 -19.36 -30.71 29.15
C LYS C 555 -19.19 -30.80 27.64
N PHE C 556 -18.01 -31.23 27.21
CA PHE C 556 -17.76 -31.42 25.79
C PHE C 556 -18.59 -32.57 25.23
N LEU C 557 -18.89 -32.47 23.94
CA LEU C 557 -19.47 -33.60 23.24
C LEU C 557 -18.40 -34.69 23.08
N PRO C 558 -18.82 -35.95 22.94
CA PRO C 558 -17.82 -37.04 22.83
C PRO C 558 -16.93 -36.96 21.61
N PHE C 559 -17.31 -36.22 20.57
CA PHE C 559 -16.48 -36.03 19.41
C PHE C 559 -15.86 -34.65 19.30
N GLN C 560 -16.36 -33.67 20.06
CA GLN C 560 -15.87 -32.30 19.93
C GLN C 560 -14.47 -32.17 20.52
N GLN C 561 -13.61 -31.42 19.83
CA GLN C 561 -12.20 -31.33 20.18
C GLN C 561 -11.76 -29.93 20.58
N PHE C 562 -12.01 -28.92 19.75
CA PHE C 562 -11.59 -27.55 20.03
C PHE C 562 -12.65 -26.82 20.85
N GLY C 563 -12.50 -25.49 20.93
CA GLY C 563 -13.45 -24.63 21.59
C GLY C 563 -13.26 -23.20 21.13
N ARG C 564 -14.35 -22.51 20.80
CA ARG C 564 -14.25 -21.15 20.30
C ARG C 564 -15.38 -20.30 20.87
N ASP C 565 -15.18 -18.99 20.80
CA ASP C 565 -16.07 -17.99 21.38
C ASP C 565 -16.74 -17.16 20.28
N ILE C 566 -17.44 -16.11 20.70
CA ILE C 566 -18.09 -15.19 19.76
C ILE C 566 -17.05 -14.46 18.93
N ALA C 567 -15.97 -14.00 19.57
CA ALA C 567 -14.91 -13.25 18.89
C ALA C 567 -13.95 -14.15 18.11
N ASP C 568 -14.24 -15.44 18.00
CA ASP C 568 -13.48 -16.42 17.21
C ASP C 568 -12.03 -16.51 17.71
N THR C 569 -11.91 -16.98 18.96
CA THR C 569 -10.61 -17.30 19.55
C THR C 569 -10.74 -18.59 20.34
N THR C 570 -9.62 -19.27 20.53
CA THR C 570 -9.61 -20.51 21.28
C THR C 570 -9.74 -20.25 22.77
N ASP C 571 -10.67 -20.95 23.42
CA ASP C 571 -10.86 -20.78 24.86
C ASP C 571 -11.08 -22.08 25.62
N ALA C 572 -11.11 -23.24 24.96
CA ALA C 572 -11.29 -24.51 25.65
C ALA C 572 -10.73 -25.61 24.77
N VAL C 573 -9.64 -26.22 25.20
CA VAL C 573 -8.96 -27.28 24.45
C VAL C 573 -8.98 -28.54 25.29
N ARG C 574 -9.42 -29.65 24.68
CA ARG C 574 -9.46 -30.94 25.36
C ARG C 574 -8.10 -31.61 25.23
N ASP C 575 -7.59 -32.16 26.34
CA ASP C 575 -6.23 -32.78 26.37
C ASP C 575 -6.25 -34.14 25.70
N PRO C 576 -5.36 -34.39 24.73
CA PRO C 576 -5.43 -35.64 24.01
C PRO C 576 -5.20 -36.83 24.95
N GLN C 577 -4.16 -36.77 25.79
CA GLN C 577 -3.81 -37.93 26.63
C GLN C 577 -4.87 -38.18 27.71
N THR C 578 -5.37 -37.13 28.33
CA THR C 578 -6.34 -37.29 29.45
C THR C 578 -7.63 -36.51 29.14
N LEU C 579 -8.79 -37.12 29.39
CA LEU C 579 -10.03 -36.49 28.96
C LEU C 579 -10.64 -35.70 30.11
N GLU C 580 -10.51 -34.38 30.06
CA GLU C 580 -11.18 -33.49 31.00
C GLU C 580 -11.44 -32.16 30.28
N ILE C 581 -11.89 -31.17 31.03
CA ILE C 581 -12.22 -29.86 30.51
C ILE C 581 -11.18 -28.86 30.98
N LEU C 582 -10.52 -28.21 30.04
CA LEU C 582 -9.51 -27.20 30.34
C LEU C 582 -10.06 -25.83 29.97
N ASP C 583 -9.22 -24.80 30.17
CA ASP C 583 -9.60 -23.44 29.88
C ASP C 583 -8.35 -22.65 29.49
N ILE C 584 -8.57 -21.56 28.76
CA ILE C 584 -7.49 -20.67 28.34
C ILE C 584 -7.90 -19.24 28.62
N THR C 585 -7.08 -18.53 29.38
CA THR C 585 -7.30 -17.14 29.73
C THR C 585 -6.16 -16.28 29.20
N PRO C 586 -6.42 -15.03 28.83
CA PRO C 586 -5.33 -14.14 28.37
C PRO C 586 -4.38 -13.79 29.50
N CYS C 587 -3.17 -13.41 29.11
CA CYS C 587 -2.09 -13.13 30.05
C CYS C 587 -1.74 -11.65 30.02
N SER C 588 -1.68 -11.04 31.21
CA SER C 588 -1.17 -9.68 31.43
C SER C 588 -2.02 -8.67 30.71
N PHE C 589 -1.56 -8.05 29.61
CA PHE C 589 -2.17 -6.90 28.92
C PHE C 589 -2.22 -5.67 29.82
N GLY C 590 -2.88 -4.62 29.34
CA GLY C 590 -2.93 -3.37 30.05
C GLY C 590 -1.73 -2.50 29.74
N GLY C 591 -1.81 -1.25 30.18
CA GLY C 591 -0.73 -0.31 29.97
C GLY C 591 -0.25 0.29 31.27
N VAL C 592 0.54 1.35 31.19
CA VAL C 592 1.05 2.04 32.38
C VAL C 592 0.83 3.54 32.20
N SER C 593 0.88 4.24 33.33
CA SER C 593 0.72 5.69 33.34
C SER C 593 1.67 6.27 34.38
N VAL C 594 2.50 7.21 33.95
CA VAL C 594 3.53 7.79 34.81
C VAL C 594 2.91 9.00 35.50
N ILE C 595 2.46 8.80 36.74
CA ILE C 595 1.92 9.89 37.55
C ILE C 595 3.07 10.76 37.99
N THR C 596 3.17 11.96 37.43
CA THR C 596 4.25 12.86 37.82
C THR C 596 3.72 14.25 38.13
N PRO C 597 4.33 14.94 39.09
CA PRO C 597 4.06 16.37 39.25
C PRO C 597 4.94 17.17 38.31
N GLY C 598 4.93 18.50 38.44
CA GLY C 598 5.81 19.34 37.65
C GLY C 598 7.28 19.01 37.85
N THR C 599 8.03 18.93 36.75
CA THR C 599 9.42 18.49 36.82
C THR C 599 10.32 19.50 37.52
N ASN C 600 9.87 20.72 37.76
CA ASN C 600 10.62 21.69 38.54
C ASN C 600 10.48 21.45 40.04
N THR C 601 9.55 20.59 40.46
CA THR C 601 9.29 20.39 41.88
C THR C 601 9.67 18.99 42.38
N SER C 602 9.82 18.01 41.50
CA SER C 602 10.13 16.65 41.93
C SER C 602 10.82 15.91 40.78
N ASN C 603 11.40 14.77 41.13
CA ASN C 603 12.00 13.89 40.14
C ASN C 603 11.48 12.46 40.30
N GLN C 604 11.14 12.07 41.52
CA GLN C 604 10.55 10.77 41.74
C GLN C 604 9.09 10.79 41.28
N VAL C 605 8.64 9.65 40.74
CA VAL C 605 7.33 9.54 40.12
C VAL C 605 6.63 8.29 40.61
N ALA C 606 5.32 8.27 40.44
CA ALA C 606 4.51 7.10 40.73
C ALA C 606 4.32 6.30 39.44
N VAL C 607 3.49 5.25 39.49
CA VAL C 607 3.14 4.49 38.31
C VAL C 607 1.80 3.81 38.58
N LEU C 608 1.02 3.60 37.52
CA LEU C 608 -0.31 3.04 37.62
C LEU C 608 -0.41 1.83 36.71
N TYR C 609 -0.93 0.73 37.22
CA TYR C 609 -1.10 -0.51 36.47
C TYR C 609 -2.59 -0.72 36.22
N GLN C 610 -3.03 -0.50 34.99
CA GLN C 610 -4.45 -0.57 34.67
C GLN C 610 -4.92 -2.02 34.58
N GLY C 611 -5.97 -2.34 35.32
CA GLY C 611 -6.60 -3.65 35.23
C GLY C 611 -5.73 -4.82 35.64
N VAL C 612 -4.91 -4.64 36.67
CA VAL C 612 -4.06 -5.70 37.20
C VAL C 612 -4.32 -5.81 38.69
N ASN C 613 -4.62 -7.02 39.16
CA ASN C 613 -4.84 -7.26 40.58
C ASN C 613 -3.51 -7.19 41.33
N CYS C 614 -3.53 -6.58 42.52
CA CYS C 614 -2.32 -6.42 43.31
C CYS C 614 -1.79 -7.75 43.85
N THR C 615 -2.66 -8.77 43.94
CA THR C 615 -2.21 -10.07 44.43
C THR C 615 -1.39 -10.83 43.38
N GLU C 616 -1.39 -10.38 42.12
CA GLU C 616 -0.62 -11.04 41.08
C GLU C 616 0.14 -10.03 40.22
N VAL C 617 0.59 -8.92 40.80
CA VAL C 617 1.47 -8.01 40.08
C VAL C 617 2.81 -8.61 39.66
N PRO C 618 3.58 -9.35 40.48
CA PRO C 618 4.93 -9.72 40.03
C PRO C 618 4.95 -10.72 38.88
N VAL C 619 3.84 -11.41 38.63
CA VAL C 619 3.70 -12.15 37.38
C VAL C 619 3.58 -11.18 36.21
N ALA C 620 2.76 -10.14 36.37
CA ALA C 620 2.59 -9.11 35.35
C ALA C 620 3.65 -8.02 35.43
N ILE C 621 4.53 -8.05 36.45
CA ILE C 621 5.66 -7.15 36.50
C ILE C 621 6.93 -7.84 35.99
N HIS C 622 7.08 -9.14 36.29
CA HIS C 622 8.23 -9.96 35.87
C HIS C 622 9.53 -9.35 36.38
N ALA C 623 9.64 -9.28 37.70
CA ALA C 623 10.70 -8.55 38.37
C ALA C 623 12.08 -9.18 38.22
N ASP C 624 12.16 -10.40 37.66
CA ASP C 624 13.46 -11.00 37.39
C ASP C 624 14.25 -10.19 36.36
N GLN C 625 13.57 -9.71 35.34
CA GLN C 625 14.21 -8.93 34.28
C GLN C 625 14.32 -7.44 34.61
N LEU C 626 13.75 -7.00 35.73
CA LEU C 626 13.68 -5.59 36.06
C LEU C 626 14.70 -5.23 37.13
N THR C 627 15.15 -3.98 37.08
CA THR C 627 16.09 -3.44 38.06
C THR C 627 15.42 -3.30 39.42
N PRO C 628 16.20 -3.36 40.52
CA PRO C 628 15.61 -3.07 41.83
C PRO C 628 15.13 -1.63 41.98
N THR C 629 15.62 -0.70 41.16
CA THR C 629 15.01 0.62 41.07
C THR C 629 13.59 0.52 40.54
N TRP C 630 13.39 -0.30 39.50
CA TRP C 630 12.05 -0.55 38.97
C TRP C 630 11.25 -1.50 39.85
N ARG C 631 11.91 -2.27 40.71
CA ARG C 631 11.24 -3.21 41.59
C ARG C 631 10.71 -2.55 42.87
N VAL C 632 11.02 -1.27 43.08
CA VAL C 632 10.38 -0.51 44.16
C VAL C 632 8.88 -0.44 43.93
N TYR C 633 8.47 -0.25 42.68
CA TYR C 633 7.07 -0.28 42.28
C TYR C 633 6.56 -1.69 42.00
N SER C 634 7.23 -2.71 42.54
CA SER C 634 6.80 -4.09 42.42
C SER C 634 6.42 -4.70 43.76
N THR C 635 7.26 -4.52 44.77
CA THR C 635 6.96 -4.95 46.13
C THR C 635 7.24 -3.81 47.09
N GLY C 636 6.45 -3.74 48.15
CA GLY C 636 6.63 -2.71 49.14
C GLY C 636 5.37 -2.53 49.96
N SER C 637 5.48 -1.62 50.94
CA SER C 637 4.35 -1.34 51.81
C SER C 637 3.28 -0.53 51.11
N ASN C 638 3.68 0.42 50.27
CA ASN C 638 2.75 1.31 49.58
C ASN C 638 2.10 0.55 48.43
N VAL C 639 0.96 -0.09 48.71
CA VAL C 639 0.20 -0.79 47.69
C VAL C 639 -1.27 -0.41 47.86
N PHE C 640 -1.97 -0.28 46.73
CA PHE C 640 -3.35 0.17 46.75
C PHE C 640 -4.12 -0.50 45.61
N GLN C 641 -5.37 -0.85 45.87
CA GLN C 641 -6.23 -1.53 44.91
C GLN C 641 -7.50 -0.72 44.68
N THR C 642 -7.89 -0.60 43.42
CA THR C 642 -9.17 -0.01 43.06
C THR C 642 -9.61 -0.60 41.72
N ARG C 643 -10.85 -0.28 41.34
CA ARG C 643 -11.40 -0.80 40.09
C ARG C 643 -10.68 -0.24 38.86
N ALA C 644 -10.08 0.94 38.97
CA ALA C 644 -9.31 1.46 37.85
C ALA C 644 -7.99 0.72 37.69
N GLY C 645 -7.36 0.34 38.79
CA GLY C 645 -6.11 -0.38 38.71
C GLY C 645 -5.47 -0.53 40.07
N CYS C 646 -4.19 -0.85 40.05
CA CYS C 646 -3.38 -1.08 41.25
C CYS C 646 -2.15 -0.19 41.14
N LEU C 647 -2.28 1.07 41.56
CA LEU C 647 -1.14 1.97 41.51
C LEU C 647 -0.22 1.71 42.68
N ILE C 648 1.01 2.18 42.55
CA ILE C 648 2.06 1.87 43.49
C ILE C 648 3.10 2.97 43.43
N GLY C 649 3.70 3.30 44.56
CA GLY C 649 4.50 4.49 44.71
C GLY C 649 3.79 5.64 45.36
N ALA C 650 2.50 5.49 45.68
CA ALA C 650 1.72 6.51 46.35
C ALA C 650 0.88 5.87 47.44
N GLU C 651 0.65 6.62 48.51
CA GLU C 651 -0.06 6.12 49.67
C GLU C 651 -1.45 6.77 49.76
N TYR C 652 -2.44 5.97 50.13
CA TYR C 652 -3.79 6.49 50.33
C TYR C 652 -3.84 7.33 51.60
N VAL C 653 -4.56 8.44 51.53
CA VAL C 653 -4.79 9.31 52.68
C VAL C 653 -6.28 9.53 52.84
N ASN C 654 -6.74 9.58 54.10
CA ASN C 654 -8.17 9.55 54.39
C ASN C 654 -8.85 10.90 54.24
N ASN C 655 -8.11 12.00 54.21
CA ASN C 655 -8.74 13.30 54.07
C ASN C 655 -9.24 13.49 52.64
N SER C 656 -10.25 14.34 52.49
CA SER C 656 -10.89 14.57 51.20
C SER C 656 -10.96 16.06 50.92
N TYR C 657 -10.49 16.46 49.75
CA TYR C 657 -10.55 17.84 49.28
C TYR C 657 -10.48 17.83 47.75
N GLU C 658 -10.23 19.00 47.16
CA GLU C 658 -10.45 19.19 45.72
C GLU C 658 -9.47 18.37 44.89
N CYS C 659 -9.83 18.14 43.63
CA CYS C 659 -9.06 17.26 42.77
C CYS C 659 -7.98 18.03 42.01
N ASP C 660 -6.82 17.38 41.83
CA ASP C 660 -5.71 17.96 41.08
C ASP C 660 -5.35 17.15 39.85
N ILE C 661 -5.11 15.85 40.00
CA ILE C 661 -4.83 14.96 38.88
C ILE C 661 -5.81 13.80 38.96
N PRO C 662 -6.64 13.57 37.95
CA PRO C 662 -7.57 12.43 38.00
C PRO C 662 -6.82 11.10 37.87
N ILE C 663 -7.37 10.08 38.53
CA ILE C 663 -6.80 8.73 38.54
C ILE C 663 -7.72 7.74 37.85
N GLY C 664 -8.94 7.59 38.35
CA GLY C 664 -9.88 6.64 37.80
C GLY C 664 -10.86 6.10 38.82
N ALA C 665 -12.14 6.08 38.47
CA ALA C 665 -13.23 5.57 39.29
C ALA C 665 -13.36 6.30 40.63
N GLY C 666 -13.07 7.60 40.65
CA GLY C 666 -13.29 8.41 41.82
C GLY C 666 -12.09 8.64 42.72
N ILE C 667 -10.88 8.70 42.17
CA ILE C 667 -9.67 8.93 42.93
C ILE C 667 -8.92 10.09 42.28
N CYS C 668 -8.33 10.96 43.10
CA CYS C 668 -7.50 12.03 42.60
C CYS C 668 -6.19 12.07 43.37
N ALA C 669 -5.11 12.42 42.68
CA ALA C 669 -3.77 12.44 43.22
C ALA C 669 -3.24 13.87 43.24
N SER C 670 -2.47 14.20 44.27
CA SER C 670 -1.86 15.52 44.39
C SER C 670 -0.53 15.38 45.10
N TYR C 671 0.34 16.37 44.90
CA TYR C 671 1.68 16.37 45.46
C TYR C 671 1.68 17.20 46.74
N GLN C 672 1.66 16.54 47.88
CA GLN C 672 1.65 17.20 49.18
C GLN C 672 2.88 16.83 49.96
N THR C 673 3.53 17.84 50.54
CA THR C 673 4.73 17.63 51.33
C THR C 673 4.45 17.81 52.82
N SER C 686 7.51 14.70 53.74
CA SER C 686 7.62 15.55 52.56
C SER C 686 8.15 14.77 51.37
N GLN C 687 8.02 15.37 50.18
CA GLN C 687 8.52 14.83 48.91
C GLN C 687 7.92 13.45 48.63
N SER C 688 6.59 13.46 48.47
CA SER C 688 5.85 12.24 48.20
C SER C 688 4.55 12.60 47.50
N ILE C 689 3.97 11.61 46.84
CA ILE C 689 2.71 11.76 46.11
C ILE C 689 1.64 10.98 46.85
N ILE C 690 0.51 11.61 47.11
CA ILE C 690 -0.61 10.98 47.78
C ILE C 690 -1.72 10.73 46.75
N ALA C 691 -2.64 9.84 47.09
CA ALA C 691 -3.78 9.50 46.23
C ALA C 691 -5.03 9.45 47.10
N TYR C 692 -5.70 10.60 47.25
CA TYR C 692 -6.85 10.69 48.13
C TYR C 692 -8.14 10.40 47.39
N THR C 693 -9.24 10.57 48.10
CA THR C 693 -10.57 10.42 47.51
C THR C 693 -11.13 11.79 47.15
N MET C 694 -11.60 11.92 45.90
CA MET C 694 -12.08 13.18 45.39
C MET C 694 -13.39 13.58 46.07
N SER C 695 -13.49 14.85 46.43
CA SER C 695 -14.68 15.40 47.05
C SER C 695 -15.46 16.23 46.04
N LEU C 696 -16.73 16.47 46.36
CA LEU C 696 -17.60 17.24 45.48
C LEU C 696 -17.95 18.61 46.03
N GLY C 697 -17.63 18.89 47.29
CA GLY C 697 -17.88 20.17 47.89
C GLY C 697 -18.44 19.99 49.29
N ALA C 698 -18.87 21.10 49.88
CA ALA C 698 -19.44 21.09 51.22
C ALA C 698 -20.96 20.93 51.15
N GLU C 699 -21.54 20.64 52.31
CA GLU C 699 -22.98 20.44 52.42
C GLU C 699 -23.62 21.67 53.03
N ASN C 700 -24.51 22.31 52.28
CA ASN C 700 -25.18 23.50 52.78
C ASN C 700 -26.26 23.13 53.80
N SER C 701 -27.04 22.09 53.51
CA SER C 701 -28.09 21.56 54.40
C SER C 701 -29.12 22.64 54.73
N VAL C 702 -29.84 23.05 53.69
CA VAL C 702 -30.82 24.13 53.81
C VAL C 702 -31.99 23.66 54.66
N ALA C 703 -32.37 24.49 55.64
CA ALA C 703 -33.44 24.15 56.58
C ALA C 703 -34.79 24.49 55.95
N TYR C 704 -35.37 23.51 55.28
CA TYR C 704 -36.69 23.69 54.67
C TYR C 704 -37.76 23.82 55.74
N SER C 705 -38.72 24.72 55.50
CA SER C 705 -39.83 24.90 56.43
C SER C 705 -41.02 25.44 55.65
N ASN C 706 -42.21 25.29 56.25
CA ASN C 706 -43.44 25.67 55.58
C ASN C 706 -43.75 27.15 55.71
N ASN C 707 -43.02 27.90 56.53
CA ASN C 707 -43.27 29.33 56.65
C ASN C 707 -41.98 30.13 56.77
N SER C 708 -40.90 29.63 56.18
CA SER C 708 -39.59 30.30 56.24
C SER C 708 -39.21 30.80 54.86
N ILE C 709 -38.88 32.08 54.76
CA ILE C 709 -38.46 32.71 53.52
C ILE C 709 -37.17 33.48 53.80
N ALA C 710 -36.23 33.40 52.87
CA ALA C 710 -34.99 34.16 52.94
C ALA C 710 -34.98 35.17 51.81
N ILE C 711 -34.74 36.44 52.15
CA ILE C 711 -34.72 37.50 51.15
C ILE C 711 -33.39 38.26 51.25
N PRO C 712 -32.64 38.40 50.16
CA PRO C 712 -31.38 39.13 50.22
C PRO C 712 -31.60 40.62 50.47
N THR C 713 -30.63 41.22 51.16
CA THR C 713 -30.68 42.64 51.49
C THR C 713 -29.55 43.45 50.90
N ASN C 714 -28.65 42.82 50.15
CA ASN C 714 -27.54 43.52 49.52
C ASN C 714 -27.10 42.71 48.31
N PHE C 715 -26.46 43.39 47.36
CA PHE C 715 -26.09 42.79 46.09
C PHE C 715 -24.61 43.03 45.83
N THR C 716 -24.10 42.29 44.84
CA THR C 716 -22.75 42.52 44.34
C THR C 716 -22.81 42.47 42.83
N ILE C 717 -21.96 43.28 42.18
CA ILE C 717 -21.83 43.31 40.74
C ILE C 717 -20.48 42.70 40.39
N SER C 718 -20.50 41.64 39.60
CA SER C 718 -19.28 40.92 39.25
C SER C 718 -19.07 40.95 37.75
N VAL C 719 -17.84 40.70 37.34
CA VAL C 719 -17.45 40.68 35.93
C VAL C 719 -16.85 39.31 35.64
N THR C 720 -17.52 38.53 34.81
CA THR C 720 -17.06 37.20 34.46
C THR C 720 -16.55 37.19 33.02
N THR C 721 -15.38 36.61 32.82
CA THR C 721 -14.74 36.56 31.51
C THR C 721 -14.90 35.17 30.93
N GLU C 722 -15.45 35.09 29.73
CA GLU C 722 -15.51 33.83 28.98
C GLU C 722 -14.91 34.01 27.60
N ILE C 723 -14.28 32.95 27.11
CA ILE C 723 -13.44 33.00 25.92
C ILE C 723 -13.94 31.97 24.92
N LEU C 724 -14.05 32.38 23.66
CA LEU C 724 -14.48 31.47 22.60
C LEU C 724 -13.59 31.60 21.38
N PRO C 725 -13.23 30.49 20.73
CA PRO C 725 -12.62 30.58 19.41
C PRO C 725 -13.65 31.01 18.38
N VAL C 726 -13.17 31.68 17.32
CA VAL C 726 -14.06 32.08 16.24
C VAL C 726 -13.58 31.50 14.92
N SER C 727 -12.27 31.33 14.76
CA SER C 727 -11.73 30.94 13.48
C SER C 727 -10.35 30.35 13.64
N MET C 728 -10.05 29.30 12.89
CA MET C 728 -8.72 28.71 12.88
C MET C 728 -7.94 29.23 11.67
N THR C 729 -6.66 28.86 11.61
CA THR C 729 -5.77 29.41 10.60
C THR C 729 -6.07 28.81 9.24
N LYS C 730 -6.17 29.67 8.22
CA LYS C 730 -6.39 29.21 6.86
C LYS C 730 -5.13 28.55 6.31
N THR C 731 -5.31 27.63 5.38
CA THR C 731 -4.19 26.91 4.79
C THR C 731 -4.55 26.44 3.40
N SER C 732 -3.52 26.11 2.61
CA SER C 732 -3.71 25.59 1.28
C SER C 732 -2.54 24.69 0.93
N VAL C 733 -2.78 23.76 0.03
CA VAL C 733 -1.72 22.78 -0.29
C VAL C 733 -1.58 22.66 -1.79
N ASP C 734 -0.37 22.77 -2.33
CA ASP C 734 -0.14 22.54 -3.78
C ASP C 734 0.25 21.08 -3.93
N CYS C 735 -0.43 20.40 -4.82
CA CYS C 735 -0.23 18.95 -4.81
C CYS C 735 1.09 18.52 -5.40
N THR C 736 1.38 18.85 -6.67
CA THR C 736 2.58 18.16 -7.14
C THR C 736 3.75 18.32 -6.20
N MET C 737 3.85 19.48 -5.53
CA MET C 737 5.05 19.81 -4.77
C MET C 737 5.24 18.92 -3.56
N TYR C 738 4.15 18.61 -2.85
CA TYR C 738 4.28 17.78 -1.65
C TYR C 738 4.57 16.34 -2.03
N ILE C 739 3.86 15.81 -3.02
CA ILE C 739 4.05 14.42 -3.42
C ILE C 739 5.37 14.25 -4.15
N CYS C 740 5.67 15.14 -5.09
CA CYS C 740 6.85 15.04 -5.93
C CYS C 740 7.78 16.21 -5.66
N GLY C 741 9.06 15.93 -5.44
CA GLY C 741 10.01 16.98 -5.10
C GLY C 741 10.45 17.83 -6.28
N ASP C 742 9.48 18.51 -6.92
CA ASP C 742 9.71 19.41 -8.05
C ASP C 742 10.44 18.73 -9.20
N SER C 743 10.14 17.46 -9.44
CA SER C 743 10.77 16.71 -10.51
C SER C 743 9.80 16.57 -11.68
N THR C 744 10.28 15.92 -12.75
CA THR C 744 9.50 15.73 -13.96
C THR C 744 8.93 14.33 -14.08
N GLU C 745 9.69 13.31 -13.67
CA GLU C 745 9.24 11.93 -13.78
C GLU C 745 8.08 11.64 -12.82
N CYS C 746 8.03 12.33 -11.68
CA CYS C 746 6.93 12.12 -10.75
C CYS C 746 5.71 12.96 -11.12
N SER C 747 5.93 14.09 -11.79
CA SER C 747 4.81 14.95 -12.18
C SER C 747 3.94 14.27 -13.24
N ASN C 748 4.56 13.53 -14.16
CA ASN C 748 3.80 12.84 -15.20
C ASN C 748 3.04 11.65 -14.62
N LEU C 749 3.62 10.98 -13.63
CA LEU C 749 2.99 9.79 -13.06
C LEU C 749 1.76 10.13 -12.24
N LEU C 750 1.67 11.35 -11.71
CA LEU C 750 0.56 11.72 -10.84
C LEU C 750 -0.74 11.82 -11.63
N LEU C 751 -0.68 12.18 -12.92
CA LEU C 751 -1.88 12.25 -13.75
C LEU C 751 -2.53 10.89 -13.96
N GLN C 752 -1.78 9.81 -13.83
CA GLN C 752 -2.36 8.47 -13.94
C GLN C 752 -3.36 8.21 -12.82
N TYR C 753 -3.05 8.68 -11.60
CA TYR C 753 -4.02 8.61 -10.51
C TYR C 753 -5.20 9.52 -10.75
N GLY C 754 -4.98 10.65 -11.42
CA GLY C 754 -6.08 11.46 -11.94
C GLY C 754 -6.47 12.58 -11.00
N SER C 755 -7.74 12.61 -10.61
CA SER C 755 -8.32 13.70 -9.85
C SER C 755 -8.39 13.40 -8.35
N PHE C 756 -7.38 12.71 -7.82
CA PHE C 756 -7.36 12.46 -6.38
C PHE C 756 -7.10 13.73 -5.58
N CYS C 757 -6.37 14.65 -6.23
CA CYS C 757 -5.93 15.93 -5.62
C CYS C 757 -6.91 17.07 -5.83
N THR C 758 -7.54 17.18 -6.98
CA THR C 758 -8.48 18.31 -7.11
C THR C 758 -9.44 18.11 -5.97
N GLN C 759 -9.79 16.90 -5.62
CA GLN C 759 -10.77 16.79 -4.54
C GLN C 759 -10.16 17.41 -3.30
N LEU C 760 -8.84 17.23 -3.10
CA LEU C 760 -8.18 17.76 -1.88
C LEU C 760 -8.17 19.28 -1.85
N LYS C 761 -7.92 19.97 -2.96
CA LYS C 761 -7.82 21.44 -2.87
C LYS C 761 -9.16 22.06 -3.08
N ARG C 762 -10.20 21.27 -3.24
CA ARG C 762 -11.53 21.90 -3.30
C ARG C 762 -12.15 21.71 -1.93
N ALA C 763 -11.40 21.14 -0.98
CA ALA C 763 -11.89 21.00 0.40
C ALA C 763 -11.16 22.01 1.27
N LEU C 764 -9.87 22.19 1.05
CA LEU C 764 -9.06 23.16 1.81
C LEU C 764 -9.26 24.53 1.19
N THR C 765 -10.24 24.70 0.31
CA THR C 765 -10.60 26.02 -0.23
C THR C 765 -12.03 26.18 0.21
N GLY C 766 -12.70 25.10 0.53
CA GLY C 766 -13.97 25.22 1.23
C GLY C 766 -13.81 25.57 2.68
N ILE C 767 -12.77 25.05 3.32
CA ILE C 767 -12.45 25.46 4.69
C ILE C 767 -11.95 26.90 4.70
N ALA C 768 -11.03 27.23 3.79
CA ALA C 768 -10.40 28.54 3.76
C ALA C 768 -11.30 29.64 3.22
N VAL C 769 -12.57 29.36 2.95
CA VAL C 769 -13.56 30.40 2.72
C VAL C 769 -14.55 30.54 3.87
N GLU C 770 -14.72 29.49 4.69
CA GLU C 770 -15.56 29.61 5.87
C GLU C 770 -14.90 30.46 6.95
N GLN C 771 -13.56 30.43 7.02
CA GLN C 771 -12.85 31.26 7.98
C GLN C 771 -13.05 32.74 7.71
N ASP C 772 -13.09 33.12 6.44
CA ASP C 772 -13.43 34.49 6.08
C ASP C 772 -14.91 34.77 6.28
N LYS C 773 -15.74 33.73 6.33
CA LYS C 773 -17.17 33.87 6.60
C LYS C 773 -17.49 33.84 8.08
N ASN C 774 -16.69 33.12 8.88
CA ASN C 774 -16.90 33.07 10.32
C ASN C 774 -16.71 34.44 10.96
N THR C 775 -15.66 35.16 10.56
CA THR C 775 -15.40 36.46 11.15
C THR C 775 -16.40 37.52 10.69
N GLN C 776 -16.93 37.37 9.47
CA GLN C 776 -17.84 38.37 8.92
C GLN C 776 -19.22 38.31 9.54
N GLU C 777 -19.58 37.22 10.22
CA GLU C 777 -20.86 37.11 10.88
C GLU C 777 -20.76 37.24 12.39
N VAL C 778 -19.56 37.26 12.95
CA VAL C 778 -19.39 37.42 14.39
C VAL C 778 -19.16 38.88 14.75
N PHE C 779 -18.36 39.60 13.98
CA PHE C 779 -18.03 40.98 14.31
C PHE C 779 -18.82 42.01 13.53
N ALA C 780 -19.34 41.67 12.35
CA ALA C 780 -19.87 42.65 11.40
C ALA C 780 -21.39 42.68 11.38
N GLN C 781 -22.03 42.58 12.55
CA GLN C 781 -23.49 42.69 12.59
C GLN C 781 -23.99 44.10 12.32
N VAL C 782 -23.13 45.11 12.41
CA VAL C 782 -23.49 46.49 12.06
C VAL C 782 -22.57 46.96 10.94
N LYS C 783 -23.16 47.61 9.94
CA LYS C 783 -22.42 48.05 8.76
C LYS C 783 -22.11 49.54 8.78
N GLN C 784 -22.27 50.19 9.92
CA GLN C 784 -21.93 51.61 10.07
C GLN C 784 -20.90 51.72 11.19
N ILE C 785 -19.69 52.15 10.85
CA ILE C 785 -18.63 52.27 11.84
C ILE C 785 -18.89 53.52 12.66
N TYR C 786 -19.19 53.33 13.95
CA TYR C 786 -19.44 54.44 14.85
C TYR C 786 -18.13 55.00 15.39
N LYS C 787 -18.20 56.20 15.93
CA LYS C 787 -17.03 56.90 16.45
C LYS C 787 -17.24 57.18 17.93
N THR C 788 -16.25 56.81 18.74
CA THR C 788 -16.33 57.06 20.17
C THR C 788 -16.21 58.56 20.43
N PRO C 789 -16.98 59.09 21.38
CA PRO C 789 -16.90 60.51 21.72
C PRO C 789 -15.56 60.85 22.37
N PRO C 790 -15.09 62.09 22.24
CA PRO C 790 -13.81 62.46 22.85
C PRO C 790 -13.83 62.43 24.38
N ILE C 791 -14.90 62.92 24.98
CA ILE C 791 -15.03 62.90 26.43
C ILE C 791 -15.47 61.51 26.86
N LYS C 792 -14.64 60.84 27.66
CA LYS C 792 -14.89 59.47 28.08
C LYS C 792 -15.52 59.40 29.47
N TYR C 793 -16.34 60.38 29.82
CA TYR C 793 -17.03 60.40 31.11
C TYR C 793 -18.45 59.89 30.92
N PHE C 794 -18.78 58.78 31.58
CA PHE C 794 -20.10 58.16 31.49
C PHE C 794 -20.62 57.91 32.89
N GLY C 795 -21.26 58.90 33.49
CA GLY C 795 -21.91 58.71 34.79
C GLY C 795 -21.02 58.28 35.91
N GLY C 796 -19.72 58.54 35.81
CA GLY C 796 -18.80 58.05 36.80
C GLY C 796 -18.33 56.62 36.59
N PHE C 797 -18.90 55.91 35.61
CA PHE C 797 -18.45 54.55 35.31
C PHE C 797 -17.22 54.65 34.44
N ASN C 798 -16.06 54.21 34.95
CA ASN C 798 -14.82 54.32 34.21
C ASN C 798 -14.82 53.37 33.02
N PHE C 799 -14.23 53.82 31.91
CA PHE C 799 -14.26 53.06 30.67
C PHE C 799 -12.93 53.07 29.93
N SER C 800 -11.90 53.66 30.53
CA SER C 800 -10.64 53.79 29.76
C SER C 800 -10.06 52.41 29.57
N GLN C 801 -10.36 51.53 30.50
CA GLN C 801 -9.71 50.23 30.42
C GLN C 801 -10.14 49.54 29.13
N ILE C 802 -11.39 49.74 28.70
CA ILE C 802 -11.87 48.97 27.51
C ILE C 802 -11.80 49.79 26.22
N LEU C 803 -12.02 51.10 26.25
CA LEU C 803 -12.10 51.98 25.10
C LEU C 803 -10.69 52.24 24.53
N PRO C 804 -10.58 52.52 23.24
CA PRO C 804 -9.27 52.77 22.64
C PRO C 804 -8.57 53.99 23.22
N ASP C 805 -7.24 53.89 23.30
CA ASP C 805 -6.39 54.97 23.80
C ASP C 805 -5.87 55.80 22.63
N PRO C 806 -6.05 57.12 22.65
CA PRO C 806 -5.60 57.94 21.51
C PRO C 806 -4.10 58.06 21.37
N SER C 807 -3.31 57.70 22.40
CA SER C 807 -1.86 57.81 22.31
C SER C 807 -1.30 56.83 21.29
N LYS C 808 -1.67 55.58 21.40
CA LYS C 808 -1.32 54.60 20.37
C LYS C 808 -2.26 54.78 19.18
N PRO C 809 -1.74 54.86 17.95
CA PRO C 809 -2.61 55.02 16.78
C PRO C 809 -3.59 53.87 16.58
N SER C 810 -3.21 52.65 16.93
CA SER C 810 -4.12 51.53 16.86
C SER C 810 -5.18 51.64 17.94
N LYS C 811 -6.35 51.06 17.69
CA LYS C 811 -7.48 51.17 18.59
C LYS C 811 -7.48 50.10 19.68
N ARG C 812 -6.34 49.42 19.79
CA ARG C 812 -6.25 48.30 20.75
C ARG C 812 -6.14 48.93 22.12
N SER C 813 -7.07 48.60 22.98
CA SER C 813 -7.10 49.15 24.35
C SER C 813 -6.14 48.37 25.22
N PRO C 814 -5.87 48.77 26.47
CA PRO C 814 -4.97 47.99 27.26
C PRO C 814 -5.41 46.55 27.51
N ILE C 815 -6.69 46.28 27.82
CA ILE C 815 -7.05 44.87 28.14
C ILE C 815 -6.70 44.11 26.89
N GLU C 816 -6.98 44.71 25.75
CA GLU C 816 -6.75 43.99 24.51
C GLU C 816 -5.26 43.82 24.50
N ASP C 817 -4.52 44.77 25.06
CA ASP C 817 -3.05 44.62 24.95
C ASP C 817 -2.53 43.38 25.69
N LEU C 818 -2.98 43.12 26.90
CA LEU C 818 -2.56 41.85 27.56
C LEU C 818 -2.98 40.69 26.68
N LEU C 819 -4.17 40.72 26.07
CA LEU C 819 -4.56 39.52 25.34
C LEU C 819 -3.52 39.18 24.26
N PHE C 820 -2.95 40.18 23.61
CA PHE C 820 -2.03 39.91 22.52
C PHE C 820 -0.67 39.41 23.00
N ASN C 821 -0.20 39.90 24.15
CA ASN C 821 1.16 39.44 24.54
C ASN C 821 1.07 37.99 25.02
N LYS C 822 0.00 37.61 25.74
CA LYS C 822 -0.12 36.25 26.31
C LYS C 822 -0.21 35.17 25.23
N VAL C 823 -0.95 35.39 24.15
CA VAL C 823 -1.15 34.29 23.16
C VAL C 823 -0.02 34.28 22.15
N THR C 824 0.94 33.38 22.35
CA THR C 824 2.09 33.27 21.47
C THR C 824 1.68 32.64 20.15
N LEU C 825 2.45 32.89 19.10
CA LEU C 825 2.14 32.38 17.79
C LEU C 825 3.31 31.57 17.22
N LEU C 846 11.75 31.46 10.79
CA LEU C 846 11.85 30.01 10.60
C LEU C 846 10.55 29.33 11.02
N ILE C 847 9.64 30.11 11.61
CA ILE C 847 8.36 29.57 12.04
C ILE C 847 7.51 29.17 10.83
N CYS C 848 7.59 29.91 9.73
CA CYS C 848 6.88 29.58 8.50
C CYS C 848 7.79 29.06 7.41
N ALA C 849 9.11 29.05 7.62
CA ALA C 849 10.01 28.54 6.60
C ALA C 849 10.01 27.02 6.52
N GLN C 850 9.82 26.36 7.67
CA GLN C 850 9.76 24.90 7.67
C GLN C 850 8.52 24.38 6.97
N LYS C 851 7.39 25.05 7.14
CA LYS C 851 6.15 24.65 6.50
C LYS C 851 6.09 25.04 5.03
N PHE C 852 7.08 25.81 4.54
CA PHE C 852 6.98 26.43 3.23
C PHE C 852 7.14 25.42 2.08
N LYS C 853 7.58 24.19 2.37
CA LYS C 853 7.74 23.17 1.35
C LYS C 853 6.39 22.61 0.89
N GLY C 854 5.61 23.41 0.18
CA GLY C 854 4.34 22.97 -0.36
C GLY C 854 3.11 23.35 0.45
N LEU C 855 3.28 23.76 1.71
CA LEU C 855 2.16 24.07 2.58
C LEU C 855 2.16 25.57 2.88
N THR C 856 1.53 26.35 2.01
CA THR C 856 1.46 27.77 2.26
C THR C 856 0.43 28.06 3.35
N VAL C 857 0.57 29.24 3.96
CA VAL C 857 -0.35 29.71 4.98
C VAL C 857 -0.97 31.01 4.49
N LEU C 858 -2.24 30.95 4.09
CA LEU C 858 -2.90 32.12 3.55
C LEU C 858 -3.16 33.14 4.64
N PRO C 859 -3.10 34.43 4.33
CA PRO C 859 -3.41 35.46 5.32
C PRO C 859 -4.91 35.68 5.42
N PRO C 860 -5.42 36.05 6.58
CA PRO C 860 -6.85 36.32 6.72
C PRO C 860 -7.26 37.58 5.98
N LEU C 861 -8.51 37.62 5.54
CA LEU C 861 -9.01 38.76 4.79
C LEU C 861 -9.09 40.00 5.67
N LEU C 862 -9.74 39.88 6.82
CA LEU C 862 -9.85 41.00 7.75
C LEU C 862 -8.57 41.11 8.56
N THR C 863 -7.82 42.18 8.37
CA THR C 863 -6.62 42.38 9.17
C THR C 863 -6.98 42.94 10.54
N ASP C 864 -5.99 43.01 11.41
CA ASP C 864 -6.24 43.38 12.80
C ASP C 864 -6.58 44.86 12.97
N GLU C 865 -6.27 45.70 11.99
CA GLU C 865 -6.65 47.10 12.09
C GLU C 865 -8.14 47.30 11.88
N MET C 866 -8.72 46.63 10.88
CA MET C 866 -10.14 46.78 10.63
C MET C 866 -10.99 45.99 11.61
N ILE C 867 -10.48 44.87 12.14
CA ILE C 867 -11.20 44.14 13.17
C ILE C 867 -11.32 44.98 14.43
N ALA C 868 -10.25 45.70 14.77
CA ALA C 868 -10.28 46.55 15.97
C ALA C 868 -11.26 47.71 15.81
N GLN C 869 -11.52 48.16 14.58
CA GLN C 869 -12.53 49.20 14.40
C GLN C 869 -13.94 48.62 14.48
N TYR C 870 -14.14 47.36 14.11
CA TYR C 870 -15.42 46.71 14.34
C TYR C 870 -15.70 46.60 15.83
N THR C 871 -14.72 46.15 16.60
CA THR C 871 -14.88 46.08 18.05
C THR C 871 -15.05 47.47 18.64
N SER C 872 -14.32 48.47 18.12
CA SER C 872 -14.52 49.84 18.54
C SER C 872 -15.85 50.42 18.07
N ALA C 873 -16.50 49.81 17.07
CA ALA C 873 -17.82 50.26 16.65
C ALA C 873 -18.93 49.72 17.53
N LEU C 874 -18.84 48.45 17.91
CA LEU C 874 -19.81 47.87 18.83
C LEU C 874 -19.72 48.53 20.19
N LEU C 875 -18.52 48.82 20.66
CA LEU C 875 -18.32 49.45 21.95
C LEU C 875 -18.66 50.93 21.96
N ALA C 876 -18.92 51.52 20.79
CA ALA C 876 -19.26 52.94 20.74
C ALA C 876 -20.76 53.19 20.71
N GLY C 877 -21.56 52.18 20.40
CA GLY C 877 -23.00 52.34 20.40
C GLY C 877 -23.61 51.65 21.61
N THR C 878 -22.89 50.69 22.18
CA THR C 878 -23.35 50.04 23.39
C THR C 878 -23.37 51.01 24.57
N ILE C 879 -22.47 52.00 24.55
CA ILE C 879 -22.34 52.92 25.67
C ILE C 879 -23.03 54.26 25.42
N THR C 880 -23.65 54.45 24.25
CA THR C 880 -24.42 55.65 23.97
C THR C 880 -25.83 55.39 23.45
N SER C 881 -26.11 54.23 22.86
CA SER C 881 -27.43 53.93 22.32
C SER C 881 -28.10 52.75 23.01
N GLY C 882 -27.35 51.72 23.38
CA GLY C 882 -27.91 50.58 24.08
C GLY C 882 -28.18 49.42 23.13
N TRP C 883 -29.40 48.89 23.18
CA TRP C 883 -29.80 47.79 22.32
C TRP C 883 -30.48 48.26 21.03
N THR C 884 -30.64 49.55 20.85
CA THR C 884 -31.43 49.93 19.69
C THR C 884 -30.61 49.81 18.45
N PHE C 885 -29.36 50.14 18.54
CA PHE C 885 -28.57 50.21 17.32
C PHE C 885 -28.46 48.88 16.61
N GLY C 886 -28.84 47.78 17.26
CA GLY C 886 -28.91 46.49 16.62
C GLY C 886 -30.28 46.13 16.07
N ALA C 887 -31.19 47.12 16.04
CA ALA C 887 -32.58 46.89 15.57
C ALA C 887 -33.13 48.07 14.79
N GLY C 888 -32.29 48.86 14.13
CA GLY C 888 -32.77 49.97 13.29
C GLY C 888 -31.99 51.26 13.42
N PRO C 889 -32.65 52.42 13.40
CA PRO C 889 -31.98 53.68 13.60
C PRO C 889 -31.42 53.65 15.01
N ALA C 890 -30.19 54.17 15.21
CA ALA C 890 -29.54 54.06 16.52
C ALA C 890 -29.88 55.27 17.33
N LEU C 891 -30.71 55.10 18.35
CA LEU C 891 -31.14 56.30 19.10
C LEU C 891 -30.04 56.63 20.10
N GLN C 892 -30.22 57.60 20.96
CA GLN C 892 -29.20 58.08 21.87
C GLN C 892 -29.77 58.14 23.28
N ILE C 893 -28.93 57.79 24.26
CA ILE C 893 -29.37 57.66 25.66
C ILE C 893 -28.18 57.79 26.60
N PRO C 894 -28.35 58.62 27.67
CA PRO C 894 -27.31 58.75 28.68
C PRO C 894 -27.02 57.44 29.40
N PHE C 895 -25.78 56.95 29.58
CA PHE C 895 -25.52 55.59 30.15
C PHE C 895 -26.04 55.39 31.56
N PRO C 896 -26.02 56.33 32.49
CA PRO C 896 -26.57 56.05 33.79
C PRO C 896 -28.09 55.90 33.75
N MET C 897 -28.75 56.23 32.65
CA MET C 897 -30.21 56.02 32.48
C MET C 897 -30.44 54.86 31.52
N GLN C 898 -29.40 54.09 31.14
CA GLN C 898 -29.63 52.88 30.33
C GLN C 898 -29.56 51.81 31.37
N MET C 899 -28.56 51.81 32.25
CA MET C 899 -28.45 50.72 33.21
C MET C 899 -29.64 50.69 34.17
N ALA C 900 -30.38 51.79 34.30
CA ALA C 900 -31.62 51.74 35.10
C ALA C 900 -32.71 50.98 34.39
N TYR C 901 -32.56 50.77 33.08
CA TYR C 901 -33.47 49.94 32.29
C TYR C 901 -32.89 48.57 32.01
N ARG C 902 -31.70 48.29 32.52
CA ARG C 902 -31.14 46.95 32.54
C ARG C 902 -31.46 46.22 33.84
N PHE C 903 -32.03 46.92 34.83
CA PHE C 903 -32.57 46.29 36.02
C PHE C 903 -34.03 45.87 35.88
N ASN C 904 -34.79 46.50 34.97
CA ASN C 904 -36.18 46.12 34.81
C ASN C 904 -36.31 44.74 34.19
N GLY C 905 -35.35 44.33 33.37
CA GLY C 905 -35.34 43.00 32.80
C GLY C 905 -34.74 41.94 33.70
N ILE C 906 -34.53 42.26 34.98
CA ILE C 906 -34.05 41.31 35.96
C ILE C 906 -35.12 40.97 36.98
N GLY C 907 -35.80 41.98 37.51
CA GLY C 907 -36.85 41.75 38.47
C GLY C 907 -36.77 42.71 39.64
N VAL C 908 -35.82 43.63 39.58
CA VAL C 908 -35.59 44.62 40.63
C VAL C 908 -35.96 46.00 40.09
N THR C 909 -36.65 46.77 40.93
CA THR C 909 -37.17 48.07 40.52
C THR C 909 -36.02 49.03 40.29
N GLN C 910 -36.23 49.98 39.37
CA GLN C 910 -35.22 50.95 38.96
C GLN C 910 -34.82 51.93 40.06
N ASN C 911 -35.48 51.93 41.21
CA ASN C 911 -35.09 52.81 42.30
C ASN C 911 -33.93 52.25 43.12
N VAL C 912 -33.14 51.35 42.55
CA VAL C 912 -31.94 50.84 43.19
C VAL C 912 -30.69 51.47 42.60
N LEU C 913 -30.72 51.81 41.30
CA LEU C 913 -29.54 52.41 40.62
C LEU C 913 -29.32 53.81 41.15
N TYR C 914 -30.26 54.72 40.93
CA TYR C 914 -30.05 56.12 41.35
C TYR C 914 -29.64 56.21 42.81
N GLU C 915 -30.43 55.67 43.73
CA GLU C 915 -30.08 55.84 45.14
C GLU C 915 -28.74 55.23 45.50
N ASN C 916 -28.19 54.35 44.66
CA ASN C 916 -26.89 53.75 44.91
C ASN C 916 -25.98 53.94 43.73
N GLN C 917 -25.97 55.14 43.16
CA GLN C 917 -25.15 55.32 41.93
C GLN C 917 -23.69 55.33 42.34
N LYS C 918 -23.32 56.10 43.36
CA LYS C 918 -21.91 56.26 43.70
C LYS C 918 -21.27 54.94 44.12
N LEU C 919 -22.02 54.11 44.85
CA LEU C 919 -21.47 52.83 45.31
C LEU C 919 -21.31 51.85 44.15
N ILE C 920 -22.30 51.79 43.25
CA ILE C 920 -22.23 50.89 42.11
C ILE C 920 -21.13 51.31 41.15
N ALA C 921 -20.90 52.62 41.04
CA ALA C 921 -19.82 53.11 40.19
C ALA C 921 -18.46 52.64 40.67
N ASN C 922 -18.23 52.64 41.98
CA ASN C 922 -16.97 52.13 42.51
C ASN C 922 -16.88 50.61 42.38
N GLN C 923 -18.01 49.91 42.50
CA GLN C 923 -17.99 48.45 42.38
C GLN C 923 -17.65 48.03 40.96
N PHE C 924 -18.21 48.71 39.95
CA PHE C 924 -17.85 48.40 38.57
C PHE C 924 -16.42 48.79 38.26
N ASN C 925 -15.97 49.92 38.80
CA ASN C 925 -14.59 50.35 38.57
C ASN C 925 -13.59 49.40 39.22
N SER C 926 -13.89 48.92 40.43
CA SER C 926 -12.97 48.03 41.13
C SER C 926 -12.98 46.63 40.56
N ALA C 927 -14.15 46.16 40.09
CA ALA C 927 -14.24 44.81 39.53
C ALA C 927 -13.45 44.70 38.24
N ILE C 928 -13.47 45.75 37.41
CA ILE C 928 -12.70 45.71 36.18
C ILE C 928 -11.21 45.94 36.44
N GLY C 929 -10.86 46.44 37.63
CA GLY C 929 -9.45 46.54 37.98
C GLY C 929 -8.82 45.18 38.18
N LYS C 930 -9.55 44.24 38.76
CA LYS C 930 -9.00 42.91 39.00
C LYS C 930 -8.95 42.06 37.75
N ILE C 931 -9.63 42.47 36.67
CA ILE C 931 -9.60 41.70 35.44
C ILE C 931 -8.23 41.77 34.80
N GLN C 932 -7.63 42.93 34.89
CA GLN C 932 -6.34 43.04 34.18
C GLN C 932 -5.34 42.17 34.95
N ASP C 933 -5.41 42.20 36.28
CA ASP C 933 -4.47 41.43 37.09
C ASP C 933 -4.69 39.93 36.92
N SER C 934 -5.95 39.51 36.75
CA SER C 934 -6.25 38.07 36.73
C SER C 934 -5.76 37.41 35.45
N LEU C 935 -5.96 38.06 34.30
CA LEU C 935 -5.45 37.49 33.04
C LEU C 935 -3.93 37.50 33.00
N SER C 936 -3.30 38.51 33.60
CA SER C 936 -1.85 38.58 33.64
C SER C 936 -1.25 37.79 34.80
N SER C 937 -2.11 37.16 35.58
CA SER C 937 -1.58 36.28 36.66
C SER C 937 -1.75 34.84 36.20
N THR C 938 -2.94 34.28 36.42
CA THR C 938 -3.11 32.86 36.06
C THR C 938 -2.71 32.75 34.58
N PRO C 939 -1.87 31.77 34.20
CA PRO C 939 -1.41 31.66 32.83
C PRO C 939 -2.39 30.82 32.00
N SER C 940 -3.47 30.33 32.61
CA SER C 940 -4.50 29.54 31.90
C SER C 940 -5.71 30.43 31.59
N ALA C 941 -5.53 31.75 31.70
CA ALA C 941 -6.62 32.66 31.32
C ALA C 941 -6.95 32.46 29.84
N LEU C 942 -5.94 32.37 28.96
CA LEU C 942 -6.14 32.27 27.49
C LEU C 942 -5.71 30.90 27.01
N GLY C 943 -6.04 29.87 27.76
CA GLY C 943 -5.75 28.49 27.35
C GLY C 943 -6.57 28.06 26.17
N LYS C 944 -7.86 28.41 26.15
CA LYS C 944 -8.73 27.89 25.06
C LYS C 944 -8.09 28.22 23.71
N LEU C 945 -7.81 29.50 23.46
CA LEU C 945 -7.23 29.90 22.19
C LEU C 945 -5.81 29.41 22.02
N GLN C 946 -5.14 29.05 23.12
CA GLN C 946 -3.78 28.52 23.02
C GLN C 946 -3.77 27.15 22.37
N ASP C 947 -4.77 26.31 22.68
CA ASP C 947 -4.84 25.01 22.06
C ASP C 947 -5.23 25.08 20.59
N VAL C 948 -5.92 26.15 20.18
CA VAL C 948 -6.32 26.30 18.78
C VAL C 948 -5.08 26.48 17.90
N VAL C 949 -4.14 27.33 18.32
CA VAL C 949 -2.92 27.50 17.54
C VAL C 949 -1.94 26.38 17.78
N ASN C 950 -2.04 25.66 18.89
CA ASN C 950 -1.13 24.54 19.14
C ASN C 950 -1.50 23.32 18.31
N HIS C 951 -2.80 23.07 18.13
CA HIS C 951 -3.23 21.93 17.33
C HIS C 951 -2.85 22.11 15.87
N ASN C 952 -3.02 23.31 15.33
CA ASN C 952 -2.71 23.56 13.93
C ASN C 952 -1.20 23.56 13.70
N ALA C 953 -0.43 24.05 14.67
CA ALA C 953 1.03 23.98 14.56
C ALA C 953 1.51 22.55 14.62
N GLN C 954 0.89 21.72 15.47
CA GLN C 954 1.26 20.31 15.55
C GLN C 954 0.82 19.55 14.31
N ALA C 955 -0.34 19.90 13.75
CA ALA C 955 -0.86 19.18 12.59
C ALA C 955 0.04 19.36 11.37
N LEU C 956 0.51 20.60 11.14
CA LEU C 956 1.41 20.85 10.02
C LEU C 956 2.78 20.23 10.27
N ASN C 957 3.23 20.23 11.52
CA ASN C 957 4.57 19.72 11.83
C ASN C 957 4.62 18.21 11.66
N THR C 958 3.56 17.50 12.07
CA THR C 958 3.52 16.05 11.86
C THR C 958 3.41 15.70 10.38
N LEU C 959 2.71 16.54 9.61
CA LEU C 959 2.57 16.30 8.18
C LEU C 959 3.90 16.41 7.46
N VAL C 960 4.73 17.38 7.86
CA VAL C 960 6.02 17.58 7.21
C VAL C 960 6.97 16.44 7.54
N LYS C 961 6.99 16.00 8.80
CA LYS C 961 7.90 14.92 9.20
C LYS C 961 7.49 13.56 8.65
N GLN C 962 6.28 13.42 8.12
CA GLN C 962 5.82 12.12 7.63
C GLN C 962 6.37 11.78 6.26
N LEU C 963 6.90 12.75 5.52
CA LEU C 963 7.44 12.43 4.20
C LEU C 963 8.85 11.87 4.26
N SER C 964 9.46 11.82 5.44
CA SER C 964 10.73 11.14 5.61
C SER C 964 10.59 9.64 5.80
N SER C 965 9.35 9.14 5.86
CA SER C 965 9.10 7.73 6.11
C SER C 965 9.42 6.90 4.86
N LYS C 966 9.41 5.59 5.04
CA LYS C 966 9.71 4.65 3.96
C LYS C 966 8.46 4.06 3.32
N PHE C 967 7.45 3.74 4.12
CA PHE C 967 6.22 3.07 3.67
C PHE C 967 6.52 1.75 2.98
N GLY C 968 7.53 1.03 3.47
CA GLY C 968 7.92 -0.23 2.89
C GLY C 968 8.76 -0.12 1.63
N ALA C 969 9.08 1.08 1.19
CA ALA C 969 9.87 1.27 -0.02
C ALA C 969 11.36 1.32 0.34
N ILE C 970 12.19 1.71 -0.62
CA ILE C 970 13.63 1.76 -0.39
C ILE C 970 14.01 2.97 0.43
N SER C 971 13.63 4.16 -0.04
CA SER C 971 13.99 5.40 0.64
C SER C 971 12.97 6.48 0.31
N SER C 972 13.00 7.55 1.10
CA SER C 972 12.08 8.67 0.91
C SER C 972 12.54 9.64 -0.17
N VAL C 973 13.71 9.44 -0.75
CA VAL C 973 14.21 10.27 -1.83
C VAL C 973 13.76 9.65 -3.15
N LEU C 974 13.07 10.45 -3.96
CA LEU C 974 12.52 9.95 -5.22
C LEU C 974 13.61 9.75 -6.28
N ASN C 975 14.77 10.39 -6.13
CA ASN C 975 15.76 10.37 -7.18
C ASN C 975 16.52 9.05 -7.25
N ASP C 976 16.80 8.43 -6.10
CA ASP C 976 17.66 7.26 -6.10
C ASP C 976 16.97 6.02 -6.66
N ILE C 977 15.64 5.95 -6.56
CA ILE C 977 14.90 4.80 -7.07
C ILE C 977 15.00 4.75 -8.59
N PHE C 978 14.88 5.91 -9.25
CA PHE C 978 15.02 5.98 -10.70
C PHE C 978 16.46 5.77 -11.15
N SER C 979 17.43 5.78 -10.24
CA SER C 979 18.84 5.61 -10.58
C SER C 979 19.28 4.15 -10.50
N ARG C 980 19.00 3.52 -9.34
CA ARG C 980 19.47 2.13 -9.11
C ARG C 980 18.47 1.11 -9.67
N LEU C 981 17.19 1.26 -9.34
CA LEU C 981 16.20 0.23 -9.74
C LEU C 981 16.04 0.21 -11.26
N ASP C 982 15.79 -0.97 -11.84
CA ASP C 982 15.49 -1.03 -13.30
C ASP C 982 14.15 -0.32 -13.47
N PRO C 983 13.86 0.32 -14.61
CA PRO C 983 12.64 1.12 -14.70
C PRO C 983 11.27 0.49 -14.43
N PRO C 984 10.87 -0.68 -14.97
CA PRO C 984 9.55 -1.20 -14.65
C PRO C 984 9.39 -1.61 -13.17
N GLU C 985 10.39 -2.22 -12.56
CA GLU C 985 10.28 -2.53 -11.10
C GLU C 985 10.22 -1.24 -10.29
N ALA C 986 10.99 -0.22 -10.68
CA ALA C 986 11.03 1.01 -9.85
C ALA C 986 9.61 1.54 -9.80
N GLU C 987 8.88 1.43 -10.90
CA GLU C 987 7.54 2.03 -10.87
C GLU C 987 6.77 1.34 -9.75
N VAL C 988 6.96 0.04 -9.57
CA VAL C 988 6.31 -0.66 -8.42
C VAL C 988 6.75 -0.06 -7.08
N GLN C 989 8.05 0.21 -6.87
CA GLN C 989 8.45 0.63 -5.53
C GLN C 989 8.00 2.04 -5.20
N ILE C 990 7.82 2.89 -6.22
CA ILE C 990 7.36 4.25 -5.96
C ILE C 990 5.85 4.35 -5.85
N ASP C 991 5.11 3.27 -6.11
CA ASP C 991 3.68 3.28 -5.82
C ASP C 991 3.42 3.37 -4.32
N ARG C 992 4.36 2.90 -3.50
CA ARG C 992 4.24 3.05 -2.06
C ARG C 992 4.32 4.53 -1.67
N LEU C 993 5.22 5.28 -2.29
CA LEU C 993 5.41 6.67 -1.90
C LEU C 993 4.31 7.59 -2.42
N ILE C 994 3.74 7.29 -3.59
CA ILE C 994 2.66 8.13 -4.11
C ILE C 994 1.42 7.98 -3.24
N THR C 995 1.03 6.74 -2.93
CA THR C 995 -0.13 6.55 -2.07
C THR C 995 0.20 6.71 -0.60
N GLY C 996 1.47 6.65 -0.22
CA GLY C 996 1.83 6.89 1.17
C GLY C 996 1.67 8.36 1.55
N ARG C 997 2.09 9.26 0.66
CA ARG C 997 1.88 10.67 0.90
C ARG C 997 0.43 11.08 0.62
N LEU C 998 -0.24 10.38 -0.28
CA LEU C 998 -1.65 10.66 -0.53
C LEU C 998 -2.51 10.27 0.66
N GLN C 999 -2.15 9.18 1.34
CA GLN C 999 -2.85 8.83 2.58
C GLN C 999 -2.52 9.81 3.70
N SER C 1000 -1.34 10.43 3.65
CA SER C 1000 -0.98 11.42 4.66
C SER C 1000 -1.71 12.73 4.46
N LEU C 1001 -1.96 13.13 3.21
CA LEU C 1001 -2.77 14.31 2.97
C LEU C 1001 -4.24 14.03 3.22
N GLN C 1002 -4.71 12.83 2.86
CA GLN C 1002 -6.10 12.48 3.08
C GLN C 1002 -6.43 12.44 4.58
N THR C 1003 -5.51 11.90 5.38
CA THR C 1003 -5.70 11.91 6.83
C THR C 1003 -5.67 13.33 7.38
N TYR C 1004 -4.75 14.15 6.90
CA TYR C 1004 -4.64 15.52 7.39
C TYR C 1004 -5.85 16.35 7.02
N VAL C 1005 -6.35 16.22 5.79
CA VAL C 1005 -7.52 16.98 5.36
C VAL C 1005 -8.75 16.56 6.14
N THR C 1006 -8.90 15.26 6.41
CA THR C 1006 -10.06 14.75 7.13
C THR C 1006 -10.13 15.30 8.55
N GLN C 1007 -8.98 15.44 9.21
CA GLN C 1007 -8.97 16.03 10.55
C GLN C 1007 -9.37 17.50 10.51
N GLN C 1008 -8.99 18.24 9.48
CA GLN C 1008 -9.39 19.64 9.38
C GLN C 1008 -10.89 19.77 9.09
N LEU C 1009 -11.45 18.80 8.37
CA LEU C 1009 -12.90 18.83 8.10
C LEU C 1009 -13.69 18.66 9.38
N ILE C 1010 -13.26 17.76 10.26
CA ILE C 1010 -13.93 17.57 11.54
C ILE C 1010 -13.65 18.74 12.46
N ARG C 1011 -12.41 19.25 12.45
CA ARG C 1011 -12.05 20.33 13.36
C ARG C 1011 -12.70 21.64 12.97
N ALA C 1012 -12.96 21.86 11.68
CA ALA C 1012 -13.71 23.04 11.28
C ALA C 1012 -15.17 22.97 11.68
N ALA C 1013 -15.69 21.76 11.92
CA ALA C 1013 -17.07 21.63 12.37
C ALA C 1013 -17.23 22.07 13.81
N GLU C 1014 -16.25 21.80 14.68
CA GLU C 1014 -16.36 22.21 16.06
C GLU C 1014 -16.00 23.67 16.28
N ILE C 1015 -15.38 24.32 15.30
CA ILE C 1015 -15.18 25.77 15.36
C ILE C 1015 -16.41 26.52 14.88
N ARG C 1016 -17.03 26.04 13.80
CA ARG C 1016 -18.29 26.62 13.34
C ARG C 1016 -19.42 26.38 14.32
N ALA C 1017 -19.32 25.33 15.14
CA ALA C 1017 -20.25 25.18 16.24
C ALA C 1017 -20.00 26.20 17.35
N SER C 1018 -18.78 26.72 17.44
CA SER C 1018 -18.45 27.78 18.38
C SER C 1018 -18.47 29.16 17.75
N ALA C 1019 -18.30 29.26 16.44
CA ALA C 1019 -18.49 30.54 15.78
C ALA C 1019 -19.97 30.93 15.76
N ASN C 1020 -20.86 29.96 15.58
CA ASN C 1020 -22.28 30.21 15.68
C ASN C 1020 -22.73 30.45 17.10
N LEU C 1021 -21.98 29.95 18.08
CA LEU C 1021 -22.27 30.27 19.48
C LEU C 1021 -21.81 31.66 19.85
N ALA C 1022 -20.71 32.13 19.25
CA ALA C 1022 -20.27 33.50 19.48
C ALA C 1022 -21.16 34.49 18.75
N ALA C 1023 -21.59 34.15 17.53
CA ALA C 1023 -22.50 35.02 16.80
C ALA C 1023 -23.89 35.06 17.43
N THR C 1024 -24.23 34.05 18.23
CA THR C 1024 -25.48 34.07 18.99
C THR C 1024 -25.34 34.86 20.28
N LYS C 1025 -24.20 34.70 20.97
CA LYS C 1025 -23.98 35.46 22.20
C LYS C 1025 -23.82 36.94 21.91
N MET C 1026 -23.06 37.30 20.88
CA MET C 1026 -22.79 38.71 20.64
C MET C 1026 -24.00 39.42 20.03
N SER C 1027 -24.97 38.67 19.50
CA SER C 1027 -26.20 39.26 19.03
C SER C 1027 -27.32 39.25 20.06
N GLU C 1028 -27.12 38.61 21.20
CA GLU C 1028 -28.12 38.61 22.27
C GLU C 1028 -27.59 39.16 23.58
N CYS C 1029 -26.36 38.80 23.97
CA CYS C 1029 -25.83 39.26 25.24
C CYS C 1029 -25.40 40.72 25.15
N VAL C 1030 -24.89 41.12 23.98
CA VAL C 1030 -24.36 42.46 23.76
C VAL C 1030 -25.48 43.42 23.34
N LEU C 1031 -26.17 43.09 22.25
CA LEU C 1031 -27.17 43.95 21.64
C LEU C 1031 -28.53 43.83 22.29
N GLY C 1032 -28.58 43.36 23.54
CA GLY C 1032 -29.83 43.25 24.27
C GLY C 1032 -29.55 42.61 25.61
N GLN C 1033 -30.62 42.44 26.38
CA GLN C 1033 -30.53 41.78 27.67
C GLN C 1033 -31.21 40.42 27.57
N SER C 1034 -30.48 39.37 27.91
CA SER C 1034 -30.95 38.00 27.73
C SER C 1034 -31.48 37.43 29.03
N LYS C 1035 -32.53 36.61 28.91
CA LYS C 1035 -33.16 35.97 30.06
C LYS C 1035 -32.92 34.47 30.09
N ARG C 1036 -32.06 33.95 29.22
CA ARG C 1036 -31.67 32.55 29.27
C ARG C 1036 -30.71 32.35 30.43
N VAL C 1037 -31.09 31.48 31.36
CA VAL C 1037 -30.34 31.35 32.61
C VAL C 1037 -29.00 30.70 32.35
N ASP C 1038 -27.94 31.30 32.91
CA ASP C 1038 -26.55 30.82 32.77
C ASP C 1038 -26.12 30.74 31.31
N PHE C 1039 -26.48 31.76 30.53
CA PHE C 1039 -25.99 31.92 29.17
C PHE C 1039 -25.04 33.11 29.07
N CYS C 1040 -25.49 34.30 29.46
CA CYS C 1040 -24.60 35.47 29.56
C CYS C 1040 -24.15 35.66 31.01
N GLY C 1041 -23.22 34.81 31.42
CA GLY C 1041 -22.61 34.96 32.72
C GLY C 1041 -23.41 34.38 33.86
N LYS C 1042 -22.71 33.83 34.85
CA LYS C 1042 -23.36 33.18 35.98
C LYS C 1042 -24.01 34.23 36.87
N GLY C 1043 -25.34 34.21 36.92
CA GLY C 1043 -26.13 35.17 37.66
C GLY C 1043 -27.08 35.88 36.73
N TYR C 1044 -27.68 36.96 37.23
CA TYR C 1044 -28.58 37.76 36.43
C TYR C 1044 -27.78 38.74 35.59
N HIS C 1045 -28.03 38.74 34.29
CA HIS C 1045 -27.18 39.42 33.32
C HIS C 1045 -27.55 40.89 33.17
N LEU C 1046 -26.53 41.74 33.05
CA LEU C 1046 -26.76 43.17 32.81
C LEU C 1046 -26.25 43.63 31.44
N MET C 1047 -24.95 43.51 31.15
CA MET C 1047 -24.41 43.99 29.88
C MET C 1047 -23.38 43.00 29.38
N SER C 1048 -22.63 43.40 28.35
CA SER C 1048 -21.50 42.64 27.85
C SER C 1048 -20.57 43.57 27.10
N PHE C 1049 -19.34 43.12 26.91
CA PHE C 1049 -18.31 43.93 26.25
C PHE C 1049 -17.42 43.01 25.44
N PRO C 1050 -17.57 42.98 24.12
CA PRO C 1050 -16.67 42.16 23.30
C PRO C 1050 -15.28 42.77 23.23
N GLN C 1051 -14.28 41.90 23.17
CA GLN C 1051 -12.90 42.30 22.94
C GLN C 1051 -12.27 41.34 21.95
N SER C 1052 -11.39 41.86 21.12
CA SER C 1052 -10.78 41.06 20.06
C SER C 1052 -9.54 40.35 20.58
N ALA C 1053 -9.46 39.06 20.31
CA ALA C 1053 -8.35 38.21 20.71
C ALA C 1053 -7.84 37.47 19.48
N PRO C 1054 -6.58 37.03 19.48
CA PRO C 1054 -6.06 36.32 18.30
C PRO C 1054 -6.75 35.00 18.07
N HIS C 1055 -7.44 34.90 16.92
CA HIS C 1055 -8.23 33.74 16.52
C HIS C 1055 -9.32 33.40 17.54
N GLY C 1056 -10.07 34.41 17.94
CA GLY C 1056 -11.13 34.20 18.89
C GLY C 1056 -11.74 35.52 19.33
N VAL C 1057 -12.51 35.45 20.41
CA VAL C 1057 -13.15 36.63 20.98
C VAL C 1057 -13.26 36.41 22.49
N VAL C 1058 -13.19 37.49 23.25
CA VAL C 1058 -13.29 37.46 24.70
C VAL C 1058 -14.42 38.37 25.12
N PHE C 1059 -15.36 37.84 25.90
CA PHE C 1059 -16.47 38.60 26.40
C PHE C 1059 -16.22 38.99 27.86
N LEU C 1060 -16.93 40.01 28.32
CA LEU C 1060 -16.87 40.49 29.70
C LEU C 1060 -18.29 40.58 30.23
N HIS C 1061 -18.82 39.47 30.73
CA HIS C 1061 -20.23 39.39 31.11
C HIS C 1061 -20.43 40.04 32.47
N VAL C 1062 -20.92 41.28 32.47
CA VAL C 1062 -21.26 41.93 33.74
C VAL C 1062 -22.56 41.32 34.25
N THR C 1063 -22.53 40.83 35.49
CA THR C 1063 -23.65 40.08 36.05
C THR C 1063 -24.06 40.69 37.39
N TYR C 1064 -25.04 40.05 38.03
CA TYR C 1064 -25.64 40.53 39.27
C TYR C 1064 -25.73 39.35 40.24
N VAL C 1065 -25.32 39.56 41.49
CA VAL C 1065 -25.31 38.48 42.48
C VAL C 1065 -25.77 39.01 43.84
N PRO C 1066 -26.84 38.40 44.44
CA PRO C 1066 -27.27 38.75 45.80
C PRO C 1066 -26.20 38.39 46.84
N ALA C 1067 -26.15 39.07 47.98
CA ALA C 1067 -25.06 38.92 48.94
C ALA C 1067 -25.47 38.35 50.28
N GLN C 1068 -26.37 38.99 51.02
CA GLN C 1068 -26.62 38.65 52.42
C GLN C 1068 -28.10 38.40 52.64
N GLU C 1069 -28.40 37.26 53.27
CA GLU C 1069 -29.81 36.82 53.42
C GLU C 1069 -30.29 36.98 54.85
N LYS C 1070 -31.59 37.20 55.05
CA LYS C 1070 -32.21 37.35 56.36
C LYS C 1070 -33.48 36.50 56.41
N ASN C 1071 -33.69 35.85 57.55
CA ASN C 1071 -34.86 35.00 57.74
C ASN C 1071 -36.12 35.81 57.98
N PHE C 1072 -37.25 35.32 57.49
CA PHE C 1072 -38.53 35.95 57.70
C PHE C 1072 -39.62 34.88 57.77
N THR C 1073 -40.77 35.28 58.29
CA THR C 1073 -41.94 34.41 58.40
C THR C 1073 -42.97 34.84 57.36
N THR C 1074 -43.46 33.88 56.57
CA THR C 1074 -44.26 34.17 55.39
C THR C 1074 -45.61 33.47 55.44
N ALA C 1075 -46.55 34.01 54.66
CA ALA C 1075 -47.89 33.49 54.48
C ALA C 1075 -48.27 33.60 53.01
N PRO C 1076 -49.03 32.64 52.47
CA PRO C 1076 -49.33 32.69 51.04
C PRO C 1076 -50.37 33.72 50.64
N ALA C 1077 -51.17 34.23 51.57
CA ALA C 1077 -52.18 35.22 51.26
C ALA C 1077 -52.52 35.97 52.54
N ILE C 1078 -53.61 36.73 52.50
CA ILE C 1078 -54.09 37.55 53.62
C ILE C 1078 -55.53 37.94 53.32
N CYS C 1079 -56.36 38.00 54.35
CA CYS C 1079 -57.72 38.46 54.16
C CYS C 1079 -58.08 39.49 55.23
N HIS C 1080 -58.71 40.57 54.79
CA HIS C 1080 -59.12 41.64 55.69
C HIS C 1080 -60.59 41.53 56.08
N ASP C 1081 -61.49 41.55 55.09
CA ASP C 1081 -62.92 41.39 55.34
C ASP C 1081 -63.40 40.21 54.49
N GLY C 1082 -63.21 39.00 55.03
CA GLY C 1082 -63.72 37.78 54.43
C GLY C 1082 -63.24 37.40 53.04
N LYS C 1083 -62.40 38.22 52.42
CA LYS C 1083 -61.94 38.00 51.06
C LYS C 1083 -60.42 38.00 51.04
N ALA C 1084 -59.83 36.98 50.44
CA ALA C 1084 -58.38 36.85 50.40
C ALA C 1084 -57.76 37.94 49.54
N HIS C 1085 -56.52 38.28 49.85
CA HIS C 1085 -55.73 39.23 49.07
C HIS C 1085 -54.43 38.56 48.64
N PHE C 1086 -53.96 38.93 47.46
CA PHE C 1086 -52.78 38.34 46.86
C PHE C 1086 -51.83 39.45 46.47
N PRO C 1087 -50.52 39.19 46.45
CA PRO C 1087 -49.57 40.23 46.03
C PRO C 1087 -49.73 40.53 44.55
N ARG C 1088 -49.69 41.82 44.20
CA ARG C 1088 -49.66 42.18 42.79
C ARG C 1088 -48.36 41.71 42.15
N GLU C 1089 -47.23 42.02 42.79
CA GLU C 1089 -45.95 41.44 42.42
C GLU C 1089 -45.04 41.52 43.63
N GLY C 1090 -44.87 40.41 44.33
CA GLY C 1090 -44.06 40.39 45.52
C GLY C 1090 -44.41 39.21 46.40
N VAL C 1091 -43.74 39.17 47.56
CA VAL C 1091 -43.92 38.11 48.55
C VAL C 1091 -44.28 38.76 49.87
N PHE C 1092 -45.30 38.22 50.55
CA PHE C 1092 -45.62 38.69 51.89
C PHE C 1092 -44.60 38.14 52.87
N VAL C 1093 -44.03 39.03 53.69
CA VAL C 1093 -43.04 38.66 54.71
C VAL C 1093 -43.40 39.34 56.01
N SER C 1094 -42.76 38.86 57.08
CA SER C 1094 -42.96 39.44 58.41
C SER C 1094 -41.70 39.23 59.22
N ASN C 1095 -41.55 40.06 60.27
CA ASN C 1095 -40.41 39.97 61.17
C ASN C 1095 -40.84 39.76 62.62
N GLY C 1096 -42.06 39.27 62.83
CA GLY C 1096 -42.51 38.96 64.17
C GLY C 1096 -43.79 39.65 64.58
N THR C 1097 -43.94 40.93 64.20
CA THR C 1097 -45.10 41.71 64.62
C THR C 1097 -45.77 42.49 63.50
N HIS C 1098 -45.09 42.77 62.38
CA HIS C 1098 -45.69 43.48 61.27
C HIS C 1098 -45.48 42.70 59.99
N TRP C 1099 -46.47 42.76 59.10
CA TRP C 1099 -46.44 42.07 57.82
C TRP C 1099 -46.17 43.06 56.70
N PHE C 1100 -45.26 42.70 55.80
CA PHE C 1100 -44.82 43.58 54.74
C PHE C 1100 -44.82 42.85 53.41
N VAL C 1101 -44.98 43.61 52.33
CA VAL C 1101 -44.81 43.13 50.97
C VAL C 1101 -43.56 43.78 50.38
N THR C 1102 -42.72 42.99 49.74
CA THR C 1102 -41.48 43.49 49.19
C THR C 1102 -41.21 42.77 47.87
N GLN C 1103 -40.09 43.12 47.25
CA GLN C 1103 -39.69 42.51 45.98
C GLN C 1103 -39.07 41.15 46.25
N ARG C 1104 -38.56 40.51 45.20
CA ARG C 1104 -38.07 39.15 45.31
C ARG C 1104 -36.55 39.04 45.29
N ASN C 1105 -35.83 40.12 44.99
CA ASN C 1105 -34.37 40.07 44.94
C ASN C 1105 -33.71 41.24 45.68
N PHE C 1106 -34.48 42.01 46.44
CA PHE C 1106 -33.94 43.10 47.24
C PHE C 1106 -34.93 43.41 48.35
N TYR C 1107 -34.43 43.50 49.58
CA TYR C 1107 -35.30 43.71 50.72
C TYR C 1107 -35.69 45.18 50.81
N GLU C 1108 -36.98 45.46 50.64
CA GLU C 1108 -37.52 46.81 50.83
C GLU C 1108 -39.00 46.72 51.21
N PRO C 1109 -39.32 46.74 52.51
CA PRO C 1109 -40.71 46.58 52.93
C PRO C 1109 -41.56 47.81 52.62
N GLN C 1110 -42.85 47.58 52.44
CA GLN C 1110 -43.84 48.63 52.23
C GLN C 1110 -45.11 48.29 52.99
N ILE C 1111 -46.00 49.27 53.06
CA ILE C 1111 -47.26 49.15 53.80
C ILE C 1111 -48.32 48.55 52.87
N ILE C 1112 -49.15 47.68 53.41
CA ILE C 1112 -50.12 46.92 52.62
C ILE C 1112 -51.29 47.84 52.28
N THR C 1113 -51.42 48.17 50.99
CA THR C 1113 -52.52 48.99 50.49
C THR C 1113 -53.24 48.22 49.39
N THR C 1114 -54.21 48.88 48.76
CA THR C 1114 -54.92 48.26 47.64
C THR C 1114 -54.07 48.20 46.38
N ASP C 1115 -53.03 49.04 46.27
CA ASP C 1115 -52.18 49.01 45.09
C ASP C 1115 -51.30 47.77 45.03
N ASN C 1116 -51.14 47.06 46.16
CA ASN C 1116 -50.35 45.85 46.20
C ASN C 1116 -51.20 44.58 46.17
N THR C 1117 -52.51 44.70 46.42
CA THR C 1117 -53.37 43.55 46.62
C THR C 1117 -54.52 43.55 45.62
N PHE C 1118 -54.85 42.36 45.10
CA PHE C 1118 -56.06 42.15 44.33
C PHE C 1118 -56.85 41.00 44.93
N VAL C 1119 -58.16 41.18 45.02
CA VAL C 1119 -59.02 40.26 45.77
C VAL C 1119 -59.38 39.05 44.90
N SER C 1120 -59.59 37.92 45.57
CA SER C 1120 -60.02 36.69 44.90
C SER C 1120 -60.60 35.74 45.94
N GLY C 1121 -61.88 35.43 45.82
CA GLY C 1121 -62.49 34.40 46.65
C GLY C 1121 -62.69 34.81 48.11
N ASN C 1122 -62.83 33.79 48.96
CA ASN C 1122 -63.02 33.96 50.38
C ASN C 1122 -61.97 33.19 51.15
N CYS C 1123 -61.62 33.67 52.35
CA CYS C 1123 -60.53 33.07 53.11
C CYS C 1123 -61.03 31.98 54.05
N ASP C 1124 -61.67 30.98 53.42
CA ASP C 1124 -61.97 29.72 54.07
C ASP C 1124 -61.54 28.52 53.23
N VAL C 1125 -60.94 28.75 52.07
CA VAL C 1125 -60.52 27.68 51.17
C VAL C 1125 -59.00 27.54 51.15
N VAL C 1126 -58.27 28.63 51.05
CA VAL C 1126 -56.82 28.60 50.97
C VAL C 1126 -56.24 28.29 52.35
N ILE C 1127 -55.25 27.40 52.39
CA ILE C 1127 -54.59 27.05 53.63
C ILE C 1127 -53.45 28.04 53.88
N GLY C 1128 -53.09 28.20 55.15
CA GLY C 1128 -51.97 29.04 55.51
C GLY C 1128 -52.25 30.52 55.57
N ILE C 1129 -53.47 30.95 55.26
CA ILE C 1129 -53.80 32.37 55.26
C ILE C 1129 -53.85 32.87 56.71
N VAL C 1130 -53.40 34.10 56.92
CA VAL C 1130 -53.26 34.64 58.27
C VAL C 1130 -54.17 35.84 58.43
N ASN C 1131 -54.50 36.15 59.69
CA ASN C 1131 -55.36 37.28 60.00
C ASN C 1131 -54.54 38.54 60.21
N ASN C 1132 -54.84 39.57 59.43
CA ASN C 1132 -54.19 40.86 59.57
C ASN C 1132 -55.05 41.91 58.89
N THR C 1133 -54.83 43.17 59.27
CA THR C 1133 -55.49 44.29 58.63
C THR C 1133 -54.68 44.76 57.43
N VAL C 1134 -55.37 45.44 56.51
CA VAL C 1134 -54.75 46.03 55.33
C VAL C 1134 -55.10 47.50 55.31
N TYR C 1135 -54.07 48.35 55.33
CA TYR C 1135 -54.26 49.80 55.31
C TYR C 1135 -54.65 50.20 53.90
N ASP C 1136 -55.95 50.15 53.63
CA ASP C 1136 -56.46 50.58 52.33
C ASP C 1136 -56.31 52.09 52.22
N PRO C 1137 -55.73 52.61 51.13
CA PRO C 1137 -55.23 54.00 51.17
C PRO C 1137 -56.25 55.07 50.81
N LEU C 1138 -57.30 54.70 50.08
CA LEU C 1138 -58.17 55.73 49.49
C LEU C 1138 -59.05 56.39 50.54
N GLN C 1139 -59.55 55.61 51.51
CA GLN C 1139 -60.41 56.19 52.54
C GLN C 1139 -59.70 57.19 53.45
N PRO C 1140 -58.54 56.90 54.07
CA PRO C 1140 -57.98 57.90 55.00
C PRO C 1140 -57.45 59.15 54.33
N GLU C 1141 -56.97 59.05 53.08
CA GLU C 1141 -56.59 60.26 52.37
C GLU C 1141 -57.82 61.08 52.01
N LEU C 1142 -58.97 60.43 51.83
CA LEU C 1142 -60.23 61.15 51.78
C LEU C 1142 -60.64 61.61 53.18
N ASP C 1143 -60.51 60.72 54.17
CA ASP C 1143 -60.94 61.03 55.53
C ASP C 1143 -60.07 62.10 56.19
N SER C 1144 -58.89 62.37 55.64
CA SER C 1144 -58.14 63.56 56.04
C SER C 1144 -58.90 64.83 55.69
N PHE C 1145 -59.74 64.77 54.66
CA PHE C 1145 -60.61 65.87 54.29
C PHE C 1145 -62.07 65.65 54.67
N LYS C 1146 -62.50 64.39 54.87
CA LYS C 1146 -63.86 64.14 55.34
C LYS C 1146 -64.04 64.53 56.79
N GLU C 1147 -62.95 64.58 57.57
CA GLU C 1147 -63.05 64.99 58.98
C GLU C 1147 -63.49 66.44 59.10
N GLU C 1148 -62.87 67.33 58.32
CA GLU C 1148 -63.32 68.71 58.29
C GLU C 1148 -64.61 68.87 57.48
N LEU C 1149 -64.91 67.92 56.59
CA LEU C 1149 -66.21 67.93 55.93
C LEU C 1149 -67.31 67.52 56.90
N ASP C 1150 -67.07 66.50 57.72
CA ASP C 1150 -68.05 66.09 58.73
C ASP C 1150 -68.22 67.16 59.80
N LYS C 1151 -67.13 67.86 60.15
CA LYS C 1151 -67.22 68.96 61.10
C LYS C 1151 -68.04 70.12 60.55
N TYR C 1152 -67.86 70.42 59.26
CA TYR C 1152 -68.53 71.58 58.68
C TYR C 1152 -70.02 71.31 58.39
N PHE C 1153 -70.37 70.08 58.05
CA PHE C 1153 -71.76 69.78 57.69
C PHE C 1153 -72.67 69.79 58.92
N LYS C 1154 -72.23 69.15 60.01
CA LYS C 1154 -73.08 69.02 61.19
C LYS C 1154 -73.14 70.30 62.01
N ASN C 1155 -72.07 71.10 62.02
CA ASN C 1155 -72.03 72.31 62.82
C ASN C 1155 -72.68 73.50 62.13
N HIS C 1156 -73.17 73.32 60.89
CA HIS C 1156 -73.82 74.41 60.19
C HIS C 1156 -75.16 74.77 60.83
N THR C 1157 -75.87 73.77 61.34
CA THR C 1157 -77.15 73.99 62.01
C THR C 1157 -76.99 74.22 63.51
N SER C 1158 -75.75 74.16 64.03
CA SER C 1158 -75.54 74.40 65.45
C SER C 1158 -75.87 75.83 65.88
N PRO C 1159 -75.45 76.91 65.17
CA PRO C 1159 -75.85 78.18 65.79
C PRO C 1159 -77.21 78.67 65.29
N ASP D 1 40.82 -57.32 -7.07
CA ASP D 1 41.76 -58.32 -7.56
C ASP D 1 42.02 -59.40 -6.50
N ILE D 2 41.97 -60.66 -6.92
CA ILE D 2 42.21 -61.79 -6.04
C ILE D 2 43.49 -62.48 -6.48
N GLN D 3 44.41 -62.66 -5.53
CA GLN D 3 45.72 -63.24 -5.81
C GLN D 3 45.79 -64.63 -5.20
N MET D 4 45.96 -65.65 -6.04
CA MET D 4 46.10 -67.03 -5.61
C MET D 4 47.55 -67.47 -5.80
N THR D 5 48.12 -68.06 -4.75
CA THR D 5 49.49 -68.54 -4.76
C THR D 5 49.54 -70.00 -4.36
N GLN D 6 50.48 -70.74 -4.95
CA GLN D 6 50.61 -72.17 -4.71
C GLN D 6 52.07 -72.55 -4.62
N SER D 7 52.38 -73.43 -3.67
CA SER D 7 53.74 -73.96 -3.51
C SER D 7 54.06 -75.10 -4.48
N PRO D 8 53.21 -76.16 -4.65
CA PRO D 8 53.60 -77.22 -5.60
C PRO D 8 53.42 -76.79 -7.06
N SER D 9 54.41 -76.10 -7.60
CA SER D 9 54.34 -75.58 -8.96
C SER D 9 54.84 -76.58 -9.99
N SER D 10 56.09 -77.00 -9.87
CA SER D 10 56.75 -77.86 -10.86
C SER D 10 57.14 -79.18 -10.21
N LEU D 11 56.31 -80.21 -10.38
CA LEU D 11 56.61 -81.56 -9.91
C LEU D 11 57.15 -82.39 -11.08
N SER D 12 58.36 -82.02 -11.52
CA SER D 12 58.98 -82.73 -12.64
C SER D 12 59.52 -84.09 -12.23
N ALA D 13 59.93 -84.22 -10.96
CA ALA D 13 60.49 -85.48 -10.47
C ALA D 13 59.45 -86.39 -9.83
N SER D 14 58.18 -86.00 -9.83
CA SER D 14 57.12 -86.80 -9.23
C SER D 14 56.56 -87.76 -10.26
N VAL D 15 57.23 -88.89 -10.42
CA VAL D 15 56.85 -89.94 -11.35
C VAL D 15 56.59 -91.21 -10.56
N GLY D 16 55.36 -91.72 -10.64
CA GLY D 16 54.98 -92.91 -9.89
C GLY D 16 55.02 -92.72 -8.39
N ASP D 17 54.64 -91.53 -7.93
CA ASP D 17 54.70 -91.17 -6.52
C ASP D 17 53.38 -90.55 -6.10
N ARG D 18 53.14 -90.53 -4.79
CA ARG D 18 51.95 -89.88 -4.25
C ARG D 18 52.04 -88.37 -4.46
N VAL D 19 50.98 -87.80 -5.00
CA VAL D 19 50.93 -86.40 -5.40
C VAL D 19 50.04 -85.65 -4.41
N THR D 20 50.55 -84.57 -3.85
CA THR D 20 49.79 -83.78 -2.88
C THR D 20 49.73 -82.31 -3.30
N ILE D 21 49.40 -82.04 -4.56
CA ILE D 21 49.48 -80.68 -5.06
C ILE D 21 48.26 -79.89 -4.58
N THR D 22 48.42 -78.57 -4.48
CA THR D 22 47.39 -77.75 -3.86
C THR D 22 47.48 -76.33 -4.36
N CYS D 23 46.39 -75.59 -4.16
CA CYS D 23 46.33 -74.17 -4.43
C CYS D 23 45.65 -73.45 -3.28
N GLN D 24 46.14 -72.24 -3.02
CA GLN D 24 45.70 -71.37 -1.94
C GLN D 24 45.28 -70.02 -2.51
N ALA D 25 45.00 -69.08 -1.62
CA ALA D 25 44.69 -67.70 -2.02
C ALA D 25 45.03 -66.78 -0.85
N SER D 26 45.18 -65.50 -1.17
CA SER D 26 45.42 -64.50 -0.13
C SER D 26 44.19 -64.32 0.76
N GLN D 27 43.10 -63.87 0.16
CA GLN D 27 41.83 -63.79 0.86
C GLN D 27 41.23 -65.18 1.00
N ASP D 28 40.58 -65.43 2.14
CA ASP D 28 39.93 -66.71 2.37
C ASP D 28 38.70 -66.85 1.49
N ILE D 29 38.57 -67.98 0.82
CA ILE D 29 37.48 -68.24 -0.12
C ILE D 29 36.83 -69.57 0.21
N ASN D 30 35.60 -69.73 -0.28
CA ASN D 30 34.83 -70.94 -0.06
C ASN D 30 35.18 -72.03 -1.06
N ILE D 31 34.34 -73.07 -1.15
CA ILE D 31 34.60 -74.22 -2.01
C ILE D 31 34.61 -73.89 -3.50
N TYR D 32 34.13 -72.71 -3.89
CA TYR D 32 34.09 -72.32 -5.30
C TYR D 32 35.50 -71.96 -5.76
N LEU D 33 36.27 -72.99 -6.07
CA LEU D 33 37.67 -72.84 -6.47
C LEU D 33 38.01 -74.03 -7.36
N ASN D 34 37.99 -73.82 -8.67
CA ASN D 34 38.14 -74.91 -9.63
C ASN D 34 39.52 -74.88 -10.28
N TRP D 35 39.75 -75.84 -11.15
CA TRP D 35 41.07 -76.06 -11.75
C TRP D 35 40.94 -76.17 -13.26
N TYR D 36 42.06 -75.93 -13.93
CA TYR D 36 42.15 -76.03 -15.38
C TYR D 36 43.23 -77.04 -15.75
N GLN D 37 42.89 -77.95 -16.66
CA GLN D 37 43.78 -79.00 -17.14
C GLN D 37 44.05 -78.71 -18.61
N GLN D 38 45.11 -77.94 -18.87
CA GLN D 38 45.39 -77.41 -20.20
C GLN D 38 46.42 -78.31 -20.89
N LYS D 39 45.96 -79.02 -21.93
CA LYS D 39 46.85 -79.76 -22.81
C LYS D 39 47.65 -78.78 -23.67
N PRO D 40 48.84 -79.17 -24.11
CA PRO D 40 49.61 -78.30 -25.03
C PRO D 40 48.87 -78.06 -26.34
N GLY D 41 48.51 -76.81 -26.58
CA GLY D 41 47.86 -76.44 -27.81
C GLY D 41 46.36 -76.60 -27.85
N LYS D 42 45.71 -76.79 -26.69
CA LYS D 42 44.27 -76.93 -26.66
C LYS D 42 43.76 -76.27 -25.39
N ALA D 43 42.48 -75.88 -25.41
CA ALA D 43 41.86 -75.06 -24.37
C ALA D 43 41.86 -75.79 -23.02
N PRO D 44 41.83 -75.04 -21.91
CA PRO D 44 41.76 -75.68 -20.58
C PRO D 44 40.48 -76.48 -20.39
N LYS D 45 40.58 -77.51 -19.56
CA LYS D 45 39.53 -78.50 -19.39
C LYS D 45 39.25 -78.71 -17.91
N LEU D 46 38.00 -79.03 -17.59
CA LEU D 46 37.53 -79.21 -16.22
C LEU D 46 37.39 -80.68 -15.89
N LEU D 47 37.94 -81.09 -14.75
CA LEU D 47 37.70 -82.41 -14.16
C LEU D 47 36.96 -82.37 -12.85
N ILE D 48 37.06 -81.27 -12.10
CA ILE D 48 36.46 -81.15 -10.77
C ILE D 48 35.61 -79.90 -10.74
N TYR D 49 34.36 -80.03 -10.30
CA TYR D 49 33.45 -78.91 -10.15
C TYR D 49 33.30 -78.55 -8.67
N ASP D 50 33.41 -77.25 -8.37
CA ASP D 50 33.21 -76.70 -7.03
C ASP D 50 34.18 -77.30 -6.01
N ALA D 51 35.36 -77.72 -6.48
CA ALA D 51 36.44 -78.33 -5.72
C ALA D 51 36.03 -79.62 -5.01
N SER D 52 34.88 -80.21 -5.35
CA SER D 52 34.42 -81.41 -4.66
C SER D 52 33.73 -82.43 -5.56
N ASN D 53 33.67 -82.21 -6.86
CA ASN D 53 32.95 -83.12 -7.75
C ASN D 53 33.91 -83.81 -8.72
N LEU D 54 33.35 -84.57 -9.65
CA LEU D 54 34.13 -85.33 -10.62
C LEU D 54 33.50 -85.21 -11.99
N GLU D 55 34.35 -85.14 -13.02
CA GLU D 55 33.89 -85.13 -14.39
C GLU D 55 33.27 -86.48 -14.75
N THR D 56 32.35 -86.47 -15.72
CA THR D 56 31.57 -87.66 -16.06
C THR D 56 32.47 -88.80 -16.55
N GLY D 57 33.31 -88.53 -17.55
CA GLY D 57 34.25 -89.55 -17.96
C GLY D 57 35.70 -89.19 -17.70
N VAL D 58 36.25 -89.76 -16.62
CA VAL D 58 37.64 -89.62 -16.17
C VAL D 58 37.97 -90.89 -15.40
N PRO D 59 39.25 -91.25 -15.23
CA PRO D 59 39.59 -92.30 -14.26
C PRO D 59 39.18 -91.91 -12.85
N SER D 60 38.75 -92.92 -12.08
CA SER D 60 38.22 -92.68 -10.74
C SER D 60 39.28 -92.44 -9.69
N ARG D 61 40.57 -92.56 -10.03
CA ARG D 61 41.65 -92.30 -9.08
C ARG D 61 41.79 -90.82 -8.73
N PHE D 62 41.15 -89.93 -9.49
CA PHE D 62 41.26 -88.50 -9.22
C PHE D 62 40.28 -88.09 -8.11
N SER D 63 40.79 -87.35 -7.13
CA SER D 63 39.97 -86.89 -6.02
C SER D 63 40.52 -85.57 -5.51
N GLY D 64 39.69 -84.53 -5.52
CA GLY D 64 40.09 -83.21 -5.06
C GLY D 64 39.16 -82.71 -3.97
N SER D 65 39.76 -82.13 -2.93
CA SER D 65 39.02 -81.62 -1.78
C SER D 65 39.39 -80.17 -1.55
N GLY D 66 38.39 -79.30 -1.51
CA GLY D 66 38.63 -77.89 -1.29
C GLY D 66 37.76 -77.29 -0.20
N SER D 67 38.38 -76.81 0.88
CA SER D 67 37.64 -76.18 1.96
C SER D 67 38.58 -75.25 2.72
N GLY D 68 38.13 -74.03 2.98
CA GLY D 68 38.94 -73.05 3.67
C GLY D 68 40.14 -72.60 2.86
N THR D 69 39.87 -72.02 1.67
CA THR D 69 40.85 -71.47 0.71
C THR D 69 42.02 -72.41 0.41
N ASP D 70 41.82 -73.71 0.59
CA ASP D 70 42.86 -74.72 0.38
C ASP D 70 42.26 -75.83 -0.48
N PHE D 71 42.64 -75.87 -1.75
CA PHE D 71 42.19 -76.94 -2.65
C PHE D 71 43.34 -77.90 -2.87
N THR D 72 43.18 -79.14 -2.41
CA THR D 72 44.19 -80.17 -2.53
C THR D 72 43.73 -81.23 -3.52
N PHE D 73 44.64 -81.60 -4.44
CA PHE D 73 44.37 -82.58 -5.46
C PHE D 73 45.53 -83.56 -5.55
N THR D 74 45.22 -84.77 -5.99
CA THR D 74 46.16 -85.87 -6.13
C THR D 74 46.01 -86.50 -7.51
N ILE D 75 47.13 -86.99 -8.03
CA ILE D 75 47.15 -87.84 -9.23
C ILE D 75 48.06 -89.02 -8.94
N ASN D 76 47.47 -90.13 -8.47
CA ASN D 76 48.26 -91.32 -8.19
C ASN D 76 48.66 -92.04 -9.48
N SER D 77 47.83 -91.98 -10.51
CA SER D 77 48.15 -92.57 -11.80
C SER D 77 48.90 -91.56 -12.65
N LEU D 78 50.11 -91.91 -13.05
CA LEU D 78 50.93 -91.06 -13.93
C LEU D 78 50.83 -91.56 -15.36
N GLN D 79 49.65 -91.36 -15.95
CA GLN D 79 49.45 -91.76 -17.34
C GLN D 79 50.22 -90.84 -18.27
N PRO D 80 50.78 -91.37 -19.37
CA PRO D 80 51.54 -90.52 -20.29
C PRO D 80 50.68 -89.58 -21.12
N GLU D 81 49.39 -89.88 -21.30
CA GLU D 81 48.54 -89.05 -22.14
C GLU D 81 48.15 -87.73 -21.49
N ASP D 82 48.36 -87.59 -20.18
CA ASP D 82 48.01 -86.37 -19.45
C ASP D 82 49.22 -85.48 -19.19
N ILE D 83 50.15 -85.42 -20.15
CA ILE D 83 51.23 -84.42 -20.07
C ILE D 83 50.61 -83.07 -20.43
N ALA D 84 50.46 -82.23 -19.41
CA ALA D 84 49.65 -81.02 -19.53
C ALA D 84 50.18 -80.01 -18.52
N THR D 85 49.38 -78.98 -18.26
CA THR D 85 49.65 -78.05 -17.17
C THR D 85 48.37 -77.83 -16.37
N TYR D 86 48.54 -77.50 -15.10
CA TYR D 86 47.42 -77.32 -14.18
C TYR D 86 47.36 -75.87 -13.72
N TYR D 87 46.14 -75.34 -13.68
CA TYR D 87 45.90 -73.96 -13.27
C TYR D 87 44.80 -73.93 -12.21
N CYS D 88 44.78 -72.87 -11.41
CA CYS D 88 43.82 -72.74 -10.33
C CYS D 88 43.08 -71.42 -10.47
N GLN D 89 41.75 -71.47 -10.40
CA GLN D 89 40.94 -70.28 -10.59
C GLN D 89 39.83 -70.23 -9.54
N GLN D 90 39.49 -69.02 -9.12
CA GLN D 90 38.38 -68.77 -8.22
C GLN D 90 37.31 -67.96 -8.94
N TYR D 91 36.05 -68.24 -8.61
CA TYR D 91 34.93 -67.60 -9.29
C TYR D 91 33.86 -67.26 -8.25
N ASP D 92 32.72 -66.77 -8.76
CA ASP D 92 31.60 -66.26 -7.95
C ASP D 92 32.04 -65.10 -7.05
N ASN D 93 33.07 -64.37 -7.48
CA ASN D 93 33.59 -63.22 -6.76
C ASN D 93 34.12 -62.23 -7.78
N LEU D 94 33.91 -60.94 -7.51
CA LEU D 94 34.37 -59.91 -8.44
C LEU D 94 35.76 -59.43 -8.04
N PRO D 95 36.78 -59.52 -8.92
CA PRO D 95 36.69 -60.14 -10.24
C PRO D 95 37.23 -61.57 -10.29
N ARG D 96 36.89 -62.29 -11.35
CA ARG D 96 37.40 -63.65 -11.54
C ARG D 96 38.84 -63.57 -12.05
N THR D 97 39.75 -64.27 -11.39
CA THR D 97 41.16 -64.24 -11.71
C THR D 97 41.72 -65.66 -11.78
N PHE D 98 42.84 -65.81 -12.47
CA PHE D 98 43.47 -67.09 -12.69
C PHE D 98 44.79 -67.16 -11.92
N GLY D 99 45.28 -68.40 -11.74
CA GLY D 99 46.52 -68.62 -11.04
C GLY D 99 47.74 -68.33 -11.89
N GLN D 100 48.90 -68.31 -11.23
CA GLN D 100 50.15 -68.00 -11.93
C GLN D 100 50.67 -69.16 -12.76
N GLY D 101 50.23 -70.39 -12.49
CA GLY D 101 50.63 -71.52 -13.30
C GLY D 101 51.43 -72.58 -12.57
N THR D 102 51.11 -73.85 -12.84
CA THR D 102 51.85 -74.98 -12.30
C THR D 102 52.22 -75.93 -13.43
N LYS D 103 53.33 -76.63 -13.27
CA LYS D 103 53.85 -77.56 -14.26
C LYS D 103 53.75 -78.99 -13.74
N VAL D 104 53.13 -79.87 -14.53
CA VAL D 104 53.09 -81.29 -14.24
C VAL D 104 53.66 -82.03 -15.44
N GLU D 105 54.52 -83.02 -15.18
CA GLU D 105 55.22 -83.72 -16.24
C GLU D 105 55.72 -85.05 -15.69
N ILE D 106 55.74 -86.06 -16.56
CA ILE D 106 56.28 -87.38 -16.25
C ILE D 106 57.50 -87.61 -17.14
N LYS D 107 58.62 -88.01 -16.51
CA LYS D 107 59.86 -88.24 -17.24
C LYS D 107 59.79 -89.52 -18.07
N VAL E 1 27.64 -78.71 -30.77
CA VAL E 1 27.82 -77.90 -29.58
C VAL E 1 29.21 -77.26 -29.60
N GLN E 2 30.00 -77.57 -30.62
CA GLN E 2 31.38 -77.12 -30.70
C GLN E 2 31.44 -75.63 -31.05
N LEU E 3 32.67 -75.14 -31.18
CA LEU E 3 32.93 -73.72 -31.38
C LEU E 3 33.61 -73.49 -32.72
N VAL E 4 33.31 -72.34 -33.32
CA VAL E 4 33.83 -71.95 -34.63
C VAL E 4 34.69 -70.71 -34.45
N GLU E 5 35.90 -70.75 -34.99
CA GLU E 5 36.88 -69.68 -34.84
C GLU E 5 36.92 -68.82 -36.10
N SER E 6 37.04 -67.51 -35.93
CA SER E 6 37.32 -66.61 -37.04
C SER E 6 38.49 -65.71 -36.64
N GLY E 7 39.65 -65.92 -37.26
CA GLY E 7 40.82 -65.13 -36.93
C GLY E 7 42.02 -65.65 -37.66
N GLY E 8 43.17 -65.02 -37.38
CA GLY E 8 44.43 -65.37 -37.98
C GLY E 8 45.14 -64.15 -38.54
N GLY E 9 46.32 -64.40 -39.08
CA GLY E 9 47.10 -63.33 -39.68
C GLY E 9 47.87 -62.52 -38.65
N LEU E 10 48.51 -61.47 -39.15
CA LEU E 10 49.31 -60.55 -38.35
C LEU E 10 48.81 -59.14 -38.53
N VAL E 11 48.77 -58.38 -37.43
CA VAL E 11 48.31 -57.00 -37.45
C VAL E 11 49.32 -56.13 -36.73
N GLN E 12 49.37 -54.86 -37.13
CA GLN E 12 50.23 -53.85 -36.53
C GLN E 12 49.56 -53.23 -35.31
N PRO E 13 50.34 -52.68 -34.38
CA PRO E 13 49.74 -51.97 -33.24
C PRO E 13 48.93 -50.76 -33.67
N GLY E 14 47.84 -50.51 -32.94
CA GLY E 14 46.93 -49.43 -33.27
C GLY E 14 45.76 -49.83 -34.14
N GLY E 15 45.77 -51.03 -34.71
CA GLY E 15 44.68 -51.52 -35.54
C GLY E 15 43.85 -52.54 -34.79
N SER E 16 42.53 -52.47 -34.99
CA SER E 16 41.61 -53.38 -34.32
C SER E 16 40.58 -53.89 -35.33
N LEU E 17 40.03 -55.05 -35.03
CA LEU E 17 39.04 -55.69 -35.88
C LEU E 17 38.05 -56.43 -34.98
N ARG E 18 37.14 -57.18 -35.60
CA ARG E 18 36.12 -57.94 -34.87
C ARG E 18 36.60 -59.38 -34.71
N LEU E 19 37.10 -59.72 -33.53
CA LEU E 19 37.38 -61.10 -33.20
C LEU E 19 36.07 -61.85 -33.02
N SER E 20 35.93 -63.00 -33.69
CA SER E 20 34.65 -63.64 -33.86
C SER E 20 34.72 -65.11 -33.47
N CYS E 21 33.82 -65.54 -32.60
CA CYS E 21 33.70 -66.95 -32.27
C CYS E 21 32.23 -67.35 -32.17
N ALA E 22 31.90 -68.49 -32.75
CA ALA E 22 30.52 -68.95 -32.89
C ALA E 22 30.31 -70.29 -32.18
N ALA E 23 29.05 -70.63 -32.00
CA ALA E 23 28.64 -71.92 -31.46
C ALA E 23 28.07 -72.80 -32.57
N SER E 24 27.83 -74.06 -32.24
CA SER E 24 27.28 -75.04 -33.17
C SER E 24 25.80 -75.31 -32.89
N GLY E 25 25.06 -74.28 -32.54
CA GLY E 25 23.65 -74.40 -32.19
C GLY E 25 23.33 -74.01 -30.76
N ILE E 26 24.33 -73.72 -29.93
CA ILE E 26 24.08 -73.26 -28.57
C ILE E 26 23.48 -71.86 -28.62
N ILE E 27 22.60 -71.57 -27.66
CA ILE E 27 22.04 -70.23 -27.53
C ILE E 27 23.16 -69.24 -27.25
N VAL E 28 23.15 -68.11 -27.96
CA VAL E 28 24.19 -67.12 -27.86
C VAL E 28 23.69 -65.82 -27.21
N SER E 29 22.43 -65.46 -27.44
CA SER E 29 21.88 -64.27 -26.80
C SER E 29 21.50 -64.56 -25.35
N SER E 30 20.82 -65.67 -25.12
CA SER E 30 20.36 -66.05 -23.79
C SER E 30 21.29 -67.09 -23.16
N ASN E 31 22.54 -66.69 -22.93
CA ASN E 31 23.53 -67.56 -22.32
C ASN E 31 24.64 -66.72 -21.72
N TYR E 32 25.54 -67.41 -21.00
CA TYR E 32 26.71 -66.78 -20.39
C TYR E 32 27.95 -67.16 -21.20
N MET E 33 28.76 -66.16 -21.55
CA MET E 33 30.00 -66.41 -22.27
C MET E 33 31.16 -65.74 -21.57
N SER E 34 32.35 -66.27 -21.80
CA SER E 34 33.57 -65.75 -21.20
C SER E 34 34.69 -65.74 -22.24
N TRP E 35 35.58 -64.76 -22.14
CA TRP E 35 36.76 -64.68 -22.97
C TRP E 35 37.99 -64.67 -22.08
N VAL E 36 38.99 -65.46 -22.45
CA VAL E 36 40.25 -65.56 -21.72
C VAL E 36 41.41 -65.47 -22.72
N ARG E 37 42.59 -65.14 -22.18
CA ARG E 37 43.82 -65.04 -22.95
C ARG E 37 44.71 -66.25 -22.68
N GLN E 38 45.10 -66.95 -23.75
CA GLN E 38 46.13 -67.97 -23.69
C GLN E 38 47.35 -67.42 -24.41
N GLY E 39 48.46 -67.27 -23.70
CA GLY E 39 49.65 -66.67 -24.29
C GLY E 39 50.91 -67.42 -23.92
N PRO E 40 51.90 -67.38 -24.81
CA PRO E 40 53.20 -68.00 -24.50
C PRO E 40 53.93 -67.24 -23.41
N GLY E 41 54.69 -67.99 -22.61
CA GLY E 41 55.47 -67.41 -21.54
C GLY E 41 54.70 -67.08 -20.28
N LYS E 42 53.40 -67.38 -20.23
CA LYS E 42 52.58 -67.07 -19.08
C LYS E 42 51.38 -68.01 -19.08
N GLY E 43 50.64 -67.99 -17.98
CA GLY E 43 49.44 -68.79 -17.85
C GLY E 43 48.23 -68.14 -18.49
N LEU E 44 47.09 -68.80 -18.31
CA LEU E 44 45.83 -68.25 -18.79
C LEU E 44 45.47 -67.01 -17.99
N GLU E 45 44.86 -66.03 -18.67
CA GLU E 45 44.53 -64.75 -18.05
C GLU E 45 43.08 -64.42 -18.36
N TRP E 46 42.35 -64.00 -17.32
CA TRP E 46 40.95 -63.61 -17.47
C TRP E 46 40.85 -62.32 -18.27
N VAL E 47 39.93 -62.28 -19.24
CA VAL E 47 39.72 -61.10 -20.07
C VAL E 47 38.34 -60.49 -19.82
N SER E 48 37.27 -61.26 -20.07
CA SER E 48 35.95 -60.65 -20.01
C SER E 48 34.89 -61.71 -19.78
N VAL E 49 33.70 -61.26 -19.36
CA VAL E 49 32.52 -62.10 -19.24
C VAL E 49 31.30 -61.29 -19.68
N ILE E 50 30.39 -61.96 -20.37
CA ILE E 50 29.13 -61.37 -20.81
C ILE E 50 27.99 -62.30 -20.39
N TYR E 51 26.95 -61.72 -19.80
CA TYR E 51 25.81 -62.48 -19.31
C TYR E 51 24.64 -62.37 -20.29
N SER E 52 23.60 -63.15 -20.03
CA SER E 52 22.43 -63.15 -20.89
C SER E 52 21.59 -61.89 -20.76
N GLY E 53 21.81 -61.11 -19.70
CA GLY E 53 21.14 -59.84 -19.51
C GLY E 53 21.80 -58.66 -20.19
N GLY E 54 22.86 -58.90 -20.97
CA GLY E 54 23.52 -57.81 -21.67
C GLY E 54 24.46 -56.98 -20.82
N SER E 55 25.05 -57.58 -19.79
CA SER E 55 25.99 -56.88 -18.92
C SER E 55 27.38 -57.48 -19.10
N THR E 56 28.36 -56.63 -19.37
CA THR E 56 29.74 -57.04 -19.61
C THR E 56 30.61 -56.64 -18.43
N TYR E 57 31.41 -57.59 -17.94
CA TYR E 57 32.35 -57.32 -16.87
C TYR E 57 33.74 -57.74 -17.31
N TYR E 58 34.69 -56.81 -17.23
CA TYR E 58 36.06 -57.07 -17.67
C TYR E 58 37.01 -56.22 -16.83
N ALA E 59 38.31 -56.41 -17.06
CA ALA E 59 39.34 -55.83 -16.21
C ALA E 59 39.41 -54.32 -16.35
N ASP E 60 39.79 -53.66 -15.26
CA ASP E 60 39.91 -52.20 -15.24
C ASP E 60 41.15 -51.71 -15.98
N SER E 61 42.16 -52.56 -16.17
CA SER E 61 43.35 -52.16 -16.90
C SER E 61 43.12 -52.09 -18.39
N VAL E 62 42.06 -52.73 -18.89
CA VAL E 62 41.74 -52.73 -20.32
C VAL E 62 40.43 -51.99 -20.53
N LYS E 63 40.13 -51.04 -19.63
CA LYS E 63 38.88 -50.30 -19.69
C LYS E 63 38.86 -49.36 -20.90
N ALA E 64 37.64 -49.04 -21.36
CA ALA E 64 37.38 -48.19 -22.51
C ALA E 64 38.01 -48.74 -23.78
N ARG E 65 38.06 -50.05 -23.91
CA ARG E 65 38.58 -50.70 -25.11
C ARG E 65 37.62 -51.73 -25.68
N PHE E 66 36.93 -52.50 -24.84
CA PHE E 66 36.17 -53.64 -25.28
C PHE E 66 34.75 -53.23 -25.68
N THR E 67 34.35 -53.62 -26.89
CA THR E 67 32.98 -53.44 -27.38
C THR E 67 32.51 -54.79 -27.89
N ILE E 68 31.53 -55.38 -27.21
CA ILE E 68 31.11 -56.75 -27.50
C ILE E 68 29.77 -56.69 -28.24
N SER E 69 29.52 -57.70 -29.07
CA SER E 69 28.31 -57.77 -29.88
C SER E 69 27.86 -59.22 -29.99
N ARG E 70 26.65 -59.51 -29.53
CA ARG E 70 26.07 -60.85 -29.62
C ARG E 70 24.98 -60.84 -30.68
N ASP E 71 25.25 -61.48 -31.81
CA ASP E 71 24.28 -61.55 -32.89
C ASP E 71 23.17 -62.53 -32.55
N ASN E 72 21.94 -62.17 -32.97
CA ASN E 72 20.77 -62.98 -32.62
C ASN E 72 20.70 -64.26 -33.44
N SER E 73 20.97 -64.18 -34.75
CA SER E 73 20.80 -65.31 -35.65
C SER E 73 22.08 -65.90 -36.18
N LYS E 74 23.13 -65.10 -36.37
CA LYS E 74 24.39 -65.60 -36.89
C LYS E 74 25.17 -66.44 -35.88
N ASN E 75 24.79 -66.38 -34.60
CA ASN E 75 25.36 -67.15 -33.50
C ASN E 75 26.84 -66.88 -33.28
N THR E 76 27.38 -65.77 -33.82
CA THR E 76 28.81 -65.50 -33.79
C THR E 76 29.03 -64.24 -32.96
N LEU E 77 29.64 -64.41 -31.79
CA LEU E 77 29.97 -63.27 -30.95
C LEU E 77 31.18 -62.52 -31.50
N TYR E 78 31.04 -61.19 -31.55
CA TYR E 78 32.06 -60.27 -32.03
C TYR E 78 32.62 -59.48 -30.87
N LEU E 79 33.93 -59.17 -30.92
CA LEU E 79 34.52 -58.25 -29.97
C LEU E 79 35.46 -57.32 -30.71
N GLN E 80 35.39 -56.02 -30.37
CA GLN E 80 36.17 -54.99 -31.02
C GLN E 80 36.97 -54.21 -29.97
N MET E 81 38.22 -53.90 -30.30
CA MET E 81 39.12 -53.19 -29.40
C MET E 81 39.40 -51.79 -29.94
N ASN E 82 40.27 -51.07 -29.23
CA ASN E 82 40.70 -49.75 -29.64
C ASN E 82 42.03 -49.44 -28.96
N SER E 83 42.94 -48.83 -29.73
CA SER E 83 44.25 -48.35 -29.26
C SER E 83 45.08 -49.49 -28.65
N LEU E 84 45.42 -50.44 -29.52
CA LEU E 84 46.26 -51.56 -29.11
C LEU E 84 47.67 -51.06 -28.77
N ARG E 85 48.19 -51.57 -27.64
CA ARG E 85 49.50 -51.17 -27.15
C ARG E 85 50.53 -52.29 -27.30
N ALA E 86 50.24 -53.25 -28.19
CA ALA E 86 51.14 -54.36 -28.54
C ALA E 86 51.47 -55.24 -27.34
N GLU E 87 50.42 -55.82 -26.74
CA GLU E 87 50.56 -56.92 -25.78
C GLU E 87 49.64 -58.07 -26.12
N ASP E 88 49.14 -58.14 -27.36
CA ASP E 88 48.16 -59.14 -27.76
C ASP E 88 48.81 -60.32 -28.48
N THR E 89 50.02 -60.69 -28.08
CA THR E 89 50.69 -61.89 -28.61
C THR E 89 50.13 -63.09 -27.84
N ALA E 90 48.90 -63.44 -28.17
CA ALA E 90 48.12 -64.44 -27.43
C ALA E 90 46.94 -64.86 -28.30
N VAL E 91 46.02 -65.59 -27.71
CA VAL E 91 44.80 -66.03 -28.38
C VAL E 91 43.62 -65.88 -27.43
N TYR E 92 42.50 -65.40 -27.96
CA TYR E 92 41.27 -65.19 -27.18
C TYR E 92 40.44 -66.45 -27.26
N TYR E 93 40.50 -67.28 -26.22
CA TYR E 93 39.60 -68.42 -26.12
C TYR E 93 38.24 -67.99 -25.60
N CYS E 94 37.19 -68.42 -26.31
CA CYS E 94 35.81 -68.24 -25.92
C CYS E 94 35.34 -69.49 -25.20
N ALA E 95 34.55 -69.31 -24.14
CA ALA E 95 34.12 -70.42 -23.31
C ALA E 95 32.77 -70.08 -22.69
N ARG E 96 32.19 -71.05 -22.03
CA ARG E 96 30.94 -70.85 -21.29
C ARG E 96 31.24 -70.89 -19.79
N GLU E 97 30.16 -70.80 -19.01
CA GLU E 97 30.26 -70.98 -17.57
C GLU E 97 30.70 -72.41 -17.23
N VAL E 98 31.65 -72.53 -16.32
CA VAL E 98 32.25 -73.83 -16.04
C VAL E 98 31.29 -74.70 -15.21
N VAL E 99 30.66 -74.12 -14.18
CA VAL E 99 29.63 -74.78 -13.40
C VAL E 99 28.82 -73.72 -12.66
N GLY E 100 27.49 -73.79 -12.74
CA GLY E 100 26.65 -72.93 -11.93
C GLY E 100 26.49 -73.49 -10.54
N SER E 101 25.81 -74.63 -10.44
CA SER E 101 25.81 -75.46 -9.24
C SER E 101 26.30 -76.87 -9.53
N ASN E 102 25.70 -77.54 -10.50
CA ASN E 102 26.11 -78.89 -10.92
C ASN E 102 25.66 -79.07 -12.37
N SER E 103 26.59 -78.95 -13.30
CA SER E 103 26.28 -79.13 -14.72
C SER E 103 27.54 -79.54 -15.46
N ASN E 104 27.37 -80.41 -16.45
CA ASN E 104 28.49 -80.93 -17.23
C ASN E 104 28.48 -80.41 -18.67
N MET E 105 27.84 -79.27 -18.92
CA MET E 105 27.88 -78.63 -20.23
C MET E 105 29.14 -77.76 -20.28
N ASP E 106 30.24 -78.37 -20.73
CA ASP E 106 31.56 -77.76 -20.63
C ASP E 106 32.31 -77.88 -21.96
N VAL E 107 31.66 -77.51 -23.05
CA VAL E 107 32.30 -77.54 -24.35
C VAL E 107 33.08 -76.24 -24.56
N TRP E 108 34.30 -76.36 -25.09
CA TRP E 108 35.19 -75.22 -25.28
C TRP E 108 35.50 -75.03 -26.76
N GLY E 109 36.41 -74.10 -27.04
CA GLY E 109 36.83 -73.83 -28.40
C GLY E 109 38.27 -73.36 -28.43
N GLN E 110 38.83 -73.36 -29.65
CA GLN E 110 40.22 -73.00 -29.88
C GLN E 110 40.29 -71.73 -30.72
N GLY E 111 41.52 -71.35 -31.07
CA GLY E 111 41.73 -70.15 -31.86
C GLY E 111 43.15 -70.11 -32.38
N THR E 112 43.45 -69.03 -33.10
CA THR E 112 44.77 -68.80 -33.66
C THR E 112 45.56 -67.86 -32.77
N THR E 113 46.77 -68.28 -32.39
CA THR E 113 47.62 -67.46 -31.53
C THR E 113 48.18 -66.26 -32.30
N VAL E 114 47.44 -65.16 -32.27
CA VAL E 114 47.80 -63.99 -33.07
C VAL E 114 48.81 -63.14 -32.30
N THR E 115 49.59 -62.37 -33.05
CA THR E 115 50.61 -61.50 -32.50
C THR E 115 50.40 -60.08 -32.99
N VAL E 116 50.83 -59.12 -32.18
CA VAL E 116 50.77 -57.70 -32.51
C VAL E 116 52.17 -57.14 -32.32
N SER E 117 52.80 -56.70 -33.41
CA SER E 117 54.16 -56.21 -33.36
C SER E 117 54.40 -55.29 -34.55
N SER E 118 55.49 -54.53 -34.47
CA SER E 118 55.85 -53.62 -35.56
C SER E 118 56.27 -54.39 -36.80
N ALA E 119 57.00 -55.49 -36.62
CA ALA E 119 57.42 -56.30 -37.75
C ALA E 119 56.24 -57.08 -38.32
N SER E 120 56.09 -57.05 -39.63
CA SER E 120 55.02 -57.75 -40.31
C SER E 120 55.46 -59.16 -40.67
N THR E 121 54.67 -59.86 -41.47
CA THR E 121 55.00 -61.22 -41.88
C THR E 121 56.14 -61.20 -42.89
N LYS E 122 57.13 -62.05 -42.67
CA LYS E 122 58.29 -62.15 -43.56
C LYS E 122 58.67 -63.60 -43.82
N ASP F 1 56.16 -9.65 -48.35
CA ASP F 1 56.78 -10.04 -49.61
C ASP F 1 57.94 -9.13 -49.95
N ILE F 2 59.08 -9.72 -50.30
CA ILE F 2 60.28 -8.98 -50.66
C ILE F 2 60.59 -9.27 -52.13
N GLN F 3 60.57 -8.22 -52.95
CA GLN F 3 60.91 -8.33 -54.36
C GLN F 3 62.34 -7.85 -54.54
N MET F 4 63.23 -8.75 -54.94
CA MET F 4 64.64 -8.45 -55.02
C MET F 4 65.22 -8.88 -56.36
N THR F 5 66.04 -8.00 -56.94
CA THR F 5 66.65 -8.18 -58.25
C THR F 5 68.11 -7.74 -58.21
N GLN F 6 68.91 -8.31 -59.10
CA GLN F 6 70.34 -8.01 -59.17
C GLN F 6 70.78 -7.77 -60.60
N SER F 7 71.57 -6.73 -60.80
CA SER F 7 72.17 -6.41 -62.10
C SER F 7 73.17 -7.45 -62.64
N PRO F 8 74.14 -8.00 -61.84
CA PRO F 8 75.08 -8.95 -62.47
C PRO F 8 74.45 -10.31 -62.73
N SER F 9 73.73 -10.42 -63.85
CA SER F 9 73.02 -11.66 -64.15
C SER F 9 73.97 -12.78 -64.56
N SER F 10 74.95 -12.47 -65.42
CA SER F 10 75.85 -13.47 -65.98
C SER F 10 77.30 -12.96 -65.90
N LEU F 11 78.04 -13.46 -64.92
CA LEU F 11 79.46 -13.13 -64.77
C LEU F 11 80.33 -14.23 -65.38
N SER F 12 80.19 -14.39 -66.70
CA SER F 12 80.90 -15.43 -67.41
C SER F 12 82.28 -15.00 -67.91
N ALA F 13 82.63 -13.72 -67.77
CA ALA F 13 83.91 -13.22 -68.25
C ALA F 13 84.98 -13.16 -67.17
N SER F 14 84.68 -13.55 -65.94
CA SER F 14 85.62 -13.45 -64.84
C SER F 14 86.49 -14.69 -64.77
N VAL F 15 87.80 -14.52 -64.94
CA VAL F 15 88.78 -15.60 -64.77
C VAL F 15 89.78 -15.11 -63.74
N GLY F 16 89.52 -15.40 -62.47
CA GLY F 16 90.41 -14.99 -61.39
C GLY F 16 90.57 -13.50 -61.24
N ASP F 17 89.49 -12.74 -61.36
CA ASP F 17 89.59 -11.28 -61.40
C ASP F 17 88.57 -10.70 -60.43
N ARG F 18 88.44 -9.38 -60.39
CA ARG F 18 87.55 -8.71 -59.44
C ARG F 18 86.09 -8.99 -59.77
N VAL F 19 85.31 -9.35 -58.75
CA VAL F 19 83.90 -9.69 -58.88
C VAL F 19 83.12 -8.84 -57.89
N THR F 20 82.02 -8.23 -58.35
CA THR F 20 81.27 -7.27 -57.53
C THR F 20 79.80 -7.62 -57.43
N ILE F 21 79.46 -8.86 -57.06
CA ILE F 21 78.06 -9.26 -57.06
C ILE F 21 77.32 -8.59 -55.90
N THR F 22 76.00 -8.50 -56.02
CA THR F 22 75.20 -7.75 -55.06
C THR F 22 73.75 -8.22 -55.12
N CYS F 23 73.00 -7.90 -54.05
CA CYS F 23 71.56 -8.06 -54.05
C CYS F 23 70.91 -6.87 -53.35
N GLN F 24 69.82 -6.39 -53.95
CA GLN F 24 69.08 -5.24 -53.44
C GLN F 24 67.67 -5.67 -53.08
N ALA F 25 67.15 -5.12 -51.98
CA ALA F 25 65.86 -5.49 -51.46
C ALA F 25 64.86 -4.35 -51.67
N SER F 26 63.59 -4.72 -51.83
CA SER F 26 62.54 -3.73 -52.06
C SER F 26 62.35 -2.83 -50.84
N GLN F 27 62.35 -3.41 -49.65
CA GLN F 27 62.28 -2.65 -48.40
C GLN F 27 63.65 -2.67 -47.74
N ASP F 28 63.81 -1.83 -46.72
CA ASP F 28 65.07 -1.80 -45.98
C ASP F 28 65.25 -3.07 -45.18
N ILE F 29 66.44 -3.64 -45.27
CA ILE F 29 66.75 -4.92 -44.63
C ILE F 29 67.80 -4.68 -43.56
N ASN F 30 67.77 -5.53 -42.53
CA ASN F 30 68.79 -5.54 -41.49
C ASN F 30 70.04 -6.27 -41.97
N ILE F 31 70.90 -6.61 -41.00
CA ILE F 31 72.12 -7.35 -41.32
C ILE F 31 71.77 -8.76 -41.76
N TYR F 32 70.65 -9.30 -41.28
CA TYR F 32 70.29 -10.68 -41.54
C TYR F 32 69.85 -10.89 -42.98
N LEU F 33 70.76 -11.43 -43.80
CA LEU F 33 70.55 -11.68 -45.21
C LEU F 33 71.67 -12.61 -45.70
N ASN F 34 71.35 -13.73 -46.35
CA ASN F 34 72.39 -14.70 -46.64
C ASN F 34 72.28 -15.21 -48.07
N TRP F 35 73.19 -16.10 -48.43
CA TRP F 35 73.33 -16.63 -49.78
C TRP F 35 73.37 -18.16 -49.75
N TYR F 36 72.91 -18.74 -50.85
CA TYR F 36 72.98 -20.18 -51.08
C TYR F 36 73.87 -20.43 -52.29
N GLN F 37 74.76 -21.41 -52.15
CA GLN F 37 75.71 -21.76 -53.21
C GLN F 37 75.41 -23.18 -53.67
N GLN F 38 74.78 -23.31 -54.84
CA GLN F 38 74.31 -24.61 -55.30
C GLN F 38 74.80 -24.88 -56.72
N LYS F 39 75.23 -26.12 -56.95
CA LYS F 39 75.49 -26.57 -58.30
C LYS F 39 74.16 -26.80 -59.02
N PRO F 40 74.14 -26.76 -60.35
CA PRO F 40 72.92 -27.08 -61.10
C PRO F 40 72.41 -28.48 -60.78
N GLY F 41 71.22 -28.53 -60.15
CA GLY F 41 70.63 -29.79 -59.75
C GLY F 41 71.11 -30.32 -58.41
N LYS F 42 71.87 -29.54 -57.65
CA LYS F 42 72.44 -29.98 -56.39
C LYS F 42 71.96 -29.10 -55.25
N ALA F 43 71.94 -29.66 -54.05
CA ALA F 43 71.53 -28.95 -52.86
C ALA F 43 72.51 -27.82 -52.55
N PRO F 44 72.03 -26.68 -52.05
CA PRO F 44 72.94 -25.57 -51.74
C PRO F 44 73.82 -25.85 -50.53
N LYS F 45 74.95 -25.17 -50.50
CA LYS F 45 75.91 -25.27 -49.41
C LYS F 45 76.19 -23.89 -48.86
N LEU F 46 76.12 -23.74 -47.55
CA LEU F 46 76.25 -22.43 -46.92
C LEU F 46 77.69 -21.97 -46.92
N LEU F 47 77.88 -20.66 -47.11
CA LEU F 47 79.18 -20.01 -46.94
C LEU F 47 79.13 -18.73 -46.11
N ILE F 48 77.96 -18.10 -45.93
CA ILE F 48 77.84 -16.84 -45.22
C ILE F 48 76.73 -16.96 -44.19
N TYR F 49 77.01 -16.56 -42.95
CA TYR F 49 76.01 -16.45 -41.90
C TYR F 49 75.93 -15.00 -41.43
N ASP F 50 74.71 -14.45 -41.42
CA ASP F 50 74.40 -13.13 -40.86
C ASP F 50 75.25 -12.01 -41.48
N ALA F 51 75.59 -12.17 -42.76
CA ALA F 51 76.36 -11.24 -43.59
C ALA F 51 77.80 -11.02 -43.14
N SER F 52 78.25 -11.68 -42.06
CA SER F 52 79.61 -11.47 -41.58
C SER F 52 80.33 -12.74 -41.15
N ASN F 53 79.65 -13.87 -40.94
CA ASN F 53 80.29 -15.08 -40.46
C ASN F 53 80.63 -15.98 -41.64
N LEU F 54 81.66 -16.80 -41.45
CA LEU F 54 82.22 -17.63 -42.52
C LEU F 54 82.28 -19.08 -42.03
N GLU F 55 82.52 -20.00 -42.96
CA GLU F 55 82.52 -21.43 -42.67
C GLU F 55 83.77 -21.84 -41.93
N THR F 56 83.93 -23.15 -41.73
CA THR F 56 85.12 -23.69 -41.07
C THR F 56 86.31 -23.69 -42.02
N GLY F 57 86.23 -24.44 -43.11
CA GLY F 57 87.28 -24.40 -44.11
C GLY F 57 86.80 -24.01 -45.49
N VAL F 58 87.12 -22.79 -45.90
CA VAL F 58 86.82 -22.22 -47.21
C VAL F 58 87.99 -21.28 -47.52
N PRO F 59 88.22 -20.92 -48.79
CA PRO F 59 89.19 -19.85 -49.07
C PRO F 59 88.78 -18.54 -48.41
N SER F 60 89.78 -17.82 -47.91
CA SER F 60 89.55 -16.61 -47.12
C SER F 60 89.53 -15.34 -47.95
N ARG F 61 89.61 -15.44 -49.28
CA ARG F 61 89.58 -14.26 -50.13
C ARG F 61 88.18 -13.67 -50.26
N PHE F 62 87.16 -14.33 -49.75
CA PHE F 62 85.79 -13.86 -49.87
C PHE F 62 85.55 -12.69 -48.92
N SER F 63 84.75 -11.72 -49.36
CA SER F 63 84.39 -10.59 -48.51
C SER F 63 82.99 -10.12 -48.85
N GLY F 64 82.34 -9.49 -47.87
CA GLY F 64 80.99 -9.00 -48.08
C GLY F 64 80.57 -8.06 -46.99
N SER F 65 79.58 -7.23 -47.30
CA SER F 65 79.04 -6.26 -46.35
C SER F 65 77.64 -5.86 -46.78
N GLY F 66 76.74 -5.74 -45.80
CA GLY F 66 75.37 -5.38 -46.11
C GLY F 66 74.72 -4.43 -45.13
N SER F 67 74.24 -3.29 -45.63
CA SER F 67 73.51 -2.32 -44.83
C SER F 67 72.72 -1.43 -45.78
N GLY F 68 71.50 -1.08 -45.39
CA GLY F 68 70.67 -0.23 -46.21
C GLY F 68 70.18 -0.90 -47.47
N THR F 69 69.27 -1.87 -47.31
CA THR F 69 68.52 -2.59 -48.38
C THR F 69 69.42 -3.15 -49.49
N ASP F 70 70.71 -3.37 -49.18
CA ASP F 70 71.64 -3.81 -50.21
C ASP F 70 72.77 -4.60 -49.52
N PHE F 71 73.12 -5.73 -50.10
CA PHE F 71 74.31 -6.48 -49.72
C PHE F 71 75.25 -6.50 -50.92
N THR F 72 76.54 -6.31 -50.66
CA THR F 72 77.58 -6.46 -51.67
C THR F 72 78.52 -7.59 -51.26
N PHE F 73 78.83 -8.44 -52.24
CA PHE F 73 79.74 -9.56 -52.05
C PHE F 73 80.81 -9.49 -53.13
N THR F 74 82.06 -9.67 -52.70
CA THR F 74 83.20 -9.66 -53.61
C THR F 74 84.04 -10.90 -53.38
N ILE F 75 84.43 -11.53 -54.48
CA ILE F 75 85.33 -12.68 -54.48
C ILE F 75 86.47 -12.37 -55.45
N ASN F 76 87.69 -12.73 -55.06
CA ASN F 76 88.84 -12.53 -55.92
C ASN F 76 89.46 -13.83 -56.40
N SER F 77 89.34 -14.91 -55.62
CA SER F 77 89.82 -16.22 -56.03
C SER F 77 88.70 -16.93 -56.76
N LEU F 78 88.89 -17.16 -58.07
CA LEU F 78 87.94 -17.92 -58.88
C LEU F 78 88.50 -19.33 -59.08
N GLN F 79 88.42 -20.13 -58.01
CA GLN F 79 88.90 -21.50 -58.10
C GLN F 79 87.95 -22.36 -58.95
N PRO F 80 88.51 -23.29 -59.73
CA PRO F 80 87.67 -24.07 -60.65
C PRO F 80 86.72 -25.04 -59.98
N GLU F 81 86.99 -25.48 -58.75
CA GLU F 81 86.14 -26.48 -58.12
C GLU F 81 84.85 -25.89 -57.54
N ASP F 82 84.74 -24.56 -57.47
CA ASP F 82 83.55 -23.90 -56.96
C ASP F 82 82.71 -23.28 -58.07
N ILE F 83 82.65 -23.91 -59.23
CA ILE F 83 81.75 -23.44 -60.29
C ILE F 83 80.32 -23.85 -59.92
N ALA F 84 79.51 -22.86 -59.59
CA ALA F 84 78.15 -23.11 -59.11
C ALA F 84 77.32 -21.85 -59.35
N THR F 85 76.17 -21.78 -58.70
CA THR F 85 75.25 -20.65 -58.79
C THR F 85 75.03 -20.07 -57.40
N TYR F 86 75.00 -18.75 -57.33
CA TYR F 86 74.86 -18.00 -56.09
C TYR F 86 73.47 -17.38 -56.04
N TYR F 87 72.77 -17.58 -54.93
CA TYR F 87 71.42 -17.06 -54.77
C TYR F 87 71.34 -16.30 -53.45
N CYS F 88 70.42 -15.34 -53.38
CA CYS F 88 70.18 -14.57 -52.17
C CYS F 88 68.89 -15.04 -51.51
N GLN F 89 68.86 -15.00 -50.17
CA GLN F 89 67.65 -15.26 -49.42
C GLN F 89 67.62 -14.40 -48.16
N GLN F 90 66.44 -13.86 -47.87
CA GLN F 90 66.21 -13.05 -46.67
C GLN F 90 65.27 -13.79 -45.73
N TYR F 91 65.51 -13.61 -44.44
CA TYR F 91 64.72 -14.23 -43.39
C TYR F 91 64.35 -13.17 -42.36
N ASP F 92 63.68 -13.59 -41.29
CA ASP F 92 63.12 -12.76 -40.23
C ASP F 92 62.07 -11.76 -40.74
N ASN F 93 61.60 -11.94 -41.98
CA ASN F 93 60.57 -11.08 -42.59
C ASN F 93 59.66 -12.01 -43.38
N LEU F 94 58.59 -12.47 -42.74
CA LEU F 94 57.68 -13.39 -43.40
C LEU F 94 56.85 -12.64 -44.45
N PRO F 95 56.61 -13.24 -45.63
CA PRO F 95 57.09 -14.57 -46.04
C PRO F 95 58.51 -14.59 -46.61
N ARG F 96 59.13 -15.76 -46.59
CA ARG F 96 60.48 -15.91 -47.10
C ARG F 96 60.49 -15.83 -48.62
N THR F 97 61.50 -15.17 -49.16
CA THR F 97 61.64 -15.00 -50.60
C THR F 97 63.04 -15.44 -51.04
N PHE F 98 63.17 -15.71 -52.33
CA PHE F 98 64.41 -16.23 -52.88
C PHE F 98 64.74 -15.53 -54.21
N GLY F 99 66.02 -15.60 -54.58
CA GLY F 99 66.51 -14.83 -55.71
C GLY F 99 66.07 -15.40 -57.04
N GLN F 100 66.28 -14.59 -58.09
CA GLN F 100 65.87 -14.97 -59.44
C GLN F 100 66.98 -15.65 -60.23
N GLY F 101 68.24 -15.44 -59.87
CA GLY F 101 69.33 -16.12 -60.55
C GLY F 101 70.55 -15.26 -60.85
N THR F 102 71.73 -15.79 -60.52
CA THR F 102 73.01 -15.21 -60.90
C THR F 102 73.86 -16.29 -61.55
N LYS F 103 74.54 -15.93 -62.65
CA LYS F 103 75.39 -16.85 -63.37
C LYS F 103 76.84 -16.40 -63.23
N VAL F 104 77.71 -17.33 -62.84
CA VAL F 104 79.15 -17.10 -62.81
C VAL F 104 79.83 -18.26 -63.55
N GLU F 105 80.76 -17.91 -64.43
CA GLU F 105 81.44 -18.91 -65.25
C GLU F 105 82.87 -18.44 -65.50
N ILE F 106 83.79 -19.40 -65.55
CA ILE F 106 85.21 -19.13 -65.77
C ILE F 106 85.61 -19.75 -67.10
N LYS F 107 86.48 -19.06 -67.84
CA LYS F 107 86.93 -19.55 -69.14
C LYS F 107 88.34 -20.14 -69.04
N VAL G 1 73.72 -36.99 -39.45
CA VAL G 1 73.39 -35.61 -39.83
C VAL G 1 72.94 -35.56 -41.28
N GLN G 2 73.15 -36.66 -42.01
CA GLN G 2 72.81 -36.71 -43.42
C GLN G 2 71.29 -36.79 -43.62
N LEU G 3 70.87 -36.67 -44.87
CA LEU G 3 69.46 -36.72 -45.23
C LEU G 3 69.28 -37.69 -46.39
N VAL G 4 68.13 -38.37 -46.38
CA VAL G 4 67.83 -39.43 -47.34
C VAL G 4 66.60 -39.03 -48.15
N GLU G 5 66.75 -39.03 -49.47
CA GLU G 5 65.66 -38.85 -50.40
C GLU G 5 64.68 -40.02 -50.33
N SER G 6 63.38 -39.72 -50.46
CA SER G 6 62.40 -40.78 -50.67
C SER G 6 61.26 -40.22 -51.51
N GLY G 7 61.04 -40.81 -52.68
CA GLY G 7 59.97 -40.39 -53.55
C GLY G 7 60.38 -40.57 -55.00
N GLY G 8 59.63 -39.90 -55.88
CA GLY G 8 59.89 -39.93 -57.30
C GLY G 8 58.73 -40.58 -58.05
N GLY G 9 58.92 -40.70 -59.36
CA GLY G 9 57.94 -41.30 -60.22
C GLY G 9 57.16 -40.26 -61.02
N LEU G 10 56.65 -40.71 -62.18
CA LEU G 10 55.91 -39.85 -63.08
C LEU G 10 54.42 -40.14 -62.95
N VAL G 11 53.64 -39.08 -62.73
CA VAL G 11 52.20 -39.21 -62.54
C VAL G 11 51.48 -38.19 -63.41
N GLN G 12 50.22 -38.51 -63.74
CA GLN G 12 49.34 -37.61 -64.45
C GLN G 12 48.81 -36.54 -63.50
N PRO G 13 48.31 -35.41 -64.04
CA PRO G 13 47.65 -34.44 -63.17
C PRO G 13 46.43 -35.03 -62.48
N GLY G 14 46.22 -34.61 -61.24
CA GLY G 14 45.18 -35.17 -60.39
C GLY G 14 45.64 -36.30 -59.49
N GLY G 15 46.88 -36.77 -59.63
CA GLY G 15 47.44 -37.80 -58.79
C GLY G 15 48.59 -37.26 -57.97
N SER G 16 48.75 -37.79 -56.75
CA SER G 16 49.81 -37.35 -55.86
C SER G 16 50.28 -38.52 -55.01
N LEU G 17 51.47 -38.36 -54.44
CA LEU G 17 52.09 -39.39 -53.62
C LEU G 17 52.70 -38.73 -52.38
N ARG G 18 53.43 -39.51 -51.59
CA ARG G 18 54.06 -39.02 -50.38
C ARG G 18 55.55 -38.80 -50.64
N LEU G 19 56.01 -37.56 -50.47
CA LEU G 19 57.41 -37.24 -50.54
C LEU G 19 58.00 -37.24 -49.14
N SER G 20 59.22 -37.78 -49.00
CA SER G 20 59.78 -37.98 -47.67
C SER G 20 61.25 -37.58 -47.65
N CYS G 21 61.63 -36.84 -46.61
CA CYS G 21 63.04 -36.58 -46.32
C CYS G 21 63.37 -37.22 -44.98
N ALA G 22 64.35 -38.12 -44.98
CA ALA G 22 64.69 -38.90 -43.80
C ALA G 22 65.95 -38.36 -43.15
N ALA G 23 65.94 -38.30 -41.82
CA ALA G 23 67.08 -37.80 -41.06
C ALA G 23 68.02 -38.94 -40.68
N SER G 24 69.22 -38.56 -40.23
CA SER G 24 70.24 -39.51 -39.81
C SER G 24 70.53 -39.38 -38.32
N GLY G 25 69.50 -39.19 -37.51
CA GLY G 25 69.67 -39.06 -36.08
C GLY G 25 68.96 -37.86 -35.50
N ILE G 26 68.69 -36.86 -36.34
CA ILE G 26 68.01 -35.65 -35.89
C ILE G 26 66.54 -35.95 -35.67
N ILE G 27 66.01 -35.50 -34.53
CA ILE G 27 64.59 -35.70 -34.23
C ILE G 27 63.76 -34.80 -35.14
N VAL G 28 62.76 -35.39 -35.81
CA VAL G 28 61.98 -34.67 -36.80
C VAL G 28 60.62 -34.22 -36.28
N SER G 29 60.28 -34.55 -35.03
CA SER G 29 59.00 -34.12 -34.49
C SER G 29 59.06 -32.69 -33.97
N SER G 30 59.81 -32.47 -32.90
CA SER G 30 59.85 -31.16 -32.23
C SER G 30 61.09 -30.36 -32.64
N ASN G 31 61.15 -30.02 -33.92
CA ASN G 31 62.23 -29.18 -34.44
C ASN G 31 61.69 -28.31 -35.56
N TYR G 32 62.55 -27.41 -36.06
CA TYR G 32 62.18 -26.43 -37.08
C TYR G 32 62.86 -26.85 -38.37
N MET G 33 62.07 -27.17 -39.40
CA MET G 33 62.58 -27.41 -40.75
C MET G 33 61.67 -26.79 -41.80
N SER G 34 62.05 -26.98 -43.06
CA SER G 34 61.31 -26.39 -44.17
C SER G 34 61.59 -27.19 -45.44
N TRP G 35 60.69 -27.04 -46.40
CA TRP G 35 60.89 -27.56 -47.75
C TRP G 35 60.82 -26.40 -48.72
N VAL G 36 61.73 -26.43 -49.72
CA VAL G 36 61.79 -25.41 -50.76
C VAL G 36 61.75 -26.07 -52.13
N ARG G 37 61.46 -25.26 -53.14
CA ARG G 37 61.20 -25.73 -54.50
C ARG G 37 62.22 -25.15 -55.47
N GLN G 38 62.70 -25.97 -56.40
CA GLN G 38 63.66 -25.53 -57.41
C GLN G 38 63.27 -26.08 -58.77
N GLY G 39 63.42 -25.25 -59.80
CA GLY G 39 63.17 -25.67 -61.16
C GLY G 39 64.38 -25.42 -62.04
N PRO G 40 64.54 -26.22 -63.09
CA PRO G 40 65.69 -26.06 -63.99
C PRO G 40 65.57 -24.79 -64.81
N GLY G 41 66.56 -23.90 -64.68
CA GLY G 41 66.58 -22.66 -65.41
C GLY G 41 65.84 -21.51 -64.78
N LYS G 42 65.18 -21.73 -63.63
CA LYS G 42 64.42 -20.70 -62.95
C LYS G 42 64.89 -20.59 -61.51
N GLY G 43 64.36 -19.59 -60.81
CA GLY G 43 64.81 -19.31 -59.45
C GLY G 43 64.24 -20.28 -58.43
N LEU G 44 64.71 -20.11 -57.20
CA LEU G 44 64.22 -20.91 -56.09
C LEU G 44 62.80 -20.50 -55.69
N GLU G 45 62.08 -21.44 -55.11
CA GLU G 45 60.76 -21.18 -54.55
C GLU G 45 60.65 -21.87 -53.20
N TRP G 46 59.75 -21.38 -52.36
CA TRP G 46 59.61 -21.86 -50.99
C TRP G 46 58.29 -22.63 -50.88
N VAL G 47 58.38 -23.90 -50.53
CA VAL G 47 57.19 -24.74 -50.41
C VAL G 47 56.49 -24.49 -49.08
N SER G 48 57.18 -24.78 -47.98
CA SER G 48 56.54 -24.71 -46.66
C SER G 48 57.62 -24.69 -45.59
N VAL G 49 57.19 -24.36 -44.37
CA VAL G 49 58.07 -24.37 -43.20
C VAL G 49 57.24 -24.80 -41.99
N ILE G 50 57.84 -25.69 -41.19
CA ILE G 50 57.21 -26.29 -40.01
C ILE G 50 58.10 -26.06 -38.80
N TYR G 51 57.49 -25.73 -37.68
CA TYR G 51 58.16 -25.48 -36.42
C TYR G 51 57.81 -26.60 -35.43
N SER G 52 58.37 -26.50 -34.22
CA SER G 52 58.12 -27.53 -33.21
C SER G 52 56.72 -27.42 -32.62
N GLY G 53 56.13 -26.23 -32.64
CA GLY G 53 54.81 -26.03 -32.10
C GLY G 53 53.66 -26.32 -33.03
N GLY G 54 53.94 -26.85 -34.22
CA GLY G 54 52.92 -27.12 -35.19
C GLY G 54 52.57 -25.98 -36.11
N SER G 55 53.37 -24.90 -36.11
CA SER G 55 53.11 -23.74 -36.95
C SER G 55 53.50 -24.05 -38.39
N THR G 56 52.50 -24.14 -39.27
CA THR G 56 52.72 -24.37 -40.68
C THR G 56 52.61 -23.04 -41.41
N TYR G 57 53.66 -22.68 -42.16
CA TYR G 57 53.61 -21.49 -42.99
C TYR G 57 54.01 -21.83 -44.41
N TYR G 58 53.28 -21.30 -45.38
CA TYR G 58 53.50 -21.65 -46.77
C TYR G 58 52.98 -20.53 -47.65
N ALA G 59 53.40 -20.56 -48.91
CA ALA G 59 53.01 -19.54 -49.87
C ALA G 59 51.54 -19.66 -50.23
N ASP G 60 50.97 -18.54 -50.68
CA ASP G 60 49.55 -18.51 -51.05
C ASP G 60 49.27 -19.23 -52.36
N SER G 61 50.31 -19.49 -53.17
CA SER G 61 50.10 -20.19 -54.43
C SER G 61 49.83 -21.68 -54.21
N VAL G 62 50.28 -22.23 -53.09
CA VAL G 62 50.11 -23.64 -52.79
C VAL G 62 49.15 -23.78 -51.62
N LYS G 63 48.21 -22.85 -51.50
CA LYS G 63 47.22 -22.87 -50.42
C LYS G 63 46.30 -24.07 -50.55
N ALA G 64 46.11 -24.77 -49.42
CA ALA G 64 45.27 -25.97 -49.32
C ALA G 64 45.67 -27.05 -50.32
N ARG G 65 46.97 -27.28 -50.44
CA ARG G 65 47.48 -28.29 -51.35
C ARG G 65 48.38 -29.30 -50.65
N PHE G 66 49.16 -28.84 -49.67
CA PHE G 66 50.20 -29.65 -49.06
C PHE G 66 49.85 -29.90 -47.60
N THR G 67 49.95 -31.15 -47.17
CA THR G 67 49.83 -31.51 -45.76
C THR G 67 51.10 -32.26 -45.34
N ILE G 68 51.59 -31.96 -44.14
CA ILE G 68 52.91 -32.38 -43.70
C ILE G 68 52.78 -33.16 -42.40
N SER G 69 53.52 -34.28 -42.33
CA SER G 69 53.53 -35.16 -41.16
C SER G 69 54.95 -35.31 -40.62
N ARG G 70 55.06 -35.27 -39.30
CA ARG G 70 56.34 -35.42 -38.62
C ARG G 70 56.33 -36.68 -37.77
N ASP G 71 57.34 -37.52 -37.94
CA ASP G 71 57.44 -38.76 -37.19
C ASP G 71 57.96 -38.52 -35.79
N ASN G 72 57.50 -39.34 -34.84
CA ASN G 72 57.96 -39.20 -33.46
C ASN G 72 59.40 -39.69 -33.30
N SER G 73 59.73 -40.84 -33.88
CA SER G 73 61.08 -41.39 -33.76
C SER G 73 61.61 -42.05 -35.02
N LYS G 74 60.87 -42.00 -36.14
CA LYS G 74 61.32 -42.62 -37.37
C LYS G 74 62.28 -41.74 -38.16
N ASN G 75 62.49 -40.50 -37.71
CA ASN G 75 63.43 -39.55 -38.32
C ASN G 75 63.12 -39.28 -39.79
N THR G 76 61.84 -39.17 -40.12
CA THR G 76 61.42 -38.94 -41.50
C THR G 76 60.26 -37.96 -41.51
N LEU G 77 60.31 -37.01 -42.44
CA LEU G 77 59.25 -36.02 -42.65
C LEU G 77 58.51 -36.33 -43.94
N TYR G 78 57.18 -36.39 -43.85
CA TYR G 78 56.31 -36.75 -44.96
C TYR G 78 55.52 -35.55 -45.45
N LEU G 79 55.21 -35.55 -46.74
CA LEU G 79 54.32 -34.54 -47.33
C LEU G 79 53.43 -35.21 -48.36
N GLN G 80 52.12 -34.93 -48.25
CA GLN G 80 51.13 -35.32 -49.24
C GLN G 80 50.65 -34.08 -49.99
N MET G 81 50.58 -34.20 -51.31
CA MET G 81 50.13 -33.12 -52.18
C MET G 81 48.66 -33.31 -52.54
N ASN G 82 48.02 -32.20 -52.91
CA ASN G 82 46.62 -32.20 -53.30
C ASN G 82 46.39 -31.19 -54.40
N SER G 83 45.37 -31.44 -55.22
CA SER G 83 44.93 -30.58 -56.33
C SER G 83 46.08 -30.33 -57.32
N LEU G 84 46.53 -31.41 -57.95
CA LEU G 84 47.63 -31.34 -58.91
C LEU G 84 47.10 -30.84 -60.25
N ARG G 85 47.45 -29.60 -60.60
CA ARG G 85 47.09 -29.02 -61.89
C ARG G 85 48.32 -28.86 -62.78
N ALA G 86 49.31 -29.72 -62.59
CA ALA G 86 50.57 -29.75 -63.36
C ALA G 86 51.35 -28.44 -63.24
N GLU G 87 51.70 -28.12 -61.99
CA GLU G 87 52.65 -27.04 -61.71
C GLU G 87 53.72 -27.47 -60.71
N ASP G 88 53.89 -28.78 -60.51
CA ASP G 88 54.88 -29.32 -59.58
C ASP G 88 56.05 -29.97 -60.29
N THR G 89 56.30 -29.59 -61.55
CA THR G 89 57.43 -30.10 -62.32
C THR G 89 58.70 -29.46 -61.79
N ALA G 90 59.20 -30.01 -60.68
CA ALA G 90 60.28 -29.37 -59.94
C ALA G 90 60.90 -30.37 -58.99
N VAL G 91 61.93 -29.91 -58.27
CA VAL G 91 62.62 -30.71 -57.27
C VAL G 91 62.45 -30.04 -55.92
N TYR G 92 62.24 -30.85 -54.88
CA TYR G 92 62.08 -30.36 -53.52
C TYR G 92 63.35 -30.57 -52.73
N TYR G 93 63.73 -29.58 -51.93
CA TYR G 93 64.84 -29.69 -51.00
C TYR G 93 64.31 -29.58 -49.58
N CYS G 94 64.64 -30.57 -48.76
CA CYS G 94 64.27 -30.61 -47.35
C CYS G 94 65.46 -30.08 -46.55
N ALA G 95 65.24 -29.01 -45.80
CA ALA G 95 66.34 -28.29 -45.18
C ALA G 95 65.94 -27.75 -43.82
N ARG G 96 66.92 -27.13 -43.16
CA ARG G 96 66.76 -26.52 -41.84
C ARG G 96 67.02 -25.02 -42.00
N GLU G 97 66.38 -24.21 -41.15
CA GLU G 97 66.63 -22.77 -41.13
C GLU G 97 68.10 -22.51 -40.88
N VAL G 98 68.67 -21.60 -41.68
CA VAL G 98 70.12 -21.47 -41.75
C VAL G 98 70.67 -20.86 -40.46
N VAL G 99 70.02 -19.81 -39.94
CA VAL G 99 70.47 -19.12 -38.75
C VAL G 99 69.33 -18.29 -38.16
N GLY G 100 69.18 -18.31 -36.84
CA GLY G 100 68.29 -17.41 -36.16
C GLY G 100 68.96 -16.07 -35.91
N SER G 101 70.01 -16.09 -35.11
CA SER G 101 70.87 -14.91 -34.89
C SER G 101 72.34 -15.24 -35.06
N ASN G 102 72.78 -16.43 -34.63
CA ASN G 102 74.18 -16.82 -34.74
C ASN G 102 74.25 -18.35 -34.77
N SER G 103 74.74 -18.89 -35.89
CA SER G 103 74.86 -20.33 -36.06
C SER G 103 75.92 -20.62 -37.12
N ASN G 104 76.40 -21.87 -37.13
CA ASN G 104 77.37 -22.28 -38.13
C ASN G 104 77.12 -23.68 -38.68
N MET G 105 75.88 -24.18 -38.60
CA MET G 105 75.53 -25.41 -39.28
C MET G 105 75.55 -25.21 -40.79
N ASP G 106 76.01 -26.24 -41.53
CA ASP G 106 76.08 -26.16 -42.97
C ASP G 106 75.63 -27.45 -43.65
N VAL G 107 74.88 -28.29 -42.95
CA VAL G 107 74.42 -29.57 -43.50
C VAL G 107 73.08 -29.34 -44.22
N TRP G 108 72.88 -30.08 -45.30
CA TRP G 108 71.68 -29.93 -46.13
C TRP G 108 71.18 -31.32 -46.52
N GLY G 109 70.27 -31.37 -47.49
CA GLY G 109 69.68 -32.64 -47.89
C GLY G 109 69.30 -32.64 -49.35
N GLN G 110 69.12 -33.85 -49.87
CA GLN G 110 68.77 -34.08 -51.26
C GLN G 110 67.27 -34.33 -51.41
N GLY G 111 66.85 -34.67 -52.62
CA GLY G 111 65.45 -34.96 -52.87
C GLY G 111 65.26 -35.36 -54.32
N THR G 112 64.04 -35.77 -54.65
CA THR G 112 63.69 -36.19 -55.99
C THR G 112 63.06 -35.05 -56.77
N THR G 113 63.20 -35.12 -58.09
CA THR G 113 62.50 -34.23 -58.99
C THR G 113 61.31 -34.97 -59.58
N VAL G 114 60.18 -34.29 -59.70
CA VAL G 114 58.94 -34.87 -60.20
C VAL G 114 58.45 -34.03 -61.36
N THR G 115 57.98 -34.69 -62.41
CA THR G 115 57.35 -34.05 -63.56
C THR G 115 55.92 -34.55 -63.69
N VAL G 116 55.00 -33.63 -63.98
CA VAL G 116 53.58 -33.95 -64.07
C VAL G 116 53.10 -33.55 -65.46
N SER G 117 52.56 -34.52 -66.19
CA SER G 117 52.07 -34.28 -67.55
C SER G 117 51.06 -35.36 -67.88
N SER G 118 50.30 -35.11 -68.95
CA SER G 118 49.31 -36.09 -69.40
C SER G 118 49.96 -37.34 -69.99
N ALA G 119 51.22 -37.27 -70.40
CA ALA G 119 51.94 -38.41 -70.94
C ALA G 119 52.86 -38.98 -69.87
N SER G 120 52.75 -40.29 -69.64
CA SER G 120 53.55 -40.98 -68.64
C SER G 120 54.92 -41.33 -69.23
N THR G 121 55.66 -42.19 -68.53
CA THR G 121 56.99 -42.60 -68.97
C THR G 121 56.89 -43.41 -70.25
N LYS G 122 57.72 -43.08 -71.24
CA LYS G 122 57.71 -43.75 -72.53
C LYS G 122 58.99 -44.55 -72.74
#